data_7UCG
#
_entry.id   7UCG
#
_cell.length_a   1.00
_cell.length_b   1.00
_cell.length_c   1.00
_cell.angle_alpha   90.00
_cell.angle_beta   90.00
_cell.angle_gamma   90.00
#
_symmetry.space_group_name_H-M   'P 1'
#
loop_
_entity.id
_entity.type
_entity.pdbx_description
1 polymer 'Envelope glycoprotein gp41'
2 polymer 'BG24 CDRH2-v2 Fab heavy chain'
3 polymer 'BG24 light chain'
4 polymer 'Envelope glycoprotein gp160'
5 polymer '10-1074 Fab heavy chain'
6 polymer '10-1074 light chain'
7 branched 2-acetamido-2-deoxy-beta-D-glucopyranose-(1-4)-2-acetamido-2-deoxy-beta-D-glucopyranose
8 branched alpha-D-mannopyranose-(1-3)-[alpha-D-mannopyranose-(1-6)]beta-D-mannopyranose-(1-4)-2-acetamido-2-deoxy-beta-D-glucopyranose-(1-4)-2-acetamido-2-deoxy-beta-D-glucopyranose
9 branched alpha-D-mannopyranose-(1-2)-alpha-D-mannopyranose-(1-3)-[alpha-D-mannopyranose-(1-3)-alpha-D-mannopyranose-(1-6)]beta-D-mannopyranose-(1-4)-2-acetamido-2-deoxy-beta-D-glucopyranose-(1-4)-2-acetamido-2-deoxy-beta-D-glucopyranose
10 non-polymer 2-acetamido-2-deoxy-beta-D-glucopyranose
#
loop_
_entity_poly.entity_id
_entity_poly.type
_entity_poly.pdbx_seq_one_letter_code
_entity_poly.pdbx_strand_id
1 'polypeptide(L)'
;AVGLGAVLLGFLGAAGSTMGAASMTLTVQARQLLSGIVQQQSNLLRAPEAQQHLLQLTVWGIKQLQTRVLAIERYLKDQQ
LLGLWGCSGKLICCTAVPWNSSWSNKSLGDIWDNMTWMQWDREISNYTNTIFRLLEESQNQQEKNEKDLLALD
;
B,A,M
2 'polypeptide(L)'
;QVQLVQSRAEVKKPGASVKVSCEASGYNFVDHYIHWVRQAPGQRPQWVGWMNPQWGQVNYARTFQGRVTMTRDTSIDTAY
MQLNRLTSGDTAVYYCATQVKLDSSAGYPFDIWGQGTMVTVSSASTKGPSVFPLAPSSKSTSGGTAALGCLVKDYFPEPV
TVSWNSGALTSGVHTFPAVLQSSGLYSLSSVVTVPSSSLGTQTYICNVNHKPSNTKVDKKVEPKSCDKHHHHHH
;
D,C,N
3 'polypeptide(L)'
;QSALTQPRSVSGSPGQSVNISCTGAYSGLGWYQQHPGRAPKLIIYEVNRRPSGVSDRFSGSKSGNTASLTISGLRTEDEA
DYFCSAFEYFGEGTKLTVLSQPKAAPSVTLFPPSSEELQANKATLVCLISDFYPGAVTVAWKADSSPVKAGVETTTPSKQ
SNNKYAASSYLSLTPEQWKSHRSYSCQVTHEGSTVEKTVAPTECS
;
E,F,O
4 'polypeptide(L)'
;MDAMKRGLCCVLLLCGAVFVSPSQEIHARFRRGAENLDLWVTVYYGVPVWKEAKTTLFCASDAKAYDKEVRNVWATHACV
PTDPNPQEIVLENVTENFNMWKNDMVDQMHEDIISLWDQSLKPCVKLTPLCVTLNCKNVNISANANATATLNSSMNGEIK
NCSFNTTTELRDKKQKVYALFYKPDVVPLNGGEHNETGEYILINCNSSTITQACPKVSFDPIPIHYCAPAGYAILKCNNK
TFNGTGPCNNVSTVQCTHGIKPVVSTQLLLNGSLAEEEIIVRSENLTNNIKTIIVHLNKSVEINCTRPNNNTRKSVRIGP
GQWFYATGEIIGDIREAHCNISRETWNSTLIQVKEKLREHYNKTIKFEPSSGGDLEVTTHSFNCRGEFFYCNTTKLFNET
KLFNESEYVDNKTIILPCRIKQIINMWQEVGRAMYAPPIEGNITCKSNITGLLLTWDGGENSTEGVFRPGGGNMKDNWRS
ELYKYKVVEIKPLGVAPTKCKRKVVGR
;
G,I,P
5 'polypeptide(L)'
;QVQLQESGPGLVKPSETLSVTCSVSGDSMNNYYWTWIRQSPGKGLEWIGYISDRESATYNPSLNSRVVISRDTSKNQLSL
KLNSVTPADTAVYYCATARRGQRIYGVVSFGEFFYYYSMDVWGKGTTVTVSSASTKGPSVFPLAPSSKSTSGGTAALGCL
VKDYFPEPVTVSWNSGALTSGVHTFPAVLQSSGLYSLSSVVTVPSSSLGTQTYICNVNHKPSNTKVDKRVEPKSCDKHHH
HHH
;
H,J,Q
6 'polypeptide(L)'
;SYVRPLSVALGETARISCGRQALGSRAVQWYQHRPGQAPILLIYNNQDRPSGIPERFSGTPDINFGTRATLTISGVEAGD
EADYYCHMWDSRSGFSWSFGGATRLTVLGQPKAAPSVFIFPPSDEQLKSGTASVVCLLNNFYPREAKVQWKVDNALQSGN
SQESVTEQDSKDSTYSLSSTLTLSKADYEKHKVYACEVTHQGLSSPVTKSFNRGEC
;
L,K,R
#
# COMPACT_ATOMS: atom_id res chain seq x y z
N GLY A 10 14.64 44.88 -0.23
CA GLY A 10 14.39 43.46 -0.16
C GLY A 10 14.23 42.81 -1.52
N PHE A 11 13.99 41.50 -1.51
CA PHE A 11 13.81 40.70 -2.71
C PHE A 11 12.74 41.29 -3.62
N LEU A 12 13.12 41.55 -4.87
CA LEU A 12 12.30 42.15 -5.92
C LEU A 12 11.78 43.54 -5.55
N GLY A 13 12.46 44.20 -4.61
CA GLY A 13 12.01 45.51 -4.14
C GLY A 13 12.04 46.58 -5.22
N ALA A 14 13.07 46.56 -6.07
CA ALA A 14 13.26 47.56 -7.11
C ALA A 14 12.65 47.16 -8.44
N ALA A 15 11.61 46.31 -8.43
CA ALA A 15 11.02 45.85 -9.68
C ALA A 15 10.32 46.97 -10.45
N GLY A 16 9.82 48.00 -9.77
CA GLY A 16 9.27 49.16 -10.43
C GLY A 16 10.17 50.37 -10.53
N SER A 17 11.40 50.30 -10.07
CA SER A 17 12.28 51.45 -10.16
C SER A 17 13.01 51.51 -11.50
N THR A 18 13.66 52.65 -11.72
CA THR A 18 14.49 52.85 -12.91
C THR A 18 15.67 51.90 -12.89
N MET A 19 16.18 51.59 -14.09
CA MET A 19 17.28 50.64 -14.22
C MET A 19 18.53 51.07 -13.45
N GLY A 20 18.80 52.38 -13.38
CA GLY A 20 19.97 52.82 -12.64
C GLY A 20 19.82 52.58 -11.16
N ALA A 21 18.64 52.86 -10.60
CA ALA A 21 18.40 52.62 -9.18
C ALA A 21 18.36 51.12 -8.87
N ALA A 22 17.73 50.34 -9.75
CA ALA A 22 17.63 48.90 -9.52
C ALA A 22 18.97 48.19 -9.63
N SER A 23 19.86 48.66 -10.50
CA SER A 23 21.16 48.00 -10.71
C SER A 23 22.07 48.05 -9.48
N MET A 24 21.76 48.89 -8.49
CA MET A 24 22.61 48.97 -7.31
C MET A 24 22.31 47.85 -6.32
N THR A 25 21.06 47.37 -6.26
CA THR A 25 20.72 46.31 -5.32
C THR A 25 20.35 44.99 -5.99
N LEU A 26 21.21 44.54 -6.91
CA LEU A 26 21.05 43.24 -7.55
C LEU A 26 21.49 42.06 -6.69
N THR A 27 22.35 42.30 -5.69
CA THR A 27 22.76 41.24 -4.76
C THR A 27 21.58 40.63 -3.98
N VAL A 28 20.55 41.43 -3.68
CA VAL A 28 19.41 40.96 -2.89
C VAL A 28 18.65 39.87 -3.64
N GLN A 29 18.39 40.07 -4.93
CA GLN A 29 17.71 39.04 -5.70
C GLN A 29 18.62 37.84 -5.94
N ALA A 30 19.93 38.05 -5.90
CA ALA A 30 20.86 36.95 -6.15
C ALA A 30 20.90 36.01 -4.95
N ARG A 31 20.79 36.56 -3.75
CA ARG A 31 20.84 35.77 -2.52
C ARG A 31 19.66 34.80 -2.40
N GLN A 32 18.45 35.29 -2.65
CA GLN A 32 17.24 34.58 -2.27
C GLN A 32 16.83 33.51 -3.30
N LEU A 33 17.55 33.43 -4.42
CA LEU A 33 17.23 32.49 -5.50
C LEU A 33 17.42 31.04 -5.08
N LEU A 34 18.29 30.79 -4.11
CA LEU A 34 18.69 29.46 -3.66
C LEU A 34 18.26 29.09 -2.24
N SER A 35 18.30 30.03 -1.30
CA SER A 35 18.03 29.77 0.13
C SER A 35 16.55 29.89 0.47
N GLY A 36 15.94 28.76 0.86
CA GLY A 36 16.65 27.50 0.91
C GLY A 36 17.03 26.89 2.26
N ILE A 37 18.29 27.05 2.70
CA ILE A 37 18.79 26.34 3.88
C ILE A 37 18.65 27.06 5.21
N VAL A 38 18.41 28.37 5.23
CA VAL A 38 17.97 28.98 6.49
C VAL A 38 16.55 28.51 6.87
N GLN A 39 15.65 28.38 5.90
CA GLN A 39 14.29 27.98 6.26
C GLN A 39 14.18 26.51 6.63
N GLN A 40 14.98 25.63 6.03
CA GLN A 40 14.88 24.21 6.34
C GLN A 40 16.14 23.48 5.86
N GLN A 41 16.34 22.26 6.37
CA GLN A 41 17.34 21.41 5.74
C GLN A 41 16.74 20.11 5.20
N SER A 42 15.73 19.54 5.85
CA SER A 42 14.95 18.45 5.26
C SER A 42 13.46 18.51 5.58
N ASN A 43 13.01 18.72 6.84
CA ASN A 43 13.71 18.89 8.14
C ASN A 43 13.81 17.58 8.95
N LEU A 44 14.94 17.28 9.60
CA LEU A 44 15.04 16.04 10.39
C LEU A 44 14.73 16.32 11.86
N LEU A 45 13.52 16.80 12.10
CA LEU A 45 13.00 16.98 13.44
C LEU A 45 11.77 16.13 13.70
N ARG A 46 11.18 15.57 12.65
CA ARG A 46 10.06 14.63 12.74
C ARG A 46 10.47 13.18 12.51
N ALA A 47 11.14 12.91 11.38
CA ALA A 47 11.58 11.57 10.95
C ALA A 47 10.44 10.56 10.91
N THR A 58 4.62 11.08 3.09
CA THR A 58 3.54 12.06 3.08
C THR A 58 3.58 12.88 1.79
N VAL A 59 2.41 13.42 1.41
CA VAL A 59 2.31 14.28 0.23
C VAL A 59 3.28 15.46 0.31
N TRP A 60 3.49 16.01 1.51
CA TRP A 60 4.38 17.15 1.66
C TRP A 60 5.84 16.78 1.43
N GLY A 61 6.24 15.56 1.77
CA GLY A 61 7.63 15.16 1.57
C GLY A 61 8.02 15.07 0.10
N ILE A 62 7.17 14.44 -0.71
CA ILE A 62 7.46 14.33 -2.14
C ILE A 62 7.38 15.72 -2.80
N LYS A 63 6.36 16.50 -2.45
CA LYS A 63 6.20 17.86 -2.97
C LYS A 63 7.39 18.74 -2.66
N GLN A 64 7.86 18.72 -1.41
CA GLN A 64 9.02 19.51 -1.00
C GLN A 64 10.28 19.17 -1.80
N LEU A 65 10.59 17.87 -1.90
CA LEU A 65 11.81 17.42 -2.55
C LEU A 65 11.88 17.83 -4.02
N GLN A 66 10.77 17.69 -4.76
CA GLN A 66 10.77 18.10 -6.16
C GLN A 66 10.98 19.60 -6.32
N THR A 67 10.60 20.40 -5.32
CA THR A 67 10.88 21.83 -5.39
C THR A 67 12.36 22.13 -5.15
N ARG A 68 12.99 21.39 -4.23
CA ARG A 68 14.39 21.63 -3.91
C ARG A 68 15.29 21.30 -5.09
N VAL A 69 14.99 20.21 -5.80
CA VAL A 69 15.76 19.85 -7.00
C VAL A 69 15.59 20.93 -8.07
N LEU A 70 14.36 21.41 -8.27
CA LEU A 70 14.09 22.42 -9.28
C LEU A 70 14.80 23.73 -8.98
N ALA A 71 14.93 24.08 -7.70
CA ALA A 71 15.53 25.36 -7.33
C ALA A 71 17.03 25.34 -7.63
N ILE A 72 17.69 24.21 -7.36
CA ILE A 72 19.09 24.04 -7.71
C ILE A 72 19.26 24.00 -9.22
N GLU A 73 18.40 23.25 -9.91
CA GLU A 73 18.53 23.04 -11.35
C GLU A 73 18.36 24.36 -12.11
N ARG A 74 17.41 25.19 -11.71
CA ARG A 74 17.25 26.50 -12.36
C ARG A 74 18.41 27.42 -12.02
N TYR A 75 18.87 27.40 -10.75
CA TYR A 75 20.00 28.24 -10.34
C TYR A 75 21.26 27.88 -11.09
N LEU A 76 21.53 26.59 -11.25
CA LEU A 76 22.75 26.14 -11.90
C LEU A 76 22.76 26.45 -13.39
N LYS A 77 21.57 26.57 -14.01
CA LYS A 77 21.51 27.06 -15.39
C LYS A 77 22.04 28.47 -15.55
N ASP A 78 21.75 29.36 -14.61
CA ASP A 78 22.18 30.74 -14.78
C ASP A 78 23.68 30.90 -14.58
N GLN A 79 24.23 30.26 -13.54
CA GLN A 79 25.68 30.26 -13.37
C GLN A 79 26.38 29.54 -14.52
N GLN A 80 25.73 28.53 -15.12
CA GLN A 80 26.28 27.89 -16.30
C GLN A 80 26.32 28.85 -17.48
N LEU A 81 25.23 29.60 -17.69
CA LEU A 81 25.21 30.56 -18.78
C LEU A 81 26.22 31.68 -18.52
N LEU A 82 26.29 32.16 -17.28
CA LEU A 82 27.30 33.14 -16.92
C LEU A 82 28.70 32.58 -17.08
N GLY A 83 28.85 31.26 -16.84
CA GLY A 83 30.14 30.62 -16.98
C GLY A 83 30.61 30.56 -18.42
N LEU A 84 29.70 30.25 -19.34
CA LEU A 84 30.03 30.15 -20.76
C LEU A 84 30.19 31.51 -21.41
N TRP A 85 29.78 32.57 -20.74
CA TRP A 85 30.05 33.94 -21.17
C TRP A 85 31.26 34.52 -20.47
N GLY A 86 31.98 33.70 -19.70
CA GLY A 86 33.15 34.14 -18.97
C GLY A 86 32.84 35.16 -17.90
N CYS A 87 31.66 35.06 -17.29
CA CYS A 87 31.21 36.02 -16.30
C CYS A 87 30.78 35.31 -15.02
N SER A 88 31.41 34.17 -14.71
CA SER A 88 30.95 33.30 -13.63
C SER A 88 30.97 34.01 -12.29
N GLY A 89 32.09 34.65 -11.97
CA GLY A 89 32.35 35.23 -10.68
C GLY A 89 31.68 36.57 -10.44
N LYS A 90 31.17 37.21 -11.49
CA LYS A 90 30.74 38.59 -11.42
C LYS A 90 29.22 38.69 -11.60
N LEU A 91 28.62 39.71 -10.97
CA LEU A 91 27.22 40.03 -11.23
C LEU A 91 27.03 40.98 -12.40
N ILE A 92 28.01 41.84 -12.66
CA ILE A 92 28.01 42.76 -13.80
C ILE A 92 29.28 42.51 -14.61
N CYS A 93 29.12 42.12 -15.87
CA CYS A 93 30.30 41.96 -16.72
C CYS A 93 30.04 42.63 -18.05
N CYS A 94 31.09 43.26 -18.58
CA CYS A 94 31.07 43.88 -19.89
C CYS A 94 31.74 42.97 -20.92
N THR A 95 31.29 43.09 -22.17
CA THR A 95 31.72 42.19 -23.23
C THR A 95 32.30 42.99 -24.38
N ALA A 96 32.57 42.34 -25.52
CA ALA A 96 32.99 43.05 -26.71
C ALA A 96 32.17 42.65 -27.94
N VAL A 97 31.03 41.99 -27.71
CA VAL A 97 30.02 41.81 -28.76
C VAL A 97 29.29 43.14 -28.94
N PRO A 98 29.28 43.70 -30.15
CA PRO A 98 28.53 44.94 -30.38
C PRO A 98 27.02 44.73 -30.47
N TRP A 99 26.31 45.80 -30.12
CA TRP A 99 24.85 45.81 -30.05
C TRP A 99 24.29 46.09 -31.44
N ASN A 100 23.76 45.06 -32.09
CA ASN A 100 23.12 45.24 -33.38
C ASN A 100 21.82 46.00 -33.19
N SER A 101 21.66 47.07 -33.99
CA SER A 101 20.57 48.03 -33.79
C SER A 101 19.20 47.45 -34.09
N SER A 102 19.13 46.34 -34.84
CA SER A 102 17.84 45.73 -35.16
C SER A 102 17.13 45.23 -33.90
N TRP A 103 17.89 44.93 -32.86
CA TRP A 103 17.30 44.43 -31.61
C TRP A 103 16.49 45.52 -30.91
N SER A 104 17.12 46.67 -30.65
CA SER A 104 16.42 47.83 -30.11
C SER A 104 17.08 49.10 -30.64
N ASN A 105 16.24 50.10 -30.95
CA ASN A 105 16.70 51.39 -31.47
C ASN A 105 16.87 52.44 -30.40
N LYS A 106 16.60 52.13 -29.14
CA LYS A 106 16.61 53.13 -28.09
C LYS A 106 18.04 53.51 -27.70
N SER A 107 18.20 54.73 -27.18
CA SER A 107 19.51 55.27 -26.83
C SER A 107 19.81 54.99 -25.37
N LEU A 108 20.91 55.58 -24.86
CA LEU A 108 21.33 55.33 -23.49
C LEU A 108 20.40 55.99 -22.49
N GLY A 109 20.05 57.25 -22.71
CA GLY A 109 19.20 57.98 -21.79
C GLY A 109 17.75 57.57 -21.85
N ASP A 110 17.32 56.93 -22.94
CA ASP A 110 15.95 56.45 -23.06
C ASP A 110 15.76 55.08 -22.43
N ILE A 111 16.82 54.47 -21.89
CA ILE A 111 16.78 53.11 -21.36
C ILE A 111 17.11 53.08 -19.87
N TRP A 112 18.21 53.70 -19.47
CA TRP A 112 18.70 53.52 -18.12
C TRP A 112 18.12 54.51 -17.11
N ASP A 113 17.49 55.60 -17.54
CA ASP A 113 16.98 56.57 -16.58
C ASP A 113 15.50 56.90 -16.81
N ASN A 114 14.77 56.07 -17.55
CA ASN A 114 13.38 56.38 -17.81
C ASN A 114 12.53 55.11 -17.95
N MET A 115 13.17 53.96 -18.02
CA MET A 115 12.44 52.71 -18.22
C MET A 115 12.82 51.71 -17.13
N THR A 116 11.88 50.81 -16.82
CA THR A 116 12.09 49.70 -15.91
C THR A 116 12.42 48.40 -16.64
N TRP A 117 13.08 47.50 -15.89
CA TRP A 117 13.51 46.20 -16.40
C TRP A 117 12.36 45.35 -16.93
N MET A 118 11.16 45.49 -16.34
CA MET A 118 10.03 44.65 -16.72
C MET A 118 9.61 44.88 -18.16
N GLN A 119 9.55 46.14 -18.58
CA GLN A 119 9.17 46.53 -19.94
C GLN A 119 10.29 46.31 -20.95
N TRP A 120 11.54 46.24 -20.49
CA TRP A 120 12.66 45.90 -21.35
C TRP A 120 12.63 44.46 -21.82
N ASP A 121 12.43 43.52 -20.89
CA ASP A 121 12.37 42.09 -21.24
C ASP A 121 11.25 41.80 -22.25
N ARG A 122 10.18 42.60 -22.24
CA ARG A 122 9.03 42.32 -23.09
C ARG A 122 9.33 42.53 -24.58
N GLU A 123 10.24 43.45 -24.92
CA GLU A 123 10.40 43.88 -26.31
C GLU A 123 11.51 43.14 -27.07
N ILE A 124 12.54 42.65 -26.37
CA ILE A 124 13.69 42.03 -27.02
C ILE A 124 13.70 40.52 -26.84
N SER A 125 12.75 39.97 -26.08
CA SER A 125 12.60 38.52 -25.87
C SER A 125 12.56 37.69 -27.15
N ASN A 126 12.27 38.29 -28.31
CA ASN A 126 12.20 37.49 -29.53
C ASN A 126 13.58 37.01 -29.96
N TYR A 127 14.60 37.86 -29.80
CA TYR A 127 15.94 37.55 -30.31
C TYR A 127 16.96 37.32 -29.20
N THR A 128 16.51 37.23 -27.94
CA THR A 128 17.43 36.99 -26.82
C THR A 128 18.23 35.71 -27.00
N ASN A 129 17.61 34.67 -27.57
CA ASN A 129 18.30 33.41 -27.80
C ASN A 129 19.42 33.56 -28.82
N THR A 130 19.21 34.35 -29.87
CA THR A 130 20.29 34.66 -30.81
C THR A 130 21.34 35.56 -30.16
N ILE A 131 20.90 36.49 -29.29
CA ILE A 131 21.85 37.26 -28.50
C ILE A 131 22.64 36.35 -27.57
N PHE A 132 21.94 35.43 -26.90
CA PHE A 132 22.62 34.44 -26.06
C PHE A 132 23.56 33.56 -26.87
N ARG A 133 23.24 33.34 -28.14
CA ARG A 133 24.18 32.66 -29.03
C ARG A 133 25.40 33.55 -29.34
N LEU A 134 25.21 34.87 -29.39
CA LEU A 134 26.35 35.74 -29.65
C LEU A 134 27.26 35.84 -28.44
N LEU A 135 26.73 35.67 -27.23
CA LEU A 135 27.58 35.85 -26.05
C LEU A 135 28.50 34.66 -25.88
N GLU A 136 28.06 33.48 -26.27
CA GLU A 136 28.90 32.30 -26.15
C GLU A 136 29.83 32.12 -27.33
N GLU A 137 29.44 32.54 -28.54
CA GLU A 137 30.30 32.29 -29.69
C GLU A 137 31.25 33.48 -29.92
N SER A 138 30.69 34.70 -30.05
CA SER A 138 31.45 35.86 -30.53
C SER A 138 32.62 36.21 -29.61
N GLN A 139 32.39 36.17 -28.30
CA GLN A 139 33.48 36.52 -27.39
C GLN A 139 34.17 35.33 -26.76
N ASN A 140 33.47 34.58 -25.88
CA ASN A 140 34.20 33.67 -24.99
C ASN A 140 34.77 32.49 -25.78
N GLN A 141 34.16 32.16 -26.92
CA GLN A 141 34.77 31.16 -27.77
C GLN A 141 35.89 31.72 -28.62
N GLN A 142 35.84 33.02 -28.98
CA GLN A 142 36.97 33.65 -29.65
C GLN A 142 38.05 34.12 -28.68
N GLU A 143 37.66 34.70 -27.54
CA GLU A 143 38.63 35.24 -26.58
C GLU A 143 39.56 34.15 -26.05
N LYS A 144 39.04 32.94 -25.82
CA LYS A 144 39.84 31.88 -25.23
C LYS A 144 40.84 31.32 -26.23
N ASN A 145 40.43 31.18 -27.49
CA ASN A 145 41.36 30.74 -28.53
C ASN A 145 42.45 31.79 -28.74
N GLU A 146 42.09 33.07 -28.76
CA GLU A 146 43.09 34.13 -28.84
C GLU A 146 43.96 34.18 -27.58
N LYS A 147 43.36 34.00 -26.40
CA LYS A 147 44.14 34.03 -25.16
C LYS A 147 45.07 32.83 -25.06
N ASP A 148 44.66 31.67 -25.60
CA ASP A 148 45.58 30.55 -25.68
C ASP A 148 46.74 30.87 -26.61
N LEU A 149 46.45 31.51 -27.75
CA LEU A 149 47.49 31.91 -28.70
C LEU A 149 48.34 33.06 -28.19
N LEU A 150 47.85 33.80 -27.19
CA LEU A 150 48.57 34.94 -26.63
C LEU A 150 49.57 34.50 -25.57
N ALA A 151 49.14 33.68 -24.63
CA ALA A 151 50.10 33.12 -23.66
C ALA A 151 50.99 32.01 -24.23
N LEU A 152 51.07 31.75 -25.54
CA LEU A 152 52.02 30.75 -26.04
C LEU A 152 53.46 31.22 -25.94
N ASP A 153 53.67 32.52 -25.76
CA ASP A 153 55.02 33.09 -25.74
C ASP A 153 55.25 33.88 -24.45
N GLN B 1 -17.62 9.05 -29.38
CA GLN B 1 -16.99 9.55 -28.16
C GLN B 1 -17.16 11.06 -28.04
N VAL B 2 -17.24 11.53 -26.79
CA VAL B 2 -17.55 12.91 -26.42
C VAL B 2 -18.85 13.27 -27.13
N GLN B 3 -19.93 12.58 -26.76
CA GLN B 3 -21.22 12.74 -27.40
C GLN B 3 -22.33 12.63 -26.37
N LEU B 4 -23.50 13.17 -26.72
CA LEU B 4 -24.67 13.13 -25.86
C LEU B 4 -25.78 12.36 -26.58
N VAL B 5 -26.32 11.35 -25.92
CA VAL B 5 -27.37 10.51 -26.47
C VAL B 5 -28.60 10.62 -25.57
N GLN B 6 -29.75 10.93 -26.16
CA GLN B 6 -30.98 11.12 -25.41
C GLN B 6 -31.89 9.91 -25.56
N SER B 7 -33.06 10.00 -24.96
CA SER B 7 -34.03 8.92 -24.99
C SER B 7 -34.98 9.09 -26.19
N ARG B 8 -35.96 8.19 -26.28
CA ARG B 8 -36.93 8.23 -27.36
C ARG B 8 -37.89 9.40 -27.19
N ALA B 9 -38.49 9.82 -28.30
CA ALA B 9 -39.50 10.87 -28.26
C ALA B 9 -40.75 10.39 -27.55
N GLU B 10 -41.36 11.28 -26.76
CA GLU B 10 -42.50 10.92 -25.93
C GLU B 10 -43.63 11.90 -26.15
N VAL B 11 -44.86 11.39 -26.19
CA VAL B 11 -46.08 12.19 -26.27
C VAL B 11 -46.96 11.78 -25.11
N LYS B 12 -47.35 12.75 -24.28
CA LYS B 12 -48.09 12.48 -23.06
C LYS B 12 -49.37 13.33 -23.03
N LYS B 13 -50.11 13.17 -21.94
CA LYS B 13 -51.33 13.90 -21.64
C LYS B 13 -51.03 15.11 -20.77
N PRO B 14 -51.89 16.14 -20.79
CA PRO B 14 -51.71 17.26 -19.86
C PRO B 14 -51.81 16.81 -18.41
N GLY B 15 -50.96 17.39 -17.57
CA GLY B 15 -50.87 17.03 -16.16
C GLY B 15 -49.87 15.95 -15.84
N ALA B 16 -49.61 15.06 -16.80
CA ALA B 16 -48.69 13.96 -16.58
C ALA B 16 -47.24 14.45 -16.60
N SER B 17 -46.33 13.56 -16.20
CA SER B 17 -44.91 13.86 -16.10
C SER B 17 -44.12 13.06 -17.12
N VAL B 18 -43.09 13.68 -17.69
CA VAL B 18 -42.22 13.05 -18.66
C VAL B 18 -40.77 13.19 -18.18
N LYS B 19 -39.98 12.15 -18.42
CA LYS B 19 -38.57 12.12 -18.03
C LYS B 19 -37.72 12.01 -19.28
N VAL B 20 -36.92 13.03 -19.55
CA VAL B 20 -36.05 13.08 -20.72
C VAL B 20 -34.62 12.91 -20.23
N SER B 21 -34.05 11.73 -20.45
CA SER B 21 -32.70 11.43 -20.03
C SER B 21 -31.69 11.79 -21.11
N CYS B 22 -30.44 11.98 -20.70
CA CYS B 22 -29.36 12.29 -21.63
C CYS B 22 -28.07 11.67 -21.07
N GLU B 23 -27.76 10.46 -21.53
CA GLU B 23 -26.53 9.80 -21.12
C GLU B 23 -25.35 10.37 -21.88
N ALA B 24 -24.20 10.41 -21.22
CA ALA B 24 -22.98 10.96 -21.77
C ALA B 24 -21.87 9.91 -21.75
N SER B 25 -21.10 9.84 -22.82
CA SER B 25 -20.03 8.86 -22.94
C SER B 25 -18.84 9.50 -23.64
N GLY B 26 -17.65 8.97 -23.34
CA GLY B 26 -16.44 9.35 -24.01
C GLY B 26 -15.69 10.52 -23.41
N TYR B 27 -16.21 11.13 -22.34
CA TYR B 27 -15.55 12.28 -21.72
C TYR B 27 -15.88 12.31 -20.24
N ASN B 28 -15.31 13.30 -19.55
CA ASN B 28 -15.55 13.48 -18.12
C ASN B 28 -16.94 14.04 -17.90
N PHE B 29 -17.89 13.16 -17.52
CA PHE B 29 -19.26 13.57 -17.33
C PHE B 29 -19.43 14.51 -16.14
N VAL B 30 -18.69 14.28 -15.06
CA VAL B 30 -18.84 15.07 -13.84
C VAL B 30 -18.32 16.49 -14.04
N ASP B 31 -17.20 16.64 -14.75
CA ASP B 31 -16.49 17.92 -14.79
C ASP B 31 -17.21 18.99 -15.62
N HIS B 32 -18.14 18.60 -16.49
CA HIS B 32 -18.77 19.53 -17.41
C HIS B 32 -20.26 19.68 -17.10
N TYR B 33 -20.74 20.92 -17.17
CA TYR B 33 -22.13 21.21 -16.84
C TYR B 33 -23.07 20.71 -17.94
N ILE B 34 -24.23 20.22 -17.53
CA ILE B 34 -25.24 19.72 -18.47
C ILE B 34 -26.36 20.75 -18.54
N HIS B 35 -26.44 21.48 -19.64
CA HIS B 35 -27.52 22.43 -19.86
C HIS B 35 -28.67 21.77 -20.60
N TRP B 36 -29.87 22.26 -20.36
CA TRP B 36 -31.07 21.80 -21.05
C TRP B 36 -31.76 23.01 -21.69
N VAL B 37 -32.07 22.89 -22.97
CA VAL B 37 -32.66 23.97 -23.75
C VAL B 37 -33.77 23.42 -24.62
N ARG B 38 -34.84 24.21 -24.76
CA ARG B 38 -36.00 23.85 -25.56
C ARG B 38 -35.94 24.52 -26.92
N GLN B 39 -36.82 24.08 -27.82
CA GLN B 39 -37.02 24.71 -29.12
C GLN B 39 -38.39 24.34 -29.62
N ALA B 40 -39.33 25.29 -29.57
CA ALA B 40 -40.66 25.03 -30.13
C ALA B 40 -40.59 25.09 -31.65
N PRO B 41 -41.31 24.20 -32.35
CA PRO B 41 -41.27 24.22 -33.81
C PRO B 41 -42.05 25.38 -34.40
N GLY B 42 -41.44 26.56 -34.44
CA GLY B 42 -42.11 27.76 -34.90
C GLY B 42 -41.97 28.89 -33.91
N GLN B 43 -40.97 28.79 -33.02
CA GLN B 43 -40.71 29.81 -32.02
C GLN B 43 -39.23 29.78 -31.70
N ARG B 44 -38.75 30.85 -31.08
CA ARG B 44 -37.35 30.94 -30.70
C ARG B 44 -37.02 29.89 -29.64
N PRO B 45 -35.80 29.35 -29.63
CA PRO B 45 -35.45 28.36 -28.61
C PRO B 45 -35.30 29.01 -27.24
N GLN B 46 -35.98 28.43 -26.25
CA GLN B 46 -35.98 28.96 -24.90
C GLN B 46 -35.13 28.05 -24.00
N TRP B 47 -34.41 28.66 -23.07
CA TRP B 47 -33.44 27.97 -22.25
C TRP B 47 -34.05 27.62 -20.90
N VAL B 48 -33.90 26.35 -20.50
CA VAL B 48 -34.56 25.84 -19.30
C VAL B 48 -33.66 26.02 -18.09
N GLY B 49 -32.49 25.39 -18.11
CA GLY B 49 -31.59 25.45 -16.98
C GLY B 49 -30.36 24.61 -17.22
N TRP B 50 -29.51 24.54 -16.19
CA TRP B 50 -28.29 23.75 -16.23
C TRP B 50 -28.19 22.92 -14.97
N MET B 51 -27.31 21.92 -15.01
CA MET B 51 -27.15 20.99 -13.90
C MET B 51 -25.74 20.42 -13.97
N ASN B 52 -24.88 20.81 -13.03
CA ASN B 52 -23.57 20.19 -13.05
C ASN B 52 -23.59 18.91 -12.21
N PRO B 53 -23.02 17.83 -12.73
CA PRO B 53 -23.19 16.51 -12.09
C PRO B 53 -22.33 16.27 -10.85
N GLN B 54 -21.71 17.30 -10.27
CA GLN B 54 -20.98 17.11 -9.03
C GLN B 54 -21.92 16.84 -7.87
N TRP B 55 -22.78 17.82 -7.55
CA TRP B 55 -23.81 17.65 -6.54
C TRP B 55 -25.21 17.86 -7.07
N GLY B 56 -25.35 18.50 -8.23
CA GLY B 56 -26.61 18.66 -8.93
C GLY B 56 -27.00 20.11 -9.14
N GLN B 57 -26.96 20.91 -8.07
CA GLN B 57 -26.97 22.39 -8.05
C GLN B 57 -27.83 23.03 -9.15
N VAL B 58 -29.06 22.55 -9.26
CA VAL B 58 -29.90 22.85 -10.41
C VAL B 58 -30.34 24.32 -10.38
N ASN B 59 -30.42 24.92 -11.56
CA ASN B 59 -30.84 26.30 -11.76
C ASN B 59 -31.99 26.33 -12.76
N TYR B 60 -32.98 27.19 -12.52
CA TYR B 60 -34.20 27.22 -13.30
C TYR B 60 -34.59 28.64 -13.67
N ALA B 61 -35.24 28.78 -14.82
CA ALA B 61 -35.96 30.01 -15.13
C ALA B 61 -37.34 29.98 -14.46
N ARG B 62 -37.91 31.16 -14.22
CA ARG B 62 -39.21 31.22 -13.56
C ARG B 62 -40.35 30.66 -14.42
N THR B 63 -40.16 30.57 -15.73
CA THR B 63 -41.14 29.95 -16.59
C THR B 63 -41.20 28.43 -16.42
N PHE B 64 -40.22 27.85 -15.70
CA PHE B 64 -40.21 26.44 -15.42
C PHE B 64 -40.04 26.15 -13.94
N GLN B 65 -39.95 27.18 -13.10
CA GLN B 65 -39.67 26.99 -11.68
C GLN B 65 -40.86 26.35 -10.98
N GLY B 66 -40.59 25.29 -10.22
CA GLY B 66 -41.64 24.52 -9.59
C GLY B 66 -42.26 23.46 -10.46
N ARG B 67 -41.87 23.39 -11.73
CA ARG B 67 -42.40 22.40 -12.67
C ARG B 67 -41.36 21.39 -13.14
N VAL B 68 -40.10 21.78 -13.22
CA VAL B 68 -39.05 20.89 -13.70
C VAL B 68 -38.10 20.57 -12.57
N THR B 69 -37.74 19.29 -12.46
CA THR B 69 -36.74 18.82 -11.52
C THR B 69 -35.71 18.01 -12.28
N MET B 70 -34.43 18.37 -12.15
CA MET B 70 -33.35 17.68 -12.82
C MET B 70 -32.55 16.89 -11.80
N THR B 71 -32.48 15.58 -11.99
CA THR B 71 -31.69 14.67 -11.17
C THR B 71 -30.66 13.99 -12.06
N ARG B 72 -29.81 13.17 -11.43
CA ARG B 72 -28.71 12.55 -12.17
C ARG B 72 -28.42 11.17 -11.59
N ASP B 73 -27.68 10.39 -12.36
CA ASP B 73 -27.11 9.11 -11.90
C ASP B 73 -25.68 9.08 -12.42
N THR B 74 -24.74 9.58 -11.60
CA THR B 74 -23.36 9.72 -12.04
C THR B 74 -22.63 8.39 -12.14
N SER B 75 -23.19 7.32 -11.55
CA SER B 75 -22.56 6.01 -11.68
C SER B 75 -22.69 5.45 -13.09
N ILE B 76 -23.74 5.85 -13.80
CA ILE B 76 -23.97 5.42 -15.18
C ILE B 76 -23.90 6.57 -16.17
N ASP B 77 -23.44 7.75 -15.71
CA ASP B 77 -23.19 8.93 -16.55
C ASP B 77 -24.45 9.38 -17.30
N THR B 78 -25.57 9.42 -16.57
CA THR B 78 -26.86 9.79 -17.15
C THR B 78 -27.38 11.05 -16.46
N ALA B 79 -27.81 12.02 -17.26
CA ALA B 79 -28.38 13.27 -16.77
C ALA B 79 -29.86 13.32 -17.13
N TYR B 80 -30.71 13.54 -16.14
CA TYR B 80 -32.15 13.51 -16.32
C TYR B 80 -32.73 14.93 -16.32
N MET B 81 -33.97 15.01 -16.80
CA MET B 81 -34.76 16.24 -16.69
C MET B 81 -36.23 15.82 -16.71
N GLN B 82 -36.92 16.06 -15.60
CA GLN B 82 -38.30 15.63 -15.43
C GLN B 82 -39.20 16.85 -15.29
N LEU B 83 -40.25 16.89 -16.11
CA LEU B 83 -41.20 18.00 -16.10
C LEU B 83 -42.48 17.56 -15.40
N ASN B 84 -43.01 18.43 -14.55
CA ASN B 84 -44.30 18.22 -13.92
C ASN B 84 -45.27 19.33 -14.30
N ARG B 85 -46.56 19.02 -14.16
CA ARG B 85 -47.67 19.93 -14.51
C ARG B 85 -47.58 20.35 -15.98
N LEU B 86 -47.59 19.36 -16.86
CA LEU B 86 -47.51 19.63 -18.29
C LEU B 86 -48.81 20.25 -18.80
N THR B 87 -48.68 21.31 -19.60
CA THR B 87 -49.81 22.04 -20.15
C THR B 87 -49.83 21.88 -21.67
N SER B 88 -50.74 22.62 -22.31
CA SER B 88 -50.84 22.55 -23.77
C SER B 88 -49.68 23.27 -24.43
N GLY B 89 -49.15 24.32 -23.80
CA GLY B 89 -48.08 25.12 -24.35
C GLY B 89 -46.68 24.60 -24.10
N ASP B 90 -46.55 23.35 -23.66
CA ASP B 90 -45.25 22.76 -23.34
C ASP B 90 -44.77 21.81 -24.42
N THR B 91 -45.00 22.14 -25.69
CA THR B 91 -44.53 21.32 -26.80
C THR B 91 -43.29 21.96 -27.45
N ALA B 92 -42.26 21.14 -27.64
CA ALA B 92 -40.97 21.55 -28.19
C ALA B 92 -40.16 20.29 -28.47
N VAL B 93 -38.91 20.50 -28.89
CA VAL B 93 -37.89 19.46 -28.92
C VAL B 93 -36.87 19.78 -27.83
N TYR B 94 -36.49 18.77 -27.07
CA TYR B 94 -35.73 18.97 -25.84
C TYR B 94 -34.30 18.50 -26.05
N TYR B 95 -33.35 19.41 -25.87
CA TYR B 95 -31.95 19.15 -26.13
C TYR B 95 -31.15 19.25 -24.84
N CYS B 96 -30.22 18.32 -24.66
CA CYS B 96 -29.21 18.42 -23.60
C CYS B 96 -27.93 18.97 -24.20
N ALA B 97 -27.36 19.98 -23.55
CA ALA B 97 -26.22 20.70 -24.08
C ALA B 97 -25.10 20.78 -23.05
N THR B 98 -23.87 20.87 -23.53
CA THR B 98 -22.71 20.98 -22.68
C THR B 98 -21.62 21.72 -23.44
N GLN B 99 -20.48 21.91 -22.79
CA GLN B 99 -19.31 22.56 -23.40
C GLN B 99 -18.08 21.77 -22.98
N VAL B 100 -17.49 21.03 -23.93
CA VAL B 100 -16.31 20.23 -23.66
C VAL B 100 -15.17 20.68 -24.57
N LYS B 101 -15.39 20.60 -25.88
CA LYS B 101 -14.35 20.85 -26.87
C LYS B 101 -14.27 22.33 -27.25
N LEU B 102 -14.16 23.19 -26.25
CA LEU B 102 -13.95 24.62 -26.46
C LEU B 102 -12.90 25.11 -25.47
N ASP B 103 -12.18 26.16 -25.87
CA ASP B 103 -11.16 26.77 -25.04
C ASP B 103 -11.71 27.90 -24.16
N SER B 104 -13.02 28.15 -24.22
CA SER B 104 -13.65 29.18 -23.42
C SER B 104 -14.20 28.55 -22.14
N SER B 105 -13.78 29.06 -20.99
CA SER B 105 -14.25 28.59 -19.70
C SER B 105 -15.45 29.37 -19.20
N ALA B 106 -16.00 30.28 -20.02
CA ALA B 106 -17.13 31.11 -19.60
C ALA B 106 -18.44 30.34 -19.53
N GLY B 107 -18.49 29.10 -20.00
CA GLY B 107 -19.68 28.28 -19.92
C GLY B 107 -20.69 28.48 -21.02
N TYR B 108 -20.48 29.46 -21.90
CA TYR B 108 -21.36 29.73 -23.01
C TYR B 108 -20.51 30.11 -24.22
N PRO B 109 -20.95 29.76 -25.44
CA PRO B 109 -22.15 29.02 -25.82
C PRO B 109 -21.96 27.51 -25.78
N PHE B 110 -22.82 26.77 -26.47
CA PHE B 110 -22.84 25.32 -26.45
C PHE B 110 -22.30 24.77 -27.76
N ASP B 111 -21.63 23.63 -27.69
CA ASP B 111 -21.06 23.01 -28.89
C ASP B 111 -21.50 21.58 -29.11
N ILE B 112 -21.77 20.83 -28.05
CA ILE B 112 -22.13 19.42 -28.15
C ILE B 112 -23.58 19.26 -27.71
N TRP B 113 -24.41 18.73 -28.60
CA TRP B 113 -25.84 18.62 -28.37
C TRP B 113 -26.26 17.17 -28.54
N GLY B 114 -27.40 16.84 -27.93
CA GLY B 114 -27.93 15.49 -28.01
C GLY B 114 -28.64 15.21 -29.32
N GLN B 115 -29.12 13.97 -29.43
CA GLN B 115 -29.80 13.55 -30.66
C GLN B 115 -31.19 14.15 -30.81
N GLY B 116 -31.77 14.67 -29.73
CA GLY B 116 -33.07 15.30 -29.81
C GLY B 116 -34.21 14.44 -29.30
N THR B 117 -35.14 15.06 -28.58
CA THR B 117 -36.32 14.37 -28.05
C THR B 117 -37.52 15.30 -28.22
N MET B 118 -38.28 15.08 -29.30
CA MET B 118 -39.46 15.88 -29.57
C MET B 118 -40.59 15.46 -28.64
N VAL B 119 -41.04 16.38 -27.79
CA VAL B 119 -42.09 16.12 -26.81
C VAL B 119 -43.28 16.98 -27.19
N THR B 120 -44.40 16.33 -27.51
CA THR B 120 -45.65 17.01 -27.85
C THR B 120 -46.70 16.64 -26.82
N VAL B 121 -47.30 17.66 -26.20
CA VAL B 121 -48.29 17.43 -25.16
C VAL B 121 -49.38 18.50 -25.22
N ALA C 3 -34.87 40.03 -25.43
CA ALA C 3 -34.70 41.25 -26.21
C ALA C 3 -33.58 41.09 -27.22
N LEU C 4 -33.36 39.87 -27.69
CA LEU C 4 -32.34 39.55 -28.67
C LEU C 4 -33.03 39.17 -29.98
N THR C 5 -32.97 40.08 -30.96
CA THR C 5 -33.75 39.96 -32.18
C THR C 5 -32.83 39.80 -33.39
N GLN C 6 -33.36 39.16 -34.44
CA GLN C 6 -32.66 38.96 -35.70
C GLN C 6 -33.72 38.83 -36.80
N PRO C 7 -33.38 39.14 -38.05
CA PRO C 7 -34.36 38.99 -39.13
C PRO C 7 -34.67 37.54 -39.47
N ARG C 8 -35.68 37.33 -40.31
CA ARG C 8 -36.17 36.00 -40.64
C ARG C 8 -35.57 35.41 -41.92
N SER C 9 -35.39 36.23 -42.96
CA SER C 9 -34.88 35.72 -44.23
C SER C 9 -34.08 36.81 -44.93
N VAL C 10 -32.85 36.49 -45.30
CA VAL C 10 -31.99 37.38 -46.08
C VAL C 10 -31.58 36.67 -47.35
N SER C 11 -31.50 37.41 -48.44
CA SER C 11 -31.25 36.82 -49.75
C SER C 11 -29.78 36.42 -49.89
N GLY C 12 -29.51 35.59 -50.90
CA GLY C 12 -28.16 35.16 -51.17
C GLY C 12 -28.09 34.36 -52.45
N SER C 13 -26.86 34.12 -52.90
CA SER C 13 -26.57 33.37 -54.10
C SER C 13 -25.18 32.77 -53.97
N PRO C 14 -24.91 31.63 -54.61
CA PRO C 14 -23.57 31.03 -54.53
C PRO C 14 -22.51 31.94 -55.12
N GLY C 15 -21.56 32.36 -54.27
CA GLY C 15 -20.60 33.38 -54.59
C GLY C 15 -20.88 34.72 -53.97
N GLN C 16 -22.09 34.93 -53.44
CA GLN C 16 -22.48 36.17 -52.80
C GLN C 16 -22.72 35.91 -51.32
N SER C 17 -22.30 36.86 -50.49
CA SER C 17 -22.28 36.68 -49.05
C SER C 17 -23.65 36.88 -48.43
N VAL C 18 -24.00 36.00 -47.49
CA VAL C 18 -25.21 36.12 -46.68
C VAL C 18 -24.80 36.68 -45.32
N ASN C 19 -25.52 37.72 -44.88
CA ASN C 19 -25.03 38.61 -43.83
C ASN C 19 -26.19 39.02 -42.94
N ILE C 20 -26.12 38.66 -41.66
CA ILE C 20 -27.24 38.70 -40.74
C ILE C 20 -26.91 39.67 -39.61
N SER C 21 -27.86 40.54 -39.27
CA SER C 21 -27.74 41.40 -38.11
C SER C 21 -28.37 40.73 -36.89
N CYS C 22 -27.84 41.04 -35.71
CA CYS C 22 -28.38 40.52 -34.46
C CYS C 22 -28.06 41.51 -33.35
N THR C 23 -29.06 42.28 -32.93
CA THR C 23 -28.88 43.29 -31.91
C THR C 23 -29.34 42.78 -30.55
N GLY C 24 -28.85 43.44 -29.50
CA GLY C 24 -29.19 43.07 -28.14
C GLY C 24 -28.05 43.26 -27.17
N ALA C 25 -28.29 43.04 -25.88
CA ALA C 25 -27.26 43.15 -24.88
C ALA C 25 -26.35 41.92 -24.93
N TYR C 26 -25.04 42.17 -25.06
CA TYR C 26 -24.02 41.12 -25.20
C TYR C 26 -24.34 40.20 -26.38
N SER C 27 -24.77 40.80 -27.49
CA SER C 27 -25.35 40.06 -28.59
C SER C 27 -24.31 39.25 -29.35
N GLY C 28 -24.76 38.10 -29.87
CA GLY C 28 -23.92 37.27 -30.70
C GLY C 28 -22.74 36.62 -30.00
N LEU C 29 -22.95 36.09 -28.80
CA LEU C 29 -21.91 35.31 -28.15
C LEU C 29 -21.64 34.01 -28.92
N GLY C 30 -22.70 33.38 -29.41
CA GLY C 30 -22.55 32.18 -30.21
C GLY C 30 -23.62 32.11 -31.28
N TRP C 31 -23.26 31.50 -32.40
CA TRP C 31 -24.16 31.30 -33.54
C TRP C 31 -24.26 29.82 -33.83
N TYR C 32 -25.48 29.34 -34.09
CA TYR C 32 -25.72 27.93 -34.34
C TYR C 32 -26.35 27.74 -35.71
N GLN C 33 -25.85 26.74 -36.45
CA GLN C 33 -26.42 26.34 -37.73
C GLN C 33 -27.26 25.08 -37.49
N GLN C 34 -28.57 25.25 -37.45
CA GLN C 34 -29.49 24.14 -37.21
C GLN C 34 -29.86 23.53 -38.56
N HIS C 35 -29.27 22.37 -38.86
CA HIS C 35 -29.69 21.61 -40.02
C HIS C 35 -31.11 21.08 -39.78
N PRO C 36 -31.98 21.13 -40.80
CA PRO C 36 -33.37 20.70 -40.59
C PRO C 36 -33.50 19.20 -40.34
N GLY C 37 -33.80 18.83 -39.10
CA GLY C 37 -33.96 17.45 -38.74
C GLY C 37 -33.21 17.04 -37.50
N ARG C 38 -32.06 17.67 -37.24
CA ARG C 38 -31.21 17.30 -36.12
C ARG C 38 -30.91 18.53 -35.26
N ALA C 39 -30.05 18.33 -34.26
CA ALA C 39 -29.72 19.38 -33.32
C ALA C 39 -28.81 20.43 -33.95
N PRO C 40 -28.82 21.66 -33.44
CA PRO C 40 -27.90 22.68 -33.95
C PRO C 40 -26.45 22.37 -33.64
N LYS C 41 -25.56 23.10 -34.31
CA LYS C 41 -24.13 22.94 -34.16
C LYS C 41 -23.48 24.31 -34.10
N LEU C 42 -22.52 24.47 -33.20
CA LEU C 42 -21.82 25.74 -33.07
C LEU C 42 -20.93 25.99 -34.29
N ILE C 43 -21.02 27.21 -34.83
CA ILE C 43 -20.20 27.61 -35.96
C ILE C 43 -19.19 28.68 -35.57
N ILE C 44 -19.55 29.58 -34.64
CA ILE C 44 -18.62 30.54 -34.05
C ILE C 44 -19.00 30.76 -32.60
N TYR C 45 -17.99 31.01 -31.77
CA TYR C 45 -18.17 31.37 -30.37
C TYR C 45 -17.31 32.61 -30.10
N GLU C 46 -17.72 33.37 -29.07
CA GLU C 46 -17.08 34.64 -28.70
C GLU C 46 -17.00 35.58 -29.90
N VAL C 47 -18.18 35.76 -30.54
CA VAL C 47 -18.50 36.56 -31.73
C VAL C 47 -17.60 36.31 -32.94
N ASN C 48 -16.29 36.08 -32.74
CA ASN C 48 -15.37 35.91 -33.86
C ASN C 48 -14.52 34.66 -33.85
N ARG C 49 -14.37 33.98 -32.73
CA ARG C 49 -13.52 32.78 -32.68
C ARG C 49 -14.22 31.62 -33.39
N ARG C 50 -13.40 30.66 -33.83
CA ARG C 50 -13.88 29.55 -34.64
C ARG C 50 -13.63 28.23 -33.92
N PRO C 51 -14.67 27.43 -33.63
CA PRO C 51 -14.45 26.12 -33.04
C PRO C 51 -13.97 25.12 -34.09
N SER C 52 -13.43 24.00 -33.60
CA SER C 52 -12.95 22.95 -34.47
C SER C 52 -14.10 22.19 -35.10
N GLY C 53 -13.91 21.74 -36.33
CA GLY C 53 -14.91 20.96 -37.04
C GLY C 53 -15.80 21.74 -37.99
N VAL C 54 -15.49 23.01 -38.25
CA VAL C 54 -16.28 23.85 -39.14
C VAL C 54 -15.35 24.46 -40.18
N SER C 55 -15.91 24.80 -41.34
CA SER C 55 -15.12 25.28 -42.46
C SER C 55 -14.57 26.69 -42.19
N ASP C 56 -13.57 27.07 -42.99
CA ASP C 56 -12.93 28.37 -42.83
C ASP C 56 -13.79 29.52 -43.30
N ARG C 57 -14.75 29.26 -44.20
CA ARG C 57 -15.61 30.33 -44.71
C ARG C 57 -16.59 30.86 -43.68
N PHE C 58 -16.80 30.15 -42.57
CA PHE C 58 -17.67 30.62 -41.50
C PHE C 58 -16.91 31.59 -40.61
N SER C 59 -17.40 32.82 -40.50
CA SER C 59 -16.74 33.83 -39.70
C SER C 59 -17.77 34.86 -39.26
N GLY C 60 -17.41 35.65 -38.25
CA GLY C 60 -18.28 36.67 -37.73
C GLY C 60 -17.52 37.95 -37.44
N SER C 61 -18.24 39.06 -37.50
CA SER C 61 -17.68 40.37 -37.22
C SER C 61 -18.50 41.04 -36.12
N LYS C 62 -17.81 41.75 -35.24
CA LYS C 62 -18.43 42.38 -34.08
C LYS C 62 -18.63 43.87 -34.32
N SER C 63 -19.58 44.43 -33.59
CA SER C 63 -19.87 45.85 -33.61
C SER C 63 -20.19 46.30 -32.18
N GLY C 64 -20.78 47.49 -32.04
CA GLY C 64 -21.12 47.99 -30.72
C GLY C 64 -22.20 47.17 -30.05
N ASN C 65 -23.31 46.91 -30.77
CA ASN C 65 -24.39 46.11 -30.22
C ASN C 65 -24.99 45.13 -31.21
N THR C 66 -24.54 45.11 -32.46
CA THR C 66 -25.10 44.26 -33.50
C THR C 66 -24.07 43.22 -33.91
N ALA C 67 -24.46 41.94 -33.88
CA ALA C 67 -23.60 40.86 -34.30
C ALA C 67 -23.82 40.59 -35.79
N SER C 68 -22.77 40.68 -36.58
CA SER C 68 -22.84 40.47 -38.02
C SER C 68 -22.14 39.16 -38.36
N LEU C 69 -22.94 38.14 -38.70
CA LEU C 69 -22.41 36.86 -39.17
C LEU C 69 -22.32 36.90 -40.69
N THR C 70 -21.11 36.74 -41.22
CA THR C 70 -20.87 36.81 -42.65
C THR C 70 -20.31 35.48 -43.13
N ILE C 71 -21.04 34.84 -44.04
CA ILE C 71 -20.58 33.61 -44.69
C ILE C 71 -20.34 33.92 -46.17
N SER C 72 -19.14 33.58 -46.64
CA SER C 72 -18.74 33.83 -48.01
C SER C 72 -18.60 32.51 -48.77
N GLY C 73 -19.01 32.52 -50.03
CA GLY C 73 -18.96 31.31 -50.82
C GLY C 73 -20.00 30.30 -50.41
N LEU C 74 -21.27 30.60 -50.66
CA LEU C 74 -22.36 29.72 -50.26
C LEU C 74 -22.35 28.43 -51.08
N ARG C 75 -23.02 27.41 -50.53
CA ARG C 75 -23.25 26.16 -51.22
C ARG C 75 -24.71 25.77 -51.03
N THR C 76 -25.13 24.74 -51.76
CA THR C 76 -26.50 24.26 -51.64
C THR C 76 -26.73 23.48 -50.35
N GLU C 77 -25.68 22.98 -49.72
CA GLU C 77 -25.80 22.20 -48.50
C GLU C 77 -25.85 23.07 -47.24
N ASP C 78 -25.69 24.38 -47.38
CA ASP C 78 -25.69 25.28 -46.23
C ASP C 78 -27.07 25.85 -45.91
N GLU C 79 -28.11 25.40 -46.61
CA GLU C 79 -29.47 25.86 -46.35
C GLU C 79 -29.93 25.34 -44.99
N ALA C 80 -30.00 26.23 -44.01
CA ALA C 80 -30.32 25.85 -42.64
C ALA C 80 -30.84 27.08 -41.91
N ASP C 81 -31.26 26.88 -40.67
CA ASP C 81 -31.74 27.96 -39.82
C ASP C 81 -30.62 28.42 -38.89
N TYR C 82 -30.41 29.72 -38.83
CA TYR C 82 -29.32 30.32 -38.05
C TYR C 82 -29.89 31.02 -36.83
N PHE C 83 -29.33 30.72 -35.67
CA PHE C 83 -29.79 31.25 -34.39
C PHE C 83 -28.68 32.06 -33.73
N CYS C 84 -29.03 33.25 -33.26
CA CYS C 84 -28.12 34.13 -32.55
C CYS C 84 -28.42 34.03 -31.06
N SER C 85 -27.37 33.79 -30.26
CA SER C 85 -27.54 33.56 -28.83
C SER C 85 -26.67 34.51 -28.03
N ALA C 86 -27.16 34.86 -26.84
CA ALA C 86 -26.44 35.73 -25.90
C ALA C 86 -26.66 35.16 -24.51
N PHE C 87 -25.63 34.49 -23.98
CA PHE C 87 -25.69 33.73 -22.72
C PHE C 87 -26.84 32.74 -22.74
N GLU C 88 -27.84 32.97 -21.90
CA GLU C 88 -29.03 32.12 -21.86
C GLU C 88 -30.12 32.57 -22.84
N TYR C 89 -30.00 33.75 -23.43
CA TYR C 89 -30.99 34.22 -24.38
C TYR C 89 -30.74 33.62 -25.77
N PHE C 90 -31.70 33.83 -26.66
CA PHE C 90 -31.62 33.35 -28.03
C PHE C 90 -32.32 34.33 -28.95
N GLY C 91 -31.99 34.25 -30.24
CA GLY C 91 -32.61 35.07 -31.25
C GLY C 91 -33.84 34.42 -31.87
N GLU C 92 -34.46 35.15 -32.80
CA GLU C 92 -35.69 34.68 -33.41
C GLU C 92 -35.42 33.53 -34.38
N GLY C 93 -34.40 33.68 -35.22
CA GLY C 93 -34.08 32.65 -36.22
C GLY C 93 -34.12 33.23 -37.61
N THR C 94 -33.10 32.90 -38.39
CA THR C 94 -32.96 33.40 -39.76
C THR C 94 -32.82 32.21 -40.71
N LYS C 95 -33.71 32.13 -41.69
CA LYS C 95 -33.68 31.07 -42.68
C LYS C 95 -32.90 31.52 -43.90
N LEU C 96 -32.06 30.62 -44.42
CA LEU C 96 -31.23 30.94 -45.57
C LEU C 96 -32.07 31.00 -46.83
N THR C 97 -31.67 31.85 -47.76
CA THR C 97 -32.32 31.99 -49.07
C THR C 97 -31.24 31.97 -50.14
N VAL C 98 -31.21 30.89 -50.92
CA VAL C 98 -30.26 30.74 -52.02
C VAL C 98 -31.05 30.48 -53.30
N LEU C 99 -30.81 31.29 -54.32
CA LEU C 99 -31.51 31.15 -55.59
C LEU C 99 -30.75 30.20 -56.53
N ASP D 38 30.89 52.84 -27.33
CA ASP D 38 29.79 52.30 -28.16
C ASP D 38 28.77 51.59 -27.27
N LEU D 39 27.87 50.80 -27.87
CA LEU D 39 26.89 50.03 -27.07
C LEU D 39 27.24 48.54 -27.15
N TRP D 40 27.77 47.97 -26.07
CA TRP D 40 28.06 46.52 -26.04
C TRP D 40 27.14 45.88 -24.99
N VAL D 41 26.73 44.62 -25.17
CA VAL D 41 25.80 44.08 -24.18
C VAL D 41 26.47 44.11 -22.82
N THR D 42 25.64 44.04 -21.79
CA THR D 42 26.13 43.94 -20.42
C THR D 42 25.07 43.18 -19.63
N VAL D 43 25.34 41.93 -19.32
CA VAL D 43 24.37 41.08 -18.65
C VAL D 43 24.42 41.35 -17.15
N TYR D 44 23.25 41.46 -16.54
CA TYR D 44 23.12 41.70 -15.11
C TYR D 44 22.46 40.51 -14.46
N TYR D 45 23.08 39.97 -13.42
CA TYR D 45 22.59 38.80 -12.72
C TYR D 45 21.85 39.26 -11.47
N GLY D 46 20.55 39.00 -11.42
CA GLY D 46 19.74 39.44 -10.30
C GLY D 46 18.80 40.58 -10.63
N VAL D 47 18.40 40.68 -11.89
CA VAL D 47 17.49 41.72 -12.33
C VAL D 47 16.10 41.47 -11.77
N PRO D 48 15.34 42.51 -11.44
CA PRO D 48 13.97 42.30 -10.92
C PRO D 48 12.93 42.22 -12.02
N VAL D 49 12.99 41.14 -12.79
CA VAL D 49 12.00 40.86 -13.84
C VAL D 49 11.44 39.46 -13.59
N TRP D 50 10.14 39.30 -13.85
CA TRP D 50 9.48 38.03 -13.61
C TRP D 50 8.62 37.66 -14.81
N LYS D 51 8.27 36.38 -14.89
CA LYS D 51 7.39 35.87 -15.91
C LYS D 51 6.24 35.10 -15.27
N GLU D 52 5.09 35.13 -15.94
CA GLU D 52 3.93 34.39 -15.44
C GLU D 52 4.12 32.90 -15.65
N ALA D 53 4.46 32.20 -14.57
CA ALA D 53 4.65 30.76 -14.62
C ALA D 53 4.35 30.20 -13.24
N LYS D 54 3.77 29.01 -13.23
CA LYS D 54 3.32 28.38 -12.00
C LYS D 54 4.21 27.19 -11.67
N THR D 55 4.43 26.96 -10.38
CA THR D 55 5.32 25.92 -9.88
C THR D 55 4.61 25.13 -8.78
N THR D 56 5.38 24.28 -8.12
CA THR D 56 4.87 23.49 -7.01
C THR D 56 5.02 24.29 -5.72
N LEU D 57 3.91 24.49 -5.02
CA LEU D 57 3.91 25.25 -3.78
C LEU D 57 4.43 24.37 -2.64
N PHE D 58 4.30 24.83 -1.40
CA PHE D 58 4.79 24.07 -0.25
C PHE D 58 4.09 24.54 1.01
N CYS D 59 3.62 23.58 1.82
CA CYS D 59 3.07 23.87 3.13
C CYS D 59 4.14 24.41 4.05
N ALA D 60 3.78 25.37 4.89
CA ALA D 60 4.63 25.82 5.98
C ALA D 60 3.71 26.32 7.09
N SER D 61 3.40 25.45 8.05
CA SER D 61 2.50 25.82 9.13
C SER D 61 3.22 26.69 10.15
N ASP D 62 2.44 27.25 11.07
CA ASP D 62 2.99 28.08 12.13
C ASP D 62 3.77 27.23 13.11
N ALA D 63 4.65 27.88 13.88
CA ALA D 63 5.47 27.19 14.87
C ALA D 63 4.63 26.74 16.05
N LYS D 64 3.80 25.73 15.83
CA LYS D 64 2.81 25.27 16.80
C LYS D 64 2.85 23.75 16.89
N ALA D 65 4.04 23.19 17.09
CA ALA D 65 4.20 21.74 17.22
C ALA D 65 3.91 21.32 18.66
N TYR D 66 2.62 21.42 19.01
CA TYR D 66 2.12 21.02 20.32
C TYR D 66 1.34 19.72 20.27
N ASP D 67 1.67 18.86 19.30
CA ASP D 67 0.84 17.75 18.84
C ASP D 67 0.34 16.80 19.93
N LYS D 68 1.28 16.10 20.58
CA LYS D 68 1.06 15.16 21.70
C LYS D 68 0.27 13.91 21.28
N GLU D 69 -0.20 13.89 20.04
CA GLU D 69 -0.96 12.81 19.41
C GLU D 69 -0.81 12.97 17.91
N VAL D 70 -1.05 11.89 17.16
CA VAL D 70 -1.06 11.98 15.70
C VAL D 70 -2.31 12.73 15.28
N ARG D 71 -2.15 13.98 14.85
CA ARG D 71 -3.28 14.86 14.60
C ARG D 71 -2.99 15.71 13.38
N ASN D 72 -3.88 16.70 13.15
CA ASN D 72 -3.70 17.77 12.15
C ASN D 72 -3.56 17.19 10.73
N VAL D 73 -4.66 16.63 10.24
CA VAL D 73 -4.71 15.97 8.94
C VAL D 73 -4.37 16.89 7.77
N TRP D 74 -4.34 18.20 7.98
CA TRP D 74 -3.87 19.10 6.94
C TRP D 74 -2.35 19.25 7.01
N ALA D 75 -1.82 19.43 8.22
CA ALA D 75 -0.37 19.48 8.38
C ALA D 75 0.24 18.10 8.24
N THR D 76 -0.46 17.07 8.69
CA THR D 76 -0.02 15.67 8.80
C THR D 76 1.30 15.63 9.58
N HIS D 77 2.16 14.69 9.23
CA HIS D 77 3.42 14.54 9.93
C HIS D 77 4.39 15.67 9.63
N ALA D 78 4.60 16.00 8.35
CA ALA D 78 5.83 16.64 7.90
C ALA D 78 5.57 17.91 7.09
N CYS D 79 4.78 18.84 7.64
CA CYS D 79 4.73 20.20 7.12
C CYS D 79 5.62 21.08 8.00
N VAL D 80 6.55 21.80 7.38
CA VAL D 80 7.64 22.47 8.08
C VAL D 80 7.13 23.70 8.82
N PRO D 81 7.84 24.16 9.86
CA PRO D 81 7.54 25.46 10.45
C PRO D 81 7.78 26.59 9.48
N THR D 82 7.02 27.67 9.65
CA THR D 82 7.14 28.85 8.81
C THR D 82 8.14 29.84 9.40
N ASP D 83 8.32 30.97 8.71
CA ASP D 83 9.18 32.03 9.19
C ASP D 83 8.51 32.75 10.36
N PRO D 84 9.15 32.87 11.51
CA PRO D 84 8.59 33.69 12.60
C PRO D 84 8.43 35.16 12.22
N ASN D 85 9.31 35.69 11.38
CA ASN D 85 9.22 37.06 10.88
C ASN D 85 9.07 37.00 9.36
N PRO D 86 7.83 37.03 8.86
CA PRO D 86 7.63 37.01 7.40
C PRO D 86 8.10 38.31 6.77
N GLN D 87 8.94 38.18 5.74
CA GLN D 87 9.52 39.34 5.07
C GLN D 87 8.54 39.84 4.01
N GLU D 88 7.52 40.55 4.47
CA GLU D 88 6.60 41.20 3.55
C GLU D 88 7.27 42.43 2.95
N ILE D 89 7.37 42.46 1.63
CA ILE D 89 8.13 43.47 0.90
C ILE D 89 7.15 44.23 0.01
N VAL D 90 6.84 45.46 0.38
CA VAL D 90 5.88 46.26 -0.37
C VAL D 90 6.57 46.86 -1.58
N LEU D 91 5.92 46.74 -2.73
CA LEU D 91 6.41 47.34 -3.95
C LEU D 91 5.51 48.51 -4.35
N GLU D 92 6.09 49.42 -5.10
CA GLU D 92 5.37 50.52 -5.70
C GLU D 92 5.71 50.53 -7.18
N ASN D 93 5.25 51.59 -7.85
CA ASN D 93 5.80 52.06 -9.13
C ASN D 93 5.37 51.17 -10.29
N VAL D 94 4.57 50.14 -10.01
CA VAL D 94 4.24 49.11 -10.99
C VAL D 94 2.79 48.69 -10.85
N THR D 95 2.13 48.39 -11.98
CA THR D 95 0.79 47.83 -12.00
C THR D 95 0.83 46.49 -12.75
N GLU D 96 0.59 45.40 -12.02
CA GLU D 96 0.57 44.07 -12.59
C GLU D 96 -0.85 43.51 -12.55
N ASN D 97 -1.26 42.85 -13.65
CA ASN D 97 -2.60 42.30 -13.76
C ASN D 97 -2.71 40.99 -12.99
N PHE D 98 -3.92 40.69 -12.51
CA PHE D 98 -4.22 39.50 -11.76
C PHE D 98 -5.39 38.76 -12.41
N ASN D 99 -5.47 37.46 -12.13
CA ASN D 99 -6.58 36.63 -12.61
C ASN D 99 -6.80 35.53 -11.58
N MET D 100 -7.78 35.74 -10.70
CA MET D 100 -8.03 34.80 -9.62
C MET D 100 -8.81 33.57 -10.04
N TRP D 101 -9.31 33.51 -11.27
CA TRP D 101 -9.96 32.32 -11.78
C TRP D 101 -9.06 31.49 -12.69
N LYS D 102 -8.02 32.09 -13.25
CA LYS D 102 -6.98 31.36 -13.96
C LYS D 102 -5.78 31.07 -13.07
N ASN D 103 -5.92 31.31 -11.76
CA ASN D 103 -4.84 31.03 -10.82
C ASN D 103 -4.65 29.54 -10.66
N ASP D 104 -3.41 29.08 -10.74
CA ASP D 104 -3.08 27.67 -10.60
C ASP D 104 -2.84 27.27 -9.15
N MET D 105 -2.79 28.23 -8.23
CA MET D 105 -2.64 27.91 -6.81
C MET D 105 -3.87 27.23 -6.26
N VAL D 106 -5.06 27.66 -6.71
CA VAL D 106 -6.30 27.04 -6.26
C VAL D 106 -6.50 25.65 -6.84
N ASP D 107 -5.85 25.33 -7.98
CA ASP D 107 -5.86 23.97 -8.46
C ASP D 107 -4.90 23.09 -7.68
N GLN D 108 -3.77 23.66 -7.26
CA GLN D 108 -2.79 22.91 -6.49
C GLN D 108 -3.23 22.73 -5.04
N MET D 109 -3.90 23.75 -4.47
CA MET D 109 -4.39 23.62 -3.10
C MET D 109 -5.51 22.59 -3.02
N HIS D 110 -6.43 22.60 -3.99
CA HIS D 110 -7.53 21.64 -3.99
C HIS D 110 -7.04 20.22 -4.21
N GLU D 111 -5.94 20.05 -4.95
CA GLU D 111 -5.37 18.73 -5.13
C GLU D 111 -4.66 18.25 -3.86
N ASP D 112 -4.12 19.17 -3.06
CA ASP D 112 -3.46 18.78 -1.83
C ASP D 112 -4.47 18.37 -0.76
N ILE D 113 -5.56 19.13 -0.61
CA ILE D 113 -6.55 18.84 0.41
C ILE D 113 -7.26 17.52 0.12
N ILE D 114 -7.46 17.20 -1.16
CA ILE D 114 -7.93 15.87 -1.54
C ILE D 114 -6.88 14.82 -1.19
N SER D 115 -5.61 15.11 -1.47
CA SER D 115 -4.54 14.16 -1.19
C SER D 115 -4.34 13.96 0.31
N LEU D 116 -4.48 15.03 1.09
CA LEU D 116 -4.41 14.91 2.55
C LEU D 116 -5.60 14.12 3.08
N TRP D 117 -6.75 14.24 2.43
CA TRP D 117 -7.95 13.52 2.85
C TRP D 117 -7.79 12.01 2.65
N ASP D 118 -7.19 11.61 1.53
CA ASP D 118 -6.98 10.19 1.27
C ASP D 118 -5.82 9.63 2.06
N GLN D 119 -4.77 10.43 2.29
CA GLN D 119 -3.60 9.94 3.01
C GLN D 119 -3.89 9.73 4.50
N SER D 120 -4.70 10.60 5.09
CA SER D 120 -5.03 10.45 6.51
C SER D 120 -5.98 9.28 6.75
N LEU D 121 -6.79 8.93 5.75
CA LEU D 121 -7.71 7.80 5.87
C LEU D 121 -7.08 6.48 5.45
N LYS D 122 -5.85 6.49 4.94
CA LYS D 122 -5.22 5.26 4.48
C LYS D 122 -4.94 4.27 5.62
N PRO D 123 -4.34 4.66 6.77
CA PRO D 123 -4.16 3.66 7.83
C PRO D 123 -5.38 3.49 8.73
N CYS D 124 -6.47 4.20 8.47
CA CYS D 124 -7.62 4.17 9.36
C CYS D 124 -8.43 2.89 9.17
N VAL D 125 -9.46 2.74 10.00
CA VAL D 125 -10.19 1.49 10.11
C VAL D 125 -11.23 1.40 8.99
N LYS D 126 -11.17 0.31 8.23
CA LYS D 126 -12.18 0.02 7.22
C LYS D 126 -13.49 -0.42 7.88
N LEU D 127 -14.60 -0.10 7.24
CA LEU D 127 -15.92 -0.51 7.69
C LEU D 127 -16.55 -1.48 6.71
N THR D 128 -15.73 -2.36 6.13
CA THR D 128 -16.24 -3.41 5.27
C THR D 128 -17.19 -4.40 5.98
N PRO D 129 -16.90 -4.93 7.17
CA PRO D 129 -17.86 -5.88 7.77
C PRO D 129 -19.10 -5.23 8.36
N LEU D 130 -19.27 -3.91 8.26
CA LEU D 130 -20.45 -3.23 8.79
C LEU D 130 -21.56 -3.10 7.75
N CYS D 131 -21.34 -3.55 6.52
CA CYS D 131 -22.34 -3.42 5.46
C CYS D 131 -23.28 -4.63 5.44
N VAL D 132 -23.94 -4.87 6.57
CA VAL D 132 -24.88 -5.98 6.69
C VAL D 132 -26.28 -5.41 6.90
N THR D 133 -27.26 -6.31 6.97
CA THR D 133 -28.65 -5.91 7.16
C THR D 133 -28.85 -5.38 8.58
N LEU D 134 -29.08 -4.07 8.71
CA LEU D 134 -29.32 -3.46 10.00
C LEU D 134 -30.79 -3.60 10.39
N ASN D 135 -31.03 -3.94 11.65
CA ASN D 135 -32.38 -4.06 12.18
C ASN D 135 -32.65 -2.81 13.02
N CYS D 136 -33.23 -1.80 12.39
CA CYS D 136 -33.36 -0.47 12.97
C CYS D 136 -34.80 -0.21 13.43
N LYS D 137 -34.94 0.25 14.67
CA LYS D 137 -36.18 0.75 15.21
C LYS D 137 -35.98 2.18 15.70
N ASN D 138 -37.04 2.98 15.61
CA ASN D 138 -36.95 4.39 15.94
C ASN D 138 -36.82 4.59 17.45
N VAL D 139 -36.51 5.84 17.84
CA VAL D 139 -36.32 6.16 19.25
C VAL D 139 -37.58 6.84 19.80
N ASN D 140 -38.37 7.45 18.92
CA ASN D 140 -39.56 8.17 19.33
C ASN D 140 -40.78 7.75 18.51
N GLY D 157 -37.99 12.50 16.02
CA GLY D 157 -36.57 12.28 16.20
C GLY D 157 -35.81 12.18 14.90
N GLU D 158 -34.49 12.00 14.99
CA GLU D 158 -33.64 11.85 13.81
C GLU D 158 -32.57 10.79 14.05
N ILE D 159 -32.80 9.88 15.00
CA ILE D 159 -31.85 8.84 15.35
C ILE D 159 -32.57 7.50 15.30
N LYS D 160 -31.97 6.51 14.65
CA LYS D 160 -32.55 5.18 14.53
C LYS D 160 -31.68 4.19 15.30
N ASN D 161 -32.30 3.40 16.16
CA ASN D 161 -31.59 2.40 16.95
C ASN D 161 -31.41 1.13 16.11
N CYS D 162 -30.20 0.92 15.61
CA CYS D 162 -29.92 -0.16 14.68
C CYS D 162 -29.09 -1.23 15.38
N SER D 163 -29.47 -2.49 15.17
CA SER D 163 -28.70 -3.64 15.65
C SER D 163 -28.30 -4.49 14.46
N PHE D 164 -27.02 -4.79 14.36
CA PHE D 164 -26.48 -5.47 13.19
C PHE D 164 -25.66 -6.66 13.63
N ASN D 165 -24.94 -7.26 12.69
CA ASN D 165 -24.29 -8.53 12.88
C ASN D 165 -22.84 -8.39 12.44
N THR D 166 -21.91 -8.52 13.38
CA THR D 166 -20.51 -8.30 13.08
C THR D 166 -19.67 -9.47 13.54
N THR D 167 -18.64 -9.78 12.77
CA THR D 167 -17.64 -10.74 13.20
C THR D 167 -16.78 -10.12 14.30
N THR D 168 -16.38 -10.97 15.24
CA THR D 168 -15.49 -10.55 16.31
C THR D 168 -14.05 -10.66 15.81
N GLU D 169 -13.08 -10.57 16.72
CA GLU D 169 -11.69 -10.80 16.34
C GLU D 169 -11.48 -12.27 15.96
N LEU D 170 -12.25 -13.17 16.56
CA LEU D 170 -12.31 -14.54 16.07
C LEU D 170 -13.08 -14.59 14.76
N ARG D 171 -12.57 -15.39 13.82
CA ARG D 171 -13.15 -15.41 12.48
C ARG D 171 -14.37 -16.31 12.38
N ASP D 172 -14.72 -17.03 13.45
CA ASP D 172 -15.87 -17.92 13.44
C ASP D 172 -17.03 -17.44 14.30
N LYS D 173 -16.76 -16.81 15.44
CA LYS D 173 -17.82 -16.34 16.31
C LYS D 173 -18.46 -15.07 15.76
N LYS D 174 -19.77 -14.96 15.98
CA LYS D 174 -20.55 -13.80 15.56
C LYS D 174 -21.24 -13.19 16.77
N GLN D 175 -21.24 -11.85 16.82
CA GLN D 175 -21.87 -11.11 17.90
C GLN D 175 -22.98 -10.24 17.35
N LYS D 176 -23.92 -9.90 18.22
CA LYS D 176 -25.01 -8.98 17.90
C LYS D 176 -24.89 -7.77 18.80
N VAL D 177 -24.64 -6.60 18.21
CA VAL D 177 -24.47 -5.37 18.96
C VAL D 177 -25.41 -4.31 18.39
N TYR D 178 -25.69 -3.30 19.21
CA TYR D 178 -26.61 -2.23 18.85
C TYR D 178 -25.85 -0.92 18.71
N ALA D 179 -26.38 -0.03 17.88
CA ALA D 179 -25.78 1.28 17.65
C ALA D 179 -26.88 2.26 17.27
N LEU D 180 -26.58 3.54 17.43
CA LEU D 180 -27.48 4.61 17.04
C LEU D 180 -26.97 5.24 15.74
N PHE D 181 -27.77 5.16 14.68
CA PHE D 181 -27.43 5.73 13.39
C PHE D 181 -28.43 6.80 13.03
N TYR D 182 -27.94 7.90 12.45
CA TYR D 182 -28.82 8.98 12.04
C TYR D 182 -29.64 8.56 10.83
N LYS D 183 -30.75 9.29 10.62
CA LYS D 183 -31.65 8.98 9.50
C LYS D 183 -31.03 9.09 8.11
N PRO D 184 -30.32 10.17 7.73
CA PRO D 184 -29.78 10.20 6.36
C PRO D 184 -28.49 9.42 6.16
N ASP D 185 -28.06 8.63 7.15
CA ASP D 185 -26.95 7.71 6.98
C ASP D 185 -27.41 6.29 6.62
N VAL D 186 -28.72 6.08 6.51
CA VAL D 186 -29.30 4.77 6.30
C VAL D 186 -30.29 4.84 5.14
N VAL D 187 -30.12 3.97 4.15
CA VAL D 187 -31.08 3.87 3.05
C VAL D 187 -31.92 2.62 3.24
N PRO D 188 -33.18 2.62 2.81
CA PRO D 188 -33.99 1.41 2.91
C PRO D 188 -33.53 0.34 1.93
N LEU D 189 -33.83 -0.91 2.28
CA LEU D 189 -33.47 -2.05 1.45
C LEU D 189 -34.69 -2.88 1.09
N GLU D 199 -33.72 -4.58 8.15
CA GLU D 199 -34.16 -4.36 6.77
C GLU D 199 -33.45 -3.16 6.17
N TYR D 200 -32.39 -2.71 6.84
CA TYR D 200 -31.68 -1.48 6.46
C TYR D 200 -30.20 -1.76 6.28
N ILE D 201 -29.55 -0.89 5.50
CA ILE D 201 -28.11 -0.91 5.31
C ILE D 201 -27.59 0.51 5.46
N LEU D 202 -26.26 0.66 5.38
CA LEU D 202 -25.69 1.99 5.34
C LEU D 202 -25.93 2.61 3.96
N ILE D 203 -25.70 3.92 3.87
CA ILE D 203 -26.18 4.69 2.71
C ILE D 203 -25.42 4.34 1.44
N ASN D 204 -24.11 4.09 1.52
CA ASN D 204 -23.32 3.85 0.32
C ASN D 204 -22.42 2.64 0.50
N CYS D 205 -22.98 1.54 1.02
CA CYS D 205 -22.23 0.30 1.07
C CYS D 205 -22.24 -0.46 -0.25
N ASN D 206 -23.14 -0.10 -1.17
CA ASN D 206 -23.18 -0.75 -2.47
C ASN D 206 -22.61 0.12 -3.57
N SER D 207 -21.86 1.17 -3.21
CA SER D 207 -21.16 1.98 -4.19
C SER D 207 -19.65 1.91 -3.97
N SER D 208 -19.21 2.08 -2.73
CA SER D 208 -17.78 2.09 -2.41
C SER D 208 -17.60 1.79 -0.93
N THR D 209 -16.35 1.50 -0.56
CA THR D 209 -16.03 1.15 0.81
C THR D 209 -16.06 2.39 1.71
N ILE D 210 -16.11 2.15 3.01
CA ILE D 210 -16.15 3.21 4.02
C ILE D 210 -14.98 3.01 4.97
N THR D 211 -14.15 4.05 5.12
CA THR D 211 -13.02 4.04 6.04
C THR D 211 -13.27 5.10 7.10
N GLN D 212 -13.56 4.67 8.33
CA GLN D 212 -13.93 5.64 9.37
C GLN D 212 -12.74 6.51 9.72
N ALA D 213 -13.02 7.73 10.19
CA ALA D 213 -11.96 8.62 10.64
C ALA D 213 -11.34 8.08 11.92
N CYS D 214 -10.01 8.12 11.98
CA CYS D 214 -9.32 7.70 13.19
C CYS D 214 -9.61 8.69 14.31
N PRO D 215 -10.04 8.24 15.48
CA PRO D 215 -10.38 9.17 16.57
C PRO D 215 -9.20 9.94 17.12
N LYS D 216 -7.97 9.50 16.86
CA LYS D 216 -6.81 10.23 17.33
C LYS D 216 -6.66 11.57 16.62
N VAL D 217 -6.81 11.58 15.30
CA VAL D 217 -6.57 12.78 14.50
C VAL D 217 -7.68 13.79 14.70
N SER D 218 -7.46 15.02 14.25
CA SER D 218 -8.41 16.10 14.43
C SER D 218 -8.65 16.79 13.09
N PHE D 219 -9.90 17.21 12.86
CA PHE D 219 -10.28 17.91 11.65
C PHE D 219 -10.30 19.43 11.83
N ASP D 220 -9.73 19.94 12.91
CA ASP D 220 -9.65 21.38 13.13
C ASP D 220 -8.68 21.98 12.11
N PRO D 221 -9.12 22.89 11.25
CA PRO D 221 -8.21 23.44 10.24
C PRO D 221 -7.28 24.49 10.85
N ILE D 222 -6.00 24.15 10.92
CA ILE D 222 -4.98 25.08 11.41
C ILE D 222 -4.53 25.95 10.23
N PRO D 223 -4.05 27.17 10.46
CA PRO D 223 -3.59 28.02 9.36
C PRO D 223 -2.33 27.46 8.73
N ILE D 224 -2.39 27.17 7.43
CA ILE D 224 -1.26 26.67 6.67
C ILE D 224 -0.90 27.70 5.61
N HIS D 225 0.39 27.94 5.43
CA HIS D 225 0.90 28.90 4.47
C HIS D 225 1.48 28.15 3.28
N TYR D 226 0.90 28.39 2.10
CA TYR D 226 1.40 27.81 0.87
C TYR D 226 2.57 28.66 0.38
N CYS D 227 3.76 28.07 0.34
CA CYS D 227 4.97 28.84 0.08
C CYS D 227 5.69 28.36 -1.18
N ALA D 228 5.93 29.30 -2.09
CA ALA D 228 6.68 29.02 -3.29
C ALA D 228 8.14 28.76 -2.94
N PRO D 229 8.81 27.85 -3.67
CA PRO D 229 10.19 27.50 -3.31
C PRO D 229 11.18 28.59 -3.68
N ALA D 230 12.47 28.30 -3.49
CA ALA D 230 13.51 29.24 -3.87
C ALA D 230 13.53 29.40 -5.39
N GLY D 231 13.69 30.65 -5.82
CA GLY D 231 13.62 30.97 -7.23
C GLY D 231 12.29 31.48 -7.72
N TYR D 232 11.25 31.41 -6.90
CA TYR D 232 9.92 31.88 -7.25
C TYR D 232 9.47 32.94 -6.27
N ALA D 233 8.30 33.51 -6.52
CA ALA D 233 7.77 34.56 -5.65
C ALA D 233 6.25 34.54 -5.71
N ILE D 234 5.65 35.10 -4.68
CA ILE D 234 4.19 35.22 -4.58
C ILE D 234 3.85 36.71 -4.52
N LEU D 235 3.03 37.17 -5.46
CA LEU D 235 2.70 38.57 -5.58
C LEU D 235 1.34 38.82 -4.93
N LYS D 236 1.34 39.64 -3.89
CA LYS D 236 0.14 39.92 -3.10
C LYS D 236 -0.39 41.30 -3.48
N CYS D 237 -1.63 41.34 -3.97
CA CYS D 237 -2.29 42.59 -4.32
C CYS D 237 -2.85 43.24 -3.08
N ASN D 238 -2.70 44.57 -2.97
CA ASN D 238 -3.05 45.29 -1.75
C ASN D 238 -4.15 46.31 -1.97
N ASN D 239 -4.89 46.24 -3.07
CA ASN D 239 -5.97 47.17 -3.31
C ASN D 239 -7.11 46.86 -2.35
N LYS D 240 -7.61 47.91 -1.67
CA LYS D 240 -8.62 47.72 -0.63
C LYS D 240 -9.94 47.22 -1.23
N THR D 241 -10.36 47.82 -2.34
CA THR D 241 -11.50 47.35 -3.11
C THR D 241 -10.96 46.75 -4.41
N PHE D 242 -10.74 45.44 -4.40
CA PHE D 242 -10.01 44.77 -5.47
C PHE D 242 -10.95 43.76 -6.13
N ASN D 243 -11.10 43.87 -7.45
CA ASN D 243 -12.11 43.10 -8.16
C ASN D 243 -11.72 41.64 -8.34
N GLY D 244 -10.42 41.35 -8.40
CA GLY D 244 -9.97 40.05 -8.88
C GLY D 244 -9.31 40.16 -10.24
N THR D 245 -10.02 39.79 -11.30
CA THR D 245 -9.50 39.95 -12.64
C THR D 245 -9.33 41.44 -12.96
N GLY D 246 -8.16 41.79 -13.49
CA GLY D 246 -7.84 43.17 -13.75
C GLY D 246 -6.56 43.59 -13.04
N PRO D 247 -6.01 44.74 -13.44
CA PRO D 247 -4.74 45.20 -12.87
C PRO D 247 -4.87 45.60 -11.41
N CYS D 248 -3.77 45.44 -10.68
CA CYS D 248 -3.66 45.86 -9.28
C CYS D 248 -2.62 46.97 -9.20
N ASN D 249 -3.03 48.12 -8.65
CA ASN D 249 -2.14 49.27 -8.63
C ASN D 249 -1.06 49.14 -7.58
N ASN D 250 -1.36 48.51 -6.45
CA ASN D 250 -0.44 48.38 -5.33
C ASN D 250 -0.24 46.90 -5.05
N VAL D 251 0.90 46.36 -5.49
CA VAL D 251 1.25 44.96 -5.31
C VAL D 251 2.42 44.88 -4.34
N SER D 252 2.58 43.72 -3.71
CA SER D 252 3.67 43.46 -2.78
C SER D 252 4.09 42.00 -2.90
N THR D 253 5.38 41.77 -3.13
CA THR D 253 5.89 40.41 -3.08
C THR D 253 6.11 40.01 -1.62
N VAL D 254 5.76 38.78 -1.30
CA VAL D 254 5.87 38.27 0.06
C VAL D 254 6.70 37.00 0.03
N GLN D 255 7.16 36.59 1.21
CA GLN D 255 7.78 35.28 1.35
C GLN D 255 6.77 34.19 1.00
N CYS D 256 5.62 34.22 1.67
CA CYS D 256 4.45 33.43 1.28
C CYS D 256 3.21 33.94 2.01
N THR D 257 2.14 33.17 1.90
CA THR D 257 0.78 33.64 2.19
C THR D 257 0.55 33.80 3.68
N HIS D 258 -0.61 34.37 4.01
CA HIS D 258 -1.06 34.54 5.38
C HIS D 258 -1.68 33.25 5.89
N GLY D 259 -2.29 33.33 7.07
CA GLY D 259 -2.95 32.18 7.66
C GLY D 259 -4.20 31.77 6.93
N ILE D 260 -4.15 30.62 6.25
CA ILE D 260 -5.26 30.11 5.46
C ILE D 260 -5.84 28.90 6.19
N LYS D 261 -7.12 28.97 6.54
CA LYS D 261 -7.80 27.85 7.17
C LYS D 261 -8.46 27.00 6.10
N PRO D 262 -8.01 25.76 5.88
CA PRO D 262 -8.64 24.92 4.83
C PRO D 262 -9.96 24.31 5.29
N VAL D 263 -10.97 25.17 5.40
CA VAL D 263 -12.29 24.73 5.85
C VAL D 263 -13.01 24.04 4.69
N VAL D 264 -14.02 23.26 5.03
CA VAL D 264 -14.96 22.71 4.06
C VAL D 264 -16.34 23.26 4.41
N SER D 265 -16.95 23.97 3.45
CA SER D 265 -18.20 24.66 3.71
C SER D 265 -18.88 24.97 2.38
N THR D 266 -20.22 24.88 2.40
CA THR D 266 -21.05 25.20 1.26
C THR D 266 -21.99 26.35 1.62
N GLN D 267 -22.14 27.28 0.67
CA GLN D 267 -23.03 28.44 0.68
C GLN D 267 -22.58 29.55 1.63
N LEU D 268 -21.60 29.27 2.49
CA LEU D 268 -21.24 30.17 3.57
C LEU D 268 -19.76 29.95 3.85
N LEU D 269 -18.92 30.91 3.49
CA LEU D 269 -17.47 30.77 3.67
C LEU D 269 -17.12 31.06 5.12
N LEU D 270 -16.78 30.01 5.86
CA LEU D 270 -16.52 30.09 7.29
C LEU D 270 -15.03 30.26 7.57
N ASN D 271 -14.72 31.05 8.61
CA ASN D 271 -13.38 31.21 9.16
C ASN D 271 -12.35 31.65 8.14
N GLY D 272 -12.52 32.82 7.54
CA GLY D 272 -11.60 33.25 6.52
C GLY D 272 -11.04 34.65 6.74
N SER D 273 -10.59 35.29 5.66
CA SER D 273 -10.08 36.64 5.72
C SER D 273 -11.20 37.63 5.44
N LEU D 274 -11.22 38.72 6.20
CA LEU D 274 -12.23 39.77 6.06
C LEU D 274 -11.70 40.89 5.17
N ALA D 275 -12.63 41.71 4.70
CA ALA D 275 -12.29 42.87 3.87
C ALA D 275 -12.08 44.09 4.76
N GLU D 276 -11.46 45.12 4.18
CA GLU D 276 -11.09 46.30 4.94
C GLU D 276 -12.06 47.46 4.74
N GLU D 277 -12.28 47.88 3.51
CA GLU D 277 -13.14 49.04 3.26
C GLU D 277 -14.61 48.66 3.24
N GLU D 278 -15.00 47.80 2.32
CA GLU D 278 -16.41 47.45 2.16
C GLU D 278 -16.50 46.03 1.60
N ILE D 279 -17.73 45.65 1.26
CA ILE D 279 -17.97 44.33 0.67
C ILE D 279 -17.64 44.38 -0.81
N ILE D 280 -16.85 43.41 -1.27
CA ILE D 280 -16.53 43.27 -2.69
C ILE D 280 -17.26 42.06 -3.23
N VAL D 281 -18.02 42.27 -4.31
CA VAL D 281 -18.73 41.18 -4.97
C VAL D 281 -17.86 40.68 -6.11
N ARG D 282 -17.58 39.37 -6.12
CA ARG D 282 -16.58 38.80 -7.01
C ARG D 282 -17.19 37.65 -7.80
N SER D 283 -16.97 37.68 -9.12
CA SER D 283 -17.34 36.59 -10.02
C SER D 283 -16.54 36.73 -11.30
N GLU D 284 -16.59 35.70 -12.15
CA GLU D 284 -15.90 35.76 -13.42
C GLU D 284 -16.48 36.82 -14.34
N ASN D 285 -17.81 36.88 -14.44
CA ASN D 285 -18.45 37.74 -15.43
C ASN D 285 -19.66 38.48 -14.86
N LEU D 286 -20.11 38.12 -13.65
CA LEU D 286 -21.29 38.69 -12.99
C LEU D 286 -22.56 38.51 -13.80
N THR D 287 -22.62 39.11 -15.00
CA THR D 287 -23.75 39.00 -15.90
C THR D 287 -23.91 37.59 -16.48
N ASN D 288 -22.93 36.73 -16.26
CA ASN D 288 -23.07 35.32 -16.57
C ASN D 288 -23.62 34.57 -15.35
N ASN D 289 -24.59 33.69 -15.62
CA ASN D 289 -25.30 32.98 -14.55
C ASN D 289 -24.66 31.65 -14.18
N ILE D 290 -23.58 31.26 -14.85
CA ILE D 290 -23.12 29.88 -14.74
C ILE D 290 -22.06 29.73 -13.65
N LYS D 291 -21.34 30.82 -13.34
CA LYS D 291 -20.34 30.78 -12.28
C LYS D 291 -20.89 31.39 -10.99
N THR D 292 -20.48 30.82 -9.86
CA THR D 292 -20.91 31.30 -8.56
C THR D 292 -20.31 32.67 -8.26
N ILE D 293 -21.05 33.47 -7.50
CA ILE D 293 -20.63 34.80 -7.10
C ILE D 293 -20.12 34.72 -5.67
N ILE D 294 -18.90 35.19 -5.45
CA ILE D 294 -18.27 35.18 -4.13
C ILE D 294 -18.44 36.57 -3.54
N VAL D 295 -19.36 36.70 -2.59
CA VAL D 295 -19.64 37.97 -1.94
C VAL D 295 -18.77 38.01 -0.68
N HIS D 296 -17.60 38.64 -0.81
CA HIS D 296 -16.63 38.68 0.28
C HIS D 296 -17.01 39.78 1.26
N LEU D 297 -17.32 39.40 2.49
CA LEU D 297 -17.89 40.30 3.47
C LEU D 297 -16.84 41.26 4.05
N ASN D 298 -17.32 42.39 4.54
CA ASN D 298 -16.50 43.34 5.30
C ASN D 298 -16.51 42.99 6.78
N LYS D 299 -17.68 42.99 7.40
CA LYS D 299 -17.85 42.54 8.76
C LYS D 299 -18.22 41.06 8.78
N SER D 300 -18.03 40.44 9.94
CA SER D 300 -18.29 39.02 10.12
C SER D 300 -19.37 38.82 11.16
N VAL D 301 -20.40 38.04 10.82
CA VAL D 301 -21.46 37.73 11.77
C VAL D 301 -20.97 36.68 12.76
N GLU D 302 -21.71 36.50 13.84
CA GLU D 302 -21.37 35.53 14.87
C GLU D 302 -22.42 34.43 14.87
N ILE D 303 -21.96 33.17 14.77
CA ILE D 303 -22.84 32.01 14.84
C ILE D 303 -22.39 31.14 16.01
N ASN D 304 -23.35 30.72 16.83
CA ASN D 304 -23.12 29.70 17.84
C ASN D 304 -23.85 28.43 17.41
N CYS D 305 -23.11 27.51 16.80
CA CYS D 305 -23.64 26.20 16.44
C CYS D 305 -23.45 25.22 17.59
N THR D 306 -24.37 24.26 17.69
CA THR D 306 -24.34 23.32 18.79
C THR D 306 -24.98 22.01 18.36
N ARG D 307 -24.68 20.97 19.13
CA ARG D 307 -25.31 19.67 19.01
C ARG D 307 -25.81 19.33 20.40
N PRO D 308 -26.90 19.96 20.85
CA PRO D 308 -27.25 19.98 22.27
C PRO D 308 -27.96 18.73 22.76
N ASN D 309 -27.44 17.56 22.38
CA ASN D 309 -27.88 16.29 22.93
C ASN D 309 -26.67 15.50 23.37
N ASN D 310 -26.83 14.73 24.45
CA ASN D 310 -25.71 14.08 25.12
C ASN D 310 -25.51 12.70 24.51
N ASN D 311 -24.44 12.53 23.73
CA ASN D 311 -24.17 11.27 23.05
C ASN D 311 -22.99 10.56 23.71
N THR D 312 -23.14 9.25 23.87
CA THR D 312 -22.10 8.39 24.42
C THR D 312 -21.45 7.62 23.28
N ARG D 313 -20.14 7.45 23.35
CA ARG D 313 -19.39 6.76 22.31
C ARG D 313 -19.25 5.29 22.68
N LYS D 314 -19.74 4.41 21.81
CA LYS D 314 -19.73 2.97 22.05
C LYS D 314 -18.70 2.32 21.14
N SER D 315 -17.78 1.58 21.73
CA SER D 315 -16.74 0.88 20.97
C SER D 315 -17.23 -0.52 20.61
N VAL D 316 -17.35 -0.79 19.32
CA VAL D 316 -17.85 -2.06 18.81
C VAL D 316 -16.68 -2.84 18.25
N ARG D 317 -16.50 -4.07 18.73
CA ARG D 317 -15.37 -4.89 18.34
C ARG D 317 -15.64 -5.47 16.95
N ILE D 318 -14.84 -5.11 15.95
CA ILE D 318 -15.03 -5.60 14.60
C ILE D 318 -13.80 -6.27 14.01
N GLY D 319 -12.66 -6.24 14.69
CA GLY D 319 -11.48 -6.89 14.17
C GLY D 319 -10.26 -6.72 15.04
N PRO D 320 -9.14 -7.32 14.64
CA PRO D 320 -7.89 -7.15 15.38
C PRO D 320 -7.31 -5.76 15.15
N GLY D 321 -7.40 -4.89 16.15
CA GLY D 321 -6.98 -3.52 16.03
C GLY D 321 -8.01 -2.60 15.42
N GLN D 322 -8.83 -3.11 14.50
CA GLN D 322 -9.89 -2.33 13.89
C GLN D 322 -11.04 -2.20 14.88
N TRP D 323 -11.24 -0.99 15.39
CA TRP D 323 -12.28 -0.70 16.38
C TRP D 323 -13.30 0.24 15.76
N PHE D 324 -14.58 -0.14 15.87
CA PHE D 324 -15.67 0.63 15.28
C PHE D 324 -16.36 1.41 16.38
N TYR D 325 -16.16 2.73 16.39
CA TYR D 325 -16.74 3.61 17.42
C TYR D 325 -18.08 4.11 16.92
N ALA D 326 -19.15 3.58 17.48
CA ALA D 326 -20.50 3.98 17.12
C ALA D 326 -21.08 4.86 18.21
N THR D 327 -22.32 5.32 17.98
CA THR D 327 -23.02 6.15 18.95
C THR D 327 -23.77 5.25 19.92
N GLY D 328 -23.42 5.33 21.20
CA GLY D 328 -24.05 4.53 22.23
C GLY D 328 -25.41 5.07 22.63
N GLU D 329 -25.83 4.74 23.84
CA GLU D 329 -27.13 5.17 24.33
C GLU D 329 -27.15 6.68 24.53
N ILE D 330 -28.18 7.34 24.02
CA ILE D 330 -28.37 8.77 24.24
C ILE D 330 -29.15 8.97 25.54
N ILE D 331 -28.67 9.89 26.37
CA ILE D 331 -29.33 10.25 27.61
C ILE D 331 -29.54 11.76 27.60
N GLY D 332 -30.46 12.24 28.43
CA GLY D 332 -30.83 13.63 28.38
C GLY D 332 -31.99 13.88 27.44
N ASP D 333 -32.01 15.04 26.79
CA ASP D 333 -33.12 15.43 25.95
C ASP D 333 -32.78 15.19 24.48
N ILE D 334 -33.73 14.61 23.75
CA ILE D 334 -33.60 14.48 22.30
C ILE D 334 -33.82 15.86 21.70
N ARG D 335 -32.75 16.53 21.33
CA ARG D 335 -32.84 17.92 20.88
C ARG D 335 -32.14 18.08 19.54
N GLU D 336 -32.67 19.00 18.73
CA GLU D 336 -32.16 19.24 17.40
C GLU D 336 -30.90 20.11 17.44
N ALA D 337 -29.97 19.85 16.54
CA ALA D 337 -28.79 20.67 16.40
C ALA D 337 -29.14 21.97 15.69
N HIS D 338 -28.72 23.11 16.26
CA HIS D 338 -29.12 24.40 15.74
C HIS D 338 -27.94 25.36 15.77
N CYS D 339 -28.09 26.46 15.02
CA CYS D 339 -27.09 27.52 14.90
C CYS D 339 -27.80 28.86 15.02
N ASN D 340 -27.21 29.81 15.73
CA ASN D 340 -27.79 31.15 15.89
C ASN D 340 -26.95 32.19 15.15
N ILE D 341 -27.36 32.50 13.93
CA ILE D 341 -26.75 33.60 13.19
C ILE D 341 -27.51 34.90 13.46
N SER D 342 -27.28 35.47 14.65
CA SER D 342 -27.91 36.69 15.21
C SER D 342 -29.34 36.95 14.76
N ARG D 343 -29.75 38.21 14.77
CA ARG D 343 -30.69 38.67 13.75
C ARG D 343 -30.32 40.08 13.30
N GLU D 344 -29.64 40.84 14.17
CA GLU D 344 -29.38 42.24 13.89
C GLU D 344 -28.17 42.40 12.96
N THR D 345 -27.12 41.63 13.21
CA THR D 345 -25.92 41.73 12.38
C THR D 345 -26.18 41.20 10.98
N TRP D 346 -26.97 40.12 10.86
CA TRP D 346 -27.35 39.61 9.55
C TRP D 346 -28.30 40.56 8.82
N ASN D 347 -29.16 41.26 9.55
CA ASN D 347 -30.07 42.21 8.93
C ASN D 347 -29.28 43.37 8.32
N SER D 348 -28.24 43.83 9.02
CA SER D 348 -27.35 44.83 8.47
C SER D 348 -26.41 44.25 7.43
N THR D 349 -26.07 42.96 7.56
CA THR D 349 -25.18 42.33 6.58
C THR D 349 -25.84 42.22 5.21
N LEU D 350 -27.10 41.81 5.18
CA LEU D 350 -27.79 41.67 3.89
C LEU D 350 -28.02 43.01 3.22
N ILE D 351 -28.21 44.07 4.00
CA ILE D 351 -28.40 45.41 3.43
C ILE D 351 -27.13 45.89 2.75
N GLN D 352 -25.98 45.70 3.42
CA GLN D 352 -24.71 46.11 2.81
C GLN D 352 -24.34 45.23 1.62
N VAL D 353 -24.82 43.98 1.61
CA VAL D 353 -24.69 43.14 0.42
C VAL D 353 -25.58 43.67 -0.69
N LYS D 354 -26.78 44.17 -0.34
CA LYS D 354 -27.69 44.70 -1.34
C LYS D 354 -27.13 45.94 -2.03
N GLU D 355 -26.41 46.78 -1.29
CA GLU D 355 -25.84 47.99 -1.86
C GLU D 355 -24.79 47.67 -2.92
N LYS D 356 -23.95 46.67 -2.65
CA LYS D 356 -22.95 46.25 -3.64
C LYS D 356 -23.58 45.53 -4.81
N LEU D 357 -24.63 44.74 -4.57
CA LEU D 357 -25.31 44.05 -5.66
C LEU D 357 -26.14 45.00 -6.51
N ARG D 358 -26.63 46.09 -5.91
CA ARG D 358 -27.37 47.08 -6.69
C ARG D 358 -26.46 47.94 -7.54
N GLU D 359 -25.15 47.93 -7.29
CA GLU D 359 -24.22 48.70 -8.10
C GLU D 359 -24.00 48.04 -9.46
N HIS D 360 -24.05 46.72 -9.52
CA HIS D 360 -23.88 45.99 -10.77
C HIS D 360 -25.20 45.73 -11.49
N TYR D 361 -26.31 46.25 -10.96
CA TYR D 361 -27.62 46.11 -11.58
C TYR D 361 -28.30 47.46 -11.51
N ASN D 362 -29.60 47.49 -11.79
CA ASN D 362 -30.35 48.75 -11.72
C ASN D 362 -31.73 48.61 -11.09
N LYS D 363 -32.09 47.43 -10.58
CA LYS D 363 -33.43 47.23 -10.03
C LYS D 363 -33.36 46.44 -8.73
N THR D 364 -34.52 46.01 -8.23
CA THR D 364 -34.57 45.25 -6.99
C THR D 364 -34.04 43.83 -7.19
N ILE D 365 -33.48 43.28 -6.12
CA ILE D 365 -32.88 41.94 -6.13
C ILE D 365 -33.38 41.19 -4.90
N LYS D 366 -33.89 39.98 -5.11
CA LYS D 366 -34.49 39.19 -4.05
C LYS D 366 -33.72 37.89 -3.86
N PHE D 367 -33.91 37.28 -2.70
CA PHE D 367 -33.25 36.03 -2.33
C PHE D 367 -34.27 34.92 -2.18
N GLU D 368 -33.82 33.69 -2.40
CA GLU D 368 -34.66 32.51 -2.31
C GLU D 368 -33.73 31.32 -2.08
N PRO D 369 -34.13 30.34 -1.26
CA PRO D 369 -33.24 29.21 -0.95
C PRO D 369 -32.99 28.33 -2.16
N SER D 370 -32.07 27.37 -1.96
CA SER D 370 -31.59 26.53 -3.04
C SER D 370 -32.68 25.61 -3.58
N SER D 371 -32.74 25.50 -4.91
CA SER D 371 -33.81 24.76 -5.55
C SER D 371 -33.63 23.25 -5.40
N GLY D 372 -32.42 22.76 -5.57
CA GLY D 372 -32.21 21.34 -5.53
C GLY D 372 -30.75 20.95 -5.50
N GLY D 373 -30.50 19.68 -5.76
CA GLY D 373 -29.18 19.09 -5.68
C GLY D 373 -29.12 18.06 -4.57
N ASP D 374 -27.90 17.64 -4.25
CA ASP D 374 -27.71 16.74 -3.13
C ASP D 374 -27.92 17.48 -1.81
N LEU D 375 -28.04 16.70 -0.73
CA LEU D 375 -28.30 17.26 0.59
C LEU D 375 -27.17 18.16 1.08
N GLU D 376 -25.96 17.97 0.56
CA GLU D 376 -24.79 18.68 1.05
C GLU D 376 -24.58 20.03 0.39
N VAL D 377 -25.47 20.44 -0.53
CA VAL D 377 -25.38 21.77 -1.13
C VAL D 377 -26.67 22.55 -0.86
N THR D 378 -27.80 21.83 -0.76
CA THR D 378 -29.06 22.49 -0.40
C THR D 378 -29.04 23.00 1.03
N THR D 379 -28.29 22.35 1.92
CA THR D 379 -28.09 22.82 3.28
C THR D 379 -26.75 23.53 3.36
N HIS D 380 -26.41 23.99 4.56
CA HIS D 380 -25.12 24.62 4.84
C HIS D 380 -24.25 23.59 5.55
N SER D 381 -23.30 23.03 4.83
CA SER D 381 -22.42 22.00 5.37
C SER D 381 -21.17 22.62 5.96
N PHE D 382 -20.68 21.99 7.03
CA PHE D 382 -19.38 22.31 7.65
C PHE D 382 -19.09 21.20 8.65
N ASN D 383 -17.95 21.32 9.32
CA ASN D 383 -17.57 20.42 10.41
C ASN D 383 -17.52 21.22 11.70
N CYS D 384 -18.05 20.64 12.77
CA CYS D 384 -18.15 21.31 14.07
C CYS D 384 -17.69 20.32 15.14
N ARG D 385 -16.40 20.41 15.48
CA ARG D 385 -15.73 19.51 16.43
C ARG D 385 -15.93 18.05 16.02
N GLY D 386 -15.36 17.73 14.85
CA GLY D 386 -15.35 16.36 14.38
C GLY D 386 -16.68 15.81 13.92
N GLU D 387 -17.74 16.61 13.93
CA GLU D 387 -19.06 16.19 13.47
C GLU D 387 -19.51 17.11 12.34
N PHE D 388 -20.09 16.52 11.30
CA PHE D 388 -20.46 17.26 10.11
C PHE D 388 -21.92 17.66 10.20
N PHE D 389 -22.18 18.96 10.03
CA PHE D 389 -23.51 19.54 10.14
C PHE D 389 -24.10 19.76 8.75
N TYR D 390 -25.42 19.92 8.71
CA TYR D 390 -26.15 20.26 7.49
C TYR D 390 -27.28 21.20 7.89
N CYS D 391 -27.01 22.50 7.80
CA CYS D 391 -27.90 23.51 8.34
C CYS D 391 -28.77 24.09 7.24
N ASN D 392 -30.08 24.08 7.48
CA ASN D 392 -31.10 24.55 6.54
C ASN D 392 -31.08 26.07 6.49
N THR D 393 -30.43 26.63 5.48
CA THR D 393 -30.37 28.09 5.30
C THR D 393 -31.49 28.60 4.40
N THR D 394 -32.74 28.24 4.72
CA THR D 394 -33.90 28.90 4.14
C THR D 394 -34.27 30.14 4.94
N LYS D 395 -34.00 30.11 6.25
CA LYS D 395 -34.30 31.21 7.15
C LYS D 395 -33.41 32.42 6.92
N LEU D 396 -32.33 32.27 6.16
CA LEU D 396 -31.37 33.35 5.88
C LEU D 396 -31.78 34.15 4.65
N PHE D 397 -31.85 33.48 3.51
CA PHE D 397 -32.15 34.13 2.24
C PHE D 397 -33.64 33.95 1.96
N ASN D 398 -34.47 34.60 2.79
CA ASN D 398 -35.94 34.49 2.68
C ASN D 398 -36.53 35.82 2.23
N GLU D 399 -36.21 36.91 2.94
CA GLU D 399 -36.80 38.23 2.63
C GLU D 399 -36.40 38.71 1.23
N THR D 400 -37.27 39.49 0.57
CA THR D 400 -36.96 40.05 -0.76
C THR D 400 -36.58 41.52 -0.60
N LYS D 401 -35.31 41.87 -0.84
CA LYS D 401 -34.85 43.28 -0.65
C LYS D 401 -34.84 43.99 -2.01
N LEU D 402 -34.34 45.23 -2.03
CA LEU D 402 -34.33 46.03 -3.30
C LEU D 402 -32.88 46.25 -3.75
N ASN D 411 -32.12 37.42 22.46
CA ASN D 411 -31.70 38.40 21.47
C ASN D 411 -32.53 38.35 20.20
N LYS D 412 -33.58 37.50 20.23
CA LYS D 412 -34.46 37.24 19.09
C LYS D 412 -33.64 36.81 17.87
N THR D 413 -33.02 35.65 18.00
CA THR D 413 -32.13 35.16 16.95
C THR D 413 -32.87 34.19 16.03
N ILE D 414 -32.45 34.18 14.75
CA ILE D 414 -32.96 33.22 13.80
C ILE D 414 -32.23 31.89 14.01
N ILE D 415 -32.98 30.79 13.97
CA ILE D 415 -32.51 29.51 14.48
C ILE D 415 -32.56 28.50 13.34
N LEU D 416 -31.41 27.97 12.95
CA LEU D 416 -31.32 27.09 11.79
C LEU D 416 -31.37 25.64 12.21
N PRO D 417 -32.35 24.85 11.76
CA PRO D 417 -32.36 23.40 12.07
C PRO D 417 -31.28 22.67 11.28
N CYS D 418 -30.31 22.11 12.00
CA CYS D 418 -29.21 21.37 11.39
C CYS D 418 -29.35 19.89 11.70
N ARG D 419 -29.17 19.06 10.69
CA ARG D 419 -29.19 17.62 10.84
C ARG D 419 -27.78 17.06 10.63
N ILE D 420 -27.44 16.05 11.42
CA ILE D 420 -26.07 15.54 11.51
C ILE D 420 -25.97 14.26 10.70
N LYS D 421 -24.92 14.16 9.89
CA LYS D 421 -24.60 12.94 9.17
C LYS D 421 -23.22 12.45 9.59
N GLN D 422 -23.05 11.14 9.62
CA GLN D 422 -21.76 10.53 9.92
C GLN D 422 -21.09 9.94 8.69
N ILE D 423 -21.85 9.24 7.83
CA ILE D 423 -21.29 8.70 6.61
C ILE D 423 -21.22 9.83 5.60
N ILE D 424 -20.08 10.50 5.50
CA ILE D 424 -19.92 11.64 4.61
C ILE D 424 -19.06 11.23 3.43
N ASN D 425 -19.48 11.64 2.23
CA ASN D 425 -18.72 11.40 1.00
C ASN D 425 -18.29 12.76 0.45
N MET D 426 -17.18 13.26 0.97
CA MET D 426 -16.70 14.58 0.59
C MET D 426 -15.99 14.51 -0.76
N TRP D 427 -16.03 15.63 -1.50
CA TRP D 427 -15.46 15.87 -2.82
C TRP D 427 -16.17 15.10 -3.94
N GLN D 428 -17.13 14.24 -3.58
CA GLN D 428 -17.91 13.38 -4.48
C GLN D 428 -17.02 12.53 -5.41
N GLU D 429 -15.78 12.26 -5.02
CA GLU D 429 -14.94 11.38 -5.81
C GLU D 429 -15.25 9.93 -5.45
N VAL D 430 -15.37 9.08 -6.47
CA VAL D 430 -15.73 7.68 -6.27
C VAL D 430 -14.56 6.98 -5.56
N GLY D 431 -14.77 6.63 -4.30
CA GLY D 431 -13.71 6.06 -3.49
C GLY D 431 -14.04 6.10 -2.01
N ARG D 432 -13.10 6.59 -1.21
CA ARG D 432 -13.28 6.59 0.24
C ARG D 432 -14.32 7.62 0.66
N ALA D 433 -15.28 7.18 1.46
CA ALA D 433 -16.31 8.04 2.05
C ALA D 433 -16.30 7.77 3.54
N MET D 434 -15.73 8.70 4.32
CA MET D 434 -15.40 8.38 5.70
C MET D 434 -16.63 8.39 6.59
N TYR D 435 -16.49 7.74 7.73
CA TYR D 435 -17.51 7.72 8.78
C TYR D 435 -16.96 8.50 9.96
N ALA D 436 -17.54 9.65 10.24
CA ALA D 436 -17.09 10.46 11.37
C ALA D 436 -17.53 9.82 12.67
N PRO D 437 -16.59 9.45 13.56
CA PRO D 437 -17.01 8.86 14.83
C PRO D 437 -17.68 9.88 15.71
N PRO D 438 -18.63 9.46 16.55
CA PRO D 438 -19.32 10.42 17.41
C PRO D 438 -18.41 10.99 18.48
N ILE D 439 -18.73 12.20 18.92
CA ILE D 439 -17.96 12.89 19.95
C ILE D 439 -18.75 12.82 21.25
N GLU D 440 -18.09 12.40 22.32
CA GLU D 440 -18.75 12.24 23.61
C GLU D 440 -19.06 13.60 24.21
N GLY D 441 -20.31 13.78 24.63
CA GLY D 441 -20.73 15.03 25.26
C GLY D 441 -21.28 16.03 24.26
N ASN D 442 -21.55 17.23 24.77
CA ASN D 442 -22.06 18.31 23.96
C ASN D 442 -20.97 18.84 23.02
N ILE D 443 -21.41 19.50 21.96
CA ILE D 443 -20.52 20.01 20.92
C ILE D 443 -20.87 21.48 20.69
N THR D 444 -19.86 22.35 20.72
CA THR D 444 -20.06 23.77 20.47
C THR D 444 -18.87 24.28 19.65
N CYS D 445 -19.14 25.10 18.63
CA CYS D 445 -18.09 25.67 17.79
C CYS D 445 -18.44 27.11 17.46
N LYS D 446 -17.66 27.71 16.56
CA LYS D 446 -17.73 29.15 16.32
C LYS D 446 -17.66 29.40 14.82
N SER D 447 -18.79 29.39 14.14
CA SER D 447 -18.78 29.84 12.76
C SER D 447 -18.64 31.35 12.72
N ASN D 448 -18.01 31.84 11.65
CA ASN D 448 -17.58 33.23 11.67
C ASN D 448 -17.94 34.00 10.41
N ILE D 449 -18.02 33.35 9.26
CA ILE D 449 -18.48 33.90 7.97
C ILE D 449 -17.69 35.12 7.51
N THR D 450 -16.80 34.92 6.55
CA THR D 450 -16.15 36.02 5.85
C THR D 450 -16.52 36.07 4.38
N GLY D 451 -17.62 35.45 3.99
CA GLY D 451 -18.01 35.44 2.59
C GLY D 451 -19.28 34.65 2.38
N LEU D 452 -19.80 34.76 1.16
CA LEU D 452 -21.01 34.08 0.75
C LEU D 452 -20.80 33.49 -0.64
N LEU D 453 -21.59 32.46 -0.97
CA LEU D 453 -21.55 31.81 -2.27
C LEU D 453 -22.95 31.86 -2.88
N LEU D 454 -23.12 32.67 -3.92
CA LEU D 454 -24.41 32.89 -4.54
C LEU D 454 -24.33 32.61 -6.04
N THR D 455 -25.43 32.12 -6.60
CA THR D 455 -25.55 31.84 -8.03
C THR D 455 -26.70 32.65 -8.61
N TRP D 456 -26.47 33.27 -9.76
CA TRP D 456 -27.50 34.09 -10.39
C TRP D 456 -28.58 33.19 -10.99
N ASP D 457 -29.77 33.73 -11.15
CA ASP D 457 -30.88 32.97 -11.70
C ASP D 457 -30.85 33.06 -13.23
N GLY D 458 -31.84 32.46 -13.90
CA GLY D 458 -31.76 32.24 -15.33
C GLY D 458 -32.18 33.39 -16.24
N GLY D 459 -32.85 33.08 -17.36
CA GLY D 459 -33.21 34.09 -18.35
C GLY D 459 -34.61 34.62 -18.08
N GLU D 460 -34.67 35.90 -17.72
CA GLU D 460 -35.78 36.44 -16.94
C GLU D 460 -36.03 37.88 -17.34
N ASN D 461 -37.06 38.47 -16.73
CA ASN D 461 -37.38 39.87 -16.93
C ASN D 461 -36.40 40.77 -16.17
N SER D 462 -36.28 42.00 -16.63
CA SER D 462 -35.31 42.94 -16.08
C SER D 462 -35.76 43.55 -14.76
N THR D 463 -37.00 43.32 -14.33
CA THR D 463 -37.52 43.96 -13.13
C THR D 463 -36.84 43.47 -11.85
N GLU D 464 -36.47 42.19 -11.77
CA GLU D 464 -35.85 41.65 -10.56
C GLU D 464 -35.12 40.35 -10.86
N GLY D 465 -34.13 40.05 -10.03
CA GLY D 465 -33.34 38.84 -10.18
C GLY D 465 -33.14 38.16 -8.85
N VAL D 466 -32.95 36.84 -8.91
CA VAL D 466 -32.79 36.00 -7.72
C VAL D 466 -31.36 35.51 -7.66
N PHE D 467 -30.76 35.56 -6.48
CA PHE D 467 -29.44 34.98 -6.24
C PHE D 467 -29.59 33.79 -5.30
N ARG D 468 -29.77 32.59 -5.86
CA ARG D 468 -29.80 31.37 -5.06
C ARG D 468 -28.43 31.09 -4.47
N PRO D 469 -28.37 30.70 -3.20
CA PRO D 469 -27.08 30.25 -2.64
C PRO D 469 -26.66 28.92 -3.23
N GLY D 470 -25.35 28.71 -3.28
CA GLY D 470 -24.84 27.45 -3.77
C GLY D 470 -23.33 27.34 -3.73
N GLY D 471 -22.85 26.19 -3.24
CA GLY D 471 -21.43 25.90 -3.25
C GLY D 471 -21.10 24.83 -4.26
N GLY D 472 -20.41 25.20 -5.34
CA GLY D 472 -20.14 24.26 -6.40
C GLY D 472 -18.89 23.45 -6.14
N ASN D 473 -17.94 23.51 -7.07
CA ASN D 473 -16.63 22.91 -6.83
C ASN D 473 -15.93 23.65 -5.70
N MET D 474 -15.13 22.91 -4.92
CA MET D 474 -14.57 23.45 -3.70
C MET D 474 -13.48 24.49 -3.95
N LYS D 475 -13.06 24.67 -5.20
CA LYS D 475 -12.08 25.70 -5.54
C LYS D 475 -12.61 27.12 -5.29
N ASP D 476 -13.93 27.31 -5.22
CA ASP D 476 -14.46 28.62 -4.86
C ASP D 476 -14.16 28.96 -3.40
N ASN D 477 -14.06 27.95 -2.53
CA ASN D 477 -13.69 28.21 -1.14
C ASN D 477 -12.26 28.72 -1.04
N TRP D 478 -11.35 28.14 -1.81
CA TRP D 478 -9.96 28.58 -1.79
C TRP D 478 -9.76 29.89 -2.55
N ARG D 479 -10.60 30.17 -3.54
CA ARG D 479 -10.49 31.42 -4.29
C ARG D 479 -10.88 32.64 -3.46
N SER D 480 -11.60 32.44 -2.35
CA SER D 480 -11.88 33.55 -1.45
C SER D 480 -10.67 33.97 -0.64
N GLU D 481 -9.68 33.08 -0.51
CA GLU D 481 -8.45 33.39 0.22
C GLU D 481 -7.22 33.46 -0.66
N LEU D 482 -7.27 32.91 -1.88
CA LEU D 482 -6.14 32.92 -2.78
C LEU D 482 -6.34 33.91 -3.93
N TYR D 483 -7.27 34.85 -3.78
CA TYR D 483 -7.47 35.88 -4.79
C TYR D 483 -6.36 36.93 -4.76
N LYS D 484 -5.75 37.14 -3.59
CA LYS D 484 -4.71 38.15 -3.46
C LYS D 484 -3.39 37.73 -4.10
N TYR D 485 -3.13 36.43 -4.18
CA TYR D 485 -1.80 35.92 -4.47
C TYR D 485 -1.68 35.43 -5.90
N LYS D 486 -0.43 35.37 -6.36
CA LYS D 486 -0.10 34.97 -7.72
C LYS D 486 1.35 34.52 -7.74
N VAL D 487 1.61 33.38 -8.39
CA VAL D 487 2.94 32.79 -8.42
C VAL D 487 3.59 33.15 -9.76
N VAL D 488 4.76 33.78 -9.69
CA VAL D 488 5.56 34.11 -10.85
C VAL D 488 6.97 33.56 -10.64
N GLU D 489 7.64 33.25 -11.74
CA GLU D 489 9.02 32.79 -11.68
C GLU D 489 9.97 33.98 -11.85
N ILE D 490 11.12 33.91 -11.21
CA ILE D 490 12.10 34.98 -11.27
C ILE D 490 13.16 34.61 -12.29
N LYS D 491 13.40 35.51 -13.25
CA LYS D 491 14.43 35.33 -14.26
C LYS D 491 15.53 36.33 -13.99
N PRO D 492 16.55 35.99 -13.20
CA PRO D 492 17.55 37.00 -12.80
C PRO D 492 18.57 37.34 -13.88
N LEU D 493 18.51 36.71 -15.06
CA LEU D 493 19.39 37.05 -16.15
C LEU D 493 18.73 38.09 -17.05
N GLY D 494 19.46 39.15 -17.36
CA GLY D 494 18.93 40.21 -18.19
C GLY D 494 20.01 40.91 -19.00
N VAL D 495 19.71 41.20 -20.26
CA VAL D 495 20.66 41.82 -21.18
C VAL D 495 20.21 43.26 -21.43
N ALA D 496 21.11 44.21 -21.22
CA ALA D 496 20.82 45.61 -21.46
C ALA D 496 22.09 46.35 -21.88
N PRO D 497 22.05 47.09 -22.99
CA PRO D 497 23.29 47.69 -23.50
C PRO D 497 23.72 48.90 -22.69
N THR D 498 25.03 49.04 -22.51
CA THR D 498 25.59 50.21 -21.78
C THR D 498 26.86 50.66 -22.52
N LYS D 499 27.56 51.68 -22.00
CA LYS D 499 28.75 52.24 -22.70
C LYS D 499 30.02 51.52 -22.25
N CYS D 500 29.90 50.47 -21.44
CA CYS D 500 31.06 49.77 -20.92
C CYS D 500 31.47 48.60 -21.83
N LYS D 501 32.78 48.42 -21.97
CA LYS D 501 33.37 47.32 -22.71
C LYS D 501 34.54 46.77 -21.92
N ARG D 502 34.68 45.45 -21.88
CA ARG D 502 35.78 44.83 -21.16
C ARG D 502 37.11 45.08 -21.87
N LYS D 503 38.20 44.78 -21.16
CA LYS D 503 39.53 44.95 -21.72
C LYS D 503 39.76 43.98 -22.86
N VAL D 504 40.26 44.48 -23.98
CA VAL D 504 40.43 43.65 -25.17
C VAL D 504 41.58 42.67 -24.95
N VAL D 505 41.52 41.54 -25.67
CA VAL D 505 42.58 40.54 -25.58
C VAL D 505 43.88 41.08 -26.16
N GLY D 506 43.80 41.69 -27.34
CA GLY D 506 44.98 42.24 -27.99
C GLY D 506 45.16 43.73 -27.72
N VAL E 2 -62.40 28.80 43.94
CA VAL E 2 -62.94 27.63 43.27
C VAL E 2 -63.33 26.52 44.27
N GLN E 3 -64.56 26.03 44.12
CA GLN E 3 -65.06 24.90 44.89
C GLN E 3 -65.76 23.93 43.94
N LEU E 4 -65.47 22.64 44.10
CA LEU E 4 -66.02 21.60 43.26
C LEU E 4 -66.82 20.63 44.13
N GLN E 5 -68.07 20.40 43.75
CA GLN E 5 -68.99 19.55 44.51
C GLN E 5 -69.68 18.60 43.55
N GLU E 6 -69.57 17.30 43.80
CA GLU E 6 -70.10 16.29 42.90
C GLU E 6 -71.15 15.42 43.59
N SER E 7 -71.95 14.75 42.78
CA SER E 7 -72.98 13.83 43.26
C SER E 7 -73.27 12.80 42.18
N GLY E 8 -73.57 11.58 42.59
CA GLY E 8 -73.78 10.49 41.66
C GLY E 8 -74.91 9.55 42.06
N PRO E 9 -75.15 8.54 41.21
CA PRO E 9 -76.26 7.61 41.50
C PRO E 9 -75.94 6.55 42.54
N GLY E 10 -74.68 6.12 42.66
CA GLY E 10 -74.30 5.19 43.69
C GLY E 10 -74.29 3.72 43.29
N LEU E 11 -75.20 3.32 42.40
CA LEU E 11 -75.31 1.93 42.02
C LEU E 11 -76.03 1.81 40.68
N VAL E 12 -75.38 1.15 39.71
CA VAL E 12 -76.01 0.76 38.46
C VAL E 12 -75.68 -0.71 38.21
N LYS E 13 -76.47 -1.33 37.34
CA LYS E 13 -76.20 -2.67 36.85
C LYS E 13 -75.08 -2.64 35.82
N PRO E 14 -74.39 -3.77 35.58
CA PRO E 14 -73.31 -3.78 34.59
C PRO E 14 -73.80 -3.43 33.18
N SER E 15 -72.93 -2.73 32.44
CA SER E 15 -73.13 -2.10 31.14
C SER E 15 -74.13 -0.96 31.19
N GLU E 16 -74.24 -0.23 32.30
CA GLU E 16 -75.05 0.96 32.38
C GLU E 16 -74.14 2.18 32.57
N THR E 17 -74.66 3.36 32.23
CA THR E 17 -73.90 4.60 32.23
C THR E 17 -73.88 5.22 33.62
N LEU E 18 -72.68 5.46 34.14
CA LEU E 18 -72.50 6.21 35.37
C LEU E 18 -72.48 7.70 35.07
N SER E 19 -73.39 8.44 35.68
CA SER E 19 -73.54 9.87 35.42
C SER E 19 -73.36 10.62 36.74
N VAL E 20 -72.26 11.36 36.85
CA VAL E 20 -72.00 12.21 38.00
C VAL E 20 -71.97 13.66 37.54
N THR E 21 -72.58 14.53 38.33
CA THR E 21 -72.66 15.95 38.04
C THR E 21 -71.84 16.73 39.05
N CYS E 22 -70.91 17.54 38.55
CA CYS E 22 -70.02 18.32 39.40
C CYS E 22 -70.49 19.77 39.39
N SER E 23 -71.03 20.22 40.52
CA SER E 23 -71.50 21.58 40.65
C SER E 23 -70.33 22.50 41.00
N VAL E 24 -70.08 23.49 40.15
CA VAL E 24 -68.94 24.39 40.26
C VAL E 24 -69.44 25.82 40.41
N SER E 25 -68.76 26.60 41.25
CA SER E 25 -69.18 27.96 41.55
C SER E 25 -67.98 28.89 41.60
N GLY E 26 -68.21 30.14 41.22
CA GLY E 26 -67.27 31.22 41.45
C GLY E 26 -66.69 31.87 40.21
N ASP E 27 -66.25 31.10 39.22
CA ASP E 27 -65.51 31.66 38.10
C ASP E 27 -66.01 31.05 36.79
N SER E 28 -65.44 31.53 35.70
CA SER E 28 -65.92 31.19 34.36
C SER E 28 -65.31 29.87 33.88
N MET E 29 -65.77 29.41 32.72
CA MET E 29 -65.36 28.10 32.21
C MET E 29 -64.29 28.23 31.13
N ASN E 30 -64.10 29.43 30.58
CA ASN E 30 -63.18 29.60 29.45
C ASN E 30 -61.71 29.54 29.85
N ASN E 31 -61.40 29.69 31.14
CA ASN E 31 -60.03 29.92 31.59
C ASN E 31 -59.44 28.77 32.41
N TYR E 32 -60.00 27.56 32.34
CA TYR E 32 -59.39 26.41 32.99
C TYR E 32 -59.63 25.14 32.18
N TYR E 33 -58.73 24.17 32.37
CA TYR E 33 -58.94 22.82 31.87
C TYR E 33 -59.51 21.94 32.98
N TRP E 34 -60.27 20.91 32.59
CA TRP E 34 -61.08 20.15 33.53
C TRP E 34 -60.91 18.66 33.29
N THR E 35 -61.16 17.87 34.35
CA THR E 35 -60.74 16.48 34.38
C THR E 35 -61.66 15.67 35.29
N TRP E 36 -61.44 14.35 35.29
CA TRP E 36 -62.05 13.43 36.24
C TRP E 36 -61.01 12.43 36.74
N ILE E 37 -61.05 12.14 38.05
CA ILE E 37 -60.09 11.27 38.71
C ILE E 37 -60.84 10.14 39.39
N ARG E 38 -60.29 8.93 39.31
CA ARG E 38 -60.86 7.73 39.91
C ARG E 38 -59.85 7.08 40.83
N GLN E 39 -60.35 6.43 41.89
CA GLN E 39 -59.49 5.78 42.90
C GLN E 39 -60.05 4.43 43.29
N SER E 40 -59.47 3.36 42.72
CA SER E 40 -59.74 1.97 43.07
C SER E 40 -59.34 1.69 44.51
N PRO E 41 -60.13 0.91 45.25
CA PRO E 41 -59.78 0.63 46.65
C PRO E 41 -58.72 -0.47 46.76
N GLY E 42 -57.64 -0.15 47.46
CA GLY E 42 -56.49 -1.01 47.53
C GLY E 42 -55.47 -0.78 46.43
N LYS E 43 -55.78 0.08 45.47
CA LYS E 43 -54.87 0.43 44.38
C LYS E 43 -54.61 1.92 44.38
N GLY E 44 -53.94 2.38 43.33
CA GLY E 44 -53.53 3.77 43.23
C GLY E 44 -54.64 4.69 42.75
N LEU E 45 -54.22 5.87 42.28
CA LEU E 45 -55.14 6.77 41.59
C LEU E 45 -55.05 6.55 40.08
N GLU E 46 -56.21 6.33 39.45
CA GLU E 46 -56.29 6.16 38.01
C GLU E 46 -56.97 7.36 37.39
N TRP E 47 -56.29 7.99 36.44
CA TRP E 47 -56.93 8.94 35.53
C TRP E 47 -57.92 8.18 34.66
N ILE E 48 -59.01 8.85 34.29
CA ILE E 48 -59.90 8.31 33.27
C ILE E 48 -59.96 9.22 32.06
N GLY E 49 -59.48 10.45 32.21
CA GLY E 49 -59.41 11.36 31.09
C GLY E 49 -59.56 12.80 31.55
N TYR E 50 -59.57 13.70 30.56
CA TYR E 50 -59.80 15.11 30.78
C TYR E 50 -60.50 15.69 29.56
N ILE E 51 -61.15 16.84 29.76
CA ILE E 51 -61.90 17.51 28.70
C ILE E 51 -61.22 18.84 28.42
N SER E 52 -61.28 19.28 27.17
CA SER E 52 -60.69 20.55 26.76
C SER E 52 -61.79 21.61 26.67
N ASP E 53 -61.40 22.84 26.35
CA ASP E 53 -62.38 23.92 26.26
C ASP E 53 -63.19 23.82 24.96
N ARG E 54 -62.59 23.26 23.91
CA ARG E 54 -63.27 23.16 22.63
C ARG E 54 -63.76 21.73 22.38
N GLU E 55 -64.09 21.03 23.47
CA GLU E 55 -64.77 19.72 23.47
C GLU E 55 -63.97 18.62 22.79
N SER E 56 -62.72 18.41 23.20
CA SER E 56 -61.94 17.26 22.78
C SER E 56 -61.43 16.54 24.01
N ALA E 57 -61.68 15.23 24.08
CA ALA E 57 -61.27 14.42 25.21
C ALA E 57 -60.35 13.29 24.73
N THR E 58 -59.18 13.20 25.36
CA THR E 58 -58.23 12.13 25.09
C THR E 58 -58.31 11.14 26.24
N TYR E 59 -58.25 9.85 25.92
CA TYR E 59 -58.54 8.80 26.88
C TYR E 59 -57.32 7.90 27.09
N ASN E 60 -57.39 7.08 28.12
CA ASN E 60 -56.33 6.15 28.45
C ASN E 60 -56.20 5.06 27.40
N PRO E 61 -55.00 4.75 26.91
CA PRO E 61 -54.79 3.46 26.24
C PRO E 61 -55.02 2.27 27.17
N SER E 62 -54.81 2.45 28.48
CA SER E 62 -55.03 1.38 29.44
C SER E 62 -56.50 1.06 29.63
N LEU E 63 -57.39 2.04 29.45
CA LEU E 63 -58.83 1.83 29.58
C LEU E 63 -59.48 1.44 28.26
N ASN E 64 -58.71 1.40 27.16
CA ASN E 64 -59.15 0.88 25.86
C ASN E 64 -60.32 1.67 25.28
N SER E 65 -60.37 2.97 25.61
CA SER E 65 -61.32 3.95 25.06
C SER E 65 -62.78 3.55 25.28
N ARG E 66 -63.08 2.98 26.45
CA ARG E 66 -64.46 2.68 26.81
C ARG E 66 -65.08 3.75 27.70
N VAL E 67 -64.38 4.85 27.93
CA VAL E 67 -64.82 5.92 28.82
C VAL E 67 -65.05 7.17 27.98
N VAL E 68 -66.16 7.85 28.22
CA VAL E 68 -66.49 9.09 27.53
C VAL E 68 -66.61 10.20 28.56
N ILE E 69 -65.89 11.30 28.36
CA ILE E 69 -65.98 12.48 29.20
C ILE E 69 -66.57 13.61 28.37
N SER E 70 -67.68 14.17 28.84
CA SER E 70 -68.40 15.18 28.08
C SER E 70 -68.54 16.44 28.93
N ARG E 71 -69.01 17.50 28.28
CA ARG E 71 -69.16 18.81 28.91
C ARG E 71 -70.51 19.41 28.54
N ASP E 72 -71.14 20.07 29.52
CA ASP E 72 -72.40 20.79 29.33
C ASP E 72 -72.26 22.13 30.03
N THR E 73 -71.94 23.18 29.28
CA THR E 73 -71.77 24.50 29.86
C THR E 73 -73.10 25.25 29.97
N SER E 74 -74.20 24.65 29.52
CA SER E 74 -75.51 25.29 29.61
C SER E 74 -75.99 25.47 31.05
N LYS E 75 -75.74 24.51 31.93
CA LYS E 75 -76.13 24.61 33.32
C LYS E 75 -74.95 24.63 34.28
N ASN E 76 -73.73 24.91 33.79
CA ASN E 76 -72.53 25.11 34.59
C ASN E 76 -72.17 23.88 35.41
N GLN E 77 -71.88 22.79 34.71
CA GLN E 77 -71.53 21.52 35.35
C GLN E 77 -70.60 20.71 34.45
N LEU E 78 -69.89 19.77 35.05
CA LEU E 78 -69.03 18.84 34.33
C LEU E 78 -69.64 17.45 34.34
N SER E 79 -69.68 16.82 33.16
CA SER E 79 -70.39 15.55 32.98
C SER E 79 -69.40 14.41 32.81
N LEU E 80 -69.85 13.21 33.18
CA LEU E 80 -69.10 11.98 33.01
C LEU E 80 -70.09 10.89 32.63
N LYS E 81 -69.71 10.04 31.69
CA LYS E 81 -70.51 8.89 31.29
C LYS E 81 -69.60 7.67 31.12
N LEU E 82 -69.80 6.66 31.97
CA LEU E 82 -68.98 5.46 31.97
C LEU E 82 -69.89 4.25 31.72
N ASN E 83 -69.74 3.63 30.56
CA ASN E 83 -70.47 2.41 30.22
C ASN E 83 -69.56 1.19 30.35
N SER E 84 -70.18 0.01 30.28
CA SER E 84 -69.53 -1.28 30.47
C SER E 84 -68.79 -1.34 31.81
N VAL E 85 -69.53 -1.03 32.89
CA VAL E 85 -68.93 -0.95 34.21
C VAL E 85 -68.65 -2.35 34.74
N THR E 86 -67.72 -2.42 35.68
CA THR E 86 -67.23 -3.67 36.27
C THR E 86 -67.06 -3.46 37.76
N PRO E 87 -67.03 -4.54 38.56
CA PRO E 87 -66.70 -4.40 40.00
C PRO E 87 -65.32 -3.80 40.26
N ALA E 88 -64.42 -3.85 39.28
CA ALA E 88 -63.17 -3.10 39.40
C ALA E 88 -63.37 -1.60 39.32
N ASP E 89 -64.51 -1.13 38.80
CA ASP E 89 -64.83 0.30 38.78
C ASP E 89 -65.52 0.78 40.04
N THR E 90 -65.75 -0.12 41.01
CA THR E 90 -66.27 0.30 42.31
C THR E 90 -65.19 1.11 43.02
N ALA E 91 -65.34 2.44 43.00
CA ALA E 91 -64.23 3.31 43.32
C ALA E 91 -64.78 4.65 43.80
N VAL E 92 -63.89 5.48 44.34
CA VAL E 92 -64.21 6.82 44.78
C VAL E 92 -63.82 7.79 43.68
N TYR E 93 -64.77 8.62 43.25
CA TYR E 93 -64.59 9.51 42.11
C TYR E 93 -64.37 10.93 42.59
N TYR E 94 -63.30 11.56 42.10
CA TYR E 94 -62.96 12.93 42.45
C TYR E 94 -62.90 13.75 41.17
N CYS E 95 -63.28 15.02 41.27
CA CYS E 95 -63.20 15.95 40.15
C CYS E 95 -62.23 17.07 40.48
N ALA E 96 -61.56 17.57 39.44
CA ALA E 96 -60.51 18.56 39.63
C ALA E 96 -60.43 19.43 38.38
N THR E 97 -59.71 20.54 38.50
CA THR E 97 -59.37 21.34 37.33
C THR E 97 -57.88 21.24 37.03
N ALA E 98 -57.52 21.51 35.78
CA ALA E 98 -56.16 21.31 35.28
C ALA E 98 -55.60 22.63 34.77
N ARG E 99 -54.33 22.89 35.08
CA ARG E 99 -53.60 24.04 34.58
C ARG E 99 -52.51 23.56 33.63
N ARG E 100 -52.60 23.96 32.37
CA ARG E 100 -51.63 23.56 31.37
C ARG E 100 -50.32 24.30 31.59
N GLY E 101 -49.34 23.62 32.18
CA GLY E 101 -48.01 24.16 32.31
C GLY E 101 -47.14 23.70 31.17
N GLN E 102 -46.18 24.53 30.77
CA GLN E 102 -45.33 24.25 29.62
C GLN E 102 -43.87 24.38 30.05
N ARG E 103 -43.19 23.25 30.18
CA ARG E 103 -41.80 23.22 30.63
C ARG E 103 -40.90 23.22 29.41
N ILE E 104 -40.23 24.34 29.17
CA ILE E 104 -39.35 24.50 28.02
C ILE E 104 -37.99 23.92 28.37
N TYR E 105 -37.48 23.02 27.53
CA TYR E 105 -36.14 22.49 27.70
C TYR E 105 -35.24 22.78 26.52
N GLY E 106 -35.76 23.36 25.45
CA GLY E 106 -34.96 23.63 24.28
C GLY E 106 -35.52 24.79 23.48
N VAL E 107 -35.37 24.69 22.16
CA VAL E 107 -35.87 25.73 21.27
C VAL E 107 -37.38 25.61 21.16
N VAL E 108 -38.08 26.72 21.40
CA VAL E 108 -39.54 26.74 21.31
C VAL E 108 -39.99 26.51 19.88
N SER E 109 -39.28 27.12 18.91
CA SER E 109 -39.70 27.07 17.51
C SER E 109 -39.59 25.68 16.91
N PHE E 110 -38.77 24.81 17.52
CA PHE E 110 -38.62 23.43 17.06
C PHE E 110 -39.60 22.47 17.72
N GLY E 111 -40.48 22.98 18.56
CA GLY E 111 -41.39 22.10 19.27
C GLY E 111 -40.73 21.31 20.37
N GLU E 112 -39.63 21.81 20.93
CA GLU E 112 -38.89 21.10 21.97
C GLU E 112 -39.49 21.44 23.34
N PHE E 113 -40.75 21.03 23.52
CA PHE E 113 -41.47 21.29 24.76
C PHE E 113 -42.57 20.26 24.92
N PHE E 114 -43.04 20.12 26.16
CA PHE E 114 -44.13 19.22 26.49
C PHE E 114 -45.08 19.91 27.46
N TYR E 115 -46.35 19.50 27.42
CA TYR E 115 -47.37 20.06 28.29
C TYR E 115 -47.65 19.13 29.45
N TYR E 116 -47.78 19.71 30.64
CA TYR E 116 -48.11 18.96 31.85
C TYR E 116 -49.23 19.66 32.59
N TYR E 117 -50.00 18.86 33.33
CA TYR E 117 -51.18 19.35 34.03
C TYR E 117 -50.97 19.25 35.53
N SER E 118 -51.30 20.33 36.24
CA SER E 118 -51.28 20.36 37.70
C SER E 118 -52.70 20.56 38.20
N MET E 119 -53.12 19.70 39.12
CA MET E 119 -54.50 19.65 39.60
C MET E 119 -54.49 20.18 41.02
N ASP E 120 -54.93 21.43 41.19
CA ASP E 120 -54.76 22.14 42.45
C ASP E 120 -55.90 21.95 43.44
N VAL E 121 -57.15 21.89 42.98
CA VAL E 121 -58.30 21.79 43.87
C VAL E 121 -59.07 20.52 43.54
N TRP E 122 -59.61 19.87 44.56
CA TRP E 122 -60.21 18.55 44.45
C TRP E 122 -61.54 18.51 45.19
N GLY E 123 -62.40 17.58 44.80
CA GLY E 123 -63.64 17.35 45.49
C GLY E 123 -63.47 16.35 46.62
N LYS E 124 -64.55 16.15 47.38
CA LYS E 124 -64.48 15.28 48.55
C LYS E 124 -64.48 13.81 48.18
N GLY E 125 -65.07 13.44 47.05
CA GLY E 125 -65.14 12.05 46.64
C GLY E 125 -66.48 11.42 46.97
N THR E 126 -66.98 10.62 46.03
CA THR E 126 -68.23 9.89 46.22
C THR E 126 -68.00 8.43 45.85
N THR E 127 -68.67 7.53 46.57
CA THR E 127 -68.46 6.10 46.40
C THR E 127 -69.61 5.49 45.60
N VAL E 128 -69.27 4.82 44.51
CA VAL E 128 -70.25 4.14 43.66
C VAL E 128 -69.86 2.67 43.58
N THR E 129 -70.80 1.79 43.93
CA THR E 129 -70.55 0.35 43.87
C THR E 129 -71.30 -0.28 42.71
N VAL F 3 -48.05 1.81 47.95
CA VAL F 3 -47.91 0.38 48.19
C VAL F 3 -46.51 0.07 48.71
N ARG F 4 -45.65 1.10 48.76
CA ARG F 4 -44.29 0.94 49.25
C ARG F 4 -44.17 1.57 50.63
N PRO F 5 -43.98 0.77 51.69
CA PRO F 5 -43.91 1.35 53.03
C PRO F 5 -42.58 2.04 53.31
N LEU F 6 -42.66 3.15 54.04
CA LEU F 6 -41.48 3.89 54.47
C LEU F 6 -41.75 4.44 55.87
N SER F 7 -40.76 4.30 56.75
CA SER F 7 -40.92 4.68 58.14
C SER F 7 -39.78 5.61 58.56
N VAL F 8 -40.16 6.74 59.18
CA VAL F 8 -39.21 7.70 59.74
C VAL F 8 -39.63 8.02 61.16
N ALA F 9 -38.71 8.59 61.92
CA ALA F 9 -38.99 9.02 63.28
C ALA F 9 -39.40 10.49 63.30
N LEU F 10 -39.94 10.91 64.45
CA LEU F 10 -40.40 12.29 64.59
C LEU F 10 -39.21 13.24 64.67
N GLY F 11 -39.33 14.38 63.98
CA GLY F 11 -38.30 15.39 63.96
C GLY F 11 -37.27 15.21 62.87
N GLU F 12 -37.20 14.04 62.25
CA GLU F 12 -36.22 13.80 61.20
C GLU F 12 -36.73 14.35 59.86
N THR F 13 -35.85 14.31 58.87
CA THR F 13 -36.20 14.72 57.51
C THR F 13 -36.54 13.48 56.70
N ALA F 14 -37.79 13.38 56.26
CA ALA F 14 -38.25 12.23 55.50
C ALA F 14 -37.84 12.38 54.03
N ARG F 15 -37.37 11.27 53.45
CA ARG F 15 -36.92 11.23 52.06
C ARG F 15 -37.83 10.25 51.32
N ILE F 16 -38.68 10.77 50.44
CA ILE F 16 -39.59 9.97 49.64
C ILE F 16 -39.08 9.96 48.21
N SER F 17 -38.68 8.80 47.72
CA SER F 17 -38.19 8.67 46.35
C SER F 17 -39.33 8.29 45.41
N CYS F 18 -39.19 8.68 44.14
CA CYS F 18 -40.20 8.37 43.15
C CYS F 18 -40.08 6.93 42.67
N GLY F 19 -41.19 6.35 42.24
CA GLY F 19 -41.17 4.99 41.72
C GLY F 19 -40.56 4.89 40.33
N ARG F 20 -40.43 6.02 39.64
CA ARG F 20 -39.89 6.06 38.29
C ARG F 20 -38.72 7.02 38.23
N GLN F 21 -37.68 6.64 37.50
CA GLN F 21 -36.45 7.40 37.41
C GLN F 21 -36.43 8.27 36.15
N ALA F 22 -35.58 9.29 36.16
CA ALA F 22 -35.63 10.33 35.15
C ALA F 22 -34.67 10.03 34.00
N LEU F 23 -35.20 10.13 32.78
CA LEU F 23 -34.38 10.28 31.59
C LEU F 23 -34.79 11.60 30.92
N GLY F 24 -33.83 12.49 30.73
CA GLY F 24 -34.13 13.80 30.21
C GLY F 24 -34.59 14.76 31.29
N SER F 25 -34.94 15.97 30.84
CA SER F 25 -35.45 16.99 31.74
C SER F 25 -36.84 16.60 32.24
N ARG F 26 -37.12 16.90 33.51
CA ARG F 26 -38.32 16.43 34.17
C ARG F 26 -39.11 17.58 34.77
N ALA F 27 -40.39 17.33 35.02
CA ALA F 27 -41.26 18.24 35.75
C ALA F 27 -42.18 17.39 36.62
N VAL F 28 -41.80 17.17 37.88
CA VAL F 28 -42.49 16.24 38.76
C VAL F 28 -43.55 17.03 39.53
N GLN F 29 -44.64 16.34 39.87
CA GLN F 29 -45.67 16.88 40.73
C GLN F 29 -45.84 15.98 41.95
N TRP F 30 -45.90 16.58 43.12
CA TRP F 30 -45.95 15.85 44.38
C TRP F 30 -47.33 16.01 45.00
N TYR F 31 -47.85 14.93 45.58
CA TYR F 31 -49.21 14.90 46.10
C TYR F 31 -49.21 14.16 47.42
N GLN F 32 -50.19 14.44 48.28
CA GLN F 32 -50.49 13.60 49.42
C GLN F 32 -51.96 13.22 49.37
N HIS F 33 -52.29 12.02 49.86
CA HIS F 33 -53.65 11.52 49.79
C HIS F 33 -53.98 10.76 51.07
N ARG F 34 -54.70 11.42 52.00
CA ARG F 34 -55.25 10.61 53.08
C ARG F 34 -56.46 9.83 52.59
N PRO F 35 -56.68 8.62 53.11
CA PRO F 35 -57.88 7.87 52.74
C PRO F 35 -59.14 8.57 53.21
N GLY F 36 -60.06 8.79 52.28
CA GLY F 36 -61.27 9.53 52.56
C GLY F 36 -61.12 11.04 52.54
N GLN F 37 -59.96 11.55 52.16
CA GLN F 37 -59.71 12.98 52.11
C GLN F 37 -59.28 13.39 50.71
N ALA F 38 -59.51 14.66 50.38
CA ALA F 38 -59.17 15.18 49.07
C ALA F 38 -57.66 15.40 48.96
N PRO F 39 -57.06 15.04 47.83
CA PRO F 39 -55.66 15.40 47.59
C PRO F 39 -55.51 16.90 47.44
N ILE F 40 -54.32 17.40 47.80
CA ILE F 40 -53.97 18.80 47.61
C ILE F 40 -52.61 18.86 46.93
N LEU F 41 -52.34 19.96 46.23
CA LEU F 41 -51.12 20.11 45.46
C LEU F 41 -49.97 20.49 46.39
N LEU F 42 -48.86 19.77 46.29
CA LEU F 42 -47.68 20.04 47.11
C LEU F 42 -46.60 20.80 46.36
N ILE F 43 -46.07 20.23 45.27
CA ILE F 43 -45.00 20.85 44.50
C ILE F 43 -45.33 20.68 43.03
N TYR F 44 -45.23 21.77 42.28
CA TYR F 44 -45.36 21.74 40.83
C TYR F 44 -44.17 22.47 40.23
N ASN F 45 -43.83 22.09 38.99
CA ASN F 45 -42.69 22.64 38.23
C ASN F 45 -41.38 22.47 39.00
N ASN F 46 -41.29 21.34 39.71
CA ASN F 46 -40.12 20.77 40.38
C ASN F 46 -39.68 21.52 41.63
N GLN F 47 -40.17 22.75 41.86
CA GLN F 47 -39.91 23.44 43.11
C GLN F 47 -41.04 24.32 43.62
N ASP F 48 -42.01 24.68 42.79
CA ASP F 48 -42.95 25.72 43.18
C ASP F 48 -43.99 25.19 44.17
N ARG F 49 -44.20 25.94 45.25
CA ARG F 49 -45.07 25.55 46.34
C ARG F 49 -46.29 26.47 46.36
N PRO F 50 -47.50 25.94 46.16
CA PRO F 50 -48.69 26.81 46.19
C PRO F 50 -48.98 27.31 47.60
N SER F 51 -49.80 28.36 47.67
CA SER F 51 -50.15 28.97 48.95
C SER F 51 -50.98 28.01 49.79
N GLY F 52 -50.81 28.09 51.11
CA GLY F 52 -51.44 27.19 52.04
C GLY F 52 -50.62 25.96 52.36
N ILE F 53 -49.56 25.71 51.61
CA ILE F 53 -48.67 24.57 51.84
C ILE F 53 -47.51 25.06 52.71
N PRO F 54 -47.24 24.43 53.86
CA PRO F 54 -46.15 24.92 54.71
C PRO F 54 -44.79 24.64 54.10
N GLU F 55 -43.80 25.41 54.55
CA GLU F 55 -42.44 25.33 54.01
C GLU F 55 -41.67 24.12 54.52
N ARG F 56 -42.27 23.30 55.39
CA ARG F 56 -41.68 22.03 55.78
C ARG F 56 -41.54 21.08 54.60
N PHE F 57 -42.44 21.18 53.62
CA PHE F 57 -42.42 20.34 52.43
C PHE F 57 -41.56 21.00 51.37
N SER F 58 -40.52 20.30 50.91
CA SER F 58 -39.59 20.84 49.94
C SER F 58 -39.20 19.75 48.95
N GLY F 59 -38.76 20.18 47.76
CA GLY F 59 -38.33 19.29 46.71
C GLY F 59 -37.03 19.75 46.08
N THR F 60 -36.40 18.81 45.39
CA THR F 60 -35.12 19.11 44.74
C THR F 60 -35.34 19.90 43.46
N PRO F 61 -34.54 20.93 43.19
CA PRO F 61 -34.64 21.62 41.90
C PRO F 61 -34.06 20.78 40.78
N ASP F 62 -34.52 21.09 39.56
CA ASP F 62 -34.03 20.40 38.36
C ASP F 62 -32.86 21.20 37.82
N ILE F 63 -31.66 20.91 38.32
CA ILE F 63 -30.43 21.49 37.82
C ILE F 63 -29.65 20.37 37.14
N ASN F 64 -29.51 20.46 35.81
CA ASN F 64 -28.86 19.47 34.97
C ASN F 64 -29.51 18.10 35.08
N PHE F 65 -28.79 17.05 34.66
CA PHE F 65 -29.29 15.70 34.69
C PHE F 65 -28.53 14.87 35.72
N GLY F 66 -29.25 13.93 36.35
CA GLY F 66 -28.69 13.01 37.30
C GLY F 66 -29.21 13.19 38.72
N THR F 67 -29.84 14.32 39.01
CA THR F 67 -30.38 14.58 40.34
C THR F 67 -31.66 13.77 40.52
N ARG F 68 -31.70 12.96 41.58
CA ARG F 68 -32.86 12.13 41.84
C ARG F 68 -34.01 12.96 42.39
N ALA F 69 -35.22 12.70 41.91
CA ALA F 69 -36.40 13.42 42.39
C ALA F 69 -36.81 12.86 43.75
N THR F 70 -36.81 13.72 44.76
CA THR F 70 -37.08 13.30 46.13
C THR F 70 -37.87 14.40 46.84
N LEU F 71 -38.83 13.98 47.66
CA LEU F 71 -39.63 14.90 48.46
C LEU F 71 -39.06 14.97 49.87
N THR F 72 -38.91 16.18 50.39
CA THR F 72 -38.31 16.42 51.70
C THR F 72 -39.38 16.89 52.68
N ILE F 73 -39.49 16.19 53.81
CA ILE F 73 -40.39 16.56 54.89
C ILE F 73 -39.53 16.89 56.11
N SER F 74 -39.19 18.17 56.27
CA SER F 74 -38.38 18.60 57.39
C SER F 74 -39.25 18.94 58.58
N GLY F 75 -38.96 18.30 59.71
CA GLY F 75 -39.77 18.46 60.90
C GLY F 75 -41.14 17.82 60.73
N VAL F 76 -41.17 16.49 60.65
CA VAL F 76 -42.42 15.77 60.39
C VAL F 76 -43.33 15.88 61.60
N GLU F 77 -44.63 16.08 61.34
CA GLU F 77 -45.64 16.21 62.37
C GLU F 77 -46.64 15.07 62.27
N ALA F 78 -47.66 15.13 63.12
CA ALA F 78 -48.70 14.10 63.11
C ALA F 78 -49.62 14.25 61.91
N GLY F 79 -49.70 15.45 61.33
CA GLY F 79 -50.56 15.68 60.19
C GLY F 79 -49.99 15.25 58.86
N ASP F 80 -48.78 14.72 58.84
CA ASP F 80 -48.14 14.29 57.61
C ASP F 80 -48.43 12.83 57.25
N GLU F 81 -49.27 12.16 58.03
CA GLU F 81 -49.67 10.78 57.73
C GLU F 81 -50.59 10.78 56.51
N ALA F 82 -50.04 10.42 55.35
CA ALA F 82 -50.79 10.42 54.10
C ALA F 82 -50.06 9.52 53.12
N ASP F 83 -50.69 9.28 51.98
CA ASP F 83 -50.09 8.52 50.89
C ASP F 83 -49.52 9.48 49.87
N TYR F 84 -48.21 9.41 49.65
CA TYR F 84 -47.49 10.40 48.86
C TYR F 84 -47.28 9.92 47.44
N TYR F 85 -47.45 10.85 46.50
CA TYR F 85 -47.55 10.54 45.07
C TYR F 85 -46.56 11.40 44.31
N CYS F 86 -45.80 10.77 43.41
CA CYS F 86 -44.96 11.50 42.47
C CYS F 86 -45.58 11.40 41.07
N HIS F 87 -46.15 12.50 40.59
CA HIS F 87 -46.72 12.59 39.25
C HIS F 87 -45.65 13.23 38.37
N MET F 88 -45.01 12.40 37.54
CA MET F 88 -43.74 12.75 36.93
C MET F 88 -43.87 12.85 35.42
N TRP F 89 -43.33 13.93 34.86
CA TRP F 89 -43.31 14.15 33.41
C TRP F 89 -41.86 14.24 32.97
N ASP F 90 -41.62 13.95 31.68
CA ASP F 90 -40.28 14.01 31.09
C ASP F 90 -40.39 14.26 29.60
N SER F 91 -39.23 14.43 28.96
CA SER F 91 -39.16 14.85 27.56
C SER F 91 -39.20 13.71 26.56
N ARG F 92 -39.04 12.46 26.99
CA ARG F 92 -38.95 11.35 26.04
C ARG F 92 -40.01 10.28 26.22
N SER F 93 -40.65 10.18 27.38
CA SER F 93 -41.70 9.18 27.57
C SER F 93 -43.06 9.65 27.12
N GLY F 94 -43.17 10.87 26.59
CA GLY F 94 -44.44 11.37 26.10
C GLY F 94 -45.40 11.74 27.20
N PHE F 95 -46.68 11.51 26.92
CA PHE F 95 -47.72 11.79 27.90
C PHE F 95 -47.68 10.75 29.02
N SER F 96 -47.55 11.24 30.25
CA SER F 96 -47.52 10.37 31.43
C SER F 96 -48.95 10.21 31.93
N TRP F 97 -49.62 9.17 31.44
CA TRP F 97 -51.03 8.97 31.75
C TRP F 97 -51.24 8.47 33.17
N SER F 98 -50.24 7.81 33.75
CA SER F 98 -50.38 7.16 35.05
C SER F 98 -49.59 7.89 36.11
N PHE F 99 -50.11 7.85 37.35
CA PHE F 99 -49.43 8.43 38.50
C PHE F 99 -48.18 7.66 38.91
N GLY F 100 -48.09 6.38 38.59
CA GLY F 100 -47.02 5.55 39.10
C GLY F 100 -47.38 4.94 40.45
N GLY F 101 -46.34 4.43 41.12
CA GLY F 101 -46.54 3.78 42.39
C GLY F 101 -46.83 4.78 43.51
N ALA F 102 -47.60 4.30 44.49
CA ALA F 102 -47.94 5.09 45.67
C ALA F 102 -47.07 4.69 46.85
N THR F 103 -46.77 5.65 47.71
CA THR F 103 -45.93 5.43 48.88
C THR F 103 -46.78 5.51 50.14
N ARG F 104 -46.81 4.43 50.92
CA ARG F 104 -47.54 4.39 52.17
C ARG F 104 -46.60 4.83 53.30
N LEU F 105 -46.84 6.01 53.85
CA LEU F 105 -45.98 6.57 54.89
C LEU F 105 -46.62 6.37 56.26
N THR F 106 -45.85 5.81 57.18
CA THR F 106 -46.28 5.62 58.56
C THR F 106 -45.10 5.80 59.49
N VAL F 107 -45.24 6.69 60.47
CA VAL F 107 -44.17 6.92 61.44
C VAL F 107 -44.43 6.13 62.72
N GLY G 10 26.90 20.07 -33.29
CA GLY G 10 26.05 19.65 -32.18
C GLY G 10 26.80 18.90 -31.09
N PHE G 11 26.07 18.49 -30.07
CA PHE G 11 26.61 17.76 -28.92
C PHE G 11 27.40 16.53 -29.34
N LEU G 12 28.66 16.48 -28.89
CA LEU G 12 29.63 15.41 -29.17
C LEU G 12 29.88 15.26 -30.69
N GLY G 13 29.60 16.33 -31.45
CA GLY G 13 29.75 16.28 -32.90
C GLY G 13 31.18 16.06 -33.37
N ALA G 14 32.14 16.68 -32.69
CA ALA G 14 33.55 16.60 -33.06
C ALA G 14 34.29 15.47 -32.37
N ALA G 15 33.59 14.40 -31.98
CA ALA G 15 34.23 13.31 -31.27
C ALA G 15 35.23 12.55 -32.14
N GLY G 16 35.02 12.53 -33.45
CA GLY G 16 36.00 11.97 -34.36
C GLY G 16 36.92 12.93 -35.06
N SER G 17 36.84 14.22 -34.75
CA SER G 17 37.72 15.17 -35.41
C SER G 17 39.04 15.31 -34.65
N THR G 18 39.99 15.98 -35.28
CA THR G 18 41.28 16.28 -34.67
C THR G 18 41.09 17.23 -33.48
N MET G 19 42.03 17.15 -32.53
CA MET G 19 41.94 17.96 -31.31
C MET G 19 41.88 19.45 -31.59
N GLY G 20 42.57 19.93 -32.63
CA GLY G 20 42.52 21.34 -32.94
C GLY G 20 41.15 21.78 -33.40
N ALA G 21 40.52 20.97 -34.27
CA ALA G 21 39.18 21.29 -34.74
C ALA G 21 38.15 21.15 -33.62
N ALA G 22 38.29 20.10 -32.79
CA ALA G 22 37.34 19.88 -31.70
C ALA G 22 37.43 20.94 -30.62
N SER G 23 38.63 21.48 -30.35
CA SER G 23 38.82 22.46 -29.29
C SER G 23 38.09 23.78 -29.55
N MET G 24 37.62 24.02 -30.77
CA MET G 24 36.93 25.27 -31.06
C MET G 24 35.46 25.21 -30.63
N THR G 25 34.84 24.03 -30.68
CA THR G 25 33.43 23.93 -30.30
C THR G 25 33.20 23.12 -29.01
N LEU G 26 33.94 23.47 -27.95
CA LEU G 26 33.73 22.86 -26.65
C LEU G 26 32.53 23.41 -25.89
N THR G 27 32.07 24.62 -26.22
CA THR G 27 30.86 25.17 -25.60
C THR G 27 29.61 24.31 -25.82
N VAL G 28 29.51 23.65 -26.98
CA VAL G 28 28.33 22.85 -27.31
C VAL G 28 28.18 21.67 -26.35
N GLN G 29 29.28 20.97 -26.09
CA GLN G 29 29.25 19.86 -25.13
C GLN G 29 29.06 20.35 -23.71
N ALA G 30 29.45 21.60 -23.43
CA ALA G 30 29.36 22.15 -22.08
C ALA G 30 27.91 22.46 -21.69
N ARG G 31 27.09 22.89 -22.65
CA ARG G 31 25.70 23.25 -22.36
C ARG G 31 24.87 22.05 -21.91
N GLN G 32 25.15 20.86 -22.43
CA GLN G 32 24.16 19.79 -22.36
C GLN G 32 24.31 18.88 -21.15
N LEU G 33 25.31 19.12 -20.29
CA LEU G 33 25.47 18.26 -19.10
C LEU G 33 24.38 18.47 -18.07
N LEU G 34 23.77 19.65 -18.03
CA LEU G 34 22.80 19.95 -16.98
C LEU G 34 21.37 20.15 -17.48
N SER G 35 21.17 20.80 -18.62
CA SER G 35 19.84 21.13 -19.14
C SER G 35 19.30 20.00 -20.02
N GLY G 36 18.22 19.36 -19.56
CA GLY G 36 17.63 19.69 -18.27
C GLY G 36 16.31 20.44 -18.18
N ILE G 37 16.36 21.76 -17.94
CA ILE G 37 15.15 22.53 -17.65
C ILE G 37 14.47 23.17 -18.86
N VAL G 38 15.15 23.29 -20.00
CA VAL G 38 14.40 23.58 -21.22
C VAL G 38 13.51 22.41 -21.63
N GLN G 39 13.98 21.16 -21.49
CA GLN G 39 13.14 20.05 -21.93
C GLN G 39 11.98 19.77 -20.98
N GLN G 40 12.15 20.02 -19.68
CA GLN G 40 11.08 19.76 -18.71
C GLN G 40 11.37 20.51 -17.42
N GLN G 41 10.33 20.70 -16.61
CA GLN G 41 10.60 21.14 -15.25
C GLN G 41 10.17 20.11 -14.21
N SER G 42 9.10 19.37 -14.45
CA SER G 42 8.77 18.20 -13.64
C SER G 42 8.19 17.03 -14.44
N ASN G 43 7.20 17.21 -15.35
CA ASN G 43 6.44 18.41 -15.77
C ASN G 43 5.11 18.54 -15.00
N LEU G 44 4.71 19.73 -14.56
CA LEU G 44 3.45 19.86 -13.82
C LEU G 44 2.31 20.26 -14.76
N LEU G 45 2.04 19.43 -15.77
CA LEU G 45 0.88 19.67 -16.61
C LEU G 45 -0.21 18.61 -16.41
N ARG G 46 0.11 17.49 -15.77
CA ARG G 46 -0.85 16.46 -15.40
C ARG G 46 -1.19 16.48 -13.92
N ALA G 47 -0.16 16.58 -13.07
CA ALA G 47 -0.26 16.57 -11.59
C ALA G 47 -1.03 15.35 -11.07
N THR G 58 4.36 6.77 -9.16
CA THR G 58 4.63 5.95 -10.34
C THR G 58 6.12 5.68 -10.50
N VAL G 59 6.45 4.58 -11.17
CA VAL G 59 7.83 4.22 -11.46
C VAL G 59 8.58 5.36 -12.17
N TRP G 60 7.90 6.07 -13.07
CA TRP G 60 8.56 7.15 -13.81
C TRP G 60 8.92 8.34 -12.92
N GLY G 61 8.10 8.62 -11.90
CA GLY G 61 8.40 9.75 -11.03
C GLY G 61 9.65 9.58 -10.21
N ILE G 62 9.82 8.40 -9.59
CA ILE G 62 11.01 8.15 -8.79
C ILE G 62 12.26 8.06 -9.70
N LYS G 63 12.13 7.37 -10.84
CA LYS G 63 13.22 7.26 -11.80
C LYS G 63 13.69 8.62 -12.31
N GLN G 64 12.75 9.49 -12.70
CA GLN G 64 13.08 10.83 -13.19
C GLN G 64 13.86 11.63 -12.17
N LEU G 65 13.38 11.68 -10.93
CA LEU G 65 14.01 12.51 -9.90
C LEU G 65 15.46 12.07 -9.66
N GLN G 66 15.71 10.76 -9.59
CA GLN G 66 17.08 10.28 -9.40
C GLN G 66 17.98 10.63 -10.59
N THR G 67 17.42 10.75 -11.80
CA THR G 67 18.22 11.25 -12.92
C THR G 67 18.57 12.72 -12.73
N ARG G 68 17.62 13.52 -12.27
CA ARG G 68 17.84 14.95 -12.11
C ARG G 68 18.89 15.24 -11.04
N VAL G 69 18.84 14.50 -9.93
CA VAL G 69 19.84 14.64 -8.87
C VAL G 69 21.22 14.24 -9.40
N LEU G 70 21.29 13.13 -10.14
CA LEU G 70 22.56 12.64 -10.66
C LEU G 70 23.21 13.61 -11.64
N ALA G 71 22.41 14.32 -12.43
CA ALA G 71 22.97 15.23 -13.42
C ALA G 71 23.62 16.43 -12.75
N ILE G 72 23.11 16.81 -11.58
CA ILE G 72 23.74 17.85 -10.77
C ILE G 72 25.01 17.33 -10.12
N GLU G 73 25.01 16.06 -9.67
CA GLU G 73 26.18 15.51 -9.00
C GLU G 73 27.40 15.43 -9.92
N ARG G 74 27.21 14.99 -11.16
CA ARG G 74 28.34 14.95 -12.08
C ARG G 74 28.78 16.34 -12.52
N TYR G 75 27.82 17.24 -12.81
CA TYR G 75 28.18 18.59 -13.24
C TYR G 75 28.93 19.36 -12.18
N LEU G 76 28.48 19.28 -10.92
CA LEU G 76 29.11 20.05 -9.86
C LEU G 76 30.50 19.56 -9.52
N LYS G 77 30.76 18.25 -9.66
CA LYS G 77 32.12 17.73 -9.53
C LYS G 77 33.09 18.34 -10.52
N ASP G 78 32.68 18.59 -11.76
CA ASP G 78 33.63 19.11 -12.71
C ASP G 78 33.93 20.58 -12.43
N GLN G 79 32.91 21.38 -12.14
CA GLN G 79 33.16 22.75 -11.73
C GLN G 79 33.91 22.83 -10.40
N GLN G 80 33.70 21.85 -9.52
CA GLN G 80 34.48 21.78 -8.29
C GLN G 80 35.95 21.50 -8.57
N LEU G 81 36.22 20.55 -9.49
CA LEU G 81 37.61 20.26 -9.84
C LEU G 81 38.23 21.45 -10.54
N LEU G 82 37.49 22.08 -11.46
CA LEU G 82 37.97 23.29 -12.11
C LEU G 82 38.17 24.40 -11.09
N GLY G 83 37.35 24.43 -10.04
CA GLY G 83 37.47 25.44 -9.00
C GLY G 83 38.74 25.29 -8.19
N LEU G 84 39.08 24.06 -7.82
CA LEU G 84 40.27 23.79 -7.03
C LEU G 84 41.55 23.91 -7.85
N TRP G 85 41.44 23.99 -9.18
CA TRP G 85 42.56 24.28 -10.05
C TRP G 85 42.60 25.75 -10.45
N GLY G 86 41.74 26.58 -9.85
CA GLY G 86 41.67 27.99 -10.16
C GLY G 86 41.25 28.28 -11.58
N CYS G 87 40.39 27.44 -12.14
CA CYS G 87 39.95 27.57 -13.53
C CYS G 87 38.43 27.60 -13.62
N SER G 88 37.76 28.13 -12.60
CA SER G 88 36.31 27.99 -12.46
C SER G 88 35.58 28.65 -13.64
N GLY G 89 35.95 29.88 -13.96
CA GLY G 89 35.24 30.68 -14.94
C GLY G 89 35.53 30.33 -16.38
N LYS G 90 36.59 29.57 -16.65
CA LYS G 90 37.10 29.40 -17.99
C LYS G 90 36.94 27.95 -18.43
N LEU G 91 36.78 27.76 -19.74
CA LEU G 91 36.81 26.42 -20.33
C LEU G 91 38.21 25.96 -20.70
N ILE G 92 39.11 26.88 -21.01
CA ILE G 92 40.51 26.61 -21.32
C ILE G 92 41.38 27.41 -20.36
N CYS G 93 42.17 26.74 -19.54
CA CYS G 93 43.09 27.45 -18.67
C CYS G 93 44.48 26.80 -18.74
N CYS G 94 45.50 27.65 -18.72
CA CYS G 94 46.88 27.21 -18.69
C CYS G 94 47.43 27.29 -17.26
N THR G 95 48.39 26.42 -16.98
CA THR G 95 48.91 26.27 -15.62
C THR G 95 50.43 26.46 -15.62
N ALA G 96 51.08 26.15 -14.49
CA ALA G 96 52.54 26.18 -14.45
C ALA G 96 53.12 24.90 -13.85
N VAL G 97 52.32 23.84 -13.78
CA VAL G 97 52.81 22.50 -13.51
C VAL G 97 53.44 21.96 -14.79
N PRO G 98 54.72 21.57 -14.78
CA PRO G 98 55.32 20.98 -15.99
C PRO G 98 54.89 19.55 -16.25
N TRP G 99 54.94 19.20 -17.53
CA TRP G 99 54.49 17.89 -18.03
C TRP G 99 55.64 16.89 -17.88
N ASN G 100 55.53 16.01 -16.91
CA ASN G 100 56.51 14.94 -16.74
C ASN G 100 56.39 13.97 -17.91
N SER G 101 57.53 13.67 -18.55
CA SER G 101 57.55 12.94 -19.80
C SER G 101 57.15 11.48 -19.64
N SER G 102 57.19 10.93 -18.42
CA SER G 102 56.80 9.54 -18.20
C SER G 102 55.34 9.29 -18.53
N TRP G 103 54.50 10.34 -18.47
CA TRP G 103 53.09 10.21 -18.77
C TRP G 103 52.86 9.92 -20.25
N SER G 104 53.39 10.77 -21.12
CA SER G 104 53.36 10.53 -22.56
C SER G 104 54.61 11.11 -23.19
N ASN G 105 55.15 10.40 -24.18
CA ASN G 105 56.36 10.82 -24.89
C ASN G 105 56.06 11.55 -26.20
N LYS G 106 54.79 11.74 -26.55
CA LYS G 106 54.46 12.31 -27.84
C LYS G 106 54.68 13.82 -27.86
N SER G 107 54.92 14.35 -29.06
CA SER G 107 55.24 15.75 -29.25
C SER G 107 53.97 16.55 -29.53
N LEU G 108 54.13 17.83 -29.87
CA LEU G 108 52.98 18.71 -30.10
C LEU G 108 52.27 18.35 -31.40
N GLY G 109 53.02 18.15 -32.47
CA GLY G 109 52.42 17.85 -33.75
C GLY G 109 51.86 16.44 -33.86
N ASP G 110 52.32 15.54 -32.99
CA ASP G 110 51.81 14.18 -32.96
C ASP G 110 50.55 14.03 -32.12
N ILE G 111 50.08 15.10 -31.49
CA ILE G 111 48.94 15.06 -30.57
C ILE G 111 47.78 15.91 -31.08
N TRP G 112 48.06 17.17 -31.42
CA TRP G 112 46.98 18.12 -31.69
C TRP G 112 46.52 18.13 -33.14
N ASP G 113 47.27 17.52 -34.06
CA ASP G 113 46.89 17.54 -35.48
C ASP G 113 46.87 16.15 -36.08
N ASN G 114 46.82 15.11 -35.27
CA ASN G 114 46.84 13.75 -35.80
C ASN G 114 46.03 12.78 -34.94
N MET G 115 45.61 13.21 -33.76
CA MET G 115 44.89 12.35 -32.84
C MET G 115 43.57 12.98 -32.43
N THR G 116 42.59 12.14 -32.13
CA THR G 116 41.31 12.51 -31.56
C THR G 116 41.32 12.34 -30.05
N TRP G 117 40.42 13.07 -29.39
CA TRP G 117 40.31 13.05 -27.92
C TRP G 117 40.00 11.65 -27.39
N MET G 118 39.35 10.80 -28.18
CA MET G 118 39.01 9.45 -27.75
C MET G 118 40.25 8.60 -27.50
N GLN G 119 41.21 8.65 -28.42
CA GLN G 119 42.42 7.84 -28.35
C GLN G 119 43.45 8.41 -27.37
N TRP G 120 43.38 9.70 -27.07
CA TRP G 120 44.22 10.31 -26.05
C TRP G 120 43.87 9.83 -24.65
N ASP G 121 42.57 9.86 -24.29
CA ASP G 121 42.13 9.42 -22.97
C ASP G 121 42.52 7.97 -22.69
N ARG G 122 42.62 7.13 -23.72
CA ARG G 122 42.88 5.70 -23.51
C ARG G 122 44.28 5.43 -22.98
N GLU G 123 45.25 6.28 -23.28
CA GLU G 123 46.65 5.96 -23.01
C GLU G 123 47.17 6.54 -21.71
N ILE G 124 46.62 7.67 -21.24
CA ILE G 124 47.13 8.34 -20.04
C ILE G 124 46.21 8.19 -18.86
N SER G 125 45.05 7.54 -19.03
CA SER G 125 44.10 7.26 -17.95
C SER G 125 44.69 6.56 -16.74
N ASN G 126 45.86 5.93 -16.86
CA ASN G 126 46.42 5.23 -15.71
C ASN G 126 46.93 6.21 -14.65
N TYR G 127 47.51 7.32 -15.07
CA TYR G 127 48.16 8.25 -14.16
C TYR G 127 47.44 9.60 -14.04
N THR G 128 46.23 9.71 -14.62
CA THR G 128 45.48 10.96 -14.57
C THR G 128 45.19 11.40 -13.14
N ASN G 129 45.04 10.45 -12.21
CA ASN G 129 44.66 10.78 -10.84
C ASN G 129 45.74 11.60 -10.14
N THR G 130 47.01 11.23 -10.30
CA THR G 130 48.07 12.02 -9.68
C THR G 130 48.42 13.26 -10.50
N ILE G 131 48.03 13.29 -11.78
CA ILE G 131 48.04 14.55 -12.51
C ILE G 131 47.02 15.50 -11.91
N PHE G 132 45.81 15.00 -11.64
CA PHE G 132 44.80 15.76 -10.93
C PHE G 132 45.27 16.16 -9.54
N ARG G 133 46.13 15.34 -8.93
CA ARG G 133 46.78 15.72 -7.68
C ARG G 133 47.84 16.79 -7.90
N LEU G 134 48.49 16.81 -9.07
CA LEU G 134 49.46 17.86 -9.33
C LEU G 134 48.76 19.19 -9.60
N LEU G 135 47.53 19.16 -10.11
CA LEU G 135 46.87 20.41 -10.45
C LEU G 135 46.39 21.12 -9.19
N GLU G 136 46.01 20.35 -8.17
CA GLU G 136 45.55 20.94 -6.93
C GLU G 136 46.71 21.29 -5.99
N GLU G 137 47.80 20.53 -6.01
CA GLU G 137 48.86 20.81 -5.05
C GLU G 137 49.88 21.79 -5.63
N SER G 138 50.44 21.44 -6.80
CA SER G 138 51.62 22.13 -7.34
C SER G 138 51.35 23.60 -7.62
N GLN G 139 50.19 23.91 -8.21
CA GLN G 139 49.92 25.30 -8.51
C GLN G 139 48.98 25.98 -7.53
N ASN G 140 47.70 25.59 -7.50
CA ASN G 140 46.71 26.45 -6.85
C ASN G 140 46.90 26.46 -5.34
N GLN G 141 47.50 25.40 -4.79
CA GLN G 141 47.85 25.47 -3.37
C GLN G 141 49.16 26.24 -3.13
N GLN G 142 50.07 26.25 -4.10
CA GLN G 142 51.25 27.12 -3.98
C GLN G 142 50.98 28.54 -4.43
N GLU G 143 50.24 28.72 -5.53
CA GLU G 143 49.98 30.06 -6.06
C GLU G 143 49.24 30.95 -5.07
N LYS G 144 48.31 30.36 -4.31
CA LYS G 144 47.50 31.15 -3.39
C LYS G 144 48.29 31.58 -2.17
N ASN G 145 49.15 30.70 -1.66
CA ASN G 145 50.03 31.10 -0.56
C ASN G 145 51.01 32.17 -1.01
N GLU G 146 51.59 32.03 -2.21
CA GLU G 146 52.45 33.06 -2.76
C GLU G 146 51.68 34.35 -3.06
N LYS G 147 50.45 34.24 -3.59
CA LYS G 147 49.66 35.43 -3.87
C LYS G 147 49.22 36.13 -2.60
N ASP G 148 49.05 35.39 -1.51
CA ASP G 148 48.77 36.04 -0.23
C ASP G 148 49.98 36.82 0.26
N LEU G 149 51.18 36.23 0.13
CA LEU G 149 52.42 36.89 0.53
C LEU G 149 52.81 38.03 -0.41
N LEU G 150 52.24 38.05 -1.62
CA LEU G 150 52.54 39.09 -2.60
C LEU G 150 51.69 40.34 -2.37
N ALA G 151 50.39 40.17 -2.21
CA ALA G 151 49.56 41.32 -1.84
C ALA G 151 49.70 41.74 -0.36
N LEU G 152 50.67 41.25 0.41
CA LEU G 152 50.83 41.72 1.79
C LEU G 152 51.40 43.13 1.84
N ASP G 153 51.95 43.63 0.74
CA ASP G 153 52.58 44.94 0.71
C ASP G 153 51.99 45.80 -0.40
N GLN H 1 24.23 -26.07 -0.96
CA GLN H 1 23.74 -24.89 -1.67
C GLN H 1 24.22 -24.86 -3.11
N VAL H 2 23.32 -24.44 -4.00
CA VAL H 2 23.52 -24.39 -5.45
C VAL H 2 23.94 -25.78 -5.91
N GLN H 3 23.03 -26.74 -5.80
CA GLN H 3 23.28 -28.12 -6.16
C GLN H 3 22.10 -28.67 -6.94
N LEU H 4 22.34 -29.77 -7.66
CA LEU H 4 21.31 -30.50 -8.37
C LEU H 4 21.22 -31.90 -7.81
N VAL H 5 20.02 -32.30 -7.37
CA VAL H 5 19.79 -33.60 -6.76
C VAL H 5 18.76 -34.34 -7.59
N GLN H 6 19.09 -35.56 -7.98
CA GLN H 6 18.24 -36.35 -8.87
C GLN H 6 17.52 -37.44 -8.08
N SER H 7 16.77 -38.28 -8.79
CA SER H 7 16.01 -39.34 -8.19
C SER H 7 16.82 -40.63 -8.14
N ARG H 8 16.20 -41.69 -7.65
CA ARG H 8 16.87 -42.98 -7.53
C ARG H 8 17.04 -43.63 -8.90
N ALA H 9 17.99 -44.55 -8.98
CA ALA H 9 18.22 -45.29 -10.21
C ALA H 9 17.06 -46.24 -10.50
N GLU H 10 16.72 -46.36 -11.79
CA GLU H 10 15.57 -47.16 -12.21
C GLU H 10 15.97 -48.11 -13.31
N VAL H 11 15.36 -49.30 -13.31
CA VAL H 11 15.54 -50.30 -14.35
C VAL H 11 14.14 -50.71 -14.81
N LYS H 12 13.89 -50.58 -16.12
CA LYS H 12 12.56 -50.80 -16.68
C LYS H 12 12.65 -51.77 -17.85
N LYS H 13 11.48 -52.20 -18.31
CA LYS H 13 11.29 -53.07 -19.47
C LYS H 13 11.25 -52.25 -20.75
N PRO H 14 11.54 -52.86 -21.89
CA PRO H 14 11.39 -52.15 -23.17
C PRO H 14 9.94 -51.75 -23.42
N GLY H 15 9.76 -50.55 -23.97
CA GLY H 15 8.45 -50.00 -24.24
C GLY H 15 7.88 -49.15 -23.12
N ALA H 16 8.32 -49.38 -21.89
CA ALA H 16 7.84 -48.62 -20.74
C ALA H 16 8.47 -47.23 -20.71
N SER H 17 7.94 -46.38 -19.83
CA SER H 17 8.39 -45.01 -19.68
C SER H 17 9.00 -44.80 -18.30
N VAL H 18 10.06 -44.00 -18.24
CA VAL H 18 10.74 -43.67 -17.00
C VAL H 18 10.76 -42.15 -16.85
N LYS H 19 10.78 -41.68 -15.61
CA LYS H 19 10.77 -40.26 -15.30
C LYS H 19 11.97 -39.95 -14.41
N VAL H 20 12.89 -39.14 -14.91
CA VAL H 20 14.10 -38.77 -14.18
C VAL H 20 13.93 -37.30 -13.77
N SER H 21 13.68 -37.08 -12.49
CA SER H 21 13.54 -35.73 -11.96
C SER H 21 14.88 -35.19 -11.49
N CYS H 22 14.97 -33.86 -11.38
CA CYS H 22 16.19 -33.21 -10.91
C CYS H 22 15.78 -31.94 -10.17
N GLU H 23 15.68 -32.04 -8.85
CA GLU H 23 15.35 -30.90 -8.03
C GLU H 23 16.57 -29.98 -7.88
N ALA H 24 16.29 -28.69 -7.76
CA ALA H 24 17.33 -27.67 -7.62
C ALA H 24 17.06 -26.84 -6.38
N SER H 25 18.12 -26.53 -5.63
CA SER H 25 17.99 -25.76 -4.40
C SER H 25 19.20 -24.86 -4.23
N GLY H 26 18.98 -23.75 -3.53
CA GLY H 26 20.04 -22.83 -3.18
C GLY H 26 20.35 -21.74 -4.18
N TYR H 27 19.65 -21.70 -5.32
CA TYR H 27 19.91 -20.69 -6.33
C TYR H 27 18.63 -20.40 -7.10
N ASN H 28 18.72 -19.46 -8.03
CA ASN H 28 17.58 -19.08 -8.86
C ASN H 28 17.30 -20.18 -9.87
N PHE H 29 16.30 -21.01 -9.60
CA PHE H 29 15.97 -22.13 -10.47
C PHE H 29 15.45 -21.67 -11.82
N VAL H 30 14.64 -20.62 -11.84
CA VAL H 30 13.99 -20.17 -13.08
C VAL H 30 15.01 -19.56 -14.04
N ASP H 31 15.95 -18.78 -13.52
CA ASP H 31 16.82 -17.97 -14.37
C ASP H 31 17.86 -18.78 -15.14
N HIS H 32 18.12 -20.03 -14.73
CA HIS H 32 19.18 -20.82 -15.33
C HIS H 32 18.60 -22.03 -16.05
N TYR H 33 19.16 -22.30 -17.24
CA TYR H 33 18.66 -23.39 -18.08
C TYR H 33 19.06 -24.73 -17.50
N ILE H 34 18.20 -25.73 -17.67
CA ILE H 34 18.45 -27.09 -17.20
C ILE H 34 18.74 -27.96 -18.41
N HIS H 35 19.98 -28.41 -18.55
CA HIS H 35 20.36 -29.31 -19.61
C HIS H 35 20.31 -30.75 -19.11
N TRP H 36 20.02 -31.67 -20.02
CA TRP H 36 20.03 -33.09 -19.72
C TRP H 36 21.00 -33.78 -20.66
N VAL H 37 21.90 -34.59 -20.10
CA VAL H 37 22.96 -35.23 -20.87
C VAL H 37 23.13 -36.66 -20.37
N ARG H 38 23.44 -37.56 -21.29
CA ARG H 38 23.63 -38.97 -20.99
C ARG H 38 25.11 -39.30 -20.88
N GLN H 39 25.39 -40.52 -20.42
CA GLN H 39 26.71 -41.13 -20.54
C GLN H 39 26.52 -42.63 -20.46
N ALA H 40 26.72 -43.32 -21.57
CA ALA H 40 26.67 -44.78 -21.54
C ALA H 40 27.95 -45.33 -20.92
N PRO H 41 27.87 -46.41 -20.15
CA PRO H 41 29.08 -46.97 -19.54
C PRO H 41 29.95 -47.71 -20.55
N GLY H 42 30.76 -46.94 -21.29
CA GLY H 42 31.58 -47.50 -22.34
C GLY H 42 31.34 -46.84 -23.68
N GLN H 43 30.87 -45.59 -23.64
CA GLN H 43 30.61 -44.81 -24.85
C GLN H 43 30.71 -43.35 -24.49
N ARG H 44 30.82 -42.51 -25.52
CA ARG H 44 30.93 -41.07 -25.31
C ARG H 44 29.62 -40.52 -24.74
N PRO H 45 29.68 -39.48 -23.90
CA PRO H 45 28.44 -38.91 -23.36
C PRO H 45 27.63 -38.21 -24.44
N GLN H 46 26.34 -38.51 -24.47
CA GLN H 46 25.45 -38.01 -25.50
C GLN H 46 24.52 -36.95 -24.91
N TRP H 47 24.38 -35.83 -25.60
CA TRP H 47 23.60 -34.70 -25.13
C TRP H 47 22.17 -34.82 -25.61
N VAL H 48 21.22 -34.73 -24.68
CA VAL H 48 19.81 -34.94 -24.99
C VAL H 48 19.15 -33.63 -25.37
N GLY H 49 19.16 -32.66 -24.46
CA GLY H 49 18.49 -31.40 -24.71
C GLY H 49 18.58 -30.50 -23.50
N TRP H 50 17.95 -29.33 -23.61
CA TRP H 50 17.89 -28.37 -22.53
C TRP H 50 16.45 -27.93 -22.30
N MET H 51 16.23 -27.26 -21.17
CA MET H 51 14.89 -26.85 -20.78
C MET H 51 15.04 -25.69 -19.79
N ASN H 52 14.64 -24.49 -20.20
CA ASN H 52 14.66 -23.41 -19.24
C ASN H 52 13.32 -23.33 -18.51
N PRO H 53 13.33 -23.08 -17.21
CA PRO H 53 12.09 -23.18 -16.42
C PRO H 53 11.18 -21.95 -16.48
N GLN H 54 11.41 -21.01 -17.40
CA GLN H 54 10.48 -19.89 -17.54
C GLN H 54 9.16 -20.36 -18.15
N TRP H 55 9.20 -20.90 -19.36
CA TRP H 55 8.02 -21.44 -20.02
C TRP H 55 8.17 -22.91 -20.40
N GLY H 56 9.40 -23.41 -20.48
CA GLY H 56 9.69 -24.80 -20.74
C GLY H 56 10.49 -25.01 -22.00
N GLN H 57 10.05 -24.40 -23.12
CA GLN H 57 10.80 -24.15 -24.36
C GLN H 57 11.76 -25.28 -24.75
N VAL H 58 11.25 -26.51 -24.70
CA VAL H 58 12.11 -27.69 -24.75
C VAL H 58 12.74 -27.85 -26.13
N ASN H 59 14.01 -28.25 -26.12
CA ASN H 59 14.77 -28.50 -27.34
C ASN H 59 15.31 -29.92 -27.29
N TYR H 60 15.27 -30.61 -28.43
CA TYR H 60 15.62 -32.02 -28.48
C TYR H 60 16.59 -32.27 -29.63
N ALA H 61 17.47 -33.24 -29.43
CA ALA H 61 18.21 -33.81 -30.54
C ALA H 61 17.29 -34.70 -31.38
N ARG H 62 17.67 -34.92 -32.64
CA ARG H 62 16.82 -35.71 -33.53
C ARG H 62 16.77 -37.17 -33.13
N THR H 63 17.80 -37.68 -32.46
CA THR H 63 17.82 -39.06 -32.01
C THR H 63 16.91 -39.31 -30.80
N PHE H 64 16.36 -38.24 -30.20
CA PHE H 64 15.40 -38.38 -29.12
C PHE H 64 14.07 -37.69 -29.41
N GLN H 65 13.90 -37.10 -30.59
CA GLN H 65 12.69 -36.35 -30.90
C GLN H 65 11.51 -37.29 -31.03
N GLY H 66 10.42 -36.95 -30.35
CA GLY H 66 9.25 -37.81 -30.31
C GLY H 66 9.26 -38.86 -29.23
N ARG H 67 10.37 -39.00 -28.50
CA ARG H 67 10.50 -39.99 -27.43
C ARG H 67 10.64 -39.37 -26.06
N VAL H 68 11.27 -38.21 -25.95
CA VAL H 68 11.51 -37.58 -24.65
C VAL H 68 10.66 -36.32 -24.54
N THR H 69 10.03 -36.16 -23.37
CA THR H 69 9.30 -34.94 -23.03
C THR H 69 9.79 -34.47 -21.68
N MET H 70 10.22 -33.20 -21.61
CA MET H 70 10.64 -32.59 -20.36
C MET H 70 9.59 -31.60 -19.90
N THR H 71 9.07 -31.81 -18.69
CA THR H 71 8.17 -30.88 -18.03
C THR H 71 8.83 -30.37 -16.76
N ARG H 72 8.14 -29.47 -16.06
CA ARG H 72 8.71 -28.86 -14.87
C ARG H 72 7.61 -28.59 -13.86
N ASP H 73 8.05 -28.34 -12.62
CA ASP H 73 7.18 -27.85 -11.55
C ASP H 73 7.96 -26.76 -10.84
N THR H 74 7.78 -25.51 -11.31
CA THR H 74 8.58 -24.40 -10.81
C THR H 74 8.17 -23.98 -9.41
N SER H 75 7.01 -24.40 -8.92
CA SER H 75 6.62 -24.08 -7.55
C SER H 75 7.44 -24.83 -6.53
N ILE H 76 7.97 -26.01 -6.90
CA ILE H 76 8.79 -26.82 -6.02
C ILE H 76 10.21 -26.99 -6.55
N ASP H 77 10.57 -26.23 -7.59
CA ASP H 77 11.94 -26.17 -8.14
C ASP H 77 12.42 -27.54 -8.61
N THR H 78 11.59 -28.22 -9.39
CA THR H 78 11.88 -29.56 -9.88
C THR H 78 11.86 -29.57 -11.40
N ALA H 79 12.89 -30.16 -12.00
CA ALA H 79 12.99 -30.31 -13.44
C ALA H 79 12.89 -31.78 -13.80
N TYR H 80 11.95 -32.12 -14.68
CA TYR H 80 11.69 -33.50 -15.07
C TYR H 80 12.26 -33.80 -16.45
N MET H 81 12.35 -35.10 -16.73
CA MET H 81 12.68 -35.59 -18.07
C MET H 81 12.10 -36.98 -18.19
N GLN H 82 11.11 -37.15 -19.06
CA GLN H 82 10.42 -38.42 -19.23
C GLN H 82 10.73 -38.98 -20.60
N LEU H 83 11.22 -40.22 -20.64
CA LEU H 83 11.52 -40.90 -21.89
C LEU H 83 10.40 -41.89 -22.20
N ASN H 84 9.89 -41.85 -23.43
CA ASN H 84 8.92 -42.81 -23.91
C ASN H 84 9.56 -43.71 -24.98
N ARG H 85 8.95 -44.88 -25.16
CA ARG H 85 9.41 -45.91 -26.11
C ARG H 85 10.85 -46.32 -25.82
N LEU H 86 11.09 -46.78 -24.59
CA LEU H 86 12.41 -47.23 -24.18
C LEU H 86 12.78 -48.52 -24.90
N THR H 87 14.04 -48.64 -25.29
CA THR H 87 14.55 -49.79 -26.01
C THR H 87 15.77 -50.36 -25.28
N SER H 88 16.43 -51.33 -25.91
CA SER H 88 17.61 -51.94 -25.31
C SER H 88 18.81 -51.00 -25.38
N GLY H 89 18.87 -50.17 -26.41
CA GLY H 89 19.97 -49.24 -26.59
C GLY H 89 19.88 -47.94 -25.82
N ASP H 90 18.92 -47.83 -24.90
CA ASP H 90 18.73 -46.62 -24.09
C ASP H 90 19.29 -46.78 -22.69
N THR H 91 20.42 -47.47 -22.53
CA THR H 91 21.05 -47.64 -21.24
C THR H 91 22.22 -46.67 -21.09
N ALA H 92 22.21 -45.91 -20.00
CA ALA H 92 23.22 -44.90 -19.68
C ALA H 92 22.98 -44.43 -18.25
N VAL H 93 23.77 -43.46 -17.82
CA VAL H 93 23.50 -42.68 -16.62
C VAL H 93 23.07 -41.29 -17.07
N TYR H 94 22.03 -40.77 -16.44
CA TYR H 94 21.36 -39.56 -16.90
C TYR H 94 21.66 -38.42 -15.93
N TYR H 95 22.26 -37.36 -16.45
CA TYR H 95 22.68 -36.22 -15.64
C TYR H 95 21.88 -34.99 -16.03
N CYS H 96 21.51 -34.21 -15.01
CA CYS H 96 20.95 -32.88 -15.23
C CYS H 96 22.06 -31.86 -15.04
N ALA H 97 22.20 -30.95 -16.00
CA ALA H 97 23.31 -30.01 -16.03
C ALA H 97 22.78 -28.58 -16.14
N THR H 98 23.57 -27.64 -15.63
CA THR H 98 23.22 -26.23 -15.69
C THR H 98 24.50 -25.40 -15.68
N GLN H 99 24.33 -24.09 -15.67
CA GLN H 99 25.45 -23.15 -15.58
C GLN H 99 25.03 -22.00 -14.69
N VAL H 100 25.60 -21.96 -13.47
CA VAL H 100 25.26 -20.93 -12.50
C VAL H 100 26.52 -20.15 -12.12
N LYS H 101 27.49 -20.86 -11.55
CA LYS H 101 28.69 -20.22 -11.00
C LYS H 101 29.80 -20.07 -12.05
N LEU H 102 29.45 -19.51 -13.19
CA LEU H 102 30.42 -19.22 -14.25
C LEU H 102 30.18 -17.81 -14.76
N ASP H 103 31.25 -17.19 -15.26
CA ASP H 103 31.17 -15.83 -15.78
C ASP H 103 30.88 -15.80 -17.28
N SER H 104 30.65 -16.95 -17.90
CA SER H 104 30.36 -17.04 -19.32
C SER H 104 28.85 -17.13 -19.51
N SER H 105 28.31 -16.21 -20.30
CA SER H 105 26.88 -16.18 -20.60
C SER H 105 26.53 -16.97 -21.87
N ALA H 106 27.51 -17.64 -22.48
CA ALA H 106 27.28 -18.37 -23.72
C ALA H 106 26.48 -19.64 -23.52
N GLY H 107 26.26 -20.07 -22.29
CA GLY H 107 25.44 -21.24 -22.01
C GLY H 107 26.16 -22.56 -22.07
N TYR H 108 27.44 -22.57 -22.47
CA TYR H 108 28.24 -23.78 -22.55
C TYR H 108 29.66 -23.45 -22.11
N PRO H 109 30.34 -24.39 -21.43
CA PRO H 109 29.88 -25.71 -21.00
C PRO H 109 29.16 -25.69 -19.66
N PHE H 110 28.94 -26.86 -19.07
CA PHE H 110 28.22 -27.00 -17.80
C PHE H 110 29.22 -27.14 -16.67
N ASP H 111 28.81 -26.70 -15.48
CA ASP H 111 29.68 -26.79 -14.31
C ASP H 111 29.04 -27.53 -13.15
N ILE H 112 27.73 -27.46 -12.99
CA ILE H 112 27.04 -28.06 -11.85
C ILE H 112 26.18 -29.19 -12.36
N TRP H 113 26.43 -30.40 -11.84
CA TRP H 113 25.82 -31.62 -12.33
C TRP H 113 25.10 -32.31 -11.18
N GLY H 114 24.18 -33.20 -11.54
CA GLY H 114 23.38 -33.92 -10.56
C GLY H 114 24.15 -35.08 -9.95
N GLN H 115 23.47 -35.77 -9.03
CA GLN H 115 24.08 -36.91 -8.35
C GLN H 115 24.15 -38.15 -9.22
N GLY H 116 23.39 -38.20 -10.31
CA GLY H 116 23.44 -39.34 -11.20
C GLY H 116 22.26 -40.28 -11.06
N THR H 117 21.76 -40.79 -12.19
CA THR H 117 20.65 -41.73 -12.21
C THR H 117 20.94 -42.75 -13.30
N MET H 118 21.44 -43.91 -12.90
CA MET H 118 21.76 -44.98 -13.85
C MET H 118 20.47 -45.67 -14.28
N VAL H 119 20.14 -45.57 -15.56
CA VAL H 119 18.95 -46.17 -16.13
C VAL H 119 19.37 -47.25 -17.11
N THR H 120 18.99 -48.49 -16.82
CA THR H 120 19.29 -49.63 -17.68
C THR H 120 17.99 -50.28 -18.11
N VAL H 121 17.78 -50.38 -19.41
CA VAL H 121 16.56 -50.98 -19.95
C VAL H 121 16.88 -52.27 -20.70
N ALA I 3 31.87 -35.18 -34.61
CA ALA I 3 33.20 -35.27 -35.18
C ALA I 3 34.26 -34.73 -34.22
N LEU I 4 34.07 -35.02 -32.94
CA LEU I 4 34.99 -34.59 -31.90
C LEU I 4 35.70 -35.83 -31.34
N THR I 5 36.98 -35.98 -31.65
CA THR I 5 37.74 -37.16 -31.32
C THR I 5 38.89 -36.83 -30.38
N GLN I 6 39.23 -37.79 -29.52
CA GLN I 6 40.35 -37.67 -28.60
C GLN I 6 40.88 -39.07 -28.34
N PRO I 7 42.17 -39.20 -27.96
CA PRO I 7 42.71 -40.54 -27.68
C PRO I 7 42.15 -41.17 -26.41
N ARG I 8 42.39 -42.47 -26.24
CA ARG I 8 41.83 -43.24 -25.14
C ARG I 8 42.72 -43.27 -23.91
N SER I 9 44.04 -43.40 -24.09
CA SER I 9 44.95 -43.50 -22.96
C SER I 9 46.30 -42.95 -23.36
N VAL I 10 46.82 -42.01 -22.56
CA VAL I 10 48.16 -41.45 -22.75
C VAL I 10 48.96 -41.69 -21.48
N SER I 11 50.26 -41.95 -21.65
CA SER I 11 51.10 -42.33 -20.53
C SER I 11 51.42 -41.11 -19.65
N GLY I 12 51.89 -41.40 -18.44
CA GLY I 12 52.26 -40.35 -17.50
C GLY I 12 52.94 -40.93 -16.28
N SER I 13 53.49 -40.02 -15.48
CA SER I 13 54.17 -40.38 -14.23
C SER I 13 54.12 -39.17 -13.31
N PRO I 14 54.14 -39.38 -11.99
CA PRO I 14 54.12 -38.22 -11.07
C PRO I 14 55.35 -37.35 -11.24
N GLY I 15 55.10 -36.09 -11.61
CA GLY I 15 56.15 -35.16 -11.99
C GLY I 15 56.26 -34.95 -13.48
N GLN I 16 55.64 -35.80 -14.29
CA GLN I 16 55.65 -35.68 -15.74
C GLN I 16 54.24 -35.35 -16.22
N SER I 17 54.15 -34.41 -17.16
CA SER I 17 52.87 -33.88 -17.59
C SER I 17 52.11 -34.84 -18.49
N VAL I 18 50.81 -34.94 -18.26
CA VAL I 18 49.89 -35.69 -19.12
C VAL I 18 49.18 -34.69 -20.03
N ASN I 19 49.16 -34.98 -21.32
CA ASN I 19 48.91 -33.97 -22.34
C ASN I 19 48.06 -34.60 -23.45
N ILE I 20 46.86 -34.05 -23.64
CA ILE I 20 45.78 -34.69 -24.41
C ILE I 20 45.45 -33.81 -25.59
N SER I 21 45.31 -34.41 -26.77
CA SER I 21 44.81 -33.73 -27.95
C SER I 21 43.31 -33.95 -28.11
N CYS I 22 42.62 -32.97 -28.70
CA CYS I 22 41.20 -33.11 -29.00
C CYS I 22 40.90 -32.22 -30.20
N THR I 23 40.70 -32.83 -31.36
CA THR I 23 40.43 -32.09 -32.59
C THR I 23 38.94 -32.05 -32.88
N GLY I 24 38.56 -31.15 -33.79
CA GLY I 24 37.18 -31.00 -34.18
C GLY I 24 36.79 -29.55 -34.40
N ALA I 25 35.56 -29.32 -34.86
CA ALA I 25 35.07 -27.96 -35.07
C ALA I 25 34.71 -27.34 -33.73
N TYR I 26 35.28 -26.15 -33.46
CA TYR I 26 35.12 -25.43 -32.19
C TYR I 26 35.51 -26.29 -31.00
N SER I 27 36.62 -27.02 -31.16
CA SER I 27 36.97 -28.09 -30.23
C SER I 27 37.44 -27.55 -28.89
N GLY I 28 37.15 -28.31 -27.85
CA GLY I 28 37.65 -28.02 -26.51
C GLY I 28 37.12 -26.76 -25.88
N LEU I 29 35.82 -26.50 -25.98
CA LEU I 29 35.23 -25.41 -25.21
C LEU I 29 35.28 -25.69 -23.71
N GLY I 30 35.03 -26.93 -23.33
CA GLY I 30 35.11 -27.31 -21.93
C GLY I 30 35.68 -28.71 -21.79
N TRP I 31 36.36 -28.93 -20.67
CA TRP I 31 36.95 -30.22 -20.33
C TRP I 31 36.39 -30.67 -18.98
N TYR I 32 36.04 -31.95 -18.90
CA TYR I 32 35.44 -32.52 -17.69
C TYR I 32 36.34 -33.60 -17.11
N GLN I 33 36.48 -33.59 -15.79
CA GLN I 33 37.17 -34.65 -15.07
C GLN I 33 36.13 -35.49 -14.34
N GLN I 34 35.82 -36.66 -14.90
CA GLN I 34 34.82 -37.56 -14.32
C GLN I 34 35.53 -38.49 -13.34
N HIS I 35 35.35 -38.22 -12.05
CA HIS I 35 35.80 -39.16 -11.03
C HIS I 35 34.98 -40.44 -11.14
N PRO I 36 35.59 -41.61 -10.98
CA PRO I 36 34.85 -42.87 -11.15
C PRO I 36 33.85 -43.12 -10.04
N GLY I 37 32.57 -42.95 -10.36
CA GLY I 37 31.51 -43.17 -9.39
C GLY I 37 30.48 -42.06 -9.37
N ARG I 38 30.89 -40.83 -9.64
CA ARG I 38 30.02 -39.67 -9.56
C ARG I 38 30.05 -38.90 -10.88
N ALA I 39 29.38 -37.75 -10.88
CA ALA I 39 29.24 -36.94 -12.07
C ALA I 39 30.55 -36.22 -12.40
N PRO I 40 30.76 -35.86 -13.66
CA PRO I 40 31.96 -35.08 -14.02
C PRO I 40 31.95 -33.69 -13.41
N LYS I 41 33.12 -33.05 -13.48
CA LYS I 41 33.31 -31.72 -12.92
C LYS I 41 34.07 -30.88 -13.93
N LEU I 42 33.65 -29.62 -14.08
CA LEU I 42 34.34 -28.72 -15.00
C LEU I 42 35.70 -28.31 -14.42
N ILE I 43 36.74 -28.44 -15.24
CA ILE I 43 38.09 -28.08 -14.83
C ILE I 43 38.60 -26.86 -15.59
N ILE I 44 38.22 -26.70 -16.86
CA ILE I 44 38.48 -25.50 -17.64
C ILE I 44 37.29 -25.27 -18.58
N TYR I 45 37.01 -24.00 -18.84
CA TYR I 45 35.99 -23.59 -19.79
C TYR I 45 36.61 -22.53 -20.69
N GLU I 46 36.09 -22.42 -21.91
CA GLU I 46 36.59 -21.51 -22.94
C GLU I 46 38.09 -21.75 -23.17
N VAL I 47 38.41 -23.01 -23.46
CA VAL I 47 39.71 -23.64 -23.71
C VAL I 47 40.80 -23.33 -22.67
N ASN I 48 40.83 -22.12 -22.10
CA ASN I 48 41.91 -21.75 -21.20
C ASN I 48 41.49 -21.20 -19.84
N ARG I 49 40.29 -20.65 -19.70
CA ARG I 49 39.91 -20.01 -18.45
C ARG I 49 39.60 -21.08 -17.38
N ARG I 50 39.81 -20.71 -16.12
CA ARG I 50 39.73 -21.63 -15.00
C ARG I 50 38.54 -21.31 -14.11
N PRO I 51 37.60 -22.23 -13.91
CA PRO I 51 36.53 -21.99 -12.94
C PRO I 51 37.02 -22.15 -11.51
N SER I 52 36.24 -21.59 -10.59
CA SER I 52 36.55 -21.68 -9.17
C SER I 52 36.34 -23.11 -8.65
N GLY I 53 37.10 -23.48 -7.63
CA GLY I 53 36.98 -24.78 -7.02
C GLY I 53 37.92 -25.84 -7.54
N VAL I 54 38.88 -25.47 -8.38
CA VAL I 54 39.85 -26.42 -8.94
C VAL I 54 41.24 -25.86 -8.73
N SER I 55 42.23 -26.76 -8.69
CA SER I 55 43.60 -26.38 -8.36
C SER I 55 44.23 -25.57 -9.50
N ASP I 56 45.35 -24.92 -9.16
CA ASP I 56 46.06 -24.08 -10.12
C ASP I 56 46.79 -24.89 -11.19
N ARG I 57 47.13 -26.15 -10.89
CA ARG I 57 47.87 -26.99 -11.84
C ARG I 57 47.02 -27.40 -13.04
N PHE I 58 45.70 -27.26 -12.97
CA PHE I 58 44.82 -27.56 -14.09
C PHE I 58 44.78 -26.38 -15.04
N SER I 59 45.22 -26.59 -16.27
CA SER I 59 45.26 -25.52 -17.26
C SER I 59 45.18 -26.13 -18.65
N GLY I 60 44.85 -25.29 -19.64
CA GLY I 60 44.74 -25.74 -21.00
C GLY I 60 45.32 -24.72 -21.96
N SER I 61 45.68 -25.20 -23.15
CA SER I 61 46.25 -24.37 -24.19
C SER I 61 45.44 -24.54 -25.46
N LYS I 62 45.39 -23.49 -26.28
CA LYS I 62 44.59 -23.47 -27.49
C LYS I 62 45.48 -23.56 -28.73
N SER I 63 44.88 -24.04 -29.81
CA SER I 63 45.53 -24.13 -31.11
C SER I 63 44.49 -23.79 -32.18
N GLY I 64 44.82 -24.08 -33.43
CA GLY I 64 43.89 -23.80 -34.52
C GLY I 64 42.64 -24.65 -34.45
N ASN I 65 42.80 -25.96 -34.29
CA ASN I 65 41.66 -26.86 -34.21
C ASN I 65 41.80 -27.95 -33.15
N THR I 66 42.92 -28.02 -32.44
CA THR I 66 43.17 -29.08 -31.47
C THR I 66 43.27 -28.46 -30.09
N ALA I 67 42.52 -29.02 -29.14
CA ALA I 67 42.56 -28.57 -27.75
C ALA I 67 43.59 -29.38 -26.99
N SER I 68 44.56 -28.70 -26.39
CA SER I 68 45.64 -29.35 -25.65
C SER I 68 45.46 -29.06 -24.17
N LEU I 69 45.00 -30.07 -23.43
CA LEU I 69 44.88 -29.97 -21.97
C LEU I 69 46.16 -30.49 -21.35
N THR I 70 46.85 -29.63 -20.61
CA THR I 70 48.13 -29.97 -19.99
C THR I 70 48.01 -29.85 -18.48
N ILE I 71 48.19 -30.96 -17.78
CA ILE I 71 48.22 -31.01 -16.33
C ILE I 71 49.63 -31.30 -15.88
N SER I 72 50.15 -30.46 -14.98
CA SER I 72 51.51 -30.60 -14.47
C SER I 72 51.47 -30.97 -12.99
N GLY I 73 52.40 -31.82 -12.58
CA GLY I 73 52.45 -32.27 -11.21
C GLY I 73 51.30 -33.19 -10.86
N LEU I 74 51.33 -34.40 -11.42
CA LEU I 74 50.26 -35.37 -11.18
C LEU I 74 50.30 -35.88 -9.75
N ARG I 75 49.15 -36.36 -9.29
CA ARG I 75 49.03 -37.03 -8.01
C ARG I 75 48.27 -38.34 -8.23
N THR I 76 48.25 -39.17 -7.18
CA THR I 76 47.52 -40.44 -7.28
C THR I 76 46.02 -40.26 -7.24
N GLU I 77 45.53 -39.14 -6.72
CA GLU I 77 44.09 -38.91 -6.61
C GLU I 77 43.49 -38.32 -7.87
N ASP I 78 44.30 -38.00 -8.88
CA ASP I 78 43.81 -37.40 -10.11
C ASP I 78 43.41 -38.43 -11.16
N GLU I 79 43.50 -39.72 -10.84
CA GLU I 79 43.16 -40.79 -11.79
C GLU I 79 41.67 -40.76 -12.07
N ALA I 80 41.30 -40.33 -13.28
CA ALA I 80 39.91 -40.13 -13.66
C ALA I 80 39.80 -40.17 -15.17
N ASP I 81 38.56 -40.09 -15.66
CA ASP I 81 38.30 -40.05 -17.09
C ASP I 81 38.08 -38.61 -17.55
N TYR I 82 38.73 -38.23 -18.63
CA TYR I 82 38.73 -36.85 -19.12
C TYR I 82 37.96 -36.78 -20.43
N PHE I 83 36.98 -35.87 -20.49
CA PHE I 83 36.12 -35.70 -21.65
C PHE I 83 36.30 -34.31 -22.23
N CYS I 84 36.50 -34.24 -23.54
CA CYS I 84 36.60 -32.97 -24.25
C CYS I 84 35.26 -32.67 -24.90
N SER I 85 34.75 -31.46 -24.67
CA SER I 85 33.41 -31.10 -25.10
C SER I 85 33.45 -29.86 -25.99
N ALA I 86 32.52 -29.81 -26.94
CA ALA I 86 32.38 -28.69 -27.86
C ALA I 86 30.89 -28.42 -28.04
N PHE I 87 30.38 -27.38 -27.36
CA PHE I 87 28.96 -27.04 -27.31
C PHE I 87 28.13 -28.23 -26.84
N GLU I 88 27.32 -28.77 -27.74
CA GLU I 88 26.53 -29.96 -27.44
C GLU I 88 27.27 -31.26 -27.74
N TYR I 89 28.34 -31.21 -28.50
CA TYR I 89 29.09 -32.42 -28.83
C TYR I 89 30.00 -32.82 -27.68
N PHE I 90 30.58 -34.01 -27.79
CA PHE I 90 31.48 -34.54 -26.78
C PHE I 90 32.55 -35.39 -27.43
N GLY I 91 33.67 -35.55 -26.70
CA GLY I 91 34.75 -36.39 -27.17
C GLY I 91 34.59 -37.84 -26.73
N GLU I 92 35.55 -38.66 -27.16
CA GLU I 92 35.48 -40.09 -26.89
C GLU I 92 35.76 -40.39 -25.42
N GLY I 93 36.79 -39.76 -24.86
CA GLY I 93 37.15 -40.00 -23.47
C GLY I 93 38.58 -40.52 -23.36
N THR I 94 39.32 -39.94 -22.42
CA THR I 94 40.73 -40.29 -22.20
C THR I 94 40.92 -40.69 -20.75
N LYS I 95 41.45 -41.89 -20.54
CA LYS I 95 41.70 -42.41 -19.20
C LYS I 95 43.14 -42.09 -18.78
N LEU I 96 43.29 -41.60 -17.55
CA LEU I 96 44.60 -41.24 -17.04
C LEU I 96 45.44 -42.48 -16.78
N THR I 97 46.75 -42.34 -16.98
CA THR I 97 47.70 -43.41 -16.71
C THR I 97 48.84 -42.83 -15.87
N VAL I 98 48.91 -43.26 -14.61
CA VAL I 98 49.95 -42.82 -13.68
C VAL I 98 50.68 -44.06 -13.18
N LEU I 99 52.00 -44.05 -13.33
CA LEU I 99 52.82 -45.18 -12.92
C LEU I 99 53.35 -44.98 -11.50
N ASP J 38 57.40 25.70 -23.01
CA ASP J 38 57.51 24.29 -22.52
C ASP J 38 56.15 23.60 -22.64
N LEU J 39 56.06 22.34 -22.20
CA LEU J 39 54.76 21.63 -22.24
C LEU J 39 54.17 21.62 -20.82
N TRP J 40 53.14 22.44 -20.59
CA TRP J 40 52.45 22.44 -19.27
C TRP J 40 51.03 21.91 -19.50
N VAL J 41 50.38 21.33 -18.49
CA VAL J 41 49.06 20.79 -18.76
C VAL J 41 48.14 21.93 -19.18
N THR J 42 47.03 21.56 -19.81
CA THR J 42 45.99 22.53 -20.14
C THR J 42 44.68 21.74 -20.16
N VAL J 43 43.86 21.93 -19.14
CA VAL J 43 42.61 21.18 -19.02
C VAL J 43 41.54 21.86 -19.86
N TYR J 44 40.76 21.06 -20.57
CA TYR J 44 39.68 21.54 -21.41
C TYR J 44 38.37 21.01 -20.86
N TYR J 45 37.39 21.89 -20.68
CA TYR J 45 36.08 21.50 -20.18
C TYR J 45 35.13 21.40 -21.37
N GLY J 46 34.61 20.19 -21.60
CA GLY J 46 33.72 19.95 -22.71
C GLY J 46 34.33 19.17 -23.83
N VAL J 47 35.31 18.32 -23.52
CA VAL J 47 35.96 17.50 -24.54
C VAL J 47 34.99 16.41 -25.00
N PRO J 48 35.02 16.03 -26.27
CA PRO J 48 34.13 14.96 -26.75
C PRO J 48 34.73 13.56 -26.56
N VAL J 49 34.81 13.13 -25.30
CA VAL J 49 35.26 11.79 -24.96
C VAL J 49 34.22 11.17 -24.04
N TRP J 50 33.99 9.86 -24.20
CA TRP J 50 32.99 9.16 -23.44
C TRP J 50 33.56 7.87 -22.89
N LYS J 51 32.85 7.29 -21.92
CA LYS J 51 33.20 6.01 -21.34
C LYS J 51 31.99 5.11 -21.32
N GLU J 52 32.22 3.80 -21.46
CA GLU J 52 31.14 2.83 -21.39
C GLU J 52 30.66 2.71 -19.96
N ALA J 53 29.50 3.30 -19.66
CA ALA J 53 28.93 3.24 -18.34
C ALA J 53 27.42 3.25 -18.46
N LYS J 54 26.76 2.66 -17.48
CA LYS J 54 25.31 2.51 -17.49
C LYS J 54 24.67 3.45 -16.50
N THR J 55 23.49 3.96 -16.85
CA THR J 55 22.71 4.84 -16.01
C THR J 55 21.24 4.49 -16.19
N THR J 56 20.38 5.19 -15.46
CA THR J 56 18.95 4.99 -15.55
C THR J 56 18.35 5.92 -16.61
N LEU J 57 17.47 5.38 -17.44
CA LEU J 57 16.89 6.07 -18.58
C LEU J 57 15.71 6.92 -18.12
N PHE J 58 14.88 7.35 -19.07
CA PHE J 58 13.70 8.14 -18.75
C PHE J 58 12.70 8.05 -19.90
N CYS J 59 11.45 7.75 -19.56
CA CYS J 59 10.36 7.77 -20.52
C CYS J 59 10.13 9.18 -21.04
N ALA J 60 9.85 9.29 -22.34
CA ALA J 60 9.41 10.55 -22.92
C ALA J 60 8.52 10.20 -24.12
N SER J 61 7.21 10.18 -23.89
CA SER J 61 6.28 9.86 -24.95
C SER J 61 6.09 11.04 -25.89
N ASP J 62 5.40 10.81 -26.99
CA ASP J 62 5.12 11.86 -27.96
C ASP J 62 4.11 12.85 -27.39
N ALA J 63 4.03 14.02 -28.03
CA ALA J 63 3.09 15.05 -27.59
C ALA J 63 1.67 14.66 -27.97
N LYS J 64 1.12 13.67 -27.27
CA LYS J 64 -0.16 13.07 -27.60
C LYS J 64 -1.00 12.90 -26.33
N ALA J 65 -1.13 13.98 -25.55
CA ALA J 65 -1.92 13.95 -24.33
C ALA J 65 -3.40 14.18 -24.66
N TYR J 66 -3.98 13.17 -25.32
CA TYR J 66 -5.38 13.17 -25.70
C TYR J 66 -6.22 12.23 -24.84
N ASP J 67 -5.79 12.02 -23.59
CA ASP J 67 -6.19 10.91 -22.73
C ASP J 67 -7.70 10.75 -22.56
N LYS J 68 -8.35 11.75 -21.95
CA LYS J 68 -9.79 11.83 -21.69
C LYS J 68 -10.31 10.76 -20.72
N GLU J 69 -9.44 9.83 -20.33
CA GLU J 69 -9.69 8.74 -19.41
C GLU J 69 -8.35 8.30 -18.86
N VAL J 70 -8.38 7.60 -17.72
CA VAL J 70 -7.14 7.05 -17.16
C VAL J 70 -6.73 5.86 -18.03
N ARG J 71 -5.72 6.05 -18.86
CA ARG J 71 -5.34 5.05 -19.85
C ARG J 71 -3.82 4.98 -19.93
N ASN J 72 -3.33 4.25 -20.94
CA ASN J 72 -1.91 4.21 -21.32
C ASN J 72 -1.03 3.70 -20.18
N VAL J 73 -1.20 2.41 -19.88
CA VAL J 73 -0.47 1.76 -18.79
C VAL J 73 1.04 1.77 -18.97
N TRP J 74 1.55 2.09 -20.16
CA TRP J 74 2.99 2.28 -20.34
C TRP J 74 3.39 3.70 -19.99
N ALA J 75 2.67 4.69 -20.53
CA ALA J 75 2.99 6.08 -20.23
C ALA J 75 2.58 6.46 -18.81
N THR J 76 1.42 5.98 -18.36
CA THR J 76 0.78 6.29 -17.08
C THR J 76 0.65 7.81 -16.92
N HIS J 77 0.77 8.30 -15.69
CA HIS J 77 0.42 9.68 -15.39
C HIS J 77 1.62 10.62 -15.49
N ALA J 78 2.84 10.11 -15.48
CA ALA J 78 4.02 10.97 -15.35
C ALA J 78 5.12 10.57 -16.32
N CYS J 79 4.79 10.35 -17.59
CA CYS J 79 5.79 10.28 -18.65
C CYS J 79 5.69 11.56 -19.48
N VAL J 80 6.78 12.30 -19.55
CA VAL J 80 6.78 13.66 -20.08
C VAL J 80 6.67 13.66 -21.60
N PRO J 81 6.22 14.75 -22.22
CA PRO J 81 6.32 14.86 -23.68
C PRO J 81 7.77 14.93 -24.14
N THR J 82 8.01 14.45 -25.35
CA THR J 82 9.34 14.41 -25.91
C THR J 82 9.64 15.70 -26.68
N ASP J 83 10.83 15.76 -27.27
CA ASP J 83 11.22 16.90 -28.08
C ASP J 83 10.47 16.85 -29.41
N PRO J 84 9.75 17.92 -29.79
CA PRO J 84 9.14 17.94 -31.13
C PRO J 84 10.15 17.88 -32.26
N ASN J 85 11.36 18.42 -32.06
CA ASN J 85 12.44 18.36 -33.03
C ASN J 85 13.60 17.60 -32.41
N PRO J 86 13.70 16.30 -32.63
CA PRO J 86 14.83 15.53 -32.08
C PRO J 86 16.14 15.91 -32.75
N GLN J 87 17.15 16.20 -31.93
CA GLN J 87 18.45 16.65 -32.43
C GLN J 87 19.32 15.44 -32.72
N GLU J 88 19.08 14.82 -33.87
CA GLU J 88 19.91 13.73 -34.33
C GLU J 88 21.22 14.28 -34.89
N ILE J 89 22.33 13.78 -34.38
CA ILE J 89 23.66 14.34 -34.67
C ILE J 89 24.54 13.22 -35.19
N VAL J 90 24.95 13.33 -36.45
CA VAL J 90 25.75 12.30 -37.09
C VAL J 90 27.23 12.62 -36.89
N LEU J 91 28.02 11.58 -36.62
CA LEU J 91 29.46 11.73 -36.40
C LEU J 91 30.23 11.07 -37.54
N GLU J 92 31.51 11.40 -37.61
CA GLU J 92 32.40 10.84 -38.63
C GLU J 92 33.76 10.56 -38.03
N ASN J 93 34.55 9.79 -38.77
CA ASN J 93 35.91 9.37 -38.39
C ASN J 93 35.92 8.58 -37.08
N VAL J 94 34.80 7.94 -36.74
CA VAL J 94 34.71 7.23 -35.47
C VAL J 94 34.03 5.87 -35.65
N THR J 95 34.63 4.84 -35.07
CA THR J 95 34.11 3.47 -35.13
C THR J 95 34.09 2.92 -33.70
N GLU J 96 32.90 2.85 -33.11
CA GLU J 96 32.73 2.38 -31.75
C GLU J 96 32.07 0.99 -31.75
N ASN J 97 32.59 0.10 -30.92
CA ASN J 97 32.08 -1.25 -30.84
C ASN J 97 30.76 -1.30 -30.07
N PHE J 98 29.89 -2.20 -30.49
CA PHE J 98 28.58 -2.39 -29.89
C PHE J 98 28.44 -3.81 -29.37
N ASN J 99 27.54 -3.99 -28.41
CA ASN J 99 27.23 -5.31 -27.87
C ASN J 99 25.77 -5.27 -27.41
N MET J 100 24.87 -5.76 -28.26
CA MET J 100 23.44 -5.69 -27.97
C MET J 100 22.96 -6.77 -27.03
N TRP J 101 23.80 -7.74 -26.68
CA TRP J 101 23.46 -8.71 -25.66
C TRP J 101 24.00 -8.35 -24.28
N LYS J 102 25.02 -7.49 -24.22
CA LYS J 102 25.50 -6.93 -22.97
C LYS J 102 24.93 -5.55 -22.70
N ASN J 103 23.95 -5.12 -23.50
CA ASN J 103 23.32 -3.81 -23.32
C ASN J 103 22.48 -3.80 -22.05
N ASP J 104 22.63 -2.74 -21.26
CA ASP J 104 21.88 -2.59 -20.02
C ASP J 104 20.54 -1.89 -20.23
N MET J 105 20.28 -1.35 -21.42
CA MET J 105 18.98 -0.75 -21.70
C MET J 105 17.89 -1.81 -21.73
N VAL J 106 18.18 -2.99 -22.28
CA VAL J 106 17.19 -4.04 -22.36
C VAL J 106 16.92 -4.68 -21.00
N ASP J 107 17.84 -4.56 -20.05
CA ASP J 107 17.55 -4.97 -18.68
C ASP J 107 16.70 -3.93 -17.97
N GLN J 108 16.91 -2.65 -18.28
CA GLN J 108 16.12 -1.59 -17.66
C GLN J 108 14.73 -1.50 -18.27
N MET J 109 14.61 -1.80 -19.57
CA MET J 109 13.28 -1.82 -20.19
C MET J 109 12.43 -2.94 -19.64
N HIS J 110 13.01 -4.14 -19.48
CA HIS J 110 12.24 -5.27 -18.97
C HIS J 110 11.84 -5.08 -17.52
N GLU J 111 12.63 -4.30 -16.76
CA GLU J 111 12.24 -4.01 -15.38
C GLU J 111 11.12 -2.97 -15.32
N ASP J 112 11.08 -2.03 -16.27
CA ASP J 112 10.04 -1.01 -16.24
C ASP J 112 8.70 -1.56 -16.68
N ILE J 113 8.69 -2.39 -17.73
CA ILE J 113 7.44 -2.94 -18.26
C ILE J 113 6.81 -3.89 -17.24
N ILE J 114 7.64 -4.62 -16.50
CA ILE J 114 7.15 -5.39 -15.37
C ILE J 114 6.61 -4.45 -14.28
N SER J 115 7.34 -3.37 -14.00
CA SER J 115 6.92 -2.43 -12.96
C SER J 115 5.64 -1.71 -13.34
N LEU J 116 5.49 -1.33 -14.62
CA LEU J 116 4.25 -0.73 -15.07
C LEU J 116 3.09 -1.71 -15.04
N TRP J 117 3.39 -3.00 -15.26
CA TRP J 117 2.36 -4.03 -15.20
C TRP J 117 1.81 -4.20 -13.79
N ASP J 118 2.69 -4.15 -12.79
CA ASP J 118 2.24 -4.26 -11.41
C ASP J 118 1.62 -2.97 -10.89
N GLN J 119 2.13 -1.82 -11.34
CA GLN J 119 1.62 -0.54 -10.86
C GLN J 119 0.21 -0.26 -11.39
N SER J 120 -0.07 -0.63 -12.63
CA SER J 120 -1.39 -0.41 -13.19
C SER J 120 -2.42 -1.35 -12.60
N LEU J 121 -1.99 -2.53 -12.13
CA LEU J 121 -2.89 -3.49 -11.52
C LEU J 121 -3.04 -3.29 -10.02
N LYS J 122 -2.27 -2.36 -9.42
CA LYS J 122 -2.38 -2.13 -7.98
C LYS J 122 -3.75 -1.59 -7.54
N PRO J 123 -4.34 -0.56 -8.17
CA PRO J 123 -5.68 -0.15 -7.74
C PRO J 123 -6.82 -0.92 -8.38
N CYS J 124 -6.52 -1.91 -9.23
CA CYS J 124 -7.57 -2.61 -9.97
C CYS J 124 -8.30 -3.61 -9.07
N VAL J 125 -9.35 -4.19 -9.62
CA VAL J 125 -10.29 -5.01 -8.84
C VAL J 125 -9.69 -6.40 -8.63
N LYS J 126 -9.61 -6.82 -7.38
CA LYS J 126 -9.20 -8.18 -7.04
C LYS J 126 -10.30 -9.18 -7.38
N LEU J 127 -9.90 -10.40 -7.71
CA LEU J 127 -10.83 -11.49 -7.97
C LEU J 127 -10.73 -12.55 -6.88
N THR J 128 -10.56 -12.11 -5.63
CA THR J 128 -10.54 -13.03 -4.50
C THR J 128 -11.85 -13.80 -4.30
N PRO J 129 -13.05 -13.19 -4.31
CA PRO J 129 -14.26 -14.00 -4.09
C PRO J 129 -14.68 -14.86 -5.27
N LEU J 130 -13.97 -14.83 -6.39
CA LEU J 130 -14.33 -15.62 -7.56
C LEU J 130 -13.68 -16.98 -7.59
N CYS J 131 -12.85 -17.32 -6.60
CA CYS J 131 -12.14 -18.59 -6.59
C CYS J 131 -12.96 -19.67 -5.89
N VAL J 132 -14.17 -19.88 -6.36
CA VAL J 132 -15.08 -20.87 -5.79
C VAL J 132 -15.29 -21.99 -6.80
N THR J 133 -16.04 -23.01 -6.39
CA THR J 133 -16.30 -24.16 -7.24
C THR J 133 -17.24 -23.75 -8.36
N LEU J 134 -16.76 -23.83 -9.60
CA LEU J 134 -17.55 -23.45 -10.76
C LEU J 134 -18.43 -24.60 -11.20
N ASN J 135 -19.68 -24.28 -11.56
CA ASN J 135 -20.62 -25.25 -12.12
C ASN J 135 -20.70 -24.98 -13.61
N CYS J 136 -19.88 -25.67 -14.39
CA CYS J 136 -19.66 -25.34 -15.80
C CYS J 136 -20.36 -26.35 -16.70
N LYS J 137 -21.15 -25.84 -17.64
CA LYS J 137 -21.75 -26.63 -18.71
C LYS J 137 -21.35 -26.04 -20.05
N ASN J 138 -21.16 -26.92 -21.03
CA ASN J 138 -20.69 -26.50 -22.35
C ASN J 138 -21.80 -25.78 -23.12
N VAL J 139 -21.42 -25.17 -24.24
CA VAL J 139 -22.36 -24.43 -25.06
C VAL J 139 -22.79 -25.27 -26.26
N ASN J 140 -21.96 -26.24 -26.63
CA ASN J 140 -22.25 -27.08 -27.80
C ASN J 140 -22.11 -28.55 -27.45
N GLY J 157 -16.79 -26.44 -29.66
CA GLY J 157 -16.78 -25.16 -28.99
C GLY J 157 -15.55 -24.97 -28.11
N GLU J 158 -15.40 -23.76 -27.56
CA GLU J 158 -14.29 -23.45 -26.67
C GLU J 158 -14.74 -22.60 -25.49
N ILE J 159 -16.05 -22.59 -25.21
CA ILE J 159 -16.62 -21.76 -24.15
C ILE J 159 -17.54 -22.64 -23.30
N LYS J 160 -17.41 -22.53 -21.98
CA LYS J 160 -18.30 -23.20 -21.03
C LYS J 160 -19.06 -22.12 -20.28
N ASN J 161 -20.37 -22.30 -20.09
CA ASN J 161 -21.05 -21.39 -19.18
C ASN J 161 -20.96 -21.92 -17.76
N CYS J 162 -20.46 -21.08 -16.87
CA CYS J 162 -20.15 -21.47 -15.50
C CYS J 162 -20.96 -20.61 -14.55
N SER J 163 -21.66 -21.24 -13.61
CA SER J 163 -22.45 -20.55 -12.61
C SER J 163 -21.78 -20.71 -11.25
N PHE J 164 -21.51 -19.59 -10.58
CA PHE J 164 -20.75 -19.62 -9.34
C PHE J 164 -21.50 -18.81 -8.29
N ASN J 165 -20.94 -18.81 -7.09
CA ASN J 165 -21.48 -18.13 -5.93
C ASN J 165 -20.53 -17.02 -5.52
N THR J 166 -21.05 -15.79 -5.45
CA THR J 166 -20.29 -14.63 -5.00
C THR J 166 -21.08 -13.92 -3.92
N THR J 167 -20.37 -13.31 -2.99
CA THR J 167 -20.99 -12.38 -2.06
C THR J 167 -21.33 -11.09 -2.80
N THR J 168 -22.42 -10.45 -2.36
CA THR J 168 -22.83 -9.18 -2.91
C THR J 168 -22.07 -8.06 -2.20
N GLU J 169 -22.50 -6.81 -2.39
CA GLU J 169 -21.95 -5.71 -1.60
C GLU J 169 -22.30 -5.89 -0.13
N LEU J 170 -23.48 -6.44 0.15
CA LEU J 170 -23.80 -6.87 1.51
C LEU J 170 -23.01 -8.12 1.85
N ARG J 171 -22.46 -8.15 3.07
CA ARG J 171 -21.54 -9.22 3.45
C ARG J 171 -22.23 -10.54 3.74
N ASP J 172 -23.56 -10.54 3.89
CA ASP J 172 -24.28 -11.76 4.24
C ASP J 172 -25.06 -12.36 3.07
N LYS J 173 -25.55 -11.54 2.14
CA LYS J 173 -26.34 -12.06 1.03
C LYS J 173 -25.46 -12.71 -0.01
N LYS J 174 -25.99 -13.75 -0.65
CA LYS J 174 -25.30 -14.48 -1.71
C LYS J 174 -26.15 -14.51 -2.96
N GLN J 175 -25.51 -14.31 -4.11
CA GLN J 175 -26.16 -14.35 -5.41
C GLN J 175 -25.49 -15.42 -6.28
N LYS J 176 -26.28 -15.97 -7.19
CA LYS J 176 -25.81 -16.97 -8.15
C LYS J 176 -25.95 -16.38 -9.54
N VAL J 177 -24.83 -16.18 -10.22
CA VAL J 177 -24.81 -15.58 -11.55
C VAL J 177 -24.03 -16.48 -12.51
N TYR J 178 -24.24 -16.24 -13.80
CA TYR J 178 -23.63 -17.01 -14.87
C TYR J 178 -22.60 -16.18 -15.62
N ALA J 179 -21.59 -16.85 -16.16
CA ALA J 179 -20.52 -16.19 -16.90
C ALA J 179 -19.87 -17.19 -17.85
N LEU J 180 -19.62 -16.73 -19.07
CA LEU J 180 -18.90 -17.50 -20.08
C LEU J 180 -17.41 -17.47 -19.76
N PHE J 181 -16.82 -18.64 -19.58
CA PHE J 181 -15.38 -18.77 -19.37
C PHE J 181 -14.79 -19.67 -20.44
N TYR J 182 -13.63 -19.28 -20.96
CA TYR J 182 -12.97 -20.06 -21.98
C TYR J 182 -12.41 -21.35 -21.40
N LYS J 183 -12.18 -22.33 -22.28
CA LYS J 183 -11.66 -23.63 -21.85
C LYS J 183 -10.28 -23.58 -21.20
N PRO J 184 -9.24 -22.94 -21.74
CA PRO J 184 -7.95 -22.96 -21.05
C PRO J 184 -7.83 -22.00 -19.88
N ASP J 185 -8.91 -21.33 -19.49
CA ASP J 185 -8.96 -20.53 -18.27
C ASP J 185 -9.46 -21.30 -17.07
N VAL J 186 -9.81 -22.58 -17.26
CA VAL J 186 -10.47 -23.37 -16.22
C VAL J 186 -9.78 -24.72 -16.13
N VAL J 187 -9.34 -25.09 -14.93
CA VAL J 187 -8.76 -26.40 -14.69
C VAL J 187 -9.77 -27.27 -13.96
N PRO J 188 -9.81 -28.57 -14.21
CA PRO J 188 -10.75 -29.44 -13.49
C PRO J 188 -10.38 -29.60 -12.03
N LEU J 189 -11.39 -29.89 -11.22
CA LEU J 189 -11.20 -30.09 -9.79
C LEU J 189 -11.62 -31.50 -9.37
N GLU J 199 -17.97 -28.26 -10.61
CA GLU J 199 -16.87 -29.19 -10.38
C GLU J 199 -15.56 -28.63 -10.91
N TYR J 200 -15.58 -27.35 -11.27
CA TYR J 200 -14.44 -26.67 -11.87
C TYR J 200 -14.03 -25.48 -11.02
N ILE J 201 -12.81 -24.98 -11.27
CA ILE J 201 -12.30 -23.77 -10.64
C ILE J 201 -11.59 -22.94 -11.71
N LEU J 202 -11.13 -21.76 -11.31
CA LEU J 202 -10.28 -20.97 -12.20
C LEU J 202 -8.89 -21.58 -12.29
N ILE J 203 -8.10 -21.11 -13.26
CA ILE J 203 -6.87 -21.81 -13.63
C ILE J 203 -5.81 -21.70 -12.54
N ASN J 204 -5.65 -20.55 -11.90
CA ASN J 204 -4.57 -20.38 -10.93
C ASN J 204 -5.06 -19.64 -9.69
N CYS J 205 -6.24 -20.02 -9.19
CA CYS J 205 -6.67 -19.53 -7.88
C CYS J 205 -5.99 -20.27 -6.74
N ASN J 206 -5.47 -21.47 -7.01
CA ASN J 206 -4.73 -22.24 -6.00
C ASN J 206 -3.23 -22.10 -6.15
N SER J 207 -2.76 -21.09 -6.88
CA SER J 207 -1.36 -20.71 -6.91
C SER J 207 -1.17 -19.29 -6.37
N SER J 208 -1.94 -18.33 -6.89
CA SER J 208 -1.77 -16.93 -6.50
C SER J 208 -3.06 -16.17 -6.77
N THR J 209 -3.08 -14.91 -6.34
CA THR J 209 -4.27 -14.09 -6.51
C THR J 209 -4.41 -13.61 -7.96
N ILE J 210 -5.60 -13.12 -8.27
CA ILE J 210 -5.93 -12.62 -9.61
C ILE J 210 -6.50 -11.22 -9.46
N THR J 211 -5.90 -10.25 -10.16
CA THR J 211 -6.39 -8.87 -10.20
C THR J 211 -6.79 -8.55 -11.63
N GLN J 212 -8.09 -8.38 -11.86
CA GLN J 212 -8.56 -8.16 -13.23
C GLN J 212 -8.09 -6.79 -13.72
N ALA J 213 -7.93 -6.67 -15.03
CA ALA J 213 -7.54 -5.40 -15.61
C ALA J 213 -8.69 -4.39 -15.51
N CYS J 214 -8.35 -3.16 -15.17
CA CYS J 214 -9.36 -2.11 -15.12
C CYS J 214 -9.84 -1.79 -16.53
N PRO J 215 -11.16 -1.78 -16.77
CA PRO J 215 -11.66 -1.53 -18.12
C PRO J 215 -11.40 -0.12 -18.62
N LYS J 216 -11.09 0.83 -17.73
CA LYS J 216 -10.81 2.19 -18.16
C LYS J 216 -9.50 2.26 -18.93
N VAL J 217 -8.45 1.59 -18.44
CA VAL J 217 -7.12 1.69 -19.04
C VAL J 217 -7.07 0.89 -20.35
N SER J 218 -6.03 1.13 -21.14
CA SER J 218 -5.88 0.50 -22.45
C SER J 218 -4.50 -0.12 -22.57
N PHE J 219 -4.43 -1.25 -23.26
CA PHE J 219 -3.17 -1.97 -23.48
C PHE J 219 -2.55 -1.67 -24.84
N ASP J 220 -3.04 -0.67 -25.55
CA ASP J 220 -2.44 -0.30 -26.82
C ASP J 220 -1.07 0.30 -26.59
N PRO J 221 0.00 -0.27 -27.15
CA PRO J 221 1.35 0.24 -26.89
C PRO J 221 1.63 1.50 -27.71
N ILE J 222 1.73 2.62 -27.02
CA ILE J 222 2.09 3.89 -27.66
C ILE J 222 3.60 3.96 -27.75
N PRO J 223 4.17 4.67 -28.74
CA PRO J 223 5.64 4.76 -28.84
C PRO J 223 6.20 5.57 -27.68
N ILE J 224 7.09 4.94 -26.91
CA ILE J 224 7.77 5.59 -25.79
C ILE J 224 9.25 5.67 -26.11
N HIS J 225 9.84 6.82 -25.85
CA HIS J 225 11.26 7.05 -26.09
C HIS J 225 11.99 7.03 -24.75
N TYR J 226 12.93 6.10 -24.61
CA TYR J 226 13.78 6.04 -23.43
C TYR J 226 14.93 7.03 -23.59
N CYS J 227 14.99 8.01 -22.70
CA CYS J 227 15.91 9.13 -22.89
C CYS J 227 16.88 9.24 -21.72
N ALA J 228 18.17 9.22 -22.05
CA ALA J 228 19.22 9.35 -21.05
C ALA J 228 19.22 10.75 -20.44
N PRO J 229 19.55 10.86 -19.15
CA PRO J 229 19.54 12.19 -18.52
C PRO J 229 20.65 13.09 -19.01
N ALA J 230 20.64 14.34 -18.57
CA ALA J 230 21.66 15.29 -18.98
C ALA J 230 23.02 14.90 -18.43
N GLY J 231 24.04 15.01 -19.26
CA GLY J 231 25.36 14.50 -18.94
C GLY J 231 25.67 13.14 -19.54
N TYR J 232 24.67 12.47 -20.10
CA TYR J 232 24.84 11.18 -20.75
C TYR J 232 24.45 11.31 -22.22
N ALA J 233 24.59 10.22 -22.96
CA ALA J 233 24.28 10.22 -24.38
C ALA J 233 23.88 8.81 -24.81
N ILE J 234 23.20 8.74 -25.94
CA ILE J 234 22.78 7.48 -26.56
C ILE J 234 23.39 7.43 -27.95
N LEU J 235 24.15 6.39 -28.23
CA LEU J 235 24.87 6.25 -29.48
C LEU J 235 24.11 5.31 -30.41
N LYS J 236 23.68 5.83 -31.55
CA LYS J 236 22.86 5.08 -32.51
C LYS J 236 23.71 4.68 -33.70
N CYS J 237 23.75 3.39 -33.99
CA CYS J 237 24.51 2.85 -35.11
C CYS J 237 23.68 2.96 -36.39
N ASN J 238 24.30 3.45 -37.46
CA ASN J 238 23.61 3.68 -38.72
C ASN J 238 24.00 2.70 -39.81
N ASN J 239 24.67 1.59 -39.45
CA ASN J 239 25.10 0.63 -40.45
C ASN J 239 23.88 -0.12 -40.99
N LYS J 240 23.75 -0.17 -42.31
CA LYS J 240 22.58 -0.78 -42.93
C LYS J 240 22.55 -2.28 -42.71
N THR J 241 23.69 -2.94 -42.89
CA THR J 241 23.87 -4.35 -42.55
C THR J 241 24.86 -4.43 -41.40
N PHE J 242 24.35 -4.70 -40.20
CA PHE J 242 25.12 -4.55 -38.96
C PHE J 242 25.04 -5.87 -38.20
N ASN J 243 26.07 -6.17 -37.40
CA ASN J 243 26.05 -7.37 -36.55
C ASN J 243 24.83 -7.48 -35.66
N GLY J 244 24.64 -6.51 -34.76
CA GLY J 244 24.34 -6.81 -33.37
C GLY J 244 25.56 -6.50 -32.53
N THR J 245 26.39 -7.50 -32.18
CA THR J 245 27.59 -7.21 -31.40
C THR J 245 28.85 -7.07 -32.27
N GLY J 246 29.46 -5.89 -32.22
CA GLY J 246 30.63 -5.60 -33.04
C GLY J 246 30.73 -4.14 -33.43
N PRO J 247 31.85 -3.77 -34.08
CA PRO J 247 32.08 -2.36 -34.39
C PRO J 247 31.13 -1.83 -35.46
N CYS J 248 30.77 -0.55 -35.30
CA CYS J 248 29.88 0.14 -36.23
C CYS J 248 30.62 1.32 -36.83
N ASN J 249 30.69 1.37 -38.16
CA ASN J 249 31.46 2.41 -38.83
C ASN J 249 30.75 3.76 -38.81
N ASN J 250 29.41 3.75 -38.82
CA ASN J 250 28.61 4.97 -38.84
C ASN J 250 27.76 5.00 -37.58
N VAL J 251 28.24 5.71 -36.55
CA VAL J 251 27.50 5.91 -35.31
C VAL J 251 27.02 7.35 -35.26
N SER J 252 25.90 7.58 -34.58
CA SER J 252 25.33 8.91 -34.42
C SER J 252 24.79 9.04 -33.00
N THR J 253 25.26 10.06 -32.29
CA THR J 253 24.66 10.39 -31.00
C THR J 253 23.32 11.08 -31.24
N VAL J 254 22.35 10.78 -30.38
CA VAL J 254 21.01 11.35 -30.52
C VAL J 254 20.62 11.92 -29.17
N GLN J 255 19.57 12.75 -29.17
CA GLN J 255 18.94 13.12 -27.92
C GLN J 255 18.41 11.89 -27.21
N CYS J 256 17.58 11.10 -27.89
CA CYS J 256 17.14 9.78 -27.43
C CYS J 256 16.47 9.04 -28.58
N THR J 257 15.87 7.90 -28.24
CA THR J 257 15.53 6.85 -29.19
C THR J 257 14.32 7.23 -30.05
N HIS J 258 14.06 6.37 -31.03
CA HIS J 258 12.90 6.50 -31.90
C HIS J 258 11.65 5.94 -31.22
N GLY J 259 10.55 5.90 -31.96
CA GLY J 259 9.32 5.36 -31.43
C GLY J 259 9.36 3.86 -31.23
N ILE J 260 9.35 3.43 -29.96
CA ILE J 260 9.43 2.02 -29.61
C ILE J 260 8.08 1.60 -29.05
N LYS J 261 7.47 0.60 -29.69
CA LYS J 261 6.20 0.05 -29.21
C LYS J 261 6.49 -1.10 -28.27
N PRO J 262 6.16 -1.00 -26.98
CA PRO J 262 6.44 -2.10 -26.04
C PRO J 262 5.39 -3.21 -26.13
N VAL J 263 5.43 -3.93 -27.26
CA VAL J 263 4.51 -5.04 -27.47
C VAL J 263 4.93 -6.24 -26.65
N VAL J 264 3.99 -7.14 -26.42
CA VAL J 264 4.28 -8.47 -25.86
C VAL J 264 3.90 -9.51 -26.90
N SER J 265 4.88 -10.32 -27.30
CA SER J 265 4.67 -11.27 -28.38
C SER J 265 5.73 -12.36 -28.32
N THR J 266 5.31 -13.57 -28.66
CA THR J 266 6.20 -14.72 -28.74
C THR J 266 6.23 -15.24 -30.17
N GLN J 267 7.42 -15.63 -30.63
CA GLN J 267 7.75 -16.26 -31.91
C GLN J 267 7.65 -15.32 -33.09
N LEU J 268 7.08 -14.13 -32.89
CA LEU J 268 6.74 -13.23 -34.00
C LEU J 268 6.82 -11.81 -33.46
N LEU J 269 7.84 -11.05 -33.86
CA LEU J 269 8.01 -9.69 -33.36
C LEU J 269 7.08 -8.76 -34.13
N LEU J 270 6.00 -8.34 -33.46
CA LEU J 270 4.97 -7.48 -34.03
C LEU J 270 5.29 -6.01 -33.78
N ASN J 271 4.83 -5.16 -34.71
CA ASN J 271 4.76 -3.72 -34.54
C ASN J 271 6.08 -3.06 -34.19
N GLY J 272 7.10 -3.23 -35.01
CA GLY J 272 8.39 -2.66 -34.70
C GLY J 272 9.04 -1.91 -35.84
N SER J 273 10.37 -1.85 -35.83
CA SER J 273 11.13 -1.19 -36.88
C SER J 273 11.59 -2.22 -37.91
N LEU J 274 11.60 -1.83 -39.17
CA LEU J 274 12.06 -2.68 -40.25
C LEU J 274 13.52 -2.40 -40.57
N ALA J 275 14.10 -3.27 -41.40
CA ALA J 275 15.43 -3.07 -41.92
C ALA J 275 15.37 -2.33 -43.25
N GLU J 276 16.53 -1.83 -43.70
CA GLU J 276 16.57 -1.01 -44.89
C GLU J 276 17.05 -1.80 -46.11
N GLU J 277 18.23 -2.42 -46.02
CA GLU J 277 18.78 -3.12 -47.17
C GLU J 277 18.20 -4.52 -47.31
N GLU J 278 18.42 -5.38 -46.31
CA GLU J 278 18.00 -6.78 -46.41
C GLU J 278 17.73 -7.30 -45.01
N ILE J 279 17.51 -8.61 -44.93
CA ILE J 279 17.22 -9.26 -43.66
C ILE J 279 18.54 -9.55 -42.93
N ILE J 280 18.62 -9.18 -41.67
CA ILE J 280 19.79 -9.45 -40.84
C ILE J 280 19.44 -10.53 -39.83
N VAL J 281 20.24 -11.59 -39.78
CA VAL J 281 20.07 -12.66 -38.80
C VAL J 281 21.01 -12.38 -37.62
N ARG J 282 20.45 -12.38 -36.41
CA ARG J 282 21.19 -11.93 -35.23
C ARG J 282 21.11 -12.96 -34.11
N SER J 283 22.25 -13.20 -33.47
CA SER J 283 22.32 -13.99 -32.23
C SER J 283 23.62 -13.60 -31.53
N GLU J 284 23.96 -14.34 -30.47
CA GLU J 284 25.24 -14.09 -29.81
C GLU J 284 26.39 -14.58 -30.68
N ASN J 285 26.44 -15.89 -30.95
CA ASN J 285 27.18 -16.37 -32.11
C ASN J 285 26.43 -17.41 -32.93
N LEU J 286 25.11 -17.29 -33.09
CA LEU J 286 24.37 -18.00 -34.15
C LEU J 286 24.46 -19.52 -34.04
N THR J 287 25.67 -20.06 -34.20
CA THR J 287 25.99 -21.48 -34.18
C THR J 287 25.68 -22.14 -32.83
N ASN J 288 25.56 -21.35 -31.77
CA ASN J 288 25.14 -21.92 -30.50
C ASN J 288 23.62 -22.08 -30.47
N ASN J 289 23.18 -23.23 -30.00
CA ASN J 289 21.77 -23.59 -30.01
C ASN J 289 21.00 -23.11 -28.80
N ILE J 290 21.67 -22.48 -27.84
CA ILE J 290 21.03 -22.22 -26.55
C ILE J 290 20.32 -20.87 -26.56
N LYS J 291 20.78 -19.94 -27.39
CA LYS J 291 20.15 -18.62 -27.48
C LYS J 291 19.27 -18.52 -28.71
N THR J 292 18.19 -17.76 -28.58
CA THR J 292 17.27 -17.53 -29.69
C THR J 292 17.92 -16.67 -30.76
N ILE J 293 17.44 -16.84 -31.99
CA ILE J 293 17.95 -16.11 -33.15
C ILE J 293 16.90 -15.08 -33.54
N ILE J 294 17.29 -13.82 -33.63
CA ILE J 294 16.39 -12.72 -33.98
C ILE J 294 16.56 -12.46 -35.46
N VAL J 295 15.59 -12.88 -36.26
CA VAL J 295 15.63 -12.70 -37.71
C VAL J 295 14.86 -11.42 -38.00
N HIS J 296 15.60 -10.32 -38.14
CA HIS J 296 15.00 -9.01 -38.33
C HIS J 296 14.63 -8.83 -39.80
N LEU J 297 13.33 -8.73 -40.07
CA LEU J 297 12.84 -8.71 -41.44
C LEU J 297 13.12 -7.38 -42.13
N ASN J 298 13.16 -7.43 -43.46
CA ASN J 298 13.26 -6.24 -44.29
C ASN J 298 11.87 -5.70 -44.61
N LYS J 299 11.04 -6.52 -45.25
CA LYS J 299 9.66 -6.17 -45.51
C LYS J 299 8.77 -6.68 -44.39
N SER J 300 7.54 -6.19 -44.36
CA SER J 300 6.57 -6.57 -43.35
C SER J 300 5.40 -7.29 -44.00
N VAL J 301 5.11 -8.49 -43.53
CA VAL J 301 3.93 -9.20 -43.99
C VAL J 301 2.69 -8.64 -43.28
N GLU J 302 1.52 -8.93 -43.84
CA GLU J 302 0.28 -8.34 -43.37
C GLU J 302 -0.56 -9.43 -42.71
N ILE J 303 -0.96 -9.20 -41.46
CA ILE J 303 -1.84 -10.09 -40.73
C ILE J 303 -3.12 -9.34 -40.38
N ASN J 304 -4.27 -9.97 -40.59
CA ASN J 304 -5.56 -9.43 -40.18
C ASN J 304 -6.15 -10.38 -39.15
N CYS J 305 -5.84 -10.14 -37.88
CA CYS J 305 -6.33 -10.96 -36.79
C CYS J 305 -7.70 -10.46 -36.34
N THR J 306 -8.55 -11.39 -35.93
CA THR J 306 -9.91 -11.05 -35.55
C THR J 306 -10.43 -12.05 -34.53
N ARG J 307 -11.50 -11.64 -33.85
CA ARG J 307 -12.22 -12.48 -32.91
C ARG J 307 -13.67 -12.45 -33.37
N PRO J 308 -13.99 -13.14 -34.47
CA PRO J 308 -15.23 -12.89 -35.21
C PRO J 308 -16.47 -13.55 -34.59
N ASN J 309 -16.67 -13.34 -33.30
CA ASN J 309 -17.92 -13.73 -32.66
C ASN J 309 -18.33 -12.63 -31.69
N ASN J 310 -19.63 -12.38 -31.61
CA ASN J 310 -20.16 -11.28 -30.81
C ASN J 310 -20.26 -11.69 -29.35
N ASN J 311 -19.49 -11.03 -28.50
CA ASN J 311 -19.50 -11.27 -27.07
C ASN J 311 -20.05 -10.05 -26.32
N THR J 312 -20.95 -10.30 -25.38
CA THR J 312 -21.55 -9.26 -24.56
C THR J 312 -20.85 -9.23 -23.20
N ARG J 313 -20.62 -8.04 -22.68
CA ARG J 313 -19.94 -7.86 -21.40
C ARG J 313 -20.99 -7.82 -20.29
N LYS J 314 -20.84 -8.71 -19.31
CA LYS J 314 -21.77 -8.82 -18.19
C LYS J 314 -21.09 -8.33 -16.92
N SER J 315 -21.75 -7.42 -16.22
CA SER J 315 -21.21 -6.87 -14.98
C SER J 315 -21.77 -7.65 -13.79
N VAL J 316 -20.88 -8.23 -12.99
CA VAL J 316 -21.24 -9.07 -11.85
C VAL J 316 -20.85 -8.33 -10.58
N ARG J 317 -21.81 -8.17 -9.67
CA ARG J 317 -21.58 -7.48 -8.41
C ARG J 317 -20.84 -8.40 -7.46
N ILE J 318 -19.61 -8.03 -7.09
CA ILE J 318 -18.81 -8.84 -6.15
C ILE J 318 -18.36 -8.06 -4.93
N GLY J 319 -18.54 -6.75 -4.91
CA GLY J 319 -18.14 -5.96 -3.76
C GLY J 319 -18.43 -4.49 -3.92
N PRO J 320 -18.14 -3.70 -2.88
CA PRO J 320 -18.36 -2.25 -2.97
C PRO J 320 -17.34 -1.58 -3.87
N GLY J 321 -17.76 -1.18 -5.07
CA GLY J 321 -16.88 -0.62 -6.07
C GLY J 321 -16.18 -1.64 -6.93
N GLN J 322 -15.97 -2.85 -6.40
CA GLN J 322 -15.34 -3.93 -7.15
C GLN J 322 -16.39 -4.57 -8.05
N TRP J 323 -16.28 -4.32 -9.36
CA TRP J 323 -17.22 -4.84 -10.34
C TRP J 323 -16.49 -5.83 -11.23
N PHE J 324 -17.04 -7.04 -11.35
CA PHE J 324 -16.41 -8.13 -12.09
C PHE J 324 -17.06 -8.22 -13.46
N TYR J 325 -16.35 -7.78 -14.50
CA TYR J 325 -16.87 -7.77 -15.86
C TYR J 325 -16.51 -9.09 -16.53
N ALA J 326 -17.51 -9.95 -16.68
CA ALA J 326 -17.33 -11.23 -17.34
C ALA J 326 -18.03 -11.22 -18.70
N THR J 327 -17.97 -12.35 -19.39
CA THR J 327 -18.59 -12.47 -20.71
C THR J 327 -20.03 -12.93 -20.56
N GLY J 328 -20.96 -12.11 -21.05
CA GLY J 328 -22.37 -12.43 -20.97
C GLY J 328 -22.79 -13.42 -22.03
N GLU J 329 -24.07 -13.36 -22.40
CA GLU J 329 -24.61 -14.29 -23.39
C GLU J 329 -23.97 -14.05 -24.75
N ILE J 330 -23.51 -15.12 -25.39
CA ILE J 330 -22.94 -15.02 -26.72
C ILE J 330 -24.07 -15.04 -27.75
N ILE J 331 -24.01 -14.14 -28.72
CA ILE J 331 -25.01 -14.03 -29.77
C ILE J 331 -24.30 -14.11 -31.11
N GLY J 332 -25.05 -14.49 -32.15
CA GLY J 332 -24.46 -14.68 -33.45
C GLY J 332 -23.94 -16.10 -33.65
N ASP J 333 -22.83 -16.23 -34.35
CA ASP J 333 -22.27 -17.53 -34.70
C ASP J 333 -21.09 -17.85 -33.79
N ILE J 334 -21.03 -19.11 -33.34
CA ILE J 334 -19.88 -19.58 -32.58
C ILE J 334 -18.74 -19.79 -33.57
N ARG J 335 -17.83 -18.83 -33.64
CA ARG J 335 -16.78 -18.85 -34.65
C ARG J 335 -15.42 -18.72 -33.99
N GLU J 336 -14.44 -19.40 -34.57
CA GLU J 336 -13.08 -19.42 -34.05
C GLU J 336 -12.35 -18.13 -34.41
N ALA J 337 -11.44 -17.72 -33.54
CA ALA J 337 -10.61 -16.55 -33.82
C ALA J 337 -9.46 -16.96 -34.75
N HIS J 338 -9.29 -16.21 -35.84
CA HIS J 338 -8.32 -16.59 -36.85
C HIS J 338 -7.54 -15.37 -37.32
N CYS J 339 -6.38 -15.63 -37.93
CA CYS J 339 -5.48 -14.61 -38.45
C CYS J 339 -5.08 -14.96 -39.88
N ASN J 340 -5.06 -13.95 -40.75
CA ASN J 340 -4.72 -14.11 -42.16
C ASN J 340 -3.32 -13.57 -42.41
N ILE J 341 -2.32 -14.43 -42.23
CA ILE J 341 -0.96 -14.03 -42.56
C ILE J 341 -0.66 -14.37 -44.03
N SER J 342 -1.25 -13.56 -44.93
CA SER J 342 -1.23 -13.69 -46.39
C SER J 342 -1.14 -15.12 -46.93
N ARG J 343 -0.62 -15.28 -48.15
CA ARG J 343 0.19 -16.46 -48.43
C ARG J 343 1.37 -16.06 -49.30
N GLU J 344 1.22 -14.98 -50.07
CA GLU J 344 2.20 -14.66 -51.09
C GLU J 344 3.35 -13.86 -50.51
N THR J 345 3.04 -12.90 -49.64
CA THR J 345 4.09 -12.10 -49.00
C THR J 345 4.91 -12.96 -48.05
N TRP J 346 4.28 -13.91 -47.35
CA TRP J 346 5.01 -14.82 -46.48
C TRP J 346 5.83 -15.83 -47.28
N ASN J 347 5.35 -16.19 -48.47
CA ASN J 347 6.06 -17.17 -49.31
C ASN J 347 7.38 -16.59 -49.79
N SER J 348 7.38 -15.32 -50.19
CA SER J 348 8.62 -14.65 -50.53
C SER J 348 9.44 -14.33 -49.30
N THR J 349 8.79 -14.19 -48.14
CA THR J 349 9.50 -13.81 -46.92
C THR J 349 10.41 -14.93 -46.43
N LEU J 350 9.86 -16.14 -46.33
CA LEU J 350 10.67 -17.31 -45.87
C LEU J 350 11.82 -17.52 -46.85
N ILE J 351 11.57 -17.31 -48.15
CA ILE J 351 12.64 -17.44 -49.18
C ILE J 351 13.80 -16.52 -48.82
N GLN J 352 13.51 -15.22 -48.64
CA GLN J 352 14.57 -14.27 -48.31
C GLN J 352 15.18 -14.57 -46.94
N VAL J 353 14.42 -15.19 -46.05
CA VAL J 353 14.99 -15.70 -44.81
C VAL J 353 15.94 -16.86 -45.11
N LYS J 354 15.60 -17.67 -46.11
CA LYS J 354 16.46 -18.83 -46.46
C LYS J 354 17.82 -18.34 -46.96
N GLU J 355 17.84 -17.27 -47.76
CA GLU J 355 19.10 -16.78 -48.32
C GLU J 355 20.06 -16.33 -47.23
N LYS J 356 19.55 -15.61 -46.22
CA LYS J 356 20.40 -15.16 -45.13
C LYS J 356 20.83 -16.30 -44.23
N LEU J 357 19.96 -17.30 -44.03
CA LEU J 357 20.33 -18.45 -43.21
C LEU J 357 21.29 -19.38 -43.94
N ARG J 358 21.23 -19.41 -45.28
CA ARG J 358 22.15 -20.24 -46.04
C ARG J 358 23.54 -19.60 -46.15
N GLU J 359 23.65 -18.30 -45.89
CA GLU J 359 24.95 -17.66 -45.91
C GLU J 359 25.79 -18.08 -44.70
N HIS J 360 25.14 -18.40 -43.59
CA HIS J 360 25.81 -18.80 -42.37
C HIS J 360 25.93 -20.31 -42.24
N TYR J 361 25.52 -21.05 -43.26
CA TYR J 361 25.63 -22.51 -43.29
C TYR J 361 26.08 -22.90 -44.69
N ASN J 362 25.96 -24.19 -45.01
CA ASN J 362 26.36 -24.65 -46.34
C ASN J 362 25.39 -25.66 -46.93
N LYS J 363 24.29 -25.98 -46.27
CA LYS J 363 23.36 -26.99 -46.76
C LYS J 363 21.91 -26.53 -46.62
N THR J 364 20.96 -27.45 -46.78
CA THR J 364 19.51 -27.07 -46.72
C THR J 364 19.14 -26.64 -45.29
N ILE J 365 18.14 -25.77 -45.15
CA ILE J 365 17.67 -25.31 -43.82
C ILE J 365 16.16 -25.55 -43.72
N LYS J 366 15.74 -26.49 -42.87
CA LYS J 366 14.29 -26.84 -42.80
C LYS J 366 13.59 -26.08 -41.68
N PHE J 367 12.30 -26.36 -41.46
CA PHE J 367 11.53 -25.71 -40.37
C PHE J 367 10.60 -26.73 -39.72
N GLU J 368 10.12 -26.44 -38.50
CA GLU J 368 9.26 -27.36 -37.77
C GLU J 368 8.65 -26.57 -36.63
N PRO J 369 7.37 -26.82 -36.30
CA PRO J 369 6.75 -26.06 -35.20
C PRO J 369 7.34 -26.41 -33.84
N SER J 370 6.92 -25.65 -32.83
CA SER J 370 7.52 -25.74 -31.50
C SER J 370 7.22 -27.09 -30.85
N SER J 371 8.25 -27.66 -30.23
CA SER J 371 8.13 -29.01 -29.69
C SER J 371 7.29 -29.03 -28.42
N GLY J 372 7.48 -28.08 -27.52
CA GLY J 372 6.74 -28.09 -26.28
C GLY J 372 6.95 -26.83 -25.47
N GLY J 373 6.54 -26.91 -24.22
CA GLY J 373 6.55 -25.78 -23.31
C GLY J 373 5.14 -25.43 -22.86
N ASP J 374 5.00 -24.26 -22.26
CA ASP J 374 3.69 -23.77 -21.90
C ASP J 374 2.92 -23.34 -23.14
N LEU J 375 1.61 -23.11 -22.95
CA LEU J 375 0.74 -22.74 -24.06
C LEU J 375 1.10 -21.39 -24.66
N GLU J 376 1.77 -20.53 -23.90
CA GLU J 376 2.06 -19.17 -24.31
C GLU J 376 3.33 -19.04 -25.14
N VAL J 377 4.04 -20.15 -25.39
CA VAL J 377 5.22 -20.12 -26.24
C VAL J 377 5.05 -21.07 -27.41
N THR J 378 4.31 -22.17 -27.21
CA THR J 378 4.00 -23.06 -28.31
C THR J 378 3.08 -22.41 -29.34
N THR J 379 2.24 -21.48 -28.91
CA THR J 379 1.42 -20.69 -29.80
C THR J 379 2.06 -19.32 -30.00
N HIS J 380 1.39 -18.48 -30.78
CA HIS J 380 1.82 -17.11 -31.01
C HIS J 380 0.95 -16.18 -30.17
N SER J 381 1.51 -15.68 -29.08
CA SER J 381 0.78 -14.83 -28.16
C SER J 381 0.96 -13.36 -28.52
N PHE J 382 -0.10 -12.59 -28.30
CA PHE J 382 -0.09 -11.13 -28.42
C PHE J 382 -1.38 -10.61 -27.82
N ASN J 383 -1.56 -9.30 -27.86
CA ASN J 383 -2.79 -8.66 -27.42
C ASN J 383 -3.45 -7.98 -28.62
N CYS J 384 -4.75 -8.23 -28.78
CA CYS J 384 -5.52 -7.73 -29.91
C CYS J 384 -6.76 -7.03 -29.36
N ARG J 385 -6.65 -5.71 -29.18
CA ARG J 385 -7.70 -4.86 -28.61
C ARG J 385 -8.13 -5.38 -27.23
N GLY J 386 -7.16 -5.42 -26.31
CA GLY J 386 -7.44 -5.79 -24.95
C GLY J 386 -7.75 -7.26 -24.71
N GLU J 387 -7.65 -8.11 -25.74
CA GLU J 387 -7.86 -9.54 -25.60
C GLU J 387 -6.60 -10.27 -26.05
N PHE J 388 -6.19 -11.27 -25.28
CA PHE J 388 -4.94 -11.97 -25.51
C PHE J 388 -5.18 -13.20 -26.36
N PHE J 389 -4.49 -13.29 -27.49
CA PHE J 389 -4.63 -14.36 -28.46
C PHE J 389 -3.55 -15.41 -28.26
N TYR J 390 -3.82 -16.61 -28.77
CA TYR J 390 -2.83 -17.70 -28.77
C TYR J 390 -2.96 -18.41 -30.11
N CYS J 391 -2.19 -17.97 -31.10
CA CYS J 391 -2.34 -18.43 -32.48
C CYS J 391 -1.39 -19.58 -32.77
N ASN J 392 -1.93 -20.63 -33.39
CA ASN J 392 -1.17 -21.84 -33.71
C ASN J 392 -0.36 -21.59 -34.96
N THR J 393 0.95 -21.37 -34.80
CA THR J 393 1.85 -21.10 -35.92
C THR J 393 2.52 -22.37 -36.44
N THR J 394 1.71 -23.38 -36.77
CA THR J 394 2.20 -24.56 -37.48
C THR J 394 2.09 -24.35 -38.98
N LYS J 395 1.10 -23.56 -39.41
CA LYS J 395 0.91 -23.21 -40.81
C LYS J 395 2.05 -22.38 -41.38
N LEU J 396 2.81 -21.68 -40.53
CA LEU J 396 3.91 -20.83 -40.98
C LEU J 396 5.19 -21.64 -41.21
N PHE J 397 5.65 -22.36 -40.18
CA PHE J 397 6.92 -23.06 -40.22
C PHE J 397 6.63 -24.56 -40.19
N ASN J 398 6.39 -25.19 -41.36
CA ASN J 398 6.41 -26.66 -41.33
C ASN J 398 7.40 -27.19 -42.36
N GLU J 399 7.42 -26.57 -43.55
CA GLU J 399 8.20 -27.11 -44.68
C GLU J 399 9.72 -27.11 -44.47
N THR J 400 10.43 -27.98 -45.20
CA THR J 400 11.91 -28.04 -45.13
C THR J 400 12.48 -27.21 -46.28
N LYS J 401 12.80 -25.94 -46.03
CA LYS J 401 13.30 -25.05 -47.11
C LYS J 401 14.77 -25.40 -47.41
N LEU J 402 15.34 -24.83 -48.47
CA LEU J 402 16.75 -25.11 -48.84
C LEU J 402 17.63 -23.97 -48.33
N ASN J 411 -7.13 -14.47 -52.16
CA ASN J 411 -5.68 -14.42 -52.07
C ASN J 411 -5.10 -15.75 -51.61
N LYS J 412 -6.01 -16.69 -51.29
CA LYS J 412 -5.69 -18.04 -50.82
C LYS J 412 -4.80 -17.96 -49.57
N THR J 413 -5.36 -17.38 -48.52
CA THR J 413 -4.59 -17.06 -47.33
C THR J 413 -4.51 -18.25 -46.39
N ILE J 414 -3.36 -18.40 -45.72
CA ILE J 414 -3.19 -19.43 -44.69
C ILE J 414 -3.81 -18.91 -43.40
N ILE J 415 -4.49 -19.80 -42.67
CA ILE J 415 -5.41 -19.42 -41.61
C ILE J 415 -4.92 -20.04 -40.32
N LEU J 416 -4.84 -19.23 -39.25
CA LEU J 416 -4.30 -19.69 -37.98
C LEU J 416 -5.40 -19.84 -36.95
N PRO J 417 -5.65 -21.05 -36.42
CA PRO J 417 -6.63 -21.17 -35.33
C PRO J 417 -6.07 -20.60 -34.03
N CYS J 418 -6.66 -19.50 -33.58
CA CYS J 418 -6.23 -18.82 -32.36
C CYS J 418 -7.28 -19.01 -31.28
N ARG J 419 -6.83 -19.36 -30.08
CA ARG J 419 -7.70 -19.53 -28.93
C ARG J 419 -7.45 -18.42 -27.92
N ILE J 420 -8.53 -17.94 -27.32
CA ILE J 420 -8.50 -16.74 -26.49
C ILE J 420 -8.45 -17.16 -25.02
N LYS J 421 -7.55 -16.54 -24.27
CA LYS J 421 -7.48 -16.70 -22.82
C LYS J 421 -7.67 -15.33 -22.17
N GLN J 422 -8.35 -15.31 -21.03
CA GLN J 422 -8.55 -14.09 -20.27
C GLN J 422 -7.64 -14.00 -19.05
N ILE J 423 -7.53 -15.08 -18.28
CA ILE J 423 -6.64 -15.10 -17.13
C ILE J 423 -5.24 -15.41 -17.63
N ILE J 424 -4.43 -14.38 -17.82
CA ILE J 424 -3.08 -14.51 -18.36
C ILE J 424 -2.07 -14.20 -17.26
N ASN J 425 -1.06 -15.04 -17.14
CA ASN J 425 0.04 -14.84 -16.18
C ASN J 425 1.29 -14.47 -16.98
N MET J 426 1.41 -13.18 -17.28
CA MET J 426 2.52 -12.70 -18.08
C MET J 426 3.77 -12.61 -17.20
N TRP J 427 4.94 -12.75 -17.85
CA TRP J 427 6.31 -12.73 -17.30
C TRP J 427 6.61 -13.96 -16.45
N GLN J 428 5.62 -14.82 -16.21
CA GLN J 428 5.67 -16.00 -15.36
C GLN J 428 6.25 -15.71 -13.97
N GLU J 429 6.03 -14.50 -13.44
CA GLU J 429 6.44 -14.19 -12.08
C GLU J 429 5.33 -14.56 -11.12
N VAL J 430 5.68 -15.21 -10.02
CA VAL J 430 4.71 -15.69 -9.04
C VAL J 430 4.11 -14.48 -8.34
N GLY J 431 2.83 -14.20 -8.63
CA GLY J 431 2.18 -13.01 -8.12
C GLY J 431 0.90 -12.70 -8.86
N ARG J 432 0.77 -11.45 -9.31
CA ARG J 432 -0.45 -11.03 -9.99
C ARG J 432 -0.54 -11.65 -11.38
N ALA J 433 -1.67 -12.30 -11.66
CA ALA J 433 -1.98 -12.83 -12.98
C ALA J 433 -3.32 -12.23 -13.39
N MET J 434 -3.29 -11.29 -14.34
CA MET J 434 -4.45 -10.47 -14.59
C MET J 434 -5.54 -11.25 -15.33
N TYR J 435 -6.77 -10.79 -15.14
CA TYR J 435 -7.94 -11.26 -15.87
C TYR J 435 -8.35 -10.17 -16.84
N ALA J 436 -8.12 -10.40 -18.12
CA ALA J 436 -8.49 -9.42 -19.13
C ALA J 436 -10.00 -9.41 -19.31
N PRO J 437 -10.69 -8.29 -19.09
CA PRO J 437 -12.13 -8.27 -19.26
C PRO J 437 -12.50 -8.39 -20.73
N PRO J 438 -13.65 -8.96 -21.05
CA PRO J 438 -14.05 -9.10 -22.46
C PRO J 438 -14.40 -7.76 -23.07
N ILE J 439 -14.26 -7.70 -24.40
CA ILE J 439 -14.56 -6.51 -25.17
C ILE J 439 -15.88 -6.73 -25.90
N GLU J 440 -16.79 -5.76 -25.77
CA GLU J 440 -18.10 -5.89 -26.39
C GLU J 440 -18.00 -5.74 -27.90
N GLY J 441 -18.62 -6.66 -28.63
CA GLY J 441 -18.60 -6.62 -30.07
C GLY J 441 -17.44 -7.38 -30.68
N ASN J 442 -17.32 -7.22 -32.00
CA ASN J 442 -16.23 -7.84 -32.73
C ASN J 442 -14.91 -7.15 -32.42
N ILE J 443 -13.82 -7.87 -32.65
CA ILE J 443 -12.47 -7.39 -32.38
C ILE J 443 -11.64 -7.55 -33.64
N THR J 444 -10.97 -6.48 -34.05
CA THR J 444 -10.08 -6.52 -35.21
C THR J 444 -8.86 -5.68 -34.90
N CYS J 445 -7.67 -6.22 -35.18
CA CYS J 445 -6.41 -5.51 -34.99
C CYS J 445 -5.55 -5.72 -36.23
N LYS J 446 -4.30 -5.26 -36.16
CA LYS J 446 -3.46 -5.21 -37.35
C LYS J 446 -2.04 -5.60 -36.96
N SER J 447 -1.72 -6.88 -37.01
CA SER J 447 -0.34 -7.29 -36.77
C SER J 447 0.51 -6.94 -37.99
N ASN J 448 1.82 -6.79 -37.76
CA ASN J 448 2.63 -6.20 -38.81
C ASN J 448 3.94 -6.93 -39.07
N ILE J 449 4.49 -7.63 -38.08
CA ILE J 449 5.72 -8.44 -38.15
C ILE J 449 6.93 -7.67 -38.67
N THR J 450 7.83 -7.30 -37.76
CA THR J 450 9.13 -6.77 -38.14
C THR J 450 10.28 -7.65 -37.66
N GLY J 451 10.01 -8.93 -37.41
CA GLY J 451 11.06 -9.81 -36.95
C GLY J 451 10.52 -11.18 -36.63
N LEU J 452 11.44 -12.10 -36.37
CA LEU J 452 11.12 -13.48 -36.01
C LEU J 452 11.99 -13.91 -34.85
N LEU J 453 11.53 -14.93 -34.13
CA LEU J 453 12.27 -15.51 -33.01
C LEU J 453 12.42 -17.00 -33.27
N LEU J 454 13.63 -17.44 -33.59
CA LEU J 454 13.92 -18.82 -33.93
C LEU J 454 15.01 -19.38 -33.03
N THR J 455 14.95 -20.68 -32.77
CA THR J 455 15.97 -21.38 -32.00
C THR J 455 16.55 -22.51 -32.85
N TRP J 456 17.88 -22.60 -32.90
CA TRP J 456 18.53 -23.66 -33.64
C TRP J 456 18.36 -24.98 -32.91
N ASP J 457 18.39 -26.07 -33.67
CA ASP J 457 18.17 -27.39 -33.11
C ASP J 457 19.47 -27.91 -32.48
N GLY J 458 19.41 -29.13 -31.95
CA GLY J 458 20.54 -29.70 -31.24
C GLY J 458 21.61 -30.28 -32.15
N GLY J 459 22.28 -31.32 -31.68
CA GLY J 459 23.36 -31.94 -32.43
C GLY J 459 22.81 -32.96 -33.41
N GLU J 460 23.09 -32.73 -34.69
CA GLU J 460 22.60 -33.59 -35.76
C GLU J 460 23.71 -33.72 -36.80
N ASN J 461 23.36 -34.32 -37.94
CA ASN J 461 24.29 -34.37 -39.06
C ASN J 461 24.35 -33.01 -39.74
N SER J 462 25.39 -32.83 -40.56
CA SER J 462 25.62 -31.55 -41.23
C SER J 462 24.71 -31.35 -42.44
N THR J 463 23.92 -32.36 -42.82
CA THR J 463 23.12 -32.28 -44.04
C THR J 463 21.98 -31.27 -43.93
N GLU J 464 21.42 -31.04 -42.74
CA GLU J 464 20.38 -30.03 -42.58
C GLU J 464 20.28 -29.60 -41.13
N GLY J 465 19.71 -28.43 -40.93
CA GLY J 465 19.48 -27.91 -39.59
C GLY J 465 18.05 -27.42 -39.44
N VAL J 466 17.54 -27.51 -38.22
CA VAL J 466 16.14 -27.22 -37.91
C VAL J 466 16.08 -25.96 -37.05
N PHE J 467 15.18 -25.05 -37.39
CA PHE J 467 14.97 -23.82 -36.62
C PHE J 467 13.55 -23.83 -36.05
N ARG J 468 13.41 -24.34 -34.83
CA ARG J 468 12.14 -24.24 -34.13
C ARG J 468 11.90 -22.79 -33.68
N PRO J 469 10.71 -22.26 -33.89
CA PRO J 469 10.39 -20.93 -33.34
C PRO J 469 10.25 -21.00 -31.83
N GLY J 470 10.52 -19.86 -31.20
CA GLY J 470 10.39 -19.79 -29.76
C GLY J 470 10.68 -18.42 -29.18
N GLY J 471 9.81 -17.97 -28.29
CA GLY J 471 10.02 -16.71 -27.60
C GLY J 471 10.42 -16.94 -26.16
N GLY J 472 11.67 -16.65 -25.83
CA GLY J 472 12.17 -16.94 -24.50
C GLY J 472 11.89 -15.83 -23.51
N ASN J 473 12.95 -15.35 -22.86
CA ASN J 473 12.83 -14.18 -22.00
C ASN J 473 12.44 -12.97 -22.83
N MET J 474 11.65 -12.08 -22.23
CA MET J 474 11.07 -10.95 -22.97
C MET J 474 12.11 -9.92 -23.38
N LYS J 475 13.34 -10.01 -22.89
CA LYS J 475 14.40 -9.12 -23.34
C LYS J 475 14.77 -9.32 -24.80
N ASP J 476 14.42 -10.48 -25.38
CA ASP J 476 14.65 -10.68 -26.81
C ASP J 476 13.74 -9.81 -27.65
N ASN J 477 12.53 -9.49 -27.15
CA ASN J 477 11.66 -8.57 -27.86
C ASN J 477 12.24 -7.16 -27.88
N TRP J 478 12.80 -6.70 -26.76
CA TRP J 478 13.36 -5.36 -26.70
C TRP J 478 14.70 -5.26 -27.41
N ARG J 479 15.42 -6.38 -27.54
CA ARG J 479 16.69 -6.35 -28.26
C ARG J 479 16.52 -6.19 -29.76
N SER J 480 15.31 -6.40 -30.29
CA SER J 480 15.06 -6.14 -31.69
C SER J 480 14.94 -4.65 -31.97
N GLU J 481 14.65 -3.84 -30.95
CA GLU J 481 14.51 -2.40 -31.11
C GLU J 481 15.59 -1.60 -30.40
N LEU J 482 16.28 -2.20 -29.42
CA LEU J 482 17.36 -1.53 -28.72
C LEU J 482 18.73 -2.02 -29.17
N TYR J 483 18.81 -2.65 -30.34
CA TYR J 483 20.09 -3.09 -30.88
C TYR J 483 20.91 -1.92 -31.40
N LYS J 484 20.25 -0.85 -31.86
CA LYS J 484 20.95 0.29 -32.43
C LYS J 484 21.61 1.15 -31.37
N TYR J 485 21.08 1.18 -30.16
CA TYR J 485 21.41 2.18 -29.16
C TYR J 485 22.38 1.65 -28.11
N LYS J 486 23.06 2.59 -27.46
CA LYS J 486 24.06 2.28 -26.44
C LYS J 486 24.24 3.53 -25.58
N VAL J 487 24.26 3.35 -24.26
CA VAL J 487 24.30 4.44 -23.31
C VAL J 487 25.74 4.59 -22.82
N VAL J 488 26.30 5.79 -22.97
CA VAL J 488 27.64 6.11 -22.50
C VAL J 488 27.59 7.41 -21.71
N GLU J 489 28.48 7.53 -20.73
CA GLU J 489 28.60 8.75 -19.95
C GLU J 489 29.61 9.68 -20.59
N ILE J 490 29.40 10.98 -20.43
CA ILE J 490 30.29 11.99 -21.01
C ILE J 490 31.24 12.49 -19.94
N LYS J 491 32.54 12.40 -20.20
CA LYS J 491 33.55 12.90 -19.29
C LYS J 491 34.16 14.15 -19.90
N PRO J 492 33.64 15.35 -19.61
CA PRO J 492 34.10 16.56 -20.31
C PRO J 492 35.42 17.11 -19.80
N LEU J 493 36.05 16.50 -18.80
CA LEU J 493 37.35 16.95 -18.32
C LEU J 493 38.44 16.18 -19.04
N GLY J 494 39.39 16.91 -19.60
CA GLY J 494 40.46 16.29 -20.36
C GLY J 494 41.77 17.06 -20.27
N VAL J 495 42.87 16.34 -20.11
CA VAL J 495 44.20 16.94 -19.94
C VAL J 495 45.02 16.65 -21.19
N ALA J 496 45.57 17.70 -21.79
CA ALA J 496 46.36 17.56 -23.00
C ALA J 496 47.45 18.62 -23.07
N PRO J 497 48.69 18.25 -23.39
CA PRO J 497 49.79 19.21 -23.30
C PRO J 497 49.77 20.20 -24.44
N THR J 498 50.06 21.47 -24.12
CA THR J 498 50.11 22.54 -25.16
C THR J 498 51.28 23.48 -24.84
N LYS J 499 51.57 24.45 -25.72
CA LYS J 499 52.73 25.34 -25.52
C LYS J 499 52.33 26.59 -24.72
N CYS J 500 51.19 26.54 -24.04
CA CYS J 500 50.71 27.69 -23.29
C CYS J 500 50.99 27.55 -21.79
N LYS J 501 51.33 28.67 -21.16
CA LYS J 501 51.56 28.75 -19.72
C LYS J 501 50.93 30.03 -19.21
N ARG J 502 50.28 29.94 -18.04
CA ARG J 502 49.68 31.13 -17.43
C ARG J 502 50.75 32.08 -16.91
N LYS J 503 50.31 33.29 -16.57
CA LYS J 503 51.22 34.30 -16.05
C LYS J 503 51.70 33.90 -14.66
N VAL J 504 53.02 33.96 -14.45
CA VAL J 504 53.60 33.50 -13.21
C VAL J 504 53.26 34.47 -12.08
N VAL J 505 53.24 33.96 -10.85
CA VAL J 505 52.96 34.81 -9.69
C VAL J 505 54.09 35.80 -9.48
N GLY J 506 55.33 35.33 -9.50
CA GLY J 506 56.49 36.19 -9.31
C GLY J 506 57.05 36.71 -10.61
N VAL K 2 -38.82 -34.92 -62.98
CA VAL K 2 -38.58 -35.90 -61.95
C VAL K 2 -39.91 -36.25 -61.29
N GLN K 3 -40.37 -37.48 -61.52
CA GLN K 3 -41.68 -37.93 -61.05
C GLN K 3 -41.51 -39.06 -60.07
N LEU K 4 -42.20 -38.97 -58.94
CA LEU K 4 -42.16 -39.97 -57.89
C LEU K 4 -43.56 -40.47 -57.60
N GLN K 5 -43.77 -41.78 -57.75
CA GLN K 5 -45.09 -42.39 -57.54
C GLN K 5 -44.94 -43.53 -56.54
N GLU K 6 -45.80 -43.53 -55.52
CA GLU K 6 -45.72 -44.50 -54.44
C GLU K 6 -46.95 -45.41 -54.43
N SER K 7 -46.82 -46.53 -53.72
CA SER K 7 -47.89 -47.50 -53.59
C SER K 7 -47.69 -48.29 -52.30
N GLY K 8 -48.75 -48.46 -51.53
CA GLY K 8 -48.67 -49.12 -50.25
C GLY K 8 -49.76 -50.14 -50.01
N PRO K 9 -49.70 -50.84 -48.88
CA PRO K 9 -50.71 -51.85 -48.58
C PRO K 9 -52.04 -51.28 -48.11
N GLY K 10 -52.04 -50.13 -47.44
CA GLY K 10 -53.28 -49.50 -47.04
C GLY K 10 -53.75 -49.82 -45.63
N LEU K 11 -53.47 -51.04 -45.17
CA LEU K 11 -53.94 -51.46 -43.85
C LEU K 11 -53.05 -52.59 -43.34
N VAL K 12 -52.49 -52.42 -42.15
CA VAL K 12 -51.72 -53.45 -41.47
C VAL K 12 -52.22 -53.58 -40.04
N LYS K 13 -51.91 -54.71 -39.43
CA LYS K 13 -52.15 -54.94 -38.01
C LYS K 13 -51.02 -54.28 -37.19
N PRO K 14 -51.27 -53.99 -35.91
CA PRO K 14 -50.21 -53.39 -35.08
C PRO K 14 -48.98 -54.29 -34.94
N SER K 15 -47.81 -53.64 -34.90
CA SER K 15 -46.47 -54.22 -34.92
C SER K 15 -46.17 -54.95 -36.23
N GLU K 16 -46.70 -54.50 -37.36
CA GLU K 16 -46.38 -55.08 -38.66
C GLU K 16 -45.69 -54.03 -39.54
N THR K 17 -44.79 -54.50 -40.40
CA THR K 17 -43.93 -53.65 -41.20
C THR K 17 -44.69 -53.07 -42.39
N LEU K 18 -44.71 -51.74 -42.49
CA LEU K 18 -45.21 -51.05 -43.67
C LEU K 18 -44.19 -51.17 -44.80
N SER K 19 -44.67 -51.37 -46.02
CA SER K 19 -43.82 -51.45 -47.20
C SER K 19 -44.43 -50.60 -48.30
N VAL K 20 -43.79 -49.47 -48.60
CA VAL K 20 -44.19 -48.62 -49.72
C VAL K 20 -43.05 -48.56 -50.71
N THR K 21 -43.39 -48.68 -51.99
CA THR K 21 -42.41 -48.68 -53.06
C THR K 21 -42.59 -47.43 -53.91
N CYS K 22 -41.52 -46.66 -54.05
CA CYS K 22 -41.53 -45.40 -54.79
C CYS K 22 -41.01 -45.67 -56.20
N SER K 23 -41.91 -45.66 -57.18
CA SER K 23 -41.53 -45.80 -58.57
C SER K 23 -41.10 -44.45 -59.12
N VAL K 24 -39.87 -44.38 -59.63
CA VAL K 24 -39.24 -43.13 -60.05
C VAL K 24 -38.73 -43.30 -61.48
N SER K 25 -38.77 -42.23 -62.26
CA SER K 25 -38.29 -42.25 -63.63
C SER K 25 -37.62 -40.92 -63.97
N GLY K 26 -36.67 -40.97 -64.91
CA GLY K 26 -36.10 -39.79 -65.51
C GLY K 26 -34.60 -39.61 -65.35
N ASP K 27 -34.05 -39.87 -64.17
CA ASP K 27 -32.63 -39.59 -63.92
C ASP K 27 -32.05 -40.68 -63.02
N SER K 28 -30.75 -40.58 -62.79
CA SER K 28 -30.01 -41.63 -62.10
C SER K 28 -29.99 -41.39 -60.58
N MET K 29 -29.54 -42.41 -59.85
CA MET K 29 -29.52 -42.34 -58.39
C MET K 29 -28.27 -41.68 -57.84
N ASN K 30 -27.23 -41.54 -58.65
CA ASN K 30 -25.94 -41.08 -58.16
C ASN K 30 -25.89 -39.57 -57.92
N ASN K 31 -26.90 -38.83 -58.37
CA ASN K 31 -26.84 -37.38 -58.38
C ASN K 31 -27.69 -36.72 -57.30
N TYR K 32 -28.50 -37.48 -56.56
CA TYR K 32 -29.45 -36.90 -55.62
C TYR K 32 -29.51 -37.70 -54.34
N TYR K 33 -29.85 -37.00 -53.24
CA TYR K 33 -30.18 -37.64 -51.98
C TYR K 33 -31.68 -37.88 -51.91
N TRP K 34 -32.08 -38.87 -51.12
CA TRP K 34 -33.46 -39.34 -51.11
C TRP K 34 -33.99 -39.44 -49.68
N THR K 35 -35.29 -39.27 -49.53
CA THR K 35 -35.91 -39.12 -48.21
C THR K 35 -37.34 -39.63 -48.22
N TRP K 36 -37.93 -39.70 -47.03
CA TRP K 36 -39.34 -40.03 -46.83
C TRP K 36 -39.99 -39.03 -45.89
N ILE K 37 -41.22 -38.64 -46.21
CA ILE K 37 -41.98 -37.64 -45.45
C ILE K 37 -43.29 -38.28 -44.98
N ARG K 38 -43.68 -37.96 -43.74
CA ARG K 38 -44.93 -38.43 -43.17
C ARG K 38 -45.78 -37.23 -42.73
N GLN K 39 -47.10 -37.39 -42.80
CA GLN K 39 -48.03 -36.33 -42.41
C GLN K 39 -49.24 -36.93 -41.72
N SER K 40 -49.31 -36.81 -40.40
CA SER K 40 -50.47 -37.22 -39.64
C SER K 40 -51.62 -36.22 -39.82
N PRO K 41 -52.85 -36.71 -39.91
CA PRO K 41 -54.01 -35.79 -39.99
C PRO K 41 -54.22 -35.07 -38.67
N GLY K 42 -54.50 -33.77 -38.77
CA GLY K 42 -54.65 -32.94 -37.60
C GLY K 42 -53.36 -32.43 -37.00
N LYS K 43 -52.21 -32.91 -37.48
CA LYS K 43 -50.90 -32.47 -37.04
C LYS K 43 -50.07 -32.01 -38.23
N GLY K 44 -48.80 -31.76 -37.97
CA GLY K 44 -47.91 -31.22 -38.96
C GLY K 44 -47.24 -32.28 -39.83
N LEU K 45 -46.25 -31.83 -40.59
CA LEU K 45 -45.40 -32.75 -41.34
C LEU K 45 -44.30 -33.31 -40.43
N GLU K 46 -44.08 -34.61 -40.51
CA GLU K 46 -43.04 -35.27 -39.73
C GLU K 46 -42.08 -35.99 -40.68
N TRP K 47 -40.79 -35.69 -40.55
CA TRP K 47 -39.76 -36.50 -41.20
C TRP K 47 -39.64 -37.82 -40.46
N ILE K 48 -39.27 -38.86 -41.20
CA ILE K 48 -38.92 -40.14 -40.57
C ILE K 48 -37.48 -40.53 -40.88
N GLY K 49 -36.87 -39.86 -41.86
CA GLY K 49 -35.45 -40.06 -42.12
C GLY K 49 -35.13 -39.78 -43.57
N TYR K 50 -33.87 -40.06 -43.92
CA TYR K 50 -33.40 -39.97 -45.29
C TYR K 50 -32.25 -40.94 -45.49
N ILE K 51 -32.01 -41.29 -46.75
CA ILE K 51 -31.01 -42.28 -47.11
C ILE K 51 -29.90 -41.59 -47.89
N SER K 52 -28.69 -42.13 -47.83
CA SER K 52 -27.56 -41.59 -48.57
C SER K 52 -27.21 -42.55 -49.71
N ASP K 53 -26.15 -42.21 -50.45
CA ASP K 53 -25.73 -43.05 -51.58
C ASP K 53 -25.02 -44.31 -51.10
N ARG K 54 -24.37 -44.25 -49.94
CA ARG K 54 -23.52 -45.35 -49.50
C ARG K 54 -24.26 -46.05 -48.35
N GLU K 55 -25.58 -46.10 -48.47
CA GLU K 55 -26.48 -46.87 -47.61
C GLU K 55 -26.41 -46.45 -46.14
N SER K 56 -26.23 -45.17 -45.86
CA SER K 56 -26.19 -44.67 -44.48
C SER K 56 -27.42 -43.80 -44.22
N ALA K 57 -28.16 -44.13 -43.16
CA ALA K 57 -29.37 -43.40 -42.81
C ALA K 57 -29.28 -42.89 -41.37
N THR K 58 -29.70 -41.65 -41.16
CA THR K 58 -29.80 -41.05 -39.84
C THR K 58 -31.27 -40.88 -39.50
N TYR K 59 -31.64 -41.24 -38.27
CA TYR K 59 -33.04 -41.33 -37.88
C TYR K 59 -33.36 -40.29 -36.81
N ASN K 60 -34.65 -40.15 -36.53
CA ASN K 60 -35.12 -39.18 -35.56
C ASN K 60 -34.82 -39.63 -34.14
N PRO K 61 -34.27 -38.77 -33.27
CA PRO K 61 -34.37 -39.02 -31.83
C PRO K 61 -35.80 -39.00 -31.33
N SER K 62 -36.70 -38.27 -32.00
CA SER K 62 -38.09 -38.21 -31.59
C SER K 62 -38.84 -39.52 -31.85
N LEU K 63 -38.44 -40.28 -32.86
CA LEU K 63 -39.07 -41.56 -33.16
C LEU K 63 -38.35 -42.73 -32.50
N ASN K 64 -37.28 -42.47 -31.73
CA ASN K 64 -36.60 -43.45 -30.88
C ASN K 64 -36.03 -44.61 -31.68
N SER K 65 -35.60 -44.31 -32.92
CA SER K 65 -34.86 -45.23 -33.80
C SER K 65 -35.63 -46.53 -34.08
N ARG K 66 -36.95 -46.43 -34.18
CA ARG K 66 -37.79 -47.58 -34.54
C ARG K 66 -38.11 -47.63 -36.02
N VAL K 67 -37.56 -46.71 -36.81
CA VAL K 67 -37.83 -46.62 -38.24
C VAL K 67 -36.55 -46.96 -38.99
N VAL K 68 -36.68 -47.80 -40.01
CA VAL K 68 -35.56 -48.17 -40.86
C VAL K 68 -35.86 -47.72 -42.28
N ILE K 69 -34.94 -46.95 -42.87
CA ILE K 69 -35.04 -46.52 -44.25
C ILE K 69 -33.92 -47.17 -45.04
N SER K 70 -34.28 -47.94 -46.06
CA SER K 70 -33.32 -48.63 -46.91
C SER K 70 -33.63 -48.32 -48.36
N ARG K 71 -32.70 -48.70 -49.23
CA ARG K 71 -32.84 -48.49 -50.67
C ARG K 71 -32.37 -49.73 -51.41
N ASP K 72 -32.96 -49.96 -52.59
CA ASP K 72 -32.60 -51.09 -53.46
C ASP K 72 -32.42 -50.53 -54.87
N THR K 73 -31.17 -50.40 -55.30
CA THR K 73 -30.88 -49.84 -56.61
C THR K 73 -30.99 -50.88 -57.72
N SER K 74 -31.20 -52.15 -57.38
CA SER K 74 -31.33 -53.21 -58.39
C SER K 74 -32.58 -53.06 -59.25
N LYS K 75 -33.67 -52.57 -58.68
CA LYS K 75 -34.91 -52.37 -59.43
C LYS K 75 -35.37 -50.92 -59.44
N ASN K 76 -34.51 -49.98 -59.04
CA ASN K 76 -34.74 -48.53 -59.17
C ASN K 76 -35.98 -48.07 -58.39
N GLN K 77 -35.95 -48.25 -57.09
CA GLN K 77 -37.02 -47.81 -56.21
C GLN K 77 -36.49 -47.53 -54.80
N LEU K 78 -37.22 -46.73 -54.05
CA LEU K 78 -36.88 -46.38 -52.67
C LEU K 78 -37.76 -47.16 -51.71
N SER K 79 -37.15 -47.74 -50.69
CA SER K 79 -37.83 -48.66 -49.78
C SER K 79 -38.08 -47.98 -48.44
N LEU K 80 -39.08 -48.50 -47.72
CA LEU K 80 -39.41 -48.06 -46.37
C LEU K 80 -39.88 -49.26 -45.58
N LYS K 81 -39.46 -49.34 -44.32
CA LYS K 81 -39.92 -50.38 -43.40
C LYS K 81 -40.10 -49.78 -42.01
N LEU K 82 -41.31 -49.88 -41.48
CA LEU K 82 -41.68 -49.30 -40.19
C LEU K 82 -42.37 -50.37 -39.35
N ASN K 83 -41.72 -50.82 -38.29
CA ASN K 83 -42.27 -51.82 -37.39
C ASN K 83 -42.71 -51.19 -36.07
N SER K 84 -43.36 -51.99 -35.24
CA SER K 84 -43.94 -51.58 -33.95
C SER K 84 -44.89 -50.41 -34.13
N VAL K 85 -45.83 -50.57 -35.07
CA VAL K 85 -46.66 -49.45 -35.48
C VAL K 85 -47.79 -49.21 -34.49
N THR K 86 -48.36 -48.01 -34.56
CA THR K 86 -49.40 -47.53 -33.66
C THR K 86 -50.43 -46.78 -34.49
N PRO K 87 -51.66 -46.60 -33.97
CA PRO K 87 -52.65 -45.78 -34.68
C PRO K 87 -52.25 -44.33 -34.89
N ALA K 88 -51.23 -43.84 -34.18
CA ALA K 88 -50.67 -42.52 -34.50
C ALA K 88 -49.90 -42.52 -35.80
N ASP K 89 -49.54 -43.68 -36.34
CA ASP K 89 -48.88 -43.78 -37.64
C ASP K 89 -49.85 -43.79 -38.80
N THR K 90 -51.16 -43.77 -38.53
CA THR K 90 -52.14 -43.62 -39.60
C THR K 90 -52.01 -42.23 -40.19
N ALA K 91 -51.40 -42.14 -41.37
CA ALA K 91 -50.93 -40.86 -41.88
C ALA K 91 -50.77 -40.96 -43.39
N VAL K 92 -50.53 -39.82 -44.01
CA VAL K 92 -50.29 -39.73 -45.45
C VAL K 92 -48.79 -39.64 -45.68
N TYR K 93 -48.25 -40.57 -46.47
CA TYR K 93 -46.81 -40.67 -46.68
C TYR K 93 -46.44 -40.06 -48.02
N TYR K 94 -45.41 -39.22 -48.02
CA TYR K 94 -44.92 -38.56 -49.21
C TYR K 94 -43.45 -38.91 -49.39
N CYS K 95 -43.00 -39.02 -50.63
CA CYS K 95 -41.60 -39.28 -50.92
C CYS K 95 -41.02 -38.12 -51.73
N ALA K 96 -39.75 -37.83 -51.48
CA ALA K 96 -39.11 -36.67 -52.06
C ALA K 96 -37.62 -36.90 -52.19
N THR K 97 -36.96 -36.05 -52.96
CA THR K 97 -35.50 -36.08 -53.03
C THR K 97 -34.93 -34.87 -52.29
N ALA K 98 -33.64 -34.95 -51.97
CA ALA K 98 -32.96 -33.95 -51.15
C ALA K 98 -31.74 -33.42 -51.88
N ARG K 99 -31.54 -32.11 -51.81
CA ARG K 99 -30.35 -31.45 -52.34
C ARG K 99 -29.55 -30.87 -51.17
N ARG K 100 -28.37 -31.44 -50.92
CA ARG K 100 -27.53 -30.99 -49.82
C ARG K 100 -26.93 -29.64 -50.14
N GLY K 101 -27.41 -28.61 -49.45
CA GLY K 101 -26.86 -27.28 -49.57
C GLY K 101 -25.90 -26.97 -48.44
N GLN K 102 -24.89 -26.16 -48.71
CA GLN K 102 -23.88 -25.80 -47.72
C GLN K 102 -23.88 -24.29 -47.56
N ARG K 103 -24.48 -23.81 -46.47
CA ARG K 103 -24.51 -22.39 -46.16
C ARG K 103 -23.32 -22.06 -45.26
N ILE K 104 -22.31 -21.42 -45.84
CA ILE K 104 -21.07 -21.13 -45.13
C ILE K 104 -21.22 -19.79 -44.42
N TYR K 105 -20.85 -19.75 -43.15
CA TYR K 105 -20.85 -18.52 -42.38
C TYR K 105 -19.47 -18.12 -41.89
N GLY K 106 -18.45 -18.94 -42.14
CA GLY K 106 -17.12 -18.64 -41.69
C GLY K 106 -16.07 -19.36 -42.51
N VAL K 107 -15.04 -19.84 -41.83
CA VAL K 107 -13.93 -20.52 -42.49
C VAL K 107 -14.33 -21.98 -42.73
N VAL K 108 -14.18 -22.43 -43.99
CA VAL K 108 -14.47 -23.82 -44.33
C VAL K 108 -13.47 -24.76 -43.66
N SER K 109 -12.20 -24.34 -43.59
CA SER K 109 -11.15 -25.20 -43.03
C SER K 109 -11.35 -25.47 -41.55
N PHE K 110 -12.08 -24.60 -40.85
CA PHE K 110 -12.41 -24.80 -39.45
C PHE K 110 -13.72 -25.55 -39.26
N GLY K 111 -14.36 -25.95 -40.34
CA GLY K 111 -15.64 -26.63 -40.22
C GLY K 111 -16.78 -25.73 -39.83
N GLU K 112 -16.68 -24.43 -40.12
CA GLU K 112 -17.71 -23.46 -39.76
C GLU K 112 -18.75 -23.39 -40.88
N PHE K 113 -19.45 -24.51 -41.06
CA PHE K 113 -20.53 -24.61 -42.04
C PHE K 113 -21.46 -25.73 -41.62
N PHE K 114 -22.70 -25.66 -42.10
CA PHE K 114 -23.71 -26.66 -41.80
C PHE K 114 -24.43 -27.06 -43.07
N TYR K 115 -24.86 -28.32 -43.12
CA TYR K 115 -25.54 -28.86 -44.28
C TYR K 115 -27.05 -28.79 -44.08
N TYR K 116 -27.75 -28.34 -45.13
CA TYR K 116 -29.20 -28.29 -45.13
C TYR K 116 -29.70 -28.90 -46.44
N TYR K 117 -30.90 -29.46 -46.38
CA TYR K 117 -31.51 -30.12 -47.54
C TYR K 117 -32.77 -29.39 -47.96
N SER K 118 -32.95 -29.26 -49.26
CA SER K 118 -34.16 -28.68 -49.85
C SER K 118 -34.86 -29.77 -50.66
N MET K 119 -36.16 -29.92 -50.43
CA MET K 119 -36.94 -31.02 -50.99
C MET K 119 -37.84 -30.44 -52.07
N ASP K 120 -37.39 -30.52 -53.33
CA ASP K 120 -38.01 -29.76 -54.40
C ASP K 120 -39.15 -30.48 -55.09
N VAL K 121 -39.06 -31.79 -55.32
CA VAL K 121 -40.11 -32.55 -55.98
C VAL K 121 -40.73 -33.51 -54.97
N TRP K 122 -42.04 -33.69 -55.05
CA TRP K 122 -42.80 -34.44 -54.07
C TRP K 122 -43.76 -35.39 -54.75
N GLY K 123 -44.16 -36.43 -54.02
CA GLY K 123 -45.18 -37.35 -54.48
C GLY K 123 -46.57 -36.85 -54.16
N LYS K 124 -47.57 -37.67 -54.52
CA LYS K 124 -48.95 -37.28 -54.35
C LYS K 124 -49.52 -37.64 -52.98
N GLY K 125 -48.94 -38.62 -52.30
CA GLY K 125 -49.41 -39.00 -50.98
C GLY K 125 -50.34 -40.18 -51.03
N THR K 126 -50.09 -41.15 -50.15
CA THR K 126 -50.95 -42.32 -50.01
C THR K 126 -51.34 -42.48 -48.54
N THR K 127 -52.55 -42.94 -48.30
CA THR K 127 -53.09 -43.04 -46.95
C THR K 127 -53.13 -44.50 -46.50
N VAL K 128 -52.54 -44.77 -45.34
CA VAL K 128 -52.55 -46.09 -44.73
C VAL K 128 -53.14 -45.98 -43.33
N THR K 129 -53.93 -46.97 -42.93
CA THR K 129 -54.53 -47.00 -41.60
C THR K 129 -54.18 -48.28 -40.86
N VAL L 3 -51.11 -24.66 -37.33
CA VAL L 3 -52.00 -24.64 -36.18
C VAL L 3 -52.20 -23.21 -35.70
N ARG L 4 -51.49 -22.27 -36.31
CA ARG L 4 -51.58 -20.86 -35.94
C ARG L 4 -52.36 -20.10 -37.01
N PRO L 5 -53.56 -19.62 -36.71
CA PRO L 5 -54.36 -18.93 -37.73
C PRO L 5 -53.86 -17.51 -37.98
N LEU L 6 -53.90 -17.11 -39.25
CA LEU L 6 -53.55 -15.76 -39.66
C LEU L 6 -54.47 -15.35 -40.80
N SER L 7 -54.90 -14.09 -40.80
CA SER L 7 -55.85 -13.60 -41.77
C SER L 7 -55.39 -12.26 -42.33
N VAL L 8 -55.37 -12.16 -43.66
CA VAL L 8 -55.07 -10.91 -44.36
C VAL L 8 -56.15 -10.67 -45.40
N ALA L 9 -56.25 -9.42 -45.86
CA ALA L 9 -57.23 -9.05 -46.87
C ALA L 9 -56.63 -9.21 -48.26
N LEU L 10 -57.51 -9.20 -49.27
CA LEU L 10 -57.08 -9.36 -50.65
C LEU L 10 -56.32 -8.13 -51.12
N GLY L 11 -55.23 -8.37 -51.85
CA GLY L 11 -54.40 -7.31 -52.38
C GLY L 11 -53.31 -6.82 -51.45
N GLU L 12 -53.39 -7.15 -50.16
CA GLU L 12 -52.37 -6.72 -49.21
C GLU L 12 -51.17 -7.65 -49.26
N THR L 13 -50.10 -7.23 -48.58
CA THR L 13 -48.89 -8.03 -48.48
C THR L 13 -48.96 -8.88 -47.21
N ALA L 14 -49.09 -10.20 -47.38
CA ALA L 14 -49.19 -11.11 -46.26
C ALA L 14 -47.83 -11.27 -45.60
N ARG L 15 -47.82 -11.18 -44.26
CA ARG L 15 -46.60 -11.31 -43.47
C ARG L 15 -46.76 -12.52 -42.57
N ILE L 16 -46.05 -13.59 -42.89
CA ILE L 16 -46.09 -14.83 -42.12
C ILE L 16 -44.81 -14.94 -41.32
N SER L 17 -44.92 -14.88 -39.99
CA SER L 17 -43.77 -15.00 -39.13
C SER L 17 -43.49 -16.45 -38.79
N CYS L 18 -42.21 -16.77 -38.60
CA CYS L 18 -41.82 -18.14 -38.27
C CYS L 18 -42.17 -18.47 -36.82
N GLY L 19 -42.48 -19.73 -36.57
CA GLY L 19 -42.78 -20.17 -35.22
C GLY L 19 -41.54 -20.25 -34.34
N ARG L 20 -40.36 -20.30 -34.95
CA ARG L 20 -39.09 -20.32 -34.24
C ARG L 20 -38.26 -19.14 -34.70
N GLN L 21 -37.50 -18.55 -33.78
CA GLN L 21 -36.68 -17.39 -34.08
C GLN L 21 -35.23 -17.82 -34.32
N ALA L 22 -34.45 -16.92 -34.93
CA ALA L 22 -33.09 -17.23 -35.34
C ALA L 22 -32.09 -16.80 -34.28
N LEU L 23 -31.15 -17.69 -33.98
CA LEU L 23 -29.91 -17.34 -33.30
C LEU L 23 -28.76 -17.66 -34.24
N GLY L 24 -27.93 -16.66 -34.52
CA GLY L 24 -26.86 -16.83 -35.48
C GLY L 24 -27.34 -16.74 -36.91
N SER L 25 -26.44 -17.08 -37.83
CA SER L 25 -26.76 -17.08 -39.25
C SER L 25 -27.74 -18.20 -39.57
N ARG L 26 -28.70 -17.91 -40.46
CA ARG L 26 -29.81 -18.80 -40.72
C ARG L 26 -29.93 -19.11 -42.20
N ALA L 27 -30.62 -20.21 -42.50
CA ALA L 27 -31.01 -20.57 -43.85
C ALA L 27 -32.38 -21.21 -43.79
N VAL L 28 -33.42 -20.42 -44.08
CA VAL L 28 -34.80 -20.86 -43.88
C VAL L 28 -35.32 -21.41 -45.20
N GLN L 29 -36.25 -22.36 -45.11
CA GLN L 29 -36.97 -22.89 -46.26
C GLN L 29 -38.46 -22.71 -46.04
N TRP L 30 -39.16 -22.20 -47.04
CA TRP L 30 -40.57 -21.89 -46.94
C TRP L 30 -41.38 -22.86 -47.79
N TYR L 31 -42.44 -23.40 -47.20
CA TYR L 31 -43.26 -24.42 -47.84
C TYR L 31 -44.72 -24.03 -47.70
N GLN L 32 -45.51 -24.35 -48.72
CA GLN L 32 -46.97 -24.24 -48.63
C GLN L 32 -47.56 -25.62 -48.80
N HIS L 33 -48.71 -25.85 -48.17
CA HIS L 33 -49.32 -27.18 -48.12
C HIS L 33 -50.84 -27.07 -48.12
N ARG L 34 -51.44 -27.32 -49.28
CA ARG L 34 -52.87 -27.49 -49.27
C ARG L 34 -53.22 -28.92 -48.84
N PRO L 35 -54.31 -29.09 -48.08
CA PRO L 35 -54.71 -30.44 -47.67
C PRO L 35 -55.08 -31.30 -48.87
N GLY L 36 -54.54 -32.52 -48.89
CA GLY L 36 -54.73 -33.41 -50.02
C GLY L 36 -53.87 -33.09 -51.22
N GLN L 37 -52.92 -32.17 -51.11
CA GLN L 37 -52.07 -31.75 -52.21
C GLN L 37 -50.61 -31.85 -51.82
N ALA L 38 -49.76 -31.96 -52.84
CA ALA L 38 -48.33 -32.10 -52.60
C ALA L 38 -47.70 -30.76 -52.22
N PRO L 39 -46.80 -30.74 -51.25
CA PRO L 39 -46.02 -29.54 -50.98
C PRO L 39 -45.08 -29.23 -52.13
N ILE L 40 -44.86 -27.94 -52.36
CA ILE L 40 -43.92 -27.47 -53.37
C ILE L 40 -42.97 -26.46 -52.72
N LEU L 41 -41.79 -26.31 -53.30
CA LEU L 41 -40.75 -25.46 -52.73
C LEU L 41 -40.98 -24.01 -53.15
N LEU L 42 -41.02 -23.11 -52.18
CA LEU L 42 -41.17 -21.69 -52.44
C LEU L 42 -39.86 -20.92 -52.37
N ILE L 43 -39.18 -20.97 -51.22
CA ILE L 43 -37.93 -20.23 -51.03
C ILE L 43 -36.92 -21.16 -50.36
N TYR L 44 -35.72 -21.20 -50.90
CA TYR L 44 -34.59 -21.89 -50.28
C TYR L 44 -33.40 -20.93 -50.25
N ASN L 45 -32.50 -21.16 -49.29
CA ASN L 45 -31.29 -20.35 -49.08
C ASN L 45 -31.65 -18.88 -48.85
N ASN L 46 -32.78 -18.67 -48.16
CA ASN L 46 -33.28 -17.42 -47.60
C ASN L 46 -33.81 -16.43 -48.65
N GLN L 47 -33.50 -16.62 -49.93
CA GLN L 47 -34.09 -15.80 -50.97
C GLN L 47 -34.36 -16.50 -52.29
N ASP L 48 -33.76 -17.66 -52.56
CA ASP L 48 -33.78 -18.22 -53.91
C ASP L 48 -35.13 -18.84 -54.22
N ARG L 49 -35.68 -18.47 -55.37
CA ARG L 49 -37.00 -18.91 -55.81
C ARG L 49 -36.84 -19.87 -56.98
N PRO L 50 -37.26 -21.13 -56.85
CA PRO L 50 -37.15 -22.05 -57.98
C PRO L 50 -38.11 -21.69 -59.10
N SER L 51 -37.85 -22.25 -60.28
CA SER L 51 -38.68 -21.98 -61.45
C SER L 51 -40.07 -22.56 -61.27
N GLY L 52 -41.07 -21.89 -61.83
CA GLY L 52 -42.45 -22.24 -61.67
C GLY L 52 -43.15 -21.54 -60.53
N ILE L 53 -42.40 -20.95 -59.61
CA ILE L 53 -42.94 -20.20 -58.49
C ILE L 53 -43.07 -18.73 -58.91
N PRO L 54 -44.25 -18.12 -58.76
CA PRO L 54 -44.40 -16.73 -59.18
C PRO L 54 -43.62 -15.78 -58.29
N GLU L 55 -43.30 -14.60 -58.83
CA GLU L 55 -42.53 -13.59 -58.12
C GLU L 55 -43.36 -12.85 -57.08
N ARG L 56 -44.64 -13.17 -56.94
CA ARG L 56 -45.45 -12.61 -55.85
C ARG L 56 -44.96 -13.03 -54.48
N PHE L 57 -44.39 -14.23 -54.37
CA PHE L 57 -43.82 -14.72 -53.12
C PHE L 57 -42.38 -14.24 -53.00
N SER L 58 -42.05 -13.61 -51.88
CA SER L 58 -40.70 -13.11 -51.65
C SER L 58 -40.35 -13.28 -50.18
N GLY L 59 -39.05 -13.33 -49.90
CA GLY L 59 -38.55 -13.48 -48.56
C GLY L 59 -37.46 -12.48 -48.24
N THR L 60 -37.21 -12.31 -46.95
CA THR L 60 -36.20 -11.37 -46.50
C THR L 60 -34.81 -11.96 -46.69
N PRO L 61 -33.85 -11.19 -47.19
CA PRO L 61 -32.47 -11.67 -47.26
C PRO L 61 -31.83 -11.72 -45.88
N ASP L 62 -30.84 -12.58 -45.74
CA ASP L 62 -30.10 -12.73 -44.49
C ASP L 62 -28.90 -11.79 -44.54
N ILE L 63 -29.12 -10.55 -44.13
CA ILE L 63 -28.05 -9.56 -44.01
C ILE L 63 -27.87 -9.26 -42.53
N ASN L 64 -26.71 -9.65 -41.99
CA ASN L 64 -26.35 -9.51 -40.58
C ASN L 64 -27.35 -10.21 -39.67
N PHE L 65 -27.35 -9.85 -38.39
CA PHE L 65 -28.20 -10.48 -37.40
C PHE L 65 -29.28 -9.50 -36.92
N GLY L 66 -30.46 -10.05 -36.62
CA GLY L 66 -31.58 -9.29 -36.10
C GLY L 66 -32.77 -9.22 -37.03
N THR L 67 -32.58 -9.51 -38.31
CA THR L 67 -33.67 -9.47 -39.28
C THR L 67 -34.56 -10.68 -39.06
N ARG L 68 -35.86 -10.43 -38.88
CA ARG L 68 -36.82 -11.51 -38.65
C ARG L 68 -37.14 -12.22 -39.96
N ALA L 69 -37.18 -13.54 -39.92
CA ALA L 69 -37.53 -14.32 -41.11
C ALA L 69 -39.04 -14.28 -41.33
N THR L 70 -39.45 -13.81 -42.51
CA THR L 70 -40.86 -13.60 -42.81
C THR L 70 -41.10 -13.86 -44.28
N LEU L 71 -42.21 -14.52 -44.59
CA LEU L 71 -42.65 -14.75 -45.96
C LEU L 71 -43.56 -13.61 -46.39
N THR L 72 -43.29 -13.05 -47.57
CA THR L 72 -44.07 -11.95 -48.12
C THR L 72 -44.85 -12.43 -49.33
N ILE L 73 -46.17 -12.25 -49.29
CA ILE L 73 -47.05 -12.61 -50.40
C ILE L 73 -47.68 -11.32 -50.91
N SER L 74 -47.06 -10.72 -51.91
CA SER L 74 -47.55 -9.47 -52.49
C SER L 74 -48.60 -9.76 -53.55
N GLY L 75 -49.76 -9.13 -53.40
CA GLY L 75 -50.87 -9.39 -54.29
C GLY L 75 -51.43 -10.79 -54.09
N VAL L 76 -52.05 -11.01 -52.93
CA VAL L 76 -52.56 -12.33 -52.59
C VAL L 76 -53.77 -12.66 -53.46
N GLU L 77 -53.83 -13.90 -53.93
CA GLU L 77 -54.90 -14.37 -54.80
C GLU L 77 -55.71 -15.46 -54.09
N ALA L 78 -56.69 -16.00 -54.82
CA ALA L 78 -57.50 -17.08 -54.26
C ALA L 78 -56.74 -18.40 -54.23
N GLY L 79 -55.70 -18.53 -55.05
CA GLY L 79 -54.90 -19.75 -55.08
C GLY L 79 -53.88 -19.85 -53.97
N ASP L 80 -53.77 -18.84 -53.12
CA ASP L 80 -52.81 -18.84 -52.01
C ASP L 80 -53.37 -19.47 -50.74
N GLU L 81 -54.58 -20.03 -50.79
CA GLU L 81 -55.14 -20.73 -49.64
C GLU L 81 -54.38 -22.02 -49.41
N ALA L 82 -53.48 -22.00 -48.43
CA ALA L 82 -52.62 -23.15 -48.14
C ALA L 82 -52.11 -23.00 -46.71
N ASP L 83 -51.54 -24.07 -46.18
CA ASP L 83 -50.87 -24.04 -44.89
C ASP L 83 -49.39 -23.80 -45.12
N TYR L 84 -48.86 -22.73 -44.51
CA TYR L 84 -47.52 -22.26 -44.81
C TYR L 84 -46.55 -22.67 -43.73
N TYR L 85 -45.33 -23.02 -44.15
CA TYR L 85 -44.33 -23.65 -43.30
C TYR L 85 -43.04 -22.85 -43.36
N CYS L 86 -42.40 -22.68 -42.21
CA CYS L 86 -41.03 -22.16 -42.15
C CYS L 86 -40.12 -23.27 -41.63
N HIS L 87 -39.20 -23.72 -42.48
CA HIS L 87 -38.24 -24.76 -42.13
C HIS L 87 -36.88 -24.09 -41.92
N MET L 88 -36.48 -23.97 -40.66
CA MET L 88 -35.42 -23.04 -40.28
C MET L 88 -34.18 -23.80 -39.84
N TRP L 89 -33.05 -23.43 -40.43
CA TRP L 89 -31.74 -23.96 -40.04
C TRP L 89 -30.92 -22.82 -39.48
N ASP L 90 -29.96 -23.15 -38.60
CA ASP L 90 -29.05 -22.18 -38.02
C ASP L 90 -27.76 -22.86 -37.61
N SER L 91 -26.82 -22.05 -37.12
CA SER L 91 -25.46 -22.52 -36.86
C SER L 91 -25.24 -23.09 -35.46
N ARG L 92 -26.20 -22.96 -34.55
CA ARG L 92 -25.98 -23.38 -33.17
C ARG L 92 -26.97 -24.42 -32.66
N SER L 93 -28.15 -24.55 -33.26
CA SER L 93 -29.10 -25.56 -32.82
C SER L 93 -28.84 -26.92 -33.46
N GLY L 94 -27.83 -27.03 -34.32
CA GLY L 94 -27.50 -28.31 -34.93
C GLY L 94 -28.48 -28.70 -36.02
N PHE L 95 -28.75 -29.99 -36.09
CA PHE L 95 -29.70 -30.51 -37.06
C PHE L 95 -31.12 -30.15 -36.67
N SER L 96 -31.87 -29.61 -37.63
CA SER L 96 -33.27 -29.24 -37.41
C SER L 96 -34.15 -30.35 -37.98
N TRP L 97 -34.44 -31.34 -37.13
CA TRP L 97 -35.20 -32.50 -37.56
C TRP L 97 -36.68 -32.16 -37.79
N SER L 98 -37.19 -31.14 -37.12
CA SER L 98 -38.61 -30.82 -37.14
C SER L 98 -38.87 -29.58 -37.99
N PHE L 99 -40.06 -29.51 -38.59
CA PHE L 99 -40.50 -28.34 -39.33
C PHE L 99 -40.89 -27.17 -38.44
N GLY L 100 -41.22 -27.43 -37.17
CA GLY L 100 -41.79 -26.40 -36.32
C GLY L 100 -43.28 -26.25 -36.53
N GLY L 101 -43.79 -25.10 -36.06
CA GLY L 101 -45.22 -24.85 -36.15
C GLY L 101 -45.69 -24.56 -37.56
N ALA L 102 -46.95 -24.91 -37.81
CA ALA L 102 -47.59 -24.66 -39.10
C ALA L 102 -48.55 -23.48 -38.98
N THR L 103 -48.61 -22.68 -40.04
CA THR L 103 -49.48 -21.50 -40.08
C THR L 103 -50.68 -21.80 -40.96
N ARG L 104 -51.88 -21.71 -40.38
CA ARG L 104 -53.12 -21.91 -41.12
C ARG L 104 -53.58 -20.56 -41.67
N LEU L 105 -53.32 -20.34 -42.96
CA LEU L 105 -53.62 -19.06 -43.59
C LEU L 105 -54.99 -19.12 -44.26
N THR L 106 -55.86 -18.17 -43.92
CA THR L 106 -57.17 -18.04 -44.53
C THR L 106 -57.46 -16.56 -44.77
N VAL L 107 -57.75 -16.20 -46.01
CA VAL L 107 -58.03 -14.80 -46.35
C VAL L 107 -59.52 -14.56 -46.39
N GLY M 10 44.69 14.58 5.73
CA GLY M 10 43.36 14.17 5.33
C GLY M 10 42.28 15.14 5.75
N PHE M 11 41.03 14.80 5.42
CA PHE M 11 39.86 15.62 5.75
C PHE M 11 39.77 15.96 7.22
N LEU M 12 39.70 17.27 7.50
CA LEU M 12 39.61 17.86 8.83
C LEU M 12 40.83 17.48 9.70
N GLY M 13 41.93 17.11 9.05
CA GLY M 13 43.12 16.67 9.76
C GLY M 13 43.75 17.74 10.63
N ALA M 14 43.77 18.98 10.13
CA ALA M 14 44.39 20.11 10.83
C ALA M 14 43.43 20.87 11.71
N ALA M 15 42.38 20.22 12.22
CA ALA M 15 41.39 20.91 13.04
C ALA M 15 41.98 21.37 14.38
N GLY M 16 42.98 20.66 14.90
CA GLY M 16 43.66 21.11 16.09
C GLY M 16 44.98 21.83 15.89
N SER M 17 45.39 22.07 14.66
CA SER M 17 46.65 22.77 14.42
C SER M 17 46.44 24.28 14.39
N THR M 18 47.55 25.01 14.41
CA THR M 18 47.52 26.46 14.29
C THR M 18 46.98 26.88 12.92
N MET M 19 46.40 28.08 12.88
CA MET M 19 45.79 28.58 11.64
C MET M 19 46.77 28.66 10.49
N GLY M 20 48.04 28.99 10.75
CA GLY M 20 49.01 29.05 9.68
C GLY M 20 49.28 27.69 9.06
N ALA M 21 49.43 26.66 9.90
CA ALA M 21 49.65 25.32 9.40
C ALA M 21 48.41 24.77 8.69
N ALA M 22 47.22 25.03 9.26
CA ALA M 22 45.98 24.54 8.67
C ALA M 22 45.66 25.21 7.34
N SER M 23 46.01 26.48 7.18
CA SER M 23 45.69 27.22 5.95
C SER M 23 46.39 26.67 4.71
N MET M 24 47.39 25.81 4.86
CA MET M 24 48.08 25.27 3.70
C MET M 24 47.32 24.10 3.08
N THR M 25 46.59 23.33 3.88
CA THR M 25 45.86 22.19 3.34
C THR M 25 44.34 22.35 3.42
N LEU M 26 43.84 23.49 2.94
CA LEU M 26 42.40 23.72 2.85
C LEU M 26 41.72 23.02 1.67
N THR M 27 42.48 22.67 0.62
CA THR M 27 41.91 21.91 -0.50
C THR M 27 41.33 20.56 -0.09
N VAL M 28 41.93 19.91 0.91
CA VAL M 28 41.49 18.57 1.32
C VAL M 28 40.07 18.62 1.90
N GLN M 29 39.81 19.61 2.78
CA GLN M 29 38.48 19.76 3.33
C GLN M 29 37.48 20.25 2.29
N ALA M 30 37.97 20.93 1.25
CA ALA M 30 37.09 21.49 0.22
C ALA M 30 36.55 20.40 -0.70
N ARG M 31 37.35 19.37 -0.99
CA ARG M 31 36.95 18.30 -1.89
C ARG M 31 35.79 17.47 -1.36
N GLN M 32 35.61 17.40 -0.04
CA GLN M 32 34.75 16.35 0.51
C GLN M 32 33.32 16.80 0.81
N LEU M 33 33.00 18.09 0.61
CA LEU M 33 31.64 18.56 0.88
C LEU M 33 30.61 18.00 -0.10
N LEU M 34 31.03 17.63 -1.29
CA LEU M 34 30.10 17.21 -2.34
C LEU M 34 30.22 15.74 -2.74
N SER M 35 31.43 15.18 -2.81
CA SER M 35 31.67 13.82 -3.29
C SER M 35 31.58 12.81 -2.15
N GLY M 36 30.58 11.94 -2.22
CA GLY M 36 29.59 11.98 -3.28
C GLY M 36 29.55 10.95 -4.40
N ILE M 37 30.10 11.29 -5.58
CA ILE M 37 29.92 10.44 -6.75
C ILE M 37 31.01 9.39 -6.98
N VAL M 38 32.17 9.51 -6.34
CA VAL M 38 33.06 8.35 -6.30
C VAL M 38 32.47 7.23 -5.46
N GLN M 39 31.84 7.54 -4.32
CA GLN M 39 31.31 6.46 -3.48
C GLN M 39 30.05 5.82 -4.07
N GLN M 40 29.22 6.57 -4.78
CA GLN M 40 27.99 6.02 -5.36
C GLN M 40 27.48 6.95 -6.44
N GLN M 41 26.63 6.43 -7.33
CA GLN M 41 25.89 7.35 -8.18
C GLN M 41 24.39 7.28 -7.98
N SER M 42 23.82 6.11 -7.66
CA SER M 42 22.44 6.02 -7.22
C SER M 42 22.23 4.96 -6.13
N ASN M 43 22.73 3.71 -6.23
CA ASN M 43 23.52 3.02 -7.28
C ASN M 43 22.65 2.16 -8.24
N LEU M 44 22.91 2.17 -9.56
CA LEU M 44 22.09 1.35 -10.47
C LEU M 44 22.77 0.00 -10.73
N LEU M 45 22.98 -0.74 -9.65
CA LEU M 45 23.48 -2.10 -9.74
C LEU M 45 22.49 -3.09 -9.14
N ARG M 46 21.48 -2.63 -8.42
CA ARG M 46 20.40 -3.44 -7.89
C ARG M 46 19.10 -3.28 -8.68
N ALA M 47 18.64 -2.03 -8.83
CA ALA M 47 17.39 -1.67 -9.52
C ALA M 47 16.17 -2.42 -8.98
N THR M 58 12.30 1.37 -0.77
CA THR M 58 12.89 1.03 0.52
C THR M 58 13.23 2.27 1.34
N VAL M 59 13.27 2.12 2.67
CA VAL M 59 13.64 3.21 3.57
C VAL M 59 15.00 3.81 3.20
N TRP M 60 15.95 2.96 2.76
CA TRP M 60 17.27 3.47 2.41
C TRP M 60 17.27 4.33 1.17
N GLY M 61 16.38 4.04 0.20
CA GLY M 61 16.34 4.83 -1.02
C GLY M 61 15.88 6.26 -0.79
N ILE M 62 14.81 6.45 -0.01
CA ILE M 62 14.34 7.80 0.28
C ILE M 62 15.35 8.56 1.14
N LYS M 63 15.89 7.88 2.16
CA LYS M 63 16.91 8.48 3.03
C LYS M 63 18.14 8.92 2.25
N GLN M 64 18.65 8.06 1.36
CA GLN M 64 19.81 8.37 0.53
C GLN M 64 19.60 9.62 -0.31
N LEU M 65 18.46 9.68 -1.02
CA LEU M 65 18.18 10.77 -1.94
C LEU M 65 18.15 12.12 -1.22
N GLN M 66 17.53 12.18 -0.04
CA GLN M 66 17.49 13.41 0.73
C GLN M 66 18.88 13.84 1.20
N THR M 67 19.84 12.91 1.30
CA THR M 67 21.21 13.31 1.61
C THR M 67 21.89 14.00 0.44
N ARG M 68 21.72 13.46 -0.77
CA ARG M 68 22.38 14.03 -1.94
C ARG M 68 21.84 15.43 -2.25
N VAL M 69 20.53 15.63 -2.12
CA VAL M 69 19.96 16.95 -2.33
C VAL M 69 20.51 17.92 -1.30
N LEU M 70 20.60 17.50 -0.03
CA LEU M 70 21.10 18.37 1.02
C LEU M 70 22.57 18.72 0.79
N ALA M 71 23.34 17.77 0.25
CA ALA M 71 24.76 17.99 0.04
C ALA M 71 25.00 19.01 -1.06
N ILE M 72 24.14 19.02 -2.09
CA ILE M 72 24.21 20.03 -3.13
C ILE M 72 23.89 21.40 -2.55
N GLU M 73 22.78 21.48 -1.83
CA GLU M 73 22.17 22.76 -1.50
C GLU M 73 23.03 23.54 -0.52
N ARG M 74 23.61 22.85 0.46
CA ARG M 74 24.53 23.51 1.39
C ARG M 74 25.81 23.92 0.68
N TYR M 75 26.33 23.05 -0.20
CA TYR M 75 27.55 23.36 -0.94
C TYR M 75 27.35 24.58 -1.83
N LEU M 76 26.20 24.65 -2.50
CA LEU M 76 25.93 25.73 -3.43
C LEU M 76 25.74 27.05 -2.71
N LYS M 77 25.28 27.02 -1.45
CA LYS M 77 25.34 28.21 -0.61
C LYS M 77 26.73 28.77 -0.43
N ASP M 78 27.75 27.94 -0.29
CA ASP M 78 29.06 28.49 -0.01
C ASP M 78 29.66 29.12 -1.25
N GLN M 79 29.56 28.45 -2.40
CA GLN M 79 29.99 29.06 -3.65
C GLN M 79 29.15 30.28 -4.02
N GLN M 80 27.86 30.30 -3.63
CA GLN M 80 27.04 31.50 -3.82
C GLN M 80 27.53 32.65 -2.98
N LEU M 81 27.86 32.38 -1.71
CA LEU M 81 28.37 33.45 -0.85
C LEU M 81 29.73 33.92 -1.35
N LEU M 82 30.59 32.98 -1.73
CA LEU M 82 31.87 33.34 -2.33
C LEU M 82 31.66 34.10 -3.64
N GLY M 83 30.59 33.76 -4.37
CA GLY M 83 30.30 34.44 -5.62
C GLY M 83 29.90 35.89 -5.42
N LEU M 84 29.05 36.15 -4.42
CA LEU M 84 28.59 37.50 -4.12
C LEU M 84 29.67 38.36 -3.47
N TRP M 85 30.76 37.75 -3.01
CA TRP M 85 31.92 38.46 -2.52
C TRP M 85 33.01 38.57 -3.59
N GLY M 86 32.71 38.14 -4.81
CA GLY M 86 33.66 38.17 -5.91
C GLY M 86 34.85 37.27 -5.69
N CYS M 87 34.65 36.15 -5.01
CA CYS M 87 35.72 35.22 -4.68
C CYS M 87 35.39 33.80 -5.13
N SER M 88 34.63 33.68 -6.22
CA SER M 88 34.06 32.40 -6.63
C SER M 88 35.15 31.37 -6.93
N GLY M 89 36.13 31.78 -7.73
CA GLY M 89 37.16 30.90 -8.24
C GLY M 89 38.26 30.56 -7.26
N LYS M 90 38.36 31.30 -6.17
CA LYS M 90 39.53 31.23 -5.30
C LYS M 90 39.15 30.67 -3.94
N LEU M 91 40.10 29.98 -3.30
CA LEU M 91 39.92 29.56 -1.92
C LEU M 91 40.36 30.61 -0.90
N ILE M 92 41.32 31.46 -1.26
CA ILE M 92 41.77 32.57 -0.42
C ILE M 92 41.64 33.85 -1.20
N CYS M 93 40.82 34.78 -0.71
CA CYS M 93 40.72 36.07 -1.37
C CYS M 93 40.81 37.19 -0.34
N CYS M 94 41.49 38.26 -0.72
CA CYS M 94 41.61 39.46 0.08
C CYS M 94 40.64 40.53 -0.40
N THR M 95 40.21 41.39 0.53
CA THR M 95 39.17 42.37 0.23
C THR M 95 39.68 43.76 0.56
N ALA M 96 38.78 44.77 0.53
CA ALA M 96 39.18 46.11 0.92
C ALA M 96 38.20 46.73 1.92
N VAL M 97 37.33 45.92 2.51
CA VAL M 97 36.57 46.32 3.70
C VAL M 97 37.51 46.25 4.90
N PRO M 98 37.70 47.35 5.63
CA PRO M 98 38.54 47.28 6.84
C PRO M 98 37.86 46.61 8.01
N TRP M 99 38.71 46.03 8.87
CA TRP M 99 38.25 45.26 10.03
C TRP M 99 38.02 46.20 11.21
N ASN M 100 36.74 46.43 11.51
CA ASN M 100 36.35 47.22 12.66
C ASN M 100 36.72 46.46 13.94
N SER M 101 37.40 47.15 14.84
CA SER M 101 38.02 46.53 16.02
C SER M 101 37.01 46.01 17.04
N SER M 102 35.76 46.47 16.99
CA SER M 102 34.75 46.00 17.93
C SER M 102 34.48 44.50 17.77
N TRP M 103 34.76 43.94 16.60
CA TRP M 103 34.55 42.52 16.36
C TRP M 103 35.54 41.68 17.17
N SER M 104 36.83 41.94 16.99
CA SER M 104 37.87 41.30 17.79
C SER M 104 39.02 42.27 18.00
N ASN M 105 39.59 42.26 19.21
CA ASN M 105 40.71 43.13 19.56
C ASN M 105 42.07 42.46 19.41
N LYS M 106 42.12 41.21 18.99
CA LYS M 106 43.39 40.49 18.95
C LYS M 106 44.24 40.94 17.78
N SER M 107 45.56 40.73 17.91
CA SER M 107 46.53 41.18 16.92
C SER M 107 46.84 40.05 15.94
N LEU M 108 47.83 40.26 15.08
CA LEU M 108 48.18 39.27 14.06
C LEU M 108 48.85 38.05 14.69
N GLY M 109 49.84 38.28 15.56
CA GLY M 109 50.56 37.18 16.17
C GLY M 109 49.79 36.42 17.22
N ASP M 110 48.73 37.03 17.77
CA ASP M 110 47.90 36.37 18.75
C ASP M 110 46.83 35.49 18.12
N ILE M 111 46.75 35.44 16.79
CA ILE M 111 45.69 34.75 16.07
C ILE M 111 46.25 33.63 15.19
N TRP M 112 47.25 33.94 14.36
CA TRP M 112 47.68 32.98 13.35
C TRP M 112 48.75 32.01 13.81
N ASP M 113 49.42 32.26 14.94
CA ASP M 113 50.49 31.36 15.37
C ASP M 113 50.32 30.89 16.80
N ASN M 114 49.13 31.02 17.37
CA ASN M 114 48.93 30.61 18.76
C ASN M 114 47.51 30.11 18.97
N MET M 115 46.64 30.33 17.99
CA MET M 115 45.25 29.96 18.12
C MET M 115 44.82 29.08 16.95
N THR M 116 43.84 28.22 17.22
CA THR M 116 43.18 27.39 16.22
C THR M 116 41.88 28.02 15.74
N TRP M 117 41.46 27.60 14.53
CA TRP M 117 40.24 28.09 13.89
C TRP M 117 39.00 27.86 14.75
N MET M 118 39.02 26.84 15.61
CA MET M 118 37.86 26.47 16.42
C MET M 118 37.44 27.58 17.37
N GLN M 119 38.39 28.06 18.18
CA GLN M 119 38.13 29.07 19.20
C GLN M 119 37.84 30.44 18.62
N TRP M 120 38.28 30.67 17.38
CA TRP M 120 37.93 31.89 16.65
C TRP M 120 36.45 31.94 16.28
N ASP M 121 35.94 30.85 15.70
CA ASP M 121 34.54 30.78 15.31
C ASP M 121 33.61 30.97 16.52
N ARG M 122 33.98 30.48 17.71
CA ARG M 122 33.12 30.62 18.88
C ARG M 122 32.97 32.07 19.33
N GLU M 123 33.99 32.91 19.12
CA GLU M 123 33.98 34.24 19.70
C GLU M 123 33.40 35.31 18.79
N ILE M 124 33.48 35.14 17.46
CA ILE M 124 33.02 36.16 16.53
C ILE M 124 31.74 35.78 15.81
N SER M 125 31.22 34.55 16.03
CA SER M 125 29.94 34.10 15.47
C SER M 125 28.76 35.04 15.73
N ASN M 126 28.86 35.93 16.73
CA ASN M 126 27.73 36.80 17.03
C ASN M 126 27.53 37.87 15.95
N TYR M 127 28.61 38.42 15.39
CA TYR M 127 28.50 39.53 14.46
C TYR M 127 28.89 39.15 13.03
N THR M 128 29.11 37.85 12.76
CA THR M 128 29.48 37.40 11.42
C THR M 128 28.45 37.80 10.37
N ASN M 129 27.17 37.86 10.76
CA ASN M 129 26.10 38.18 9.82
C ASN M 129 26.21 39.60 9.28
N THR M 130 26.53 40.58 10.14
CA THR M 130 26.76 41.92 9.62
C THR M 130 28.13 42.05 8.98
N ILE M 131 29.06 41.16 9.30
CA ILE M 131 30.30 41.06 8.53
C ILE M 131 30.00 40.52 7.14
N PHE M 132 29.21 39.44 7.08
CA PHE M 132 28.77 38.90 5.79
C PHE M 132 27.95 39.90 4.99
N ARG M 133 27.25 40.81 5.69
CA ARG M 133 26.61 41.92 5.01
C ARG M 133 27.62 42.95 4.53
N LEU M 134 28.77 43.08 5.21
CA LEU M 134 29.78 44.02 4.74
C LEU M 134 30.53 43.47 3.54
N LEU M 135 30.63 42.14 3.41
CA LEU M 135 31.42 41.60 2.30
C LEU M 135 30.67 41.73 0.99
N GLU M 136 29.35 41.65 1.04
CA GLU M 136 28.54 41.78 -0.16
C GLU M 136 28.23 43.24 -0.51
N GLU M 137 28.12 44.12 0.49
CA GLU M 137 27.74 45.49 0.17
C GLU M 137 28.98 46.35 -0.06
N SER M 138 29.88 46.38 0.94
CA SER M 138 30.97 47.35 0.99
C SER M 138 31.90 47.23 -0.21
N GLN M 139 32.25 46.01 -0.59
CA GLN M 139 33.16 45.85 -1.72
C GLN M 139 32.47 45.48 -3.02
N ASN M 140 31.90 44.28 -3.11
CA ASN M 140 31.56 43.76 -4.44
C ASN M 140 30.38 44.52 -5.03
N GLN M 141 29.54 45.12 -4.19
CA GLN M 141 28.51 45.99 -4.72
C GLN M 141 29.04 47.39 -5.06
N GLN M 142 30.08 47.86 -4.36
CA GLN M 142 30.73 49.11 -4.76
C GLN M 142 31.76 48.92 -5.86
N GLU M 143 32.56 47.84 -5.79
CA GLU M 143 33.62 47.60 -6.77
C GLU M 143 33.06 47.47 -8.19
N LYS M 144 31.89 46.84 -8.32
CA LYS M 144 31.33 46.57 -9.64
C LYS M 144 30.76 47.84 -10.26
N ASN M 145 30.13 48.69 -9.45
CA ASN M 145 29.67 49.97 -9.95
C ASN M 145 30.85 50.85 -10.36
N GLU M 146 31.91 50.86 -9.54
CA GLU M 146 33.13 51.58 -9.92
C GLU M 146 33.81 50.96 -11.13
N LYS M 147 33.84 49.62 -11.21
CA LYS M 147 34.46 48.97 -12.36
C LYS M 147 33.67 49.19 -13.63
N ASP M 148 32.34 49.33 -13.52
CA ASP M 148 31.56 49.69 -14.69
C ASP M 148 31.89 51.12 -15.12
N LEU M 149 32.03 52.03 -14.16
CA LEU M 149 32.39 53.42 -14.45
C LEU M 149 33.84 53.57 -14.89
N LEU M 150 34.67 52.57 -14.61
CA LEU M 150 36.09 52.61 -14.99
C LEU M 150 36.30 52.15 -16.42
N ALA M 151 35.72 51.03 -16.80
CA ALA M 151 35.78 50.62 -18.20
C ALA M 151 34.87 51.42 -19.13
N LEU M 152 34.26 52.54 -18.72
CA LEU M 152 33.46 53.35 -19.64
C LEU M 152 34.31 54.09 -20.64
N ASP M 153 35.62 54.20 -20.39
CA ASP M 153 36.52 54.95 -21.25
C ASP M 153 37.69 54.09 -21.71
N GLN N 1 -6.05 17.34 30.42
CA GLN N 1 -5.06 16.70 29.57
C GLN N 1 -3.68 16.76 30.21
N VAL N 2 -2.86 15.74 29.92
CA VAL N 2 -1.56 15.48 30.54
C VAL N 2 -1.79 15.48 32.05
N GLN N 3 -2.57 14.51 32.52
CA GLN N 3 -2.98 14.42 33.91
C GLN N 3 -3.03 12.97 34.36
N LEU N 4 -2.93 12.77 35.68
CA LEU N 4 -3.02 11.45 36.28
C LEU N 4 -4.22 11.42 37.22
N VAL N 5 -5.10 10.44 37.03
CA VAL N 5 -6.30 10.27 37.83
C VAL N 5 -6.26 8.89 38.46
N GLN N 6 -6.45 8.83 39.78
CA GLN N 6 -6.37 7.57 40.51
C GLN N 6 -7.76 7.06 40.84
N SER N 7 -7.80 5.92 41.54
CA SER N 7 -9.05 5.28 41.92
C SER N 7 -9.53 5.84 43.27
N ARG N 8 -10.62 5.26 43.77
CA ARG N 8 -11.19 5.70 45.03
C ARG N 8 -10.33 5.24 46.20
N ALA N 9 -10.46 5.96 47.32
CA ALA N 9 -9.77 5.57 48.53
C ALA N 9 -10.38 4.29 49.10
N GLU N 10 -9.52 3.38 49.55
CA GLU N 10 -9.95 2.08 50.03
C GLU N 10 -9.34 1.78 51.39
N VAL N 11 -10.11 1.13 52.24
CA VAL N 11 -9.68 0.70 53.57
C VAL N 11 -9.87 -0.81 53.64
N LYS N 12 -8.80 -1.53 53.97
CA LYS N 12 -8.81 -2.99 53.95
C LYS N 12 -8.30 -3.52 55.28
N LYS N 13 -8.47 -4.83 55.48
CA LYS N 13 -8.03 -5.59 56.63
C LYS N 13 -6.57 -5.99 56.48
N PRO N 14 -5.87 -6.26 57.58
CA PRO N 14 -4.51 -6.79 57.48
C PRO N 14 -4.47 -8.13 56.77
N GLY N 15 -3.47 -8.32 55.92
CA GLY N 15 -3.31 -9.54 55.13
C GLY N 15 -3.93 -9.46 53.75
N ALA N 16 -4.93 -8.60 53.58
CA ALA N 16 -5.61 -8.48 52.29
C ALA N 16 -4.77 -7.69 51.30
N SER N 17 -5.22 -7.68 50.05
CA SER N 17 -4.53 -7.01 48.96
C SER N 17 -5.33 -5.82 48.47
N VAL N 18 -4.62 -4.74 48.15
CA VAL N 18 -5.23 -3.52 47.64
C VAL N 18 -4.63 -3.20 46.28
N LYS N 19 -5.47 -2.73 45.37
CA LYS N 19 -5.07 -2.39 44.01
C LYS N 19 -5.32 -0.90 43.78
N VAL N 20 -4.25 -0.14 43.59
CA VAL N 20 -4.34 1.30 43.37
C VAL N 20 -3.99 1.54 41.91
N SER N 21 -5.01 1.82 41.10
CA SER N 21 -4.81 2.10 39.69
C SER N 21 -4.61 3.59 39.46
N CYS N 22 -3.95 3.91 38.33
CA CYS N 22 -3.70 5.30 37.96
C CYS N 22 -3.70 5.38 36.43
N GLU N 23 -4.87 5.65 35.86
CA GLU N 23 -4.96 5.81 34.41
C GLU N 23 -4.44 7.19 34.00
N ALA N 24 -3.89 7.24 32.78
CA ALA N 24 -3.25 8.45 32.26
C ALA N 24 -3.91 8.84 30.95
N SER N 25 -4.15 10.13 30.77
CA SER N 25 -4.80 10.64 29.57
C SER N 25 -4.14 11.94 29.13
N GLY N 26 -4.20 12.20 27.83
CA GLY N 26 -3.76 13.45 27.26
C GLY N 26 -2.31 13.52 26.84
N TYR N 27 -1.54 12.45 27.05
CA TYR N 27 -0.12 12.46 26.70
C TYR N 27 0.32 11.05 26.34
N ASN N 28 1.60 10.92 25.97
CA ASN N 28 2.17 9.63 25.62
C ASN N 28 2.40 8.81 26.89
N PHE N 29 1.52 7.85 27.13
CA PHE N 29 1.59 7.04 28.34
C PHE N 29 2.81 6.11 28.34
N VAL N 30 3.16 5.55 27.18
CA VAL N 30 4.21 4.53 27.12
C VAL N 30 5.58 5.13 27.38
N ASP N 31 5.89 6.28 26.78
CA ASP N 31 7.27 6.78 26.78
C ASP N 31 7.68 7.40 28.11
N HIS N 32 6.76 7.62 29.03
CA HIS N 32 7.07 8.26 30.31
C HIS N 32 6.90 7.27 31.45
N TYR N 33 7.86 7.27 32.37
CA TYR N 33 7.86 6.32 33.46
C TYR N 33 6.81 6.68 34.49
N ILE N 34 6.23 5.67 35.13
CA ILE N 34 5.23 5.86 36.18
C ILE N 34 5.87 5.52 37.51
N HIS N 35 6.04 6.53 38.37
CA HIS N 35 6.56 6.33 39.71
C HIS N 35 5.42 6.28 40.72
N TRP N 36 5.60 5.48 41.75
CA TRP N 36 4.65 5.36 42.85
C TRP N 36 5.35 5.76 44.15
N VAL N 37 4.75 6.68 44.89
CA VAL N 37 5.34 7.22 46.10
C VAL N 37 4.27 7.32 47.17
N ARG N 38 4.66 7.05 48.42
CA ARG N 38 3.77 7.10 49.56
C ARG N 38 3.96 8.39 50.36
N GLN N 39 3.04 8.60 51.30
CA GLN N 39 3.13 9.71 52.24
C GLN N 39 2.30 9.37 53.46
N ALA N 40 2.94 8.99 54.55
CA ALA N 40 2.21 8.75 55.78
C ALA N 40 1.81 10.07 56.43
N PRO N 41 0.58 10.17 56.94
CA PRO N 41 0.14 11.45 57.54
C PRO N 41 0.80 11.70 58.89
N GLY N 42 2.04 12.20 58.86
CA GLY N 42 2.81 12.41 60.07
C GLY N 42 4.19 11.80 59.97
N GLN N 43 4.64 11.54 58.75
CA GLN N 43 5.96 10.97 58.50
C GLN N 43 6.42 11.45 57.12
N ARG N 44 7.71 11.29 56.86
CA ARG N 44 8.27 11.71 55.59
C ARG N 44 7.69 10.86 54.45
N PRO N 45 7.54 11.43 53.25
CA PRO N 45 7.04 10.63 52.12
C PRO N 45 8.10 9.64 51.66
N GLN N 46 7.72 8.36 51.64
CA GLN N 46 8.64 7.29 51.28
C GLN N 46 8.32 6.77 49.89
N TRP N 47 9.36 6.38 49.16
CA TRP N 47 9.26 6.10 47.74
C TRP N 47 9.21 4.59 47.50
N VAL N 48 8.19 4.15 46.75
CA VAL N 48 7.94 2.72 46.55
C VAL N 48 8.78 2.20 45.39
N GLY N 49 8.54 2.74 44.20
CA GLY N 49 9.25 2.26 43.02
C GLY N 49 8.74 2.96 41.78
N TRP N 50 9.29 2.56 40.64
CA TRP N 50 8.87 3.08 39.35
C TRP N 50 8.53 1.93 38.43
N MET N 51 7.88 2.26 37.31
CA MET N 51 7.42 1.25 36.37
C MET N 51 7.22 1.95 35.02
N ASN N 52 8.02 1.57 34.03
CA ASN N 52 7.78 2.15 32.71
C ASN N 52 6.84 1.23 31.92
N PRO N 53 5.91 1.81 31.16
CA PRO N 53 4.88 1.00 30.49
C PRO N 53 5.31 0.35 29.19
N GLN N 54 6.61 0.32 28.87
CA GLN N 54 7.05 -0.40 27.68
C GLN N 54 6.95 -1.90 27.89
N TRP N 55 7.65 -2.43 28.89
CA TRP N 55 7.57 -3.84 29.24
C TRP N 55 7.18 -4.09 30.68
N GLY N 56 7.28 -3.09 31.55
CA GLY N 56 6.82 -3.15 32.92
C GLY N 56 7.96 -2.99 33.91
N GLN N 57 9.05 -3.73 33.68
CA GLN N 57 10.41 -3.49 34.18
C GLN N 57 10.48 -2.86 35.58
N VAL N 58 9.75 -3.48 36.49
CA VAL N 58 9.46 -2.87 37.78
C VAL N 58 10.70 -2.84 38.66
N ASN N 59 10.85 -1.76 39.42
CA ASN N 59 11.89 -1.61 40.42
C ASN N 59 11.24 -1.33 41.76
N TYR N 60 11.77 -1.95 42.82
CA TYR N 60 11.18 -1.86 44.14
C TYR N 60 12.24 -1.49 45.17
N ALA N 61 11.80 -0.74 46.19
CA ALA N 61 12.61 -0.57 47.37
C ALA N 61 12.60 -1.85 48.20
N ARG N 62 13.66 -2.06 48.99
CA ARG N 62 13.78 -3.30 49.74
C ARG N 62 12.76 -3.39 50.88
N THR N 63 12.22 -2.25 51.32
CA THR N 63 11.16 -2.26 52.32
C THR N 63 9.81 -2.67 51.76
N PHE N 64 9.70 -2.81 50.43
CA PHE N 64 8.49 -3.29 49.79
C PHE N 64 8.72 -4.51 48.92
N GLN N 65 9.93 -5.05 48.88
CA GLN N 65 10.26 -6.12 47.95
C GLN N 65 9.60 -7.42 48.39
N GLY N 66 8.91 -8.07 47.46
CA GLY N 66 8.14 -9.26 47.75
C GLY N 66 6.73 -8.99 48.20
N ARG N 67 6.35 -7.74 48.41
CA ARG N 67 5.00 -7.37 48.84
C ARG N 67 4.23 -6.60 47.77
N VAL N 68 4.90 -5.82 46.94
CA VAL N 68 4.23 -5.00 45.93
C VAL N 68 4.52 -5.55 44.55
N THR N 69 3.48 -5.63 43.72
CA THR N 69 3.60 -6.00 42.32
C THR N 69 2.91 -4.94 41.48
N MET N 70 3.62 -4.40 40.49
CA MET N 70 3.06 -3.38 39.61
C MET N 70 2.89 -3.97 38.21
N THR N 71 1.67 -3.90 37.71
CA THR N 71 1.34 -4.33 36.36
C THR N 71 0.69 -3.16 35.60
N ARG N 72 0.33 -3.41 34.35
CA ARG N 72 -0.19 -2.34 33.51
C ARG N 72 -1.20 -2.92 32.52
N ASP N 73 -1.98 -2.01 31.92
CA ASP N 73 -2.84 -2.32 30.78
C ASP N 73 -2.64 -1.16 29.80
N THR N 74 -1.66 -1.31 28.90
CA THR N 74 -1.29 -0.22 28.01
C THR N 74 -2.32 0.04 26.92
N SER N 75 -3.24 -0.90 26.70
CA SER N 75 -4.30 -0.67 25.71
C SER N 75 -5.30 0.38 26.19
N ILE N 76 -5.46 0.53 27.51
CA ILE N 76 -6.37 1.50 28.09
C ILE N 76 -5.62 2.56 28.91
N ASP N 77 -4.29 2.60 28.81
CA ASP N 77 -3.44 3.62 29.43
C ASP N 77 -3.61 3.67 30.95
N THR N 78 -3.60 2.49 31.57
CA THR N 78 -3.80 2.37 33.02
C THR N 78 -2.56 1.73 33.64
N ALA N 79 -2.07 2.35 34.72
CA ALA N 79 -0.94 1.83 35.48
C ALA N 79 -1.42 1.38 36.84
N TYR N 80 -1.14 0.12 37.18
CA TYR N 80 -1.59 -0.48 38.42
C TYR N 80 -0.46 -0.57 39.43
N MET N 81 -0.84 -0.81 40.68
CA MET N 81 0.11 -1.04 41.76
C MET N 81 -0.61 -1.79 42.87
N GLN N 82 -0.25 -3.06 43.06
CA GLN N 82 -0.94 -3.94 43.99
C GLN N 82 0.00 -4.30 45.13
N LEU N 83 -0.48 -4.12 46.37
CA LEU N 83 0.27 -4.47 47.56
C LEU N 83 -0.28 -5.77 48.14
N ASN N 84 0.63 -6.67 48.51
CA ASN N 84 0.26 -7.90 49.21
C ASN N 84 0.85 -7.89 50.61
N ARG N 85 0.27 -8.72 51.48
CA ARG N 85 0.66 -8.85 52.89
C ARG N 85 0.59 -7.51 53.61
N LEU N 86 -0.60 -6.91 53.59
CA LEU N 86 -0.80 -5.62 54.23
C LEU N 86 -0.74 -5.76 55.75
N THR N 87 -0.06 -4.82 56.39
CA THR N 87 0.11 -4.81 57.85
C THR N 87 -0.53 -3.54 58.42
N SER N 88 -0.34 -3.33 59.72
CA SER N 88 -0.88 -2.15 60.38
C SER N 88 -0.08 -0.90 60.00
N GLY N 89 1.21 -1.05 59.75
CA GLY N 89 2.09 0.05 59.43
C GLY N 89 2.09 0.46 57.98
N ASP N 90 1.14 -0.02 57.18
CA ASP N 90 1.06 0.29 55.76
C ASP N 90 -0.03 1.32 55.46
N THR N 91 -0.19 2.32 56.32
CA THR N 91 -1.17 3.37 56.10
C THR N 91 -0.46 4.64 55.61
N ALA N 92 -0.99 5.21 54.53
CA ALA N 92 -0.44 6.39 53.87
C ALA N 92 -1.47 6.85 52.83
N VAL N 93 -1.12 7.92 52.11
CA VAL N 93 -1.80 8.32 50.89
C VAL N 93 -0.88 7.96 49.73
N TYR N 94 -1.44 7.35 48.69
CA TYR N 94 -0.67 6.74 47.62
C TYR N 94 -0.78 7.59 46.36
N TYR N 95 0.36 8.01 45.82
CA TYR N 95 0.42 8.90 44.68
C TYR N 95 1.13 8.21 43.52
N CYS N 96 0.59 8.40 42.31
CA CYS N 96 1.28 8.02 41.09
C CYS N 96 1.94 9.26 40.51
N ALA N 97 3.23 9.15 40.18
CA ALA N 97 4.03 10.29 39.75
C ALA N 97 4.71 9.98 38.43
N THR N 98 4.98 11.04 37.67
CA THR N 98 5.66 10.92 36.39
C THR N 98 6.41 12.21 36.10
N GLN N 99 7.01 12.27 34.91
CA GLN N 99 7.72 13.47 34.46
C GLN N 99 7.48 13.62 32.96
N VAL N 100 6.66 14.60 32.59
CA VAL N 100 6.33 14.84 31.19
C VAL N 100 6.73 16.26 30.80
N LYS N 101 6.17 17.25 31.49
CA LYS N 101 6.34 18.65 31.13
C LYS N 101 7.57 19.26 31.81
N LEU N 102 8.72 18.60 31.66
CA LEU N 102 9.98 19.11 32.17
C LEU N 102 11.05 18.92 31.11
N ASP N 103 12.06 19.78 31.12
CA ASP N 103 13.16 19.70 30.17
C ASP N 103 14.32 18.87 30.70
N SER N 104 14.19 18.29 31.89
CA SER N 104 15.22 17.46 32.48
C SER N 104 14.93 16.01 32.13
N SER N 105 15.90 15.36 31.49
CA SER N 105 15.78 13.95 31.12
C SER N 105 16.34 13.02 32.18
N ALA N 106 16.74 13.55 33.34
CA ALA N 106 17.35 12.74 34.38
C ALA N 106 16.37 11.85 35.11
N GLY N 107 15.06 12.02 34.90
CA GLY N 107 14.07 11.18 35.51
C GLY N 107 13.62 11.58 36.89
N TYR N 108 14.26 12.58 37.49
CA TYR N 108 13.90 13.09 38.80
C TYR N 108 14.06 14.60 38.80
N PRO N 109 13.19 15.34 39.52
CA PRO N 109 12.05 14.88 40.31
C PRO N 109 10.78 14.73 39.49
N PHE N 110 9.63 14.70 40.15
CA PHE N 110 8.33 14.53 39.52
C PHE N 110 7.57 15.84 39.50
N ASP N 111 6.72 16.01 38.51
CA ASP N 111 5.93 17.22 38.37
C ASP N 111 4.43 16.97 38.29
N ILE N 112 4.01 15.85 37.73
CA ILE N 112 2.60 15.57 37.53
C ILE N 112 2.21 14.41 38.44
N TRP N 113 1.25 14.66 39.32
CA TRP N 113 0.87 13.72 40.36
C TRP N 113 -0.62 13.41 40.23
N GLY N 114 -1.03 12.28 40.82
CA GLY N 114 -2.40 11.86 40.77
C GLY N 114 -3.29 12.61 41.75
N GLN N 115 -4.57 12.26 41.73
CA GLN N 115 -5.53 12.89 42.62
C GLN N 115 -5.41 12.42 44.06
N GLY N 116 -4.74 11.29 44.29
CA GLY N 116 -4.56 10.79 45.64
C GLY N 116 -5.47 9.63 46.00
N THR N 117 -4.93 8.66 46.74
CA THR N 117 -5.71 7.50 47.20
C THR N 117 -5.24 7.19 48.62
N MET N 118 -6.01 7.64 49.60
CA MET N 118 -5.67 7.38 51.00
C MET N 118 -6.05 5.95 51.36
N VAL N 119 -5.05 5.15 51.73
CA VAL N 119 -5.25 3.76 52.08
C VAL N 119 -4.86 3.58 53.54
N THR N 120 -5.83 3.16 54.36
CA THR N 120 -5.61 2.90 55.78
C THR N 120 -5.92 1.44 56.06
N VAL N 121 -4.98 0.74 56.67
CA VAL N 121 -5.15 -0.67 57.00
C VAL N 121 -5.17 -0.87 58.51
N ALA O 3 18.60 9.94 54.88
CA ALA O 3 19.50 10.86 55.57
C ALA O 3 19.38 12.27 54.99
N LEU O 4 18.16 12.62 54.57
CA LEU O 4 17.87 13.94 54.00
C LEU O 4 17.00 14.69 55.00
N THR O 5 17.57 15.69 55.66
CA THR O 5 16.93 16.34 56.81
C THR O 5 16.61 17.79 56.49
N GLN O 6 15.46 18.23 57.01
CA GLN O 6 15.02 19.63 56.92
C GLN O 6 14.27 19.96 58.20
N PRO O 7 14.22 21.25 58.58
CA PRO O 7 13.46 21.61 59.80
C PRO O 7 11.96 21.50 59.62
N ARG O 8 11.23 21.57 60.73
CA ARG O 8 9.78 21.38 60.75
C ARG O 8 8.99 22.68 60.59
N SER O 9 9.45 23.78 61.20
CA SER O 9 8.72 25.03 61.13
C SER O 9 9.70 26.18 61.23
N VAL O 10 9.63 27.10 60.26
CA VAL O 10 10.45 28.31 60.23
C VAL O 10 9.52 29.51 60.23
N SER O 11 9.90 30.56 60.96
CA SER O 11 9.06 31.72 61.12
C SER O 11 9.04 32.58 59.86
N GLY O 12 8.05 33.45 59.78
CA GLY O 12 7.93 34.34 58.63
C GLY O 12 6.81 35.33 58.83
N SER O 13 6.76 36.29 57.91
CA SER O 13 5.74 37.34 57.90
C SER O 13 5.59 37.84 56.48
N PRO O 14 4.42 38.34 56.09
CA PRO O 14 4.23 38.85 54.71
C PRO O 14 5.15 40.03 54.42
N GLY O 15 6.00 39.86 53.41
CA GLY O 15 7.06 40.79 53.11
C GLY O 15 8.43 40.36 53.58
N GLN O 16 8.50 39.34 54.45
CA GLN O 16 9.76 38.82 54.95
C GLN O 16 9.93 37.39 54.45
N SER O 17 11.16 37.06 54.07
CA SER O 17 11.46 35.80 53.41
C SER O 17 11.42 34.63 54.37
N VAL O 18 10.78 33.54 53.91
CA VAL O 18 10.77 32.27 54.62
C VAL O 18 11.84 31.38 54.01
N ASN O 19 12.69 30.80 54.86
CA ASN O 19 13.89 30.10 54.41
C ASN O 19 13.91 28.68 54.99
N ILE O 20 14.17 27.70 54.13
CA ILE O 20 14.21 26.29 54.51
C ILE O 20 15.55 25.71 54.09
N SER O 21 16.23 25.06 55.02
CA SER O 21 17.48 24.37 54.75
C SER O 21 17.22 22.89 54.55
N CYS O 22 18.07 22.25 53.76
CA CYS O 22 17.93 20.81 53.48
C CYS O 22 19.29 20.25 53.12
N THR O 23 19.92 19.55 54.06
CA THR O 23 21.24 18.99 53.85
C THR O 23 21.15 17.51 53.50
N GLY O 24 22.22 17.00 52.88
CA GLY O 24 22.29 15.63 52.46
C GLY O 24 23.05 15.45 51.16
N ALA O 25 23.22 14.21 50.72
CA ALA O 25 23.91 13.93 49.47
C ALA O 25 23.00 14.20 48.28
N TYR O 26 23.49 15.03 47.35
CA TYR O 26 22.71 15.51 46.20
C TYR O 26 21.40 16.16 46.64
N SER O 27 21.48 16.94 47.72
CA SER O 27 20.30 17.45 48.39
C SER O 27 19.60 18.51 47.56
N GLY O 28 18.28 18.55 47.68
CA GLY O 28 17.48 19.56 47.02
C GLY O 28 17.44 19.50 45.52
N LEU O 29 17.31 18.30 44.94
CA LEU O 29 17.08 18.20 43.51
C LEU O 29 15.72 18.74 43.13
N GLY O 30 14.71 18.50 43.96
CA GLY O 30 13.38 19.02 43.73
C GLY O 30 12.71 19.41 45.02
N TRP O 31 11.87 20.42 44.94
CA TRP O 31 11.09 20.92 46.07
C TRP O 31 9.61 20.91 45.68
N TYR O 32 8.76 20.46 46.60
CA TYR O 32 7.33 20.36 46.36
C TYR O 32 6.57 21.21 47.36
N GLN O 33 5.51 21.86 46.88
CA GLN O 33 4.59 22.61 47.73
C GLN O 33 3.30 21.80 47.85
N GLN O 34 3.15 21.08 48.95
CA GLN O 34 1.97 20.24 49.18
C GLN O 34 0.89 21.11 49.83
N HIS O 35 -0.10 21.50 49.03
CA HIS O 35 -1.28 22.15 49.58
C HIS O 35 -2.06 21.15 50.44
N PRO O 36 -2.55 21.57 51.61
CA PRO O 36 -3.37 20.68 52.43
C PRO O 36 -4.61 20.16 51.72
N GLY O 37 -4.67 18.84 51.51
CA GLY O 37 -5.84 18.23 50.90
C GLY O 37 -5.54 17.48 49.62
N ARG O 38 -4.60 17.97 48.81
CA ARG O 38 -4.32 17.42 47.50
C ARG O 38 -2.85 17.05 47.38
N ALA O 39 -2.47 16.62 46.18
CA ALA O 39 -1.12 16.14 45.92
C ALA O 39 -0.12 17.31 45.87
N PRO O 40 1.16 17.04 46.13
CA PRO O 40 2.18 18.09 45.99
C PRO O 40 2.35 18.53 44.55
N LYS O 41 3.01 19.67 44.39
CA LYS O 41 3.24 20.30 43.10
C LYS O 41 4.69 20.76 43.06
N LEU O 42 5.38 20.48 41.95
CA LEU O 42 6.76 20.88 41.79
C LEU O 42 6.87 22.39 41.64
N ILE O 43 7.76 23.01 42.42
CA ILE O 43 7.96 24.45 42.38
C ILE O 43 9.34 24.81 41.84
N ILE O 44 10.37 24.02 42.15
CA ILE O 44 11.69 24.14 41.53
C ILE O 44 12.26 22.74 41.34
N TYR O 45 13.07 22.57 40.30
CA TYR O 45 13.79 21.34 40.05
C TYR O 45 15.21 21.68 39.63
N GLU O 46 16.13 20.75 39.89
CA GLU O 46 17.57 20.95 39.72
C GLU O 46 18.03 22.20 40.47
N VAL O 47 17.74 22.20 41.76
CA VAL O 47 18.03 23.20 42.81
C VAL O 47 17.63 24.64 42.48
N ASN O 48 17.74 25.06 41.21
CA ASN O 48 17.44 26.44 40.86
C ASN O 48 16.48 26.65 39.70
N ARG O 49 16.33 25.68 38.80
CA ARG O 49 15.54 25.91 37.60
C ARG O 49 14.04 25.84 37.93
N ARG O 50 13.27 26.69 37.25
CA ARG O 50 11.85 26.90 37.55
C ARG O 50 10.97 26.23 36.50
N PRO O 51 10.07 25.32 36.88
CA PRO O 51 9.11 24.78 35.92
C PRO O 51 7.98 25.75 35.62
N SER O 52 7.26 25.45 34.54
CA SER O 52 6.12 26.27 34.15
C SER O 52 4.95 26.03 35.09
N GLY O 53 4.14 27.08 35.28
CA GLY O 53 2.96 27.00 36.12
C GLY O 53 3.14 27.48 37.54
N VAL O 54 4.28 28.07 37.88
CA VAL O 54 4.54 28.56 39.23
C VAL O 54 5.03 30.01 39.10
N SER O 55 4.84 30.78 40.17
CA SER O 55 5.13 32.21 40.15
C SER O 55 6.63 32.47 40.13
N ASP O 56 6.98 33.71 39.81
CA ASP O 56 8.38 34.10 39.71
C ASP O 56 9.04 34.26 41.09
N ARG O 57 8.25 34.46 42.14
CA ARG O 57 8.82 34.64 43.47
C ARG O 57 9.39 33.35 44.06
N PHE O 58 9.08 32.19 43.47
CA PHE O 58 9.61 30.93 43.93
C PHE O 58 10.99 30.72 43.31
N SER O 59 12.01 30.57 44.16
CA SER O 59 13.38 30.37 43.68
C SER O 59 14.18 29.63 44.75
N GLY O 60 15.31 29.08 44.33
CA GLY O 60 16.16 28.34 45.24
C GLY O 60 17.62 28.66 44.99
N SER O 61 18.42 28.44 46.03
CA SER O 61 19.85 28.69 45.97
C SER O 61 20.60 27.42 46.35
N LYS O 62 21.76 27.23 45.74
CA LYS O 62 22.58 26.03 45.94
C LYS O 62 23.76 26.34 46.85
N SER O 63 24.24 25.29 47.52
CA SER O 63 25.42 25.37 48.36
C SER O 63 26.20 24.07 48.19
N GLY O 64 27.16 23.83 49.10
CA GLY O 64 27.95 22.61 49.02
C GLY O 64 27.13 21.36 49.28
N ASN O 65 26.36 21.35 50.37
CA ASN O 65 25.53 20.21 50.69
C ASN O 65 24.14 20.58 51.20
N THR O 66 23.83 21.87 51.39
CA THR O 66 22.57 22.31 51.96
C THR O 66 21.76 23.03 50.91
N ALA O 67 20.51 22.62 50.74
CA ALA O 67 19.60 23.26 49.79
C ALA O 67 18.79 24.33 50.50
N SER O 68 18.86 25.55 50.01
CA SER O 68 18.18 26.70 50.61
C SER O 68 17.08 27.17 49.66
N LEU O 69 15.83 26.93 50.03
CA LEU O 69 14.69 27.42 49.27
C LEU O 69 14.24 28.75 49.87
N THR O 70 14.33 29.82 49.10
CA THR O 70 14.00 31.17 49.55
C THR O 70 12.80 31.68 48.77
N ILE O 71 11.74 32.02 49.49
CA ILE O 71 10.53 32.62 48.91
C ILE O 71 10.41 34.05 49.42
N SER O 72 10.23 34.99 48.50
CA SER O 72 10.11 36.41 48.83
C SER O 72 8.70 36.89 48.49
N GLY O 73 8.16 37.76 49.34
CA GLY O 73 6.82 38.28 49.14
C GLY O 73 5.76 37.24 49.39
N LEU O 74 5.60 36.83 50.65
CA LEU O 74 4.63 35.81 51.00
C LEU O 74 3.20 36.33 50.84
N ARG O 75 2.27 35.39 50.73
CA ARG O 75 0.85 35.68 50.72
C ARG O 75 0.14 34.71 51.66
N THR O 76 -1.14 34.98 51.92
CA THR O 76 -1.92 34.11 52.79
C THR O 76 -2.27 32.79 52.12
N GLU O 77 -2.27 32.73 50.78
CA GLU O 77 -2.65 31.53 50.06
C GLU O 77 -1.49 30.55 49.90
N ASP O 78 -0.29 30.90 50.35
CA ASP O 78 0.88 30.05 50.22
C ASP O 78 1.07 29.10 51.39
N GLU O 79 0.15 29.09 52.35
CA GLU O 79 0.26 28.23 53.53
C GLU O 79 0.14 26.77 53.12
N ALA O 80 1.26 26.06 53.13
CA ALA O 80 1.32 24.69 52.65
C ALA O 80 2.54 24.01 53.26
N ASP O 81 2.69 22.72 52.94
CA ASP O 81 3.83 21.94 53.43
C ASP O 81 4.88 21.82 52.33
N TYR O 82 6.14 22.05 52.71
CA TYR O 82 7.25 22.06 51.77
C TYR O 82 8.15 20.85 52.01
N PHE O 83 8.43 20.11 50.96
CA PHE O 83 9.21 18.87 51.03
C PHE O 83 10.45 18.99 50.16
N CYS O 84 11.58 18.56 50.71
CA CYS O 84 12.85 18.54 49.99
C CYS O 84 13.18 17.10 49.60
N SER O 85 13.48 16.88 48.33
CA SER O 85 13.71 15.55 47.81
C SER O 85 15.08 15.48 47.12
N ALA O 86 15.69 14.30 47.19
CA ALA O 86 16.96 14.01 46.53
C ALA O 86 16.83 12.64 45.88
N PHE O 87 16.64 12.62 44.55
CA PHE O 87 16.34 11.42 43.78
C PHE O 87 15.13 10.68 44.35
N GLU O 88 15.36 9.51 44.93
CA GLU O 88 14.28 8.75 45.56
C GLU O 88 14.07 9.13 47.02
N TYR O 89 15.00 9.85 47.64
CA TYR O 89 14.87 10.21 49.04
C TYR O 89 13.98 11.44 49.20
N PHE O 90 13.65 11.74 50.45
CA PHE O 90 12.77 12.85 50.79
C PHE O 90 13.16 13.43 52.15
N GLY O 91 12.72 14.66 52.39
CA GLY O 91 12.91 15.30 53.68
C GLY O 91 11.73 15.08 54.61
N GLU O 92 11.85 15.62 55.82
CA GLU O 92 10.79 15.46 56.82
C GLU O 92 9.57 16.31 56.45
N GLY O 93 9.79 17.56 56.07
CA GLY O 93 8.67 18.44 55.77
C GLY O 93 8.69 19.66 56.66
N THR O 94 8.51 20.82 56.04
CA THR O 94 8.54 22.11 56.73
C THR O 94 7.20 22.81 56.56
N LYS O 95 6.57 23.15 57.69
CA LYS O 95 5.28 23.83 57.67
C LYS O 95 5.49 25.33 57.68
N LEU O 96 4.75 26.03 56.82
CA LEU O 96 4.88 27.47 56.70
C LEU O 96 4.27 28.16 57.91
N THR O 97 4.94 29.21 58.39
CA THR O 97 4.44 30.01 59.51
C THR O 97 4.37 31.46 59.05
N VAL O 98 3.16 31.98 58.91
CA VAL O 98 2.92 33.36 58.51
C VAL O 98 2.09 34.03 59.59
N LEU O 99 2.59 35.15 60.11
CA LEU O 99 1.90 35.87 61.17
C LEU O 99 0.97 36.93 60.58
N ASP P 38 47.31 46.96 6.73
CA ASP P 38 46.21 47.08 7.72
C ASP P 38 45.62 45.69 7.99
N LEU P 39 44.44 45.65 8.62
CA LEU P 39 43.76 44.35 8.86
C LEU P 39 42.46 44.32 8.08
N TRP P 40 42.44 43.63 6.93
CA TRP P 40 41.20 43.50 6.13
C TRP P 40 40.69 42.07 6.30
N VAL P 41 39.38 41.83 6.15
CA VAL P 41 38.93 40.44 6.27
C VAL P 41 39.56 39.63 5.15
N THR P 42 39.62 38.32 5.35
CA THR P 42 40.13 37.40 4.34
C THR P 42 39.43 36.07 4.57
N VAL P 43 38.48 35.74 3.71
CA VAL P 43 37.68 34.55 3.89
C VAL P 43 38.43 33.35 3.30
N TYR P 44 38.41 32.25 4.05
CA TYR P 44 39.07 31.01 3.65
C TYR P 44 38.00 29.94 3.44
N TYR P 45 38.04 29.28 2.30
CA TYR P 45 37.07 28.23 1.99
C TYR P 45 37.72 26.88 2.27
N GLY P 46 37.15 26.14 3.20
CA GLY P 46 37.70 24.85 3.57
C GLY P 46 38.38 24.82 4.92
N VAL P 47 37.95 25.70 5.83
CA VAL P 47 38.53 25.75 7.17
C VAL P 47 38.11 24.51 7.96
N PRO P 48 38.95 24.00 8.85
CA PRO P 48 38.58 22.82 9.65
C PRO P 48 37.87 23.18 10.96
N VAL P 49 36.63 23.64 10.84
CA VAL P 49 35.78 23.90 12.01
C VAL P 49 34.45 23.19 11.79
N TRP P 50 33.86 22.74 12.90
CA TRP P 50 32.56 22.08 12.86
C TRP P 50 31.65 22.64 13.94
N LYS P 51 30.35 22.42 13.75
CA LYS P 51 29.33 22.76 14.73
C LYS P 51 28.54 21.51 15.08
N GLU P 52 28.08 21.45 16.32
CA GLU P 52 27.27 20.31 16.76
C GLU P 52 25.89 20.39 16.11
N ALA P 53 25.68 19.59 15.07
CA ALA P 53 24.41 19.59 14.35
C ALA P 53 24.13 18.18 13.88
N LYS P 54 22.84 17.89 13.74
CA LYS P 54 22.36 16.55 13.44
C LYS P 54 21.79 16.49 12.02
N THR P 55 22.02 15.37 11.35
CA THR P 55 21.58 15.13 9.98
C THR P 55 21.13 13.69 9.86
N THR P 56 20.72 13.32 8.65
CA THR P 56 20.30 11.94 8.38
C THR P 56 21.51 11.12 7.93
N LEU P 57 21.62 9.91 8.46
CA LEU P 57 22.76 9.03 8.19
C LEU P 57 22.49 8.25 6.92
N PHE P 58 23.28 7.20 6.66
CA PHE P 58 23.09 6.37 5.49
C PHE P 58 23.74 5.01 5.71
N CYS P 59 22.98 3.95 5.41
CA CYS P 59 23.52 2.59 5.43
C CYS P 59 24.60 2.42 4.38
N ALA P 60 25.64 1.67 4.74
CA ALA P 60 26.64 1.25 3.76
C ALA P 60 27.20 -0.08 4.26
N SER P 61 26.65 -1.18 3.76
CA SER P 61 27.10 -2.50 4.18
C SER P 61 28.42 -2.86 3.49
N ASP P 62 29.01 -3.95 3.93
CA ASP P 62 30.26 -4.43 3.35
C ASP P 62 30.01 -4.98 1.94
N ALA P 63 31.11 -5.11 1.18
CA ALA P 63 31.03 -5.64 -0.17
C ALA P 63 30.78 -7.14 -0.15
N LYS P 64 29.56 -7.52 0.22
CA LYS P 64 29.20 -8.92 0.45
C LYS P 64 27.86 -9.22 -0.23
N ALA P 65 27.76 -8.89 -1.52
CA ALA P 65 26.53 -9.13 -2.28
C ALA P 65 26.51 -10.58 -2.79
N TYR P 66 26.41 -11.51 -1.83
CA TYR P 66 26.27 -12.93 -2.12
C TYR P 66 24.82 -13.39 -1.99
N ASP P 67 23.87 -12.51 -2.32
CA ASP P 67 22.46 -12.59 -1.96
C ASP P 67 21.77 -13.91 -2.30
N LYS P 68 21.60 -14.20 -3.59
CA LYS P 68 21.09 -15.46 -4.15
C LYS P 68 19.63 -15.76 -3.80
N GLU P 69 19.05 -14.98 -2.88
CA GLU P 69 17.71 -15.11 -2.33
C GLU P 69 17.41 -13.80 -1.59
N VAL P 70 16.19 -13.30 -1.70
CA VAL P 70 15.82 -12.04 -1.08
C VAL P 70 15.93 -12.16 0.43
N ARG P 71 16.92 -11.48 1.01
CA ARG P 71 17.31 -11.71 2.40
C ARG P 71 17.76 -10.38 3.00
N ASN P 72 18.37 -10.49 4.19
CA ASN P 72 19.07 -9.39 4.87
C ASN P 72 18.13 -8.21 5.13
N VAL P 73 17.17 -8.44 6.04
CA VAL P 73 16.13 -7.46 6.35
C VAL P 73 16.67 -6.16 6.92
N TRP P 74 17.94 -6.12 7.33
CA TRP P 74 18.56 -4.86 7.72
C TRP P 74 19.10 -4.13 6.49
N ALA P 75 19.81 -4.85 5.62
CA ALA P 75 20.30 -4.24 4.39
C ALA P 75 19.18 -4.03 3.39
N THR P 76 18.22 -4.95 3.33
CA THR P 76 17.14 -5.04 2.35
C THR P 76 17.73 -5.00 0.94
N HIS P 77 16.98 -4.42 0.01
CA HIS P 77 17.42 -4.38 -1.38
C HIS P 77 18.60 -3.44 -1.60
N ALA P 78 18.52 -2.21 -1.12
CA ALA P 78 19.30 -1.09 -1.67
C ALA P 78 20.12 -0.37 -0.61
N CYS P 79 20.91 -1.11 0.16
CA CYS P 79 21.96 -0.50 0.98
C CYS P 79 23.28 -0.68 0.23
N VAL P 80 23.97 0.44 -0.02
CA VAL P 80 25.12 0.49 -0.93
C VAL P 80 26.32 -0.21 -0.32
N PRO P 81 27.28 -0.68 -1.14
CA PRO P 81 28.55 -1.16 -0.60
C PRO P 81 29.35 -0.01 0.02
N THR P 82 30.18 -0.36 1.01
CA THR P 82 30.99 0.61 1.71
C THR P 82 32.35 0.78 1.02
N ASP P 83 33.18 1.63 1.60
CA ASP P 83 34.54 1.83 1.11
C ASP P 83 35.40 0.62 1.46
N PRO P 84 36.06 -0.01 0.49
CA PRO P 84 37.01 -1.09 0.83
C PRO P 84 38.18 -0.62 1.68
N ASN P 85 38.60 0.63 1.53
CA ASN P 85 39.67 1.23 2.33
C ASN P 85 39.08 2.42 3.08
N PRO P 86 38.63 2.22 4.32
CA PRO P 86 38.09 3.34 5.10
C PRO P 86 39.19 4.32 5.48
N GLN P 87 38.93 5.61 5.26
CA GLN P 87 39.92 6.66 5.51
C GLN P 87 39.77 7.16 6.94
N GLU P 88 40.35 6.39 7.87
CA GLU P 88 40.39 6.81 9.26
C GLU P 88 41.49 7.85 9.44
N ILE P 89 41.12 9.01 9.97
CA ILE P 89 42.00 10.17 10.04
C ILE P 89 42.11 10.60 11.49
N VAL P 90 43.29 10.48 12.07
CA VAL P 90 43.50 10.77 13.48
C VAL P 90 43.89 12.25 13.63
N LEU P 91 43.33 12.91 14.63
CA LEU P 91 43.60 14.32 14.90
C LEU P 91 44.42 14.46 16.18
N GLU P 92 44.97 15.66 16.37
CA GLU P 92 45.77 15.95 17.55
C GLU P 92 45.53 17.39 17.97
N ASN P 93 45.91 17.68 19.22
CA ASN P 93 45.74 18.98 19.87
C ASN P 93 44.28 19.43 19.90
N VAL P 94 43.36 18.46 19.97
CA VAL P 94 41.94 18.79 20.00
C VAL P 94 41.21 17.91 21.00
N THR P 95 40.38 18.52 21.84
CA THR P 95 39.60 17.83 22.87
C THR P 95 38.16 18.28 22.73
N GLU P 96 37.32 17.42 22.15
CA GLU P 96 35.91 17.71 21.93
C GLU P 96 35.06 16.88 22.88
N ASN P 97 34.05 17.52 23.47
CA ASN P 97 33.18 16.84 24.41
C ASN P 97 32.20 15.93 23.69
N PHE P 98 31.80 14.87 24.37
CA PHE P 98 30.88 13.88 23.83
C PHE P 98 29.68 13.75 24.75
N ASN P 99 28.62 13.13 24.24
CA ASN P 99 27.42 12.87 25.02
C ASN P 99 26.65 11.75 24.31
N MET P 100 26.82 10.52 24.79
CA MET P 100 26.21 9.38 24.11
C MET P 100 24.72 9.24 24.41
N TRP P 101 24.19 9.97 25.39
CA TRP P 101 22.76 9.92 25.68
C TRP P 101 21.97 11.04 25.02
N LYS P 102 22.64 12.12 24.63
CA LYS P 102 22.04 13.15 23.78
C LYS P 102 22.40 12.95 22.32
N ASN P 103 23.00 11.81 21.98
CA ASN P 103 23.36 11.51 20.60
C ASN P 103 22.11 11.24 19.78
N ASP P 104 22.03 11.86 18.60
CA ASP P 104 20.90 11.67 17.71
C ASP P 104 21.06 10.48 16.78
N MET P 105 22.24 9.87 16.74
CA MET P 105 22.44 8.67 15.93
C MET P 105 21.63 7.50 16.46
N VAL P 106 21.56 7.36 17.79
CA VAL P 106 20.83 6.25 18.39
C VAL P 106 19.32 6.44 18.28
N ASP P 107 18.84 7.66 18.09
CA ASP P 107 17.44 7.87 17.77
C ASP P 107 17.16 7.56 16.31
N GLN P 108 18.11 7.87 15.43
CA GLN P 108 17.93 7.60 14.00
C GLN P 108 18.14 6.13 13.69
N MET P 109 19.06 5.47 14.39
CA MET P 109 19.25 4.03 14.19
C MET P 109 18.04 3.25 14.67
N HIS P 110 17.47 3.61 15.80
CA HIS P 110 16.31 2.90 16.32
C HIS P 110 15.08 3.12 15.45
N GLU P 111 14.99 4.28 14.78
CA GLU P 111 13.90 4.51 13.86
C GLU P 111 14.06 3.74 12.56
N ASP P 112 15.29 3.46 12.15
CA ASP P 112 15.52 2.69 10.94
C ASP P 112 15.24 1.21 11.15
N ILE P 113 15.68 0.65 12.28
CA ILE P 113 15.49 -0.77 12.56
C ILE P 113 14.01 -1.09 12.73
N ILE P 114 13.25 -0.15 13.32
CA ILE P 114 11.80 -0.28 13.36
C ILE P 114 11.23 -0.20 11.94
N SER P 115 11.73 0.72 11.13
CA SER P 115 11.23 0.88 9.77
C SER P 115 11.58 -0.32 8.89
N LEU P 116 12.77 -0.90 9.09
CA LEU P 116 13.13 -2.11 8.37
C LEU P 116 12.29 -3.30 8.83
N TRP P 117 11.89 -3.30 10.10
CA TRP P 117 11.06 -4.38 10.63
C TRP P 117 9.66 -4.37 9.99
N ASP P 118 9.08 -3.18 9.82
CA ASP P 118 7.78 -3.08 9.19
C ASP P 118 7.84 -3.25 7.67
N GLN P 119 8.91 -2.77 7.04
CA GLN P 119 9.03 -2.86 5.59
C GLN P 119 9.23 -4.29 5.11
N SER P 120 10.00 -5.09 5.86
CA SER P 120 10.22 -6.47 5.46
C SER P 120 9.00 -7.34 5.69
N LEU P 121 8.13 -6.95 6.62
CA LEU P 121 6.90 -7.68 6.88
C LEU P 121 5.74 -7.21 6.03
N LYS P 122 5.91 -6.14 5.25
CA LYS P 122 4.81 -5.63 4.43
C LYS P 122 4.37 -6.60 3.33
N PRO P 123 5.25 -7.21 2.51
CA PRO P 123 4.74 -8.17 1.54
C PRO P 123 4.57 -9.59 2.08
N CYS P 124 4.84 -9.82 3.36
CA CYS P 124 4.81 -11.16 3.92
C CYS P 124 3.37 -11.62 4.15
N VAL P 125 3.23 -12.89 4.53
CA VAL P 125 1.94 -13.55 4.59
C VAL P 125 1.22 -13.16 5.88
N LYS P 126 0.00 -12.64 5.75
CA LYS P 126 -0.84 -12.35 6.89
C LYS P 126 -1.36 -13.64 7.53
N LEU P 127 -1.58 -13.59 8.83
CA LEU P 127 -2.20 -14.70 9.56
C LEU P 127 -3.59 -14.32 10.04
N THR P 128 -4.33 -13.60 9.19
CA THR P 128 -5.72 -13.26 9.49
C THR P 128 -6.63 -14.49 9.64
N PRO P 129 -6.62 -15.50 8.77
CA PRO P 129 -7.54 -16.63 9.01
C PRO P 129 -7.11 -17.59 10.11
N LEU P 130 -5.99 -17.35 10.79
CA LEU P 130 -5.51 -18.25 11.82
C LEU P 130 -6.01 -17.90 13.21
N CYS P 131 -6.68 -16.76 13.40
CA CYS P 131 -7.24 -16.43 14.71
C CYS P 131 -8.62 -17.07 14.90
N VAL P 132 -8.64 -18.39 14.95
CA VAL P 132 -9.85 -19.14 15.26
C VAL P 132 -9.61 -19.91 16.56
N THR P 133 -10.65 -20.59 17.02
CA THR P 133 -10.57 -21.36 18.26
C THR P 133 -9.76 -22.62 18.01
N LEU P 134 -8.57 -22.70 18.61
CA LEU P 134 -7.72 -23.86 18.45
C LEU P 134 -8.09 -24.93 19.47
N ASN P 135 -8.08 -26.19 19.02
CA ASN P 135 -8.37 -27.33 19.87
C ASN P 135 -7.05 -28.02 20.17
N CYS P 136 -6.44 -27.66 21.30
CA CYS P 136 -5.08 -28.08 21.62
C CYS P 136 -5.07 -29.12 22.73
N LYS P 137 -4.32 -30.19 22.51
CA LYS P 137 -4.02 -31.19 23.53
C LYS P 137 -2.50 -31.27 23.72
N ASN P 138 -2.08 -31.59 24.95
CA ASN P 138 -0.67 -31.60 25.28
C ASN P 138 0.04 -32.79 24.64
N VAL P 139 1.37 -32.74 24.68
CA VAL P 139 2.19 -33.78 24.07
C VAL P 139 2.64 -34.79 25.12
N ASN P 140 2.70 -34.35 26.38
CA ASN P 140 3.17 -35.20 27.46
C ASN P 140 2.20 -35.18 28.63
N GLY P 157 6.42 -30.97 29.24
CA GLY P 157 6.67 -30.43 27.91
C GLY P 157 6.37 -28.94 27.81
N GLU P 158 6.57 -28.38 26.62
CA GLU P 158 6.27 -26.98 26.37
C GLU P 158 5.65 -26.78 24.98
N ILE P 159 5.07 -27.83 24.43
CA ILE P 159 4.48 -27.80 23.09
C ILE P 159 3.05 -28.33 23.19
N LYS P 160 2.11 -27.61 22.57
CA LYS P 160 0.71 -27.99 22.56
C LYS P 160 0.30 -28.37 21.15
N ASN P 161 -0.28 -29.55 20.99
CA ASN P 161 -0.71 -30.01 19.67
C ASN P 161 -2.09 -29.44 19.34
N CYS P 162 -2.12 -28.42 18.50
CA CYS P 162 -3.33 -27.66 18.21
C CYS P 162 -3.87 -28.04 16.84
N SER P 163 -5.18 -28.24 16.77
CA SER P 163 -5.89 -28.47 15.52
C SER P 163 -6.99 -27.41 15.38
N PHE P 164 -7.07 -26.79 14.21
CA PHE P 164 -7.98 -25.67 14.01
C PHE P 164 -8.65 -25.81 12.65
N ASN P 165 -9.42 -24.79 12.28
CA ASN P 165 -10.11 -24.74 11.01
C ASN P 165 -9.59 -23.55 10.21
N THR P 166 -9.18 -23.81 8.97
CA THR P 166 -8.69 -22.76 8.08
C THR P 166 -9.34 -22.89 6.72
N THR P 167 -9.51 -21.74 6.06
CA THR P 167 -10.01 -21.74 4.70
C THR P 167 -8.94 -22.23 3.74
N THR P 168 -9.38 -22.88 2.67
CA THR P 168 -8.50 -23.41 1.64
C THR P 168 -8.29 -22.26 0.63
N GLU P 169 -7.62 -22.47 -0.50
CA GLU P 169 -7.61 -21.44 -1.54
C GLU P 169 -9.00 -21.24 -2.12
N LEU P 170 -9.82 -22.30 -2.13
CA LEU P 170 -11.23 -22.13 -2.42
C LEU P 170 -11.94 -21.48 -1.24
N ARG P 171 -12.79 -20.49 -1.53
CA ARG P 171 -13.37 -19.67 -0.47
C ARG P 171 -14.54 -20.33 0.22
N ASP P 172 -14.99 -21.50 -0.26
CA ASP P 172 -16.11 -22.20 0.37
C ASP P 172 -15.69 -23.44 1.12
N LYS P 173 -14.65 -24.14 0.67
CA LYS P 173 -14.22 -25.36 1.34
C LYS P 173 -13.45 -25.03 2.62
N LYS P 174 -13.65 -25.87 3.63
CA LYS P 174 -12.97 -25.73 4.92
C LYS P 174 -12.19 -27.01 5.21
N GLN P 175 -10.98 -26.84 5.74
CA GLN P 175 -10.12 -27.95 6.09
C GLN P 175 -9.82 -27.91 7.59
N LYS P 176 -9.45 -29.07 8.12
CA LYS P 176 -9.02 -29.21 9.51
C LYS P 176 -7.60 -29.76 9.51
N VAL P 177 -6.65 -28.94 9.97
CA VAL P 177 -5.24 -29.31 9.98
C VAL P 177 -4.71 -29.16 11.41
N TYR P 178 -3.60 -29.85 11.68
CA TYR P 178 -2.99 -29.86 12.99
C TYR P 178 -1.64 -29.16 12.94
N ALA P 179 -1.24 -28.60 14.08
CA ALA P 179 0.02 -27.89 14.18
C ALA P 179 0.50 -27.95 15.62
N LEU P 180 1.79 -27.69 15.81
CA LEU P 180 2.39 -27.65 17.13
C LEU P 180 2.68 -26.21 17.50
N PHE P 181 2.06 -25.72 18.57
CA PHE P 181 2.24 -24.37 19.06
C PHE P 181 2.81 -24.40 20.46
N TYR P 182 3.75 -23.51 20.73
CA TYR P 182 4.37 -23.45 22.05
C TYR P 182 3.39 -22.91 23.08
N LYS P 183 3.69 -23.19 24.35
CA LYS P 183 2.83 -22.76 25.45
C LYS P 183 2.68 -21.25 25.58
N PRO P 184 3.74 -20.41 25.60
CA PRO P 184 3.50 -18.97 25.76
C PRO P 184 3.07 -18.25 24.49
N ASP P 185 2.79 -18.98 23.41
CA ASP P 185 2.19 -18.41 22.21
C ASP P 185 0.67 -18.52 22.24
N VAL P 186 0.10 -19.11 23.28
CA VAL P 186 -1.31 -19.46 23.33
C VAL P 186 -1.89 -18.96 24.65
N VAL P 187 -2.96 -18.18 24.56
CA VAL P 187 -3.70 -17.72 25.74
C VAL P 187 -5.04 -18.46 25.77
N PRO P 188 -5.56 -18.80 26.96
CA PRO P 188 -6.85 -19.49 27.03
C PRO P 188 -8.00 -18.55 26.70
N LEU P 189 -9.12 -19.16 26.31
CA LEU P 189 -10.32 -18.40 25.97
C LEU P 189 -11.50 -18.83 26.84
N GLU P 199 -10.64 -24.19 22.49
CA GLU P 199 -10.82 -23.26 23.60
C GLU P 199 -9.60 -22.36 23.76
N TYR P 200 -8.68 -22.46 22.81
CA TYR P 200 -7.43 -21.71 22.81
C TYR P 200 -7.29 -20.89 21.54
N ILE P 201 -6.56 -19.78 21.64
CA ILE P 201 -6.28 -18.89 20.53
C ILE P 201 -4.79 -18.53 20.56
N LEU P 202 -4.37 -17.74 19.59
CA LEU P 202 -3.03 -17.18 19.63
C LEU P 202 -2.98 -16.04 20.65
N ILE P 203 -1.75 -15.62 20.99
CA ILE P 203 -1.55 -14.78 22.17
C ILE P 203 -2.12 -13.38 21.99
N ASN P 204 -2.10 -12.83 20.79
CA ASN P 204 -2.51 -11.44 20.58
C ASN P 204 -3.44 -11.31 19.37
N CYS P 205 -4.48 -12.14 19.33
CA CYS P 205 -5.41 -12.07 18.21
C CYS P 205 -6.51 -11.03 18.39
N ASN P 206 -6.75 -10.49 19.60
CA ASN P 206 -7.70 -9.39 19.65
C ASN P 206 -7.01 -8.03 19.62
N SER P 207 -5.68 -7.99 19.64
CA SER P 207 -5.01 -6.71 19.76
C SER P 207 -4.61 -6.18 18.40
N SER P 208 -3.96 -7.02 17.59
CA SER P 208 -3.51 -6.61 16.28
C SER P 208 -3.27 -7.83 15.42
N THR P 209 -3.14 -7.59 14.12
CA THR P 209 -2.93 -8.67 13.16
C THR P 209 -1.52 -9.23 13.28
N ILE P 210 -1.33 -10.43 12.73
CA ILE P 210 -0.06 -11.13 12.78
C ILE P 210 0.38 -11.39 11.34
N THR P 211 1.57 -10.92 11.00
CA THR P 211 2.16 -11.12 9.69
C THR P 211 3.40 -11.99 9.87
N GLN P 212 3.32 -13.24 9.43
CA GLN P 212 4.43 -14.16 9.65
C GLN P 212 5.65 -13.73 8.86
N ALA P 213 6.83 -14.08 9.37
CA ALA P 213 8.05 -13.77 8.67
C ALA P 213 8.15 -14.60 7.40
N CYS P 214 8.60 -13.97 6.32
CA CYS P 214 8.80 -14.70 5.08
C CYS P 214 9.99 -15.65 5.24
N PRO P 215 9.82 -16.94 4.92
CA PRO P 215 10.93 -17.89 5.13
C PRO P 215 12.12 -17.65 4.23
N LYS P 216 11.97 -16.87 3.15
CA LYS P 216 13.10 -16.58 2.29
C LYS P 216 14.13 -15.69 2.98
N VAL P 217 13.67 -14.63 3.65
CA VAL P 217 14.57 -13.65 4.25
C VAL P 217 15.25 -14.24 5.49
N SER P 218 16.30 -13.56 5.97
CA SER P 218 17.08 -14.03 7.10
C SER P 218 17.21 -12.90 8.12
N PHE P 219 17.22 -13.27 9.40
CA PHE P 219 17.38 -12.33 10.49
C PHE P 219 18.80 -12.25 11.02
N ASP P 220 19.77 -12.80 10.31
CA ASP P 220 21.16 -12.69 10.73
C ASP P 220 21.63 -11.25 10.59
N PRO P 221 22.10 -10.61 11.66
CA PRO P 221 22.51 -9.20 11.57
C PRO P 221 23.89 -9.08 10.92
N ILE P 222 23.91 -8.57 9.70
CA ILE P 222 25.17 -8.29 9.01
C ILE P 222 25.69 -6.95 9.50
N PRO P 223 27.00 -6.72 9.48
CA PRO P 223 27.54 -5.42 9.92
C PRO P 223 27.17 -4.32 8.93
N ILE P 224 26.45 -3.31 9.42
CA ILE P 224 26.04 -2.17 8.61
C ILE P 224 26.70 -0.93 9.17
N HIS P 225 27.24 -0.09 8.28
CA HIS P 225 27.91 1.14 8.65
C HIS P 225 26.99 2.32 8.36
N TYR P 226 26.65 3.07 9.39
CA TYR P 226 25.84 4.28 9.22
C TYR P 226 26.77 5.43 8.85
N CYS P 227 26.58 5.99 7.66
CA CYS P 227 27.53 6.95 7.13
C CYS P 227 26.87 8.31 6.89
N ALA P 228 27.50 9.34 7.44
CA ALA P 228 27.05 10.71 7.23
C ALA P 228 27.30 11.11 5.79
N PRO P 229 26.43 11.95 5.22
CA PRO P 229 26.60 12.33 3.81
C PRO P 229 27.76 13.29 3.59
N ALA P 230 27.98 13.68 2.34
CA ALA P 230 29.03 14.62 2.02
C ALA P 230 28.71 15.99 2.61
N GLY P 231 29.73 16.63 3.18
CA GLY P 231 29.56 17.86 3.91
C GLY P 231 29.47 17.69 5.42
N TYR P 232 29.32 16.46 5.90
CA TYR P 232 29.26 16.16 7.32
C TYR P 232 30.44 15.24 7.68
N ALA P 233 30.53 14.92 8.97
CA ALA P 233 31.61 14.06 9.44
C ALA P 233 31.15 13.31 10.69
N ILE P 234 31.82 12.20 10.97
CA ILE P 234 31.55 11.39 12.15
C ILE P 234 32.82 11.39 13.00
N LEU P 235 32.67 11.77 14.26
CA LEU P 235 33.80 11.98 15.17
C LEU P 235 33.92 10.78 16.09
N LYS P 236 35.03 10.06 16.00
CA LYS P 236 35.24 8.84 16.77
C LYS P 236 36.23 9.12 17.90
N CYS P 237 35.80 8.88 19.14
CA CYS P 237 36.64 9.06 20.31
C CYS P 237 37.44 7.80 20.55
N ASN P 238 38.74 7.96 20.79
CA ASN P 238 39.66 6.83 20.90
C ASN P 238 40.30 6.72 22.27
N ASN P 239 39.69 7.28 23.30
CA ASN P 239 40.19 7.08 24.65
C ASN P 239 39.91 5.64 25.08
N LYS P 240 40.94 4.97 25.60
CA LYS P 240 40.80 3.54 25.91
C LYS P 240 39.80 3.30 27.02
N THR P 241 39.86 4.11 28.09
CA THR P 241 38.85 4.15 29.14
C THR P 241 38.01 5.42 28.92
N PHE P 242 36.91 5.28 28.19
CA PHE P 242 36.06 6.46 27.88
C PHE P 242 35.14 6.78 29.07
N ASN P 243 34.50 7.95 29.06
CA ASN P 243 33.64 8.36 30.21
C ASN P 243 32.29 8.85 29.69
N GLY P 244 31.52 7.99 29.03
CA GLY P 244 30.17 8.35 28.55
C GLY P 244 30.08 9.77 28.02
N THR P 245 29.86 10.75 28.89
CA THR P 245 29.67 12.13 28.43
C THR P 245 30.91 12.97 28.60
N GLY P 246 31.27 13.73 27.59
CA GLY P 246 32.24 14.76 27.85
C GLY P 246 33.53 14.66 27.07
N PRO P 247 34.53 15.39 27.56
CA PRO P 247 35.74 15.61 26.76
C PRO P 247 36.54 14.35 26.53
N CYS P 248 36.97 14.21 25.28
CA CYS P 248 37.78 13.11 24.81
C CYS P 248 39.11 13.66 24.30
N ASN P 249 40.21 13.15 24.84
CA ASN P 249 41.52 13.68 24.45
C ASN P 249 41.94 13.17 23.08
N ASN P 250 41.53 11.95 22.72
CA ASN P 250 41.86 11.35 21.44
C ASN P 250 40.59 11.18 20.61
N VAL P 251 40.29 12.18 19.79
CA VAL P 251 39.15 12.14 18.88
C VAL P 251 39.71 12.05 17.46
N SER P 252 39.00 11.33 16.60
CA SER P 252 39.42 11.09 15.23
C SER P 252 38.20 11.11 14.32
N THR P 253 38.27 11.93 13.28
CA THR P 253 37.22 11.91 12.27
C THR P 253 37.43 10.71 11.34
N VAL P 254 36.33 10.06 10.97
CA VAL P 254 36.37 8.85 10.17
C VAL P 254 35.32 9.02 9.08
N GLN P 255 35.50 8.30 7.96
CA GLN P 255 34.51 8.30 6.90
C GLN P 255 33.14 7.88 7.43
N CYS P 256 33.07 6.71 8.07
CA CYS P 256 31.92 6.31 8.88
C CYS P 256 32.28 5.13 9.77
N THR P 257 31.27 4.57 10.42
CA THR P 257 31.43 3.72 11.58
C THR P 257 32.00 2.35 11.21
N HIS P 258 32.32 1.59 12.25
CA HIS P 258 32.82 0.23 12.11
C HIS P 258 31.64 -0.73 11.90
N GLY P 259 31.94 -2.02 11.91
CA GLY P 259 30.91 -3.03 11.75
C GLY P 259 29.97 -3.10 12.93
N ILE P 260 28.74 -2.67 12.74
CA ILE P 260 27.71 -2.66 13.79
C ILE P 260 26.71 -3.74 13.47
N LYS P 261 26.54 -4.70 14.39
CA LYS P 261 25.55 -5.75 14.24
C LYS P 261 24.26 -5.31 14.90
N PRO P 262 23.17 -5.08 14.15
CA PRO P 262 21.91 -4.63 14.77
C PRO P 262 21.15 -5.79 15.43
N VAL P 263 21.72 -6.29 16.52
CA VAL P 263 21.10 -7.39 17.25
C VAL P 263 19.92 -6.87 18.06
N VAL P 264 19.02 -7.78 18.43
CA VAL P 264 17.97 -7.52 19.40
C VAL P 264 18.20 -8.42 20.60
N SER P 265 18.38 -7.82 21.77
CA SER P 265 18.75 -8.57 22.95
C SER P 265 18.42 -7.76 24.20
N THR P 266 17.96 -8.46 25.23
CA THR P 266 17.66 -7.86 26.53
C THR P 266 18.58 -8.46 27.59
N GLN P 267 19.06 -7.59 28.48
CA GLN P 267 19.88 -7.86 29.67
C GLN P 267 21.32 -8.25 29.34
N LEU P 268 21.61 -8.51 28.07
CA LEU P 268 22.88 -9.13 27.67
C LEU P 268 23.18 -8.64 26.25
N LEU P 269 24.16 -7.75 26.11
CA LEU P 269 24.48 -7.19 24.80
C LEU P 269 25.32 -8.19 24.02
N LEU P 270 24.69 -8.88 23.07
CA LEU P 270 25.32 -9.93 22.30
C LEU P 270 25.93 -9.36 21.02
N ASN P 271 27.06 -9.97 20.62
CA ASN P 271 27.71 -9.73 19.33
C ASN P 271 28.04 -8.27 19.06
N GLY P 272 28.90 -7.68 19.87
CA GLY P 272 29.24 -6.28 19.66
C GLY P 272 30.73 -6.00 19.70
N SER P 273 31.08 -4.75 19.96
CA SER P 273 32.48 -4.36 20.07
C SER P 273 32.95 -4.53 21.51
N LEU P 274 34.20 -4.92 21.67
CA LEU P 274 34.79 -5.13 22.97
C LEU P 274 35.61 -3.92 23.39
N ALA P 275 36.03 -3.92 24.65
CA ALA P 275 36.91 -2.89 25.19
C ALA P 275 38.36 -3.36 25.11
N GLU P 276 39.27 -2.41 25.25
CA GLU P 276 40.70 -2.70 25.09
C GLU P 276 41.40 -2.86 26.43
N GLU P 277 41.33 -1.84 27.28
CA GLU P 277 42.08 -1.88 28.54
C GLU P 277 41.35 -2.67 29.60
N GLU P 278 40.16 -2.23 29.98
CA GLU P 278 39.42 -2.87 31.06
C GLU P 278 37.93 -2.66 30.83
N ILE P 279 37.14 -3.06 31.83
CA ILE P 279 35.69 -2.91 31.75
C ILE P 279 35.32 -1.48 32.15
N ILE P 280 34.53 -0.82 31.31
CA ILE P 280 34.03 0.51 31.59
C ILE P 280 32.55 0.41 31.94
N VAL P 281 32.18 0.92 33.11
CA VAL P 281 30.78 0.98 33.54
C VAL P 281 30.21 2.32 33.08
N ARG P 282 29.12 2.28 32.34
CA ARG P 282 28.57 3.47 31.68
C ARG P 282 27.12 3.69 32.05
N SER P 283 26.80 4.93 32.44
CA SER P 283 25.42 5.36 32.71
C SER P 283 25.41 6.88 32.68
N GLU P 284 24.20 7.44 32.72
CA GLU P 284 24.07 8.89 32.79
C GLU P 284 24.56 9.43 34.13
N ASN P 285 24.10 8.84 35.22
CA ASN P 285 24.43 9.29 36.56
C ASN P 285 24.60 8.19 37.59
N LEU P 286 24.85 6.94 37.16
CA LEU P 286 25.27 5.83 38.02
C LEU P 286 24.44 5.65 39.29
N THR P 287 24.58 6.60 40.20
CA THR P 287 23.82 6.69 41.45
C THR P 287 22.35 7.00 41.18
N ASN P 288 22.01 7.37 39.96
CA ASN P 288 20.61 7.49 39.57
C ASN P 288 20.08 6.12 39.18
N ASN P 289 19.01 5.71 39.86
CA ASN P 289 18.45 4.37 39.71
C ASN P 289 17.54 4.23 38.50
N ILE P 290 17.26 5.32 37.79
CA ILE P 290 16.17 5.32 36.83
C ILE P 290 16.65 4.90 35.45
N LYS P 291 17.93 5.13 35.16
CA LYS P 291 18.49 4.74 33.87
C LYS P 291 19.37 3.50 33.99
N THR P 292 19.32 2.66 32.96
CA THR P 292 20.08 1.42 32.93
C THR P 292 21.58 1.69 32.85
N ILE P 293 22.35 0.78 33.43
CA ILE P 293 23.81 0.87 33.45
C ILE P 293 24.35 -0.09 32.40
N ILE P 294 25.19 0.42 31.50
CA ILE P 294 25.79 -0.37 30.44
C ILE P 294 27.19 -0.75 30.89
N VAL P 295 27.37 -2.00 31.28
CA VAL P 295 28.66 -2.50 31.75
C VAL P 295 29.35 -3.11 30.54
N HIS P 296 30.16 -2.30 29.86
CA HIS P 296 30.81 -2.70 28.63
C HIS P 296 32.01 -3.59 28.93
N LEU P 297 31.98 -4.83 28.45
CA LEU P 297 32.95 -5.82 28.86
C LEU P 297 34.28 -5.64 28.15
N ASN P 298 35.34 -6.15 28.78
CA ASN P 298 36.66 -6.22 28.18
C ASN P 298 36.83 -7.54 27.42
N LYS P 299 36.73 -8.65 28.13
CA LYS P 299 36.74 -9.96 27.51
C LYS P 299 35.31 -10.41 27.21
N SER P 300 35.20 -11.42 26.37
CA SER P 300 33.91 -11.95 25.95
C SER P 300 33.76 -13.38 26.45
N VAL P 301 32.66 -13.65 27.16
CA VAL P 301 32.34 -15.01 27.57
C VAL P 301 31.87 -15.81 26.36
N GLU P 302 31.73 -17.11 26.53
CA GLU P 302 31.33 -17.99 25.44
C GLU P 302 30.00 -18.64 25.78
N ILE P 303 29.02 -18.51 24.87
CA ILE P 303 27.71 -19.12 25.03
C ILE P 303 27.49 -20.11 23.90
N ASN P 304 26.95 -21.28 24.21
CA ASN P 304 26.58 -22.28 23.22
C ASN P 304 25.07 -22.51 23.36
N CYS P 305 24.28 -21.74 22.63
CA CYS P 305 22.83 -21.86 22.66
C CYS P 305 22.36 -22.90 21.65
N THR P 306 21.33 -23.64 22.01
CA THR P 306 20.81 -24.69 21.15
C THR P 306 19.32 -24.84 21.36
N ARG P 307 18.68 -25.50 20.38
CA ARG P 307 17.29 -25.93 20.46
C ARG P 307 17.30 -27.42 20.14
N PRO P 308 17.74 -28.25 21.09
CA PRO P 308 18.10 -29.63 20.79
C PRO P 308 16.92 -30.60 20.72
N ASN P 309 15.85 -30.19 20.06
CA ASN P 309 14.77 -31.09 19.70
C ASN P 309 14.50 -30.93 18.22
N ASN P 310 14.25 -32.03 17.54
CA ASN P 310 14.17 -32.06 16.09
C ASN P 310 12.74 -31.75 15.67
N ASN P 311 12.55 -30.60 15.03
CA ASN P 311 11.23 -30.14 14.62
C ASN P 311 11.12 -30.16 13.11
N THR P 312 9.94 -30.54 12.61
CA THR P 312 9.65 -30.60 11.19
C THR P 312 8.75 -29.43 10.82
N ARG P 313 9.00 -28.84 9.65
CA ARG P 313 8.22 -27.70 9.18
C ARG P 313 7.05 -28.18 8.34
N LYS P 314 5.84 -27.84 8.76
CA LYS P 314 4.62 -28.25 8.09
C LYS P 314 4.01 -27.05 7.38
N SER P 315 3.74 -27.20 6.09
CA SER P 315 3.16 -26.13 5.29
C SER P 315 1.65 -26.30 5.25
N VAL P 316 0.93 -25.29 5.75
CA VAL P 316 -0.53 -25.33 5.84
C VAL P 316 -1.10 -24.36 4.81
N ARG P 317 -2.01 -24.85 3.97
CA ARG P 317 -2.62 -24.05 2.93
C ARG P 317 -3.64 -23.11 3.58
N ILE P 318 -3.44 -21.79 3.43
CA ILE P 318 -4.39 -20.82 3.97
C ILE P 318 -4.85 -19.80 2.94
N GLY P 319 -4.31 -19.80 1.73
CA GLY P 319 -4.75 -18.87 0.72
C GLY P 319 -3.97 -18.99 -0.58
N PRO P 320 -4.34 -18.18 -1.57
CA PRO P 320 -3.60 -18.16 -2.83
C PRO P 320 -2.24 -17.49 -2.68
N GLY P 321 -1.17 -18.28 -2.67
CA GLY P 321 0.17 -17.78 -2.44
C GLY P 321 0.53 -17.62 -0.97
N GLN P 322 -0.45 -17.39 -0.11
CA GLN P 322 -0.23 -17.27 1.32
C GLN P 322 -0.08 -18.67 1.91
N TRP P 323 1.12 -19.01 2.35
CA TRP P 323 1.43 -20.33 2.89
C TRP P 323 1.81 -20.19 4.36
N PHE P 324 1.14 -20.94 5.22
CA PHE P 324 1.35 -20.85 6.66
C PHE P 324 2.24 -22.00 7.09
N TYR P 325 3.50 -21.69 7.42
CA TYR P 325 4.48 -22.69 7.80
C TYR P 325 4.43 -22.88 9.31
N ALA P 326 3.84 -23.99 9.75
CA ALA P 326 3.73 -24.30 11.16
C ALA P 326 4.73 -25.40 11.52
N THR P 327 4.73 -25.78 12.79
CA THR P 327 5.60 -26.84 13.29
C THR P 327 4.88 -28.17 13.13
N GLY P 328 5.47 -29.08 12.36
CA GLY P 328 4.92 -30.40 12.15
C GLY P 328 5.19 -31.33 13.32
N GLU P 329 5.15 -32.63 13.05
CA GLU P 329 5.40 -33.62 14.10
C GLU P 329 6.84 -33.54 14.58
N ILE P 330 7.02 -33.49 15.89
CA ILE P 330 8.35 -33.49 16.49
C ILE P 330 8.81 -34.94 16.64
N ILE P 331 10.03 -35.21 16.19
CA ILE P 331 10.63 -36.54 16.28
C ILE P 331 11.88 -36.45 17.12
N GLY P 332 12.30 -37.58 17.68
CA GLY P 332 13.44 -37.59 18.57
C GLY P 332 13.03 -37.41 20.01
N ASP P 333 13.82 -36.65 20.78
CA ASP P 333 13.59 -36.47 22.20
C ASP P 333 13.01 -35.08 22.47
N ILE P 334 11.99 -35.02 23.31
CA ILE P 334 11.44 -33.76 23.77
C ILE P 334 12.44 -33.15 24.76
N ARG P 335 13.21 -32.19 24.30
CA ARG P 335 14.31 -31.64 25.10
C ARG P 335 14.19 -30.12 25.17
N GLU P 336 14.63 -29.57 26.30
CA GLU P 336 14.55 -28.14 26.53
C GLU P 336 15.69 -27.41 25.84
N ALA P 337 15.39 -26.20 25.36
CA ALA P 337 16.42 -25.36 24.75
C ALA P 337 17.28 -24.72 25.85
N HIS P 338 18.59 -24.81 25.71
CA HIS P 338 19.50 -24.36 26.75
C HIS P 338 20.70 -23.65 26.14
N CYS P 339 21.44 -22.94 27.00
CA CYS P 339 22.63 -22.19 26.62
C CYS P 339 23.70 -22.43 27.67
N ASN P 340 24.93 -22.72 27.24
CA ASN P 340 26.04 -22.93 28.17
C ASN P 340 26.94 -21.69 28.20
N ILE P 341 26.67 -20.83 29.19
CA ILE P 341 27.53 -19.68 29.42
C ILE P 341 28.60 -20.01 30.46
N SER P 342 29.61 -20.79 30.04
CA SER P 342 30.72 -21.35 30.82
C SER P 342 30.44 -21.59 32.31
N ARG P 343 31.49 -21.61 33.13
CA ARG P 343 31.36 -21.16 34.51
C ARG P 343 32.64 -20.43 34.91
N GLU P 344 33.75 -20.78 34.26
CA GLU P 344 35.05 -20.28 34.69
C GLU P 344 35.28 -18.87 34.16
N THR P 345 34.95 -18.64 32.88
CA THR P 345 35.03 -17.29 32.32
C THR P 345 34.01 -16.37 32.96
N TRP P 346 32.82 -16.88 33.28
CA TRP P 346 31.80 -16.04 33.89
C TRP P 346 32.14 -15.74 35.34
N ASN P 347 32.98 -16.58 35.97
CA ASN P 347 33.50 -16.25 37.29
C ASN P 347 34.40 -15.02 37.21
N SER P 348 35.35 -15.01 36.27
CA SER P 348 36.30 -13.90 36.20
C SER P 348 35.66 -12.64 35.62
N THR P 349 34.65 -12.81 34.78
CA THR P 349 33.95 -11.64 34.24
C THR P 349 33.21 -10.89 35.34
N LEU P 350 32.48 -11.64 36.17
CA LEU P 350 31.70 -11.00 37.27
C LEU P 350 32.68 -10.36 38.27
N ILE P 351 33.79 -11.04 38.58
CA ILE P 351 34.77 -10.48 39.52
C ILE P 351 35.30 -9.15 39.01
N GLN P 352 35.58 -9.07 37.71
CA GLN P 352 35.99 -7.79 37.14
C GLN P 352 34.83 -6.79 37.09
N VAL P 353 33.59 -7.28 37.09
CA VAL P 353 32.44 -6.39 37.25
C VAL P 353 32.36 -5.88 38.69
N LYS P 354 32.78 -6.71 39.65
CA LYS P 354 32.78 -6.29 41.08
C LYS P 354 33.77 -5.13 41.28
N GLU P 355 34.93 -5.16 40.62
CA GLU P 355 35.97 -4.16 40.84
C GLU P 355 35.55 -2.79 40.29
N LYS P 356 35.01 -2.77 39.07
CA LYS P 356 34.61 -1.50 38.48
C LYS P 356 33.39 -0.92 39.17
N LEU P 357 32.48 -1.77 39.64
CA LEU P 357 31.31 -1.27 40.37
C LEU P 357 31.69 -0.82 41.77
N ARG P 358 32.75 -1.40 42.36
CA ARG P 358 33.20 -0.96 43.67
C ARG P 358 33.96 0.36 43.60
N GLU P 359 34.40 0.77 42.41
CA GLU P 359 35.09 2.05 42.28
C GLU P 359 34.14 3.22 42.40
N HIS P 360 32.89 3.05 41.96
CA HIS P 360 31.88 4.09 42.06
C HIS P 360 31.07 4.00 43.35
N TYR P 361 31.43 3.11 44.25
CA TYR P 361 30.75 2.94 45.53
C TYR P 361 31.83 2.74 46.59
N ASN P 362 31.42 2.31 47.78
CA ASN P 362 32.37 2.05 48.85
C ASN P 362 32.05 0.80 49.66
N LYS P 363 31.02 0.04 49.29
CA LYS P 363 30.62 -1.14 50.07
C LYS P 363 30.35 -2.33 49.15
N THR P 364 29.77 -3.40 49.70
CA THR P 364 29.59 -4.64 48.90
C THR P 364 28.59 -4.44 47.75
N ILE P 365 28.67 -5.30 46.71
CA ILE P 365 27.73 -5.22 45.55
C ILE P 365 27.12 -6.61 45.36
N LYS P 366 25.79 -6.70 45.20
CA LYS P 366 25.12 -8.03 45.10
C LYS P 366 24.37 -8.15 43.77
N PHE P 367 23.94 -9.36 43.42
CA PHE P 367 23.20 -9.60 42.16
C PHE P 367 21.92 -10.38 42.44
N GLU P 368 20.79 -9.95 41.86
CA GLU P 368 19.50 -10.59 42.07
C GLU P 368 18.79 -10.58 40.72
N PRO P 369 18.04 -11.62 40.39
CA PRO P 369 17.34 -11.64 39.08
C PRO P 369 16.23 -10.60 39.01
N SER P 370 15.69 -10.46 37.80
CA SER P 370 14.72 -9.41 37.52
C SER P 370 13.42 -9.63 38.28
N SER P 371 12.89 -8.54 38.84
CA SER P 371 11.72 -8.64 39.70
C SER P 371 10.45 -8.93 38.92
N GLY P 372 10.26 -8.28 37.78
CA GLY P 372 9.05 -8.48 37.03
C GLY P 372 9.08 -7.79 35.69
N GLY P 373 7.89 -7.69 35.09
CA GLY P 373 7.72 -7.15 33.76
C GLY P 373 7.16 -8.19 32.83
N ASP P 374 7.23 -7.90 31.53
CA ASP P 374 6.81 -8.88 30.54
C ASP P 374 7.85 -9.99 30.44
N LEU P 375 7.46 -11.08 29.76
CA LEU P 375 8.33 -12.25 29.62
C LEU P 375 9.60 -11.94 28.83
N GLU P 376 9.58 -10.91 27.99
CA GLU P 376 10.68 -10.60 27.11
C GLU P 376 11.76 -9.74 27.76
N VAL P 377 11.60 -9.37 29.02
CA VAL P 377 12.65 -8.62 29.72
C VAL P 377 13.10 -9.39 30.96
N THR P 378 12.18 -10.14 31.58
CA THR P 378 12.57 -10.98 32.71
C THR P 378 13.49 -12.11 32.30
N THR P 379 13.36 -12.58 31.07
CA THR P 379 14.26 -13.56 30.50
C THR P 379 15.30 -12.85 29.63
N HIS P 380 16.22 -13.62 29.07
CA HIS P 380 17.23 -13.11 28.15
C HIS P 380 16.76 -13.41 26.73
N SER P 381 16.29 -12.39 26.04
CA SER P 381 15.75 -12.55 24.70
C SER P 381 16.83 -12.31 23.65
N PHE P 382 16.74 -13.05 22.55
CA PHE P 382 17.57 -12.86 21.36
C PHE P 382 16.96 -13.73 20.26
N ASN P 383 17.63 -13.74 19.11
CA ASN P 383 17.26 -14.61 18.00
C ASN P 383 18.41 -15.55 17.71
N CYS P 384 18.10 -16.83 17.54
CA CYS P 384 19.10 -17.87 17.31
C CYS P 384 18.67 -18.68 16.09
N ARG P 385 19.21 -18.31 14.92
CA ARG P 385 18.88 -18.91 13.62
C ARG P 385 17.37 -18.85 13.37
N GLY P 386 16.86 -17.62 13.30
CA GLY P 386 15.47 -17.40 12.96
C GLY P 386 14.45 -17.80 14.01
N GLU P 387 14.90 -18.24 15.18
CA GLU P 387 14.00 -18.60 16.27
C GLU P 387 14.35 -17.76 17.49
N PHE P 388 13.32 -17.23 18.15
CA PHE P 388 13.51 -16.30 19.25
C PHE P 388 13.51 -17.05 20.57
N PHE P 389 14.57 -16.85 21.36
CA PHE P 389 14.78 -17.53 22.63
C PHE P 389 14.38 -16.62 23.78
N TYR P 390 14.10 -17.25 24.94
CA TYR P 390 13.80 -16.53 26.17
C TYR P 390 14.47 -17.28 27.32
N CYS P 391 15.72 -16.90 27.62
CA CYS P 391 16.56 -17.67 28.51
C CYS P 391 16.51 -17.14 29.94
N ASN P 392 16.43 -18.05 30.89
CA ASN P 392 16.27 -17.75 32.31
C ASN P 392 17.67 -17.41 32.85
N THR P 393 17.93 -16.12 33.06
CA THR P 393 19.21 -15.68 33.64
C THR P 393 19.11 -15.44 35.14
N THR P 394 18.55 -16.40 35.87
CA THR P 394 18.66 -16.37 37.33
C THR P 394 19.97 -17.01 37.78
N LYS P 395 20.46 -17.98 37.01
CA LYS P 395 21.71 -18.66 37.31
C LYS P 395 22.93 -17.78 37.10
N LEU P 396 22.77 -16.60 36.50
CA LEU P 396 23.87 -15.67 36.27
C LEU P 396 24.04 -14.71 37.44
N PHE P 397 22.98 -13.99 37.79
CA PHE P 397 23.00 -12.99 38.84
C PHE P 397 22.31 -13.59 40.05
N ASN P 398 23.07 -14.30 40.88
CA ASN P 398 22.50 -14.99 42.03
C ASN P 398 23.04 -14.50 43.36
N GLU P 399 24.37 -14.35 43.47
CA GLU P 399 24.95 -14.08 44.81
C GLU P 399 25.62 -12.71 44.90
N THR P 400 25.77 -12.20 46.13
CA THR P 400 26.46 -10.90 46.35
C THR P 400 27.92 -11.03 45.94
N LYS P 401 28.58 -9.91 45.66
CA LYS P 401 29.99 -9.94 45.22
C LYS P 401 30.81 -8.95 46.06
N LEU P 402 31.78 -9.45 46.83
CA LEU P 402 32.62 -8.58 47.70
C LEU P 402 31.92 -7.23 47.91
N ASN P 411 33.62 -29.20 31.91
CA ASN P 411 33.98 -27.85 32.28
C ASN P 411 33.10 -27.33 33.41
N LYS P 412 32.07 -28.11 33.74
CA LYS P 412 31.07 -27.80 34.77
C LYS P 412 30.42 -26.45 34.47
N THR P 413 29.68 -26.43 33.36
CA THR P 413 29.10 -25.19 32.86
C THR P 413 27.69 -24.99 33.42
N ILE P 414 27.34 -23.72 33.68
CA ILE P 414 25.99 -23.38 34.14
C ILE P 414 25.07 -23.38 32.93
N ILE P 415 23.83 -23.80 33.13
CA ILE P 415 22.90 -24.11 32.06
C ILE P 415 21.63 -23.28 32.24
N LEU P 416 21.24 -22.54 31.21
CA LEU P 416 20.09 -21.65 31.30
C LEU P 416 18.90 -22.25 30.56
N PRO P 417 17.78 -22.53 31.21
CA PRO P 417 16.60 -23.03 30.50
C PRO P 417 15.95 -21.92 29.68
N CYS P 418 15.88 -22.12 28.38
CA CYS P 418 15.31 -21.15 27.45
C CYS P 418 14.03 -21.71 26.86
N ARG P 419 13.00 -20.89 26.80
CA ARG P 419 11.73 -21.26 26.19
C ARG P 419 11.53 -20.47 24.90
N ILE P 420 10.99 -21.15 23.90
CA ILE P 420 10.90 -20.62 22.54
C ILE P 420 9.50 -20.06 22.31
N LYS P 421 9.44 -18.86 21.75
CA LYS P 421 8.19 -18.25 21.31
C LYS P 421 8.27 -17.95 19.83
N GLN P 422 7.14 -18.08 19.14
CA GLN P 422 7.05 -17.77 17.72
C GLN P 422 6.28 -16.48 17.47
N ILE P 423 5.15 -16.27 18.16
CA ILE P 423 4.40 -15.03 18.03
C ILE P 423 5.09 -13.97 18.88
N ILE P 424 6.00 -13.21 18.27
CA ILE P 424 6.78 -12.22 19.00
C ILE P 424 6.30 -10.82 18.59
N ASN P 425 6.11 -9.97 19.59
CA ASN P 425 5.71 -8.58 19.38
C ASN P 425 6.87 -7.69 19.81
N MET P 426 7.81 -7.50 18.89
CA MET P 426 9.00 -6.72 19.17
C MET P 426 8.67 -5.23 19.11
N TRP P 427 9.44 -4.44 19.89
CA TRP P 427 9.36 -2.98 20.05
C TRP P 427 8.12 -2.53 20.82
N GLN P 428 7.20 -3.46 21.11
CA GLN P 428 5.93 -3.24 21.80
C GLN P 428 5.08 -2.14 21.13
N GLU P 429 5.29 -1.89 19.84
CA GLU P 429 4.45 -0.95 19.11
C GLU P 429 3.18 -1.65 18.66
N VAL P 430 2.04 -0.99 18.85
CA VAL P 430 0.75 -1.58 18.50
C VAL P 430 0.67 -1.68 16.97
N GLY P 431 0.76 -2.89 16.46
CA GLY P 431 0.79 -3.13 15.03
C GLY P 431 1.25 -4.52 14.67
N ARG P 432 2.20 -4.63 13.75
CA ARG P 432 2.63 -5.93 13.26
C ARG P 432 3.44 -6.67 14.32
N ALA P 433 2.97 -7.86 14.69
CA ALA P 433 3.65 -8.74 15.63
C ALA P 433 3.88 -10.06 14.92
N MET P 434 5.11 -10.29 14.46
CA MET P 434 5.35 -11.35 13.50
C MET P 434 5.32 -12.72 14.16
N TYR P 435 5.07 -13.73 13.33
CA TYR P 435 5.14 -15.13 13.71
C TYR P 435 6.36 -15.73 13.04
N ALA P 436 7.37 -16.08 13.83
CA ALA P 436 8.59 -16.66 13.28
C ALA P 436 8.33 -18.10 12.86
N PRO P 437 8.52 -18.45 11.58
CA PRO P 437 8.29 -19.83 11.16
C PRO P 437 9.34 -20.75 11.76
N PRO P 438 8.99 -22.02 12.01
CA PRO P 438 9.96 -22.94 12.59
C PRO P 438 11.06 -23.29 11.61
N ILE P 439 12.22 -23.64 12.15
CA ILE P 439 13.39 -24.03 11.37
C ILE P 439 13.53 -25.53 11.42
N GLU P 440 13.67 -26.16 10.26
CA GLU P 440 13.77 -27.60 10.19
C GLU P 440 15.14 -28.06 10.71
N GLY P 441 15.12 -29.05 11.60
CA GLY P 441 16.35 -29.58 12.16
C GLY P 441 16.77 -28.88 13.43
N ASN P 442 17.94 -29.27 13.91
CA ASN P 442 18.51 -28.68 15.12
C ASN P 442 18.97 -27.25 14.83
N ILE P 443 19.13 -26.48 15.90
CA ILE P 443 19.50 -25.07 15.83
C ILE P 443 20.66 -24.85 16.79
N THR P 444 21.73 -24.21 16.30
CA THR P 444 22.89 -23.89 17.13
C THR P 444 23.44 -22.53 16.70
N CYS P 445 23.80 -21.69 17.67
CA CYS P 445 24.31 -20.36 17.40
C CYS P 445 25.41 -20.03 18.41
N LYS P 446 25.98 -18.83 18.28
CA LYS P 446 27.22 -18.45 18.95
C LYS P 446 27.06 -17.07 19.57
N SER P 447 27.35 -16.93 20.86
CA SER P 447 27.31 -15.58 21.44
C SER P 447 28.62 -15.24 22.13
N ASN P 448 28.82 -13.96 22.40
CA ASN P 448 29.99 -13.52 23.15
C ASN P 448 29.71 -12.62 24.33
N ILE P 449 28.62 -11.86 24.31
CA ILE P 449 28.29 -10.80 25.29
C ILE P 449 29.41 -9.78 25.40
N THR P 450 29.25 -8.65 24.70
CA THR P 450 30.20 -7.56 24.82
C THR P 450 29.68 -6.46 25.72
N GLY P 451 28.68 -6.74 26.55
CA GLY P 451 28.16 -5.75 27.47
C GLY P 451 26.96 -6.27 28.21
N LEU P 452 26.64 -5.58 29.30
CA LEU P 452 25.55 -5.98 30.19
C LEU P 452 24.64 -4.79 30.40
N LEU P 453 23.37 -5.09 30.70
CA LEU P 453 22.35 -4.07 30.97
C LEU P 453 21.85 -4.27 32.39
N LEU P 454 22.28 -3.41 33.30
CA LEU P 454 21.93 -3.50 34.71
C LEU P 454 21.21 -2.25 35.16
N THR P 455 20.30 -2.41 36.11
CA THR P 455 19.56 -1.30 36.71
C THR P 455 19.86 -1.24 38.20
N TRP P 456 20.10 -0.04 38.71
CA TRP P 456 20.34 0.14 40.13
C TRP P 456 19.05 -0.09 40.90
N ASP P 457 19.18 -0.44 42.17
CA ASP P 457 18.03 -0.64 43.03
C ASP P 457 17.59 0.70 43.62
N GLY P 458 16.53 0.66 44.43
CA GLY P 458 15.97 1.88 44.98
C GLY P 458 16.71 2.40 46.19
N GLY P 459 15.96 2.92 47.17
CA GLY P 459 16.56 3.49 48.37
C GLY P 459 16.71 2.43 49.44
N GLU P 460 17.94 2.24 49.90
CA GLU P 460 18.27 1.24 50.91
C GLU P 460 19.34 1.82 51.81
N ASN P 461 19.87 0.97 52.69
CA ASN P 461 21.03 1.36 53.48
C ASN P 461 22.27 1.39 52.60
N SER P 462 23.29 2.11 53.06
CA SER P 462 24.52 2.26 52.31
C SER P 462 25.38 1.00 52.33
N THR P 463 25.03 0.00 53.14
CA THR P 463 25.89 -1.17 53.33
C THR P 463 25.96 -2.06 52.09
N GLU P 464 24.96 -2.01 51.21
CA GLU P 464 24.95 -2.89 50.04
C GLU P 464 24.10 -2.28 48.94
N GLY P 465 24.41 -2.65 47.71
CA GLY P 465 23.65 -2.21 46.55
C GLY P 465 23.29 -3.37 45.65
N VAL P 466 22.11 -3.30 45.05
CA VAL P 466 21.57 -4.38 44.23
C VAL P 466 21.49 -3.89 42.79
N PHE P 467 21.97 -4.73 41.86
CA PHE P 467 21.94 -4.43 40.43
C PHE P 467 21.07 -5.46 39.72
N ARG P 468 19.77 -5.18 39.63
CA ARG P 468 18.90 -6.04 38.84
C ARG P 468 19.19 -5.86 37.34
N PRO P 469 19.29 -6.94 36.59
CA PRO P 469 19.42 -6.82 35.13
C PRO P 469 18.12 -6.36 34.51
N GLY P 470 18.25 -5.68 33.38
CA GLY P 470 17.08 -5.21 32.68
C GLY P 470 17.39 -4.46 31.40
N GLY P 471 16.67 -4.79 30.34
CA GLY P 471 16.79 -4.09 29.08
C GLY P 471 15.60 -3.20 28.84
N GLY P 472 15.81 -1.89 28.82
CA GLY P 472 14.71 -0.95 28.71
C GLY P 472 14.34 -0.70 27.27
N ASN P 473 14.36 0.57 26.87
CA ASN P 473 14.21 0.89 25.45
C ASN P 473 15.40 0.36 24.67
N MET P 474 15.17 0.02 23.40
CA MET P 474 16.17 -0.64 22.59
C MET P 474 17.33 0.28 22.22
N LYS P 475 17.22 1.58 22.49
CA LYS P 475 18.33 2.50 22.24
C LYS P 475 19.54 2.24 23.12
N ASP P 476 19.38 1.52 24.23
CA ASP P 476 20.52 1.14 25.04
C ASP P 476 21.39 0.11 24.34
N ASN P 477 20.81 -0.73 23.48
CA ASN P 477 21.59 -1.66 22.69
C ASN P 477 22.49 -0.93 21.70
N TRP P 478 21.94 0.10 21.04
CA TRP P 478 22.72 0.85 20.06
C TRP P 478 23.72 1.80 20.73
N ARG P 479 23.43 2.25 21.95
CA ARG P 479 24.35 3.14 22.65
C ARG P 479 25.62 2.42 23.10
N SER P 480 25.62 1.08 23.12
CA SER P 480 26.85 0.35 23.40
C SER P 480 27.80 0.36 22.23
N GLU P 481 27.30 0.63 21.02
CA GLU P 481 28.13 0.67 19.82
C GLU P 481 28.23 2.05 19.20
N LEU P 482 27.31 2.97 19.52
CA LEU P 482 27.34 4.33 19.00
C LEU P 482 27.81 5.32 20.05
N TYR P 483 28.49 4.84 21.10
CA TYR P 483 29.03 5.74 22.11
C TYR P 483 30.27 6.46 21.61
N LYS P 484 31.03 5.82 20.72
CA LYS P 484 32.27 6.40 20.22
C LYS P 484 32.03 7.55 19.25
N TYR P 485 30.89 7.54 18.55
CA TYR P 485 30.69 8.38 17.38
C TYR P 485 29.81 9.59 17.70
N LYS P 486 29.95 10.61 16.86
CA LYS P 486 29.23 11.86 17.00
C LYS P 486 29.21 12.55 15.64
N VAL P 487 28.05 13.07 15.25
CA VAL P 487 27.82 13.63 13.92
C VAL P 487 27.85 15.14 14.03
N VAL P 488 28.71 15.78 13.24
CA VAL P 488 28.82 17.24 13.21
C VAL P 488 28.82 17.71 11.77
N GLU P 489 28.36 18.95 11.56
CA GLU P 489 28.36 19.55 10.23
C GLU P 489 29.63 20.36 10.03
N ILE P 490 30.12 20.40 8.81
CA ILE P 490 31.34 21.13 8.48
C ILE P 490 30.96 22.48 7.91
N LYS P 491 31.47 23.55 8.54
CA LYS P 491 31.27 24.91 8.07
C LYS P 491 32.58 25.41 7.49
N PRO P 492 32.81 25.26 6.18
CA PRO P 492 34.13 25.60 5.63
C PRO P 492 34.37 27.08 5.42
N LEU P 493 33.38 27.94 5.63
CA LEU P 493 33.55 29.38 5.48
C LEU P 493 34.06 29.97 6.78
N GLY P 494 35.14 30.74 6.70
CA GLY P 494 35.73 31.33 7.89
C GLY P 494 36.42 32.66 7.61
N VAL P 495 36.22 33.63 8.49
CA VAL P 495 36.77 34.97 8.33
C VAL P 495 37.89 35.14 9.34
N ALA P 496 39.07 35.53 8.86
CA ALA P 496 40.22 35.73 9.75
C ALA P 496 41.08 36.88 9.27
N PRO P 497 41.53 37.75 10.17
CA PRO P 497 42.24 38.96 9.73
C PRO P 497 43.67 38.65 9.31
N THR P 498 44.10 39.27 8.19
CA THR P 498 45.50 39.10 7.71
C THR P 498 45.98 40.44 7.16
N LYS P 499 47.27 40.54 6.81
CA LYS P 499 47.84 41.84 6.35
C LYS P 499 47.68 41.99 4.84
N CYS P 500 46.90 41.11 4.21
CA CYS P 500 46.71 41.15 2.76
C CYS P 500 45.48 41.94 2.36
N LYS P 501 45.60 42.70 1.28
CA LYS P 501 44.51 43.45 0.67
C LYS P 501 44.59 43.29 -0.84
N ARG P 502 43.44 43.12 -1.49
CA ARG P 502 43.40 42.95 -2.93
C ARG P 502 43.79 44.25 -3.64
N LYS P 503 44.03 44.12 -4.94
CA LYS P 503 44.39 45.27 -5.75
C LYS P 503 43.21 46.22 -5.86
N VAL P 504 43.48 47.52 -5.61
CA VAL P 504 42.41 48.51 -5.60
C VAL P 504 41.88 48.73 -7.01
N VAL P 505 40.59 49.08 -7.11
CA VAL P 505 39.97 49.35 -8.40
C VAL P 505 40.62 50.58 -9.05
N GLY P 506 40.81 51.64 -8.29
CA GLY P 506 41.43 52.85 -8.79
C GLY P 506 42.92 52.93 -8.47
N VAL Q 2 23.54 -65.16 43.26
CA VAL Q 2 22.23 -64.78 43.79
C VAL Q 2 21.18 -65.81 43.39
N GLN Q 3 20.58 -66.44 44.39
CA GLN Q 3 19.63 -67.52 44.16
C GLN Q 3 18.28 -67.17 44.78
N LEU Q 4 17.22 -67.39 44.02
CA LEU Q 4 15.85 -67.10 44.45
C LEU Q 4 15.02 -68.37 44.32
N GLN Q 5 14.42 -68.81 45.43
CA GLN Q 5 13.62 -70.03 45.47
C GLN Q 5 12.25 -69.70 46.04
N GLU Q 6 11.21 -69.94 45.24
CA GLU Q 6 9.85 -69.57 45.61
C GLU Q 6 9.02 -70.80 45.96
N SER Q 7 7.91 -70.57 46.67
CA SER Q 7 6.99 -71.61 47.07
C SER Q 7 5.62 -71.00 47.27
N GLY Q 8 4.59 -71.69 46.78
CA GLY Q 8 3.25 -71.16 46.81
C GLY Q 8 2.21 -72.15 47.29
N PRO Q 9 0.95 -71.71 47.39
CA PRO Q 9 -0.11 -72.60 47.89
C PRO Q 9 -0.66 -73.57 46.84
N GLY Q 10 -0.63 -73.20 45.56
CA GLY Q 10 -1.07 -74.10 44.52
C GLY Q 10 -2.50 -73.92 44.06
N LEU Q 11 -3.43 -73.68 45.00
CA LEU Q 11 -4.83 -73.59 44.65
C LEU Q 11 -5.58 -72.83 45.74
N VAL Q 12 -6.31 -71.78 45.34
CA VAL Q 12 -7.26 -71.10 46.20
C VAL Q 12 -8.57 -70.96 45.45
N LYS Q 13 -9.65 -70.72 46.19
CA LYS Q 13 -10.93 -70.39 45.61
C LYS Q 13 -10.93 -68.93 45.13
N PRO Q 14 -11.82 -68.57 44.20
CA PRO Q 14 -11.86 -67.18 43.71
C PRO Q 14 -12.14 -66.17 44.82
N SER Q 15 -11.51 -65.00 44.68
CA SER Q 15 -11.43 -63.89 45.64
C SER Q 15 -10.68 -64.25 46.92
N GLU Q 16 -9.69 -65.14 46.85
CA GLU Q 16 -8.83 -65.44 47.98
C GLU Q 16 -7.41 -64.95 47.66
N THR Q 17 -6.57 -64.85 48.68
CA THR Q 17 -5.23 -64.28 48.57
C THR Q 17 -4.21 -65.35 48.19
N LEU Q 18 -3.52 -65.12 47.07
CA LEU Q 18 -2.39 -65.94 46.68
C LEU Q 18 -1.12 -65.38 47.33
N SER Q 19 -0.46 -66.22 48.13
CA SER Q 19 0.73 -65.82 48.86
C SER Q 19 1.88 -66.75 48.50
N VAL Q 20 2.88 -66.21 47.80
CA VAL Q 20 4.09 -66.96 47.48
C VAL Q 20 5.25 -66.34 48.24
N THR Q 21 6.10 -67.22 48.77
CA THR Q 21 7.25 -66.80 49.57
C THR Q 21 8.53 -67.20 48.85
N CYS Q 22 9.39 -66.21 48.61
CA CYS Q 22 10.64 -66.42 47.88
C CYS Q 22 11.80 -66.21 48.85
N SER Q 23 12.65 -67.23 48.98
CA SER Q 23 13.82 -67.14 49.84
C SER Q 23 15.01 -66.66 49.03
N VAL Q 24 15.70 -65.64 49.54
CA VAL Q 24 16.85 -65.04 48.88
C VAL Q 24 18.07 -65.24 49.78
N SER Q 25 19.14 -65.79 49.23
CA SER Q 25 20.35 -66.07 49.98
C SER Q 25 21.58 -65.60 49.21
N GLY Q 26 22.59 -65.14 49.96
CA GLY Q 26 23.88 -64.81 49.40
C GLY Q 26 24.33 -63.37 49.59
N ASP Q 27 23.45 -62.40 49.44
CA ASP Q 27 23.86 -60.99 49.47
C ASP Q 27 22.89 -60.21 50.34
N SER Q 28 23.24 -58.94 50.56
CA SER Q 28 22.45 -58.09 51.44
C SER Q 28 21.21 -57.58 50.73
N MET Q 29 20.20 -57.21 51.52
CA MET Q 29 18.93 -56.74 50.97
C MET Q 29 18.97 -55.30 50.51
N ASN Q 30 19.93 -54.51 51.02
CA ASN Q 30 19.89 -53.06 50.80
C ASN Q 30 20.40 -52.65 49.42
N ASN Q 31 21.01 -53.56 48.67
CA ASN Q 31 21.77 -53.21 47.47
C ASN Q 31 20.99 -53.39 46.18
N TYR Q 32 19.76 -53.88 46.22
CA TYR Q 32 19.04 -54.21 44.99
C TYR Q 32 17.56 -53.86 45.10
N TYR Q 33 16.95 -53.63 43.94
CA TYR Q 33 15.51 -53.51 43.84
C TYR Q 33 14.90 -54.87 43.52
N TRP Q 34 13.63 -55.05 43.90
CA TRP Q 34 13.00 -56.37 43.88
C TRP Q 34 11.64 -56.29 43.20
N THR Q 35 11.22 -57.43 42.64
CA THR Q 35 10.07 -57.45 41.74
C THR Q 35 9.40 -58.81 41.77
N TRP Q 36 8.28 -58.91 41.05
CA TRP Q 36 7.57 -60.16 40.82
C TRP Q 36 7.08 -60.23 39.38
N ILE Q 37 7.15 -61.43 38.78
CA ILE Q 37 6.85 -61.65 37.38
C ILE Q 37 5.79 -62.74 37.26
N ARG Q 38 4.83 -62.54 36.36
CA ARG Q 38 3.79 -63.52 36.06
C ARG Q 38 3.81 -63.87 34.58
N GLN Q 39 3.45 -65.12 34.27
CA GLN Q 39 3.40 -65.61 32.89
C GLN Q 39 2.14 -66.46 32.70
N SER Q 40 1.11 -65.86 32.06
CA SER Q 40 -0.10 -66.57 31.71
C SER Q 40 0.17 -67.59 30.62
N PRO Q 41 -0.48 -68.76 30.67
CA PRO Q 41 -0.29 -69.76 29.61
C PRO Q 41 -0.98 -69.33 28.32
N GLY Q 42 -0.25 -69.45 27.22
CA GLY Q 42 -0.72 -69.01 25.93
C GLY Q 42 -0.53 -67.53 25.65
N LYS Q 43 -0.03 -66.77 26.62
CA LYS Q 43 0.22 -65.35 26.48
C LYS Q 43 1.67 -65.04 26.86
N GLY Q 44 1.97 -63.75 26.93
CA GLY Q 44 3.32 -63.29 27.19
C GLY Q 44 3.66 -63.22 28.66
N LEU Q 45 4.70 -62.45 28.96
CA LEU Q 45 5.04 -62.14 30.34
C LEU Q 45 4.33 -60.88 30.80
N GLU Q 46 3.69 -60.93 31.95
CA GLU Q 46 2.99 -59.78 32.51
C GLU Q 46 3.66 -59.35 33.81
N TRP Q 47 4.04 -58.08 33.87
CA TRP Q 47 4.48 -57.45 35.11
C TRP Q 47 3.28 -57.34 36.05
N ILE Q 48 3.50 -57.58 37.34
CA ILE Q 48 2.46 -57.31 38.32
C ILE Q 48 2.88 -56.21 39.28
N GLY Q 49 4.17 -55.90 39.32
CA GLY Q 49 4.66 -54.78 40.11
C GLY Q 49 6.08 -55.02 40.55
N TYR Q 50 6.57 -54.06 41.34
CA TYR Q 50 7.88 -54.17 41.97
C TYR Q 50 7.86 -53.36 43.26
N ILE Q 51 8.77 -53.72 44.17
CA ILE Q 51 8.84 -53.10 45.49
C ILE Q 51 10.17 -52.36 45.59
N SER Q 52 10.18 -51.25 46.33
CA SER Q 52 11.39 -50.48 46.54
C SER Q 52 11.96 -50.78 47.92
N ASP Q 53 13.04 -50.07 48.30
CA ASP Q 53 13.67 -50.31 49.59
C ASP Q 53 12.86 -49.70 50.72
N ARG Q 54 12.14 -48.61 50.45
CA ARG Q 54 11.48 -47.85 51.50
C ARG Q 54 9.99 -48.17 51.43
N GLU Q 55 9.67 -49.39 50.98
CA GLU Q 55 8.33 -49.96 50.93
C GLU Q 55 7.37 -49.13 50.08
N SER Q 56 7.79 -48.72 48.89
CA SER Q 56 6.90 -48.05 47.95
C SER Q 56 6.76 -48.92 46.71
N ALA Q 57 5.51 -49.26 46.36
CA ALA Q 57 5.21 -50.11 45.22
C ALA Q 57 4.29 -49.41 44.25
N THR Q 58 4.61 -49.52 42.96
CA THR Q 58 3.77 -48.99 41.88
C THR Q 58 3.17 -50.16 41.13
N TYR Q 59 1.91 -50.04 40.75
CA TYR Q 59 1.15 -51.15 40.20
C TYR Q 59 0.70 -50.84 38.77
N ASN Q 60 0.28 -51.88 38.07
CA ASN Q 60 -0.10 -51.76 36.67
C ASN Q 60 -1.41 -51.01 36.53
N PRO Q 61 -1.51 -50.01 35.64
CA PRO Q 61 -2.84 -49.53 35.22
C PRO Q 61 -3.68 -50.58 34.53
N SER Q 62 -3.03 -51.55 33.88
CA SER Q 62 -3.76 -52.64 33.23
C SER Q 62 -4.41 -53.59 34.23
N LEU Q 63 -3.82 -53.76 35.41
CA LEU Q 63 -4.36 -54.63 36.45
C LEU Q 63 -5.30 -53.89 37.39
N ASN Q 64 -5.47 -52.57 37.21
CA ASN Q 64 -6.45 -51.75 37.93
C ASN Q 64 -6.22 -51.75 39.44
N SER Q 65 -4.94 -51.86 39.83
CA SER Q 65 -4.48 -51.71 41.22
C SER Q 65 -5.14 -52.68 42.20
N ARG Q 66 -5.34 -53.93 41.77
CA ARG Q 66 -5.86 -54.97 42.65
C ARG Q 66 -4.76 -55.88 43.21
N VAL Q 67 -3.50 -55.54 42.96
CA VAL Q 67 -2.36 -56.35 43.38
C VAL Q 67 -1.58 -55.56 44.42
N VAL Q 68 -1.17 -56.23 45.49
CA VAL Q 68 -0.37 -55.62 46.54
C VAL Q 68 0.93 -56.40 46.68
N ILE Q 69 2.06 -55.73 46.49
CA ILE Q 69 3.37 -56.32 46.69
C ILE Q 69 3.93 -55.79 48.00
N SER Q 70 4.21 -56.70 48.93
CA SER Q 70 4.67 -56.32 50.26
C SER Q 70 6.04 -56.94 50.52
N ARG Q 71 6.69 -56.46 51.58
CA ARG Q 71 8.04 -56.86 51.92
C ARG Q 71 8.16 -57.04 53.42
N ASP Q 72 8.90 -58.07 53.84
CA ASP Q 72 9.18 -58.36 55.24
C ASP Q 72 10.66 -58.73 55.34
N THR Q 73 11.47 -57.77 55.78
CA THR Q 73 12.92 -57.99 55.86
C THR Q 73 13.34 -58.68 57.16
N SER Q 74 12.38 -58.97 58.05
CA SER Q 74 12.70 -59.61 59.32
C SER Q 74 13.20 -61.03 59.17
N LYS Q 75 12.79 -61.74 58.11
CA LYS Q 75 13.21 -63.11 57.89
C LYS Q 75 13.83 -63.34 56.50
N ASN Q 76 14.27 -62.27 55.83
CA ASN Q 76 15.08 -62.34 54.60
C ASN Q 76 14.32 -63.05 53.47
N GLN Q 77 13.19 -62.47 53.07
CA GLN Q 77 12.36 -63.01 52.01
C GLN Q 77 11.53 -61.92 51.34
N LEU Q 78 11.13 -62.16 50.10
CA LEU Q 78 10.23 -61.29 49.37
C LEU Q 78 8.82 -61.88 49.38
N SER Q 79 7.83 -61.02 49.59
CA SER Q 79 6.46 -61.46 49.79
C SER Q 79 5.56 -61.00 48.65
N LEU Q 80 4.41 -61.65 48.53
CA LEU Q 80 3.40 -61.31 47.54
C LEU Q 80 2.03 -61.65 48.11
N LYS Q 81 1.04 -60.81 47.82
CA LYS Q 81 -0.35 -61.12 48.09
C LYS Q 81 -1.19 -60.68 46.90
N LEU Q 82 -2.15 -61.52 46.50
CA LEU Q 82 -3.00 -61.25 45.34
C LEU Q 82 -4.43 -61.64 45.69
N ASN Q 83 -5.27 -60.64 45.94
CA ASN Q 83 -6.68 -60.86 46.20
C ASN Q 83 -7.51 -60.63 44.94
N SER Q 84 -8.78 -61.02 45.02
CA SER Q 84 -9.74 -60.98 43.90
C SER Q 84 -9.21 -61.74 42.69
N VAL Q 85 -8.84 -63.00 42.92
CA VAL Q 85 -8.23 -63.80 41.87
C VAL Q 85 -9.28 -64.27 40.87
N THR Q 86 -8.83 -64.62 39.69
CA THR Q 86 -9.64 -65.06 38.57
C THR Q 86 -8.97 -66.25 37.93
N PRO Q 87 -9.72 -67.07 37.16
CA PRO Q 87 -9.08 -68.15 36.38
C PRO Q 87 -8.05 -67.68 35.37
N ALA Q 88 -8.08 -66.40 34.99
CA ALA Q 88 -7.02 -65.84 34.17
C ALA Q 88 -5.72 -65.65 34.94
N ASP Q 89 -5.74 -65.71 36.27
CA ASP Q 89 -4.53 -65.63 37.08
C ASP Q 89 -3.85 -66.97 37.28
N THR Q 90 -4.41 -68.05 36.75
CA THR Q 90 -3.77 -69.35 36.83
C THR Q 90 -2.55 -69.34 35.92
N ALA Q 91 -1.38 -69.11 36.51
CA ALA Q 91 -0.19 -68.80 35.74
C ALA Q 91 1.04 -69.23 36.52
N VAL Q 92 2.20 -69.07 35.89
CA VAL Q 92 3.49 -69.40 36.50
C VAL Q 92 4.12 -68.13 37.02
N TYR Q 93 4.51 -68.14 38.29
CA TYR Q 93 5.06 -66.96 38.96
C TYR Q 93 6.57 -67.10 39.11
N TYR Q 94 7.30 -66.06 38.71
CA TYR Q 94 8.75 -66.02 38.82
C TYR Q 94 9.14 -64.82 39.67
N CYS Q 95 10.23 -64.97 40.42
CA CYS Q 95 10.78 -63.89 41.23
C CYS Q 95 12.14 -63.48 40.69
N ALA Q 96 12.43 -62.18 40.79
CA ALA Q 96 13.65 -61.63 40.23
C ALA Q 96 14.03 -60.37 41.00
N THR Q 97 15.24 -59.89 40.75
CA THR Q 97 15.65 -58.59 41.26
C THR Q 97 15.78 -57.59 40.11
N ALA Q 98 15.84 -56.31 40.47
CA ALA Q 98 15.88 -55.24 39.49
C ALA Q 98 17.08 -54.34 39.73
N ARG Q 99 17.75 -53.94 38.65
CA ARG Q 99 18.83 -52.97 38.72
C ARG Q 99 18.38 -51.70 38.02
N ARG Q 100 18.20 -50.63 38.78
CA ARG Q 100 17.72 -49.36 38.23
C ARG Q 100 18.80 -48.72 37.37
N GLY Q 101 18.61 -48.81 36.05
CA GLY Q 101 19.51 -48.14 35.13
C GLY Q 101 18.98 -46.77 34.77
N GLN Q 102 19.87 -45.85 34.44
CA GLN Q 102 19.51 -44.47 34.13
C GLN Q 102 20.17 -44.07 32.83
N ARG Q 103 19.38 -43.96 31.76
CA ARG Q 103 19.88 -43.63 30.43
C ARG Q 103 19.71 -42.13 30.22
N ILE Q 104 20.82 -41.42 30.16
CA ILE Q 104 20.81 -39.97 29.99
C ILE Q 104 20.76 -39.66 28.50
N TYR Q 105 19.81 -38.82 28.09
CA TYR Q 105 19.74 -38.36 26.72
C TYR Q 105 19.87 -36.85 26.58
N GLY Q 106 19.92 -36.12 27.70
CA GLY Q 106 20.02 -34.68 27.64
C GLY Q 106 20.68 -34.14 28.88
N VAL Q 107 20.20 -32.97 29.32
CA VAL Q 107 20.73 -32.32 30.50
C VAL Q 107 20.19 -33.01 31.74
N VAL Q 108 21.08 -33.42 32.64
CA VAL Q 108 20.67 -34.08 33.88
C VAL Q 108 19.88 -33.12 34.76
N SER Q 109 20.34 -31.85 34.84
CA SER Q 109 19.73 -30.88 35.74
C SER Q 109 18.30 -30.51 35.32
N PHE Q 110 17.94 -30.75 34.06
CA PHE Q 110 16.60 -30.45 33.57
C PHE Q 110 15.67 -31.64 33.72
N GLY Q 111 16.13 -32.74 34.31
CA GLY Q 111 15.30 -33.92 34.39
C GLY Q 111 15.12 -34.64 33.08
N GLU Q 112 16.07 -34.49 32.15
CA GLU Q 112 15.96 -35.09 30.82
C GLU Q 112 16.55 -36.50 30.87
N PHE Q 113 15.92 -37.35 31.68
CA PHE Q 113 16.37 -38.74 31.83
C PHE Q 113 15.19 -39.59 32.29
N PHE Q 114 15.32 -40.90 32.07
CA PHE Q 114 14.31 -41.86 32.48
C PHE Q 114 14.99 -43.06 33.12
N TYR Q 115 14.29 -43.67 34.07
CA TYR Q 115 14.80 -44.84 34.78
C TYR Q 115 14.25 -46.12 34.16
N TYR Q 116 15.13 -47.11 34.01
CA TYR Q 116 14.75 -48.43 33.53
C TYR Q 116 15.37 -49.48 34.44
N TYR Q 117 14.72 -50.64 34.51
CA TYR Q 117 15.18 -51.75 35.34
C TYR Q 117 15.54 -52.94 34.48
N SER Q 118 16.64 -53.59 34.83
CA SER Q 118 17.12 -54.78 34.14
C SER Q 118 17.11 -55.95 35.12
N MET Q 119 16.64 -57.10 34.66
CA MET Q 119 16.43 -58.27 35.51
C MET Q 119 17.45 -59.32 35.09
N ASP Q 120 18.37 -59.64 36.00
CA ASP Q 120 19.48 -60.53 35.67
C ASP Q 120 19.32 -61.94 36.21
N VAL Q 121 18.83 -62.11 37.44
CA VAL Q 121 18.66 -63.42 38.05
C VAL Q 121 17.17 -63.70 38.23
N TRP Q 122 16.76 -64.93 37.98
CA TRP Q 122 15.36 -65.32 37.98
C TRP Q 122 15.17 -66.62 38.75
N GLY Q 123 13.93 -66.87 39.17
CA GLY Q 123 13.58 -68.12 39.80
C GLY Q 123 13.21 -69.19 38.79
N LYS Q 124 12.80 -70.34 39.32
CA LYS Q 124 12.46 -71.48 38.48
C LYS Q 124 11.01 -71.47 38.01
N GLY Q 125 10.12 -70.85 38.77
CA GLY Q 125 8.72 -70.79 38.38
C GLY Q 125 7.89 -71.84 39.10
N THR Q 126 6.76 -71.40 39.64
CA THR Q 126 5.82 -72.29 40.30
C THR Q 126 4.43 -72.09 39.71
N THR Q 127 3.68 -73.18 39.57
CA THR Q 127 2.37 -73.13 38.93
C THR Q 127 1.27 -73.24 39.97
N VAL Q 128 0.35 -72.27 39.95
CA VAL Q 128 -0.83 -72.27 40.81
C VAL Q 128 -2.06 -72.21 39.91
N THR Q 129 -3.16 -72.76 40.39
CA THR Q 129 -4.39 -72.80 39.60
C THR Q 129 -5.60 -72.38 40.43
N VAL R 3 4.45 -64.82 19.91
CA VAL R 3 3.30 -65.21 19.11
C VAL R 3 3.59 -65.02 17.63
N ARG R 4 4.77 -64.47 17.32
CA ARG R 4 5.17 -64.22 15.95
C ARG R 4 6.22 -65.24 15.53
N PRO R 5 5.91 -66.17 14.63
CA PRO R 5 6.90 -67.18 14.24
C PRO R 5 7.98 -66.62 13.32
N LEU R 6 9.20 -67.10 13.51
CA LEU R 6 10.32 -66.76 12.64
C LEU R 6 11.16 -68.01 12.43
N SER R 7 11.57 -68.24 11.18
CA SER R 7 12.32 -69.44 10.82
C SER R 7 13.64 -69.05 10.17
N VAL R 8 14.73 -69.60 10.70
CA VAL R 8 16.07 -69.37 10.17
C VAL R 8 16.76 -70.72 10.06
N ALA R 9 17.81 -70.77 9.23
CA ALA R 9 18.60 -71.97 9.04
C ALA R 9 19.81 -71.97 9.95
N LEU R 10 20.43 -73.14 10.08
CA LEU R 10 21.60 -73.28 10.94
C LEU R 10 22.81 -72.56 10.34
N GLY R 11 23.54 -71.86 11.20
CA GLY R 11 24.72 -71.13 10.79
C GLY R 11 24.47 -69.72 10.32
N GLU R 12 23.21 -69.36 10.02
CA GLU R 12 22.89 -68.02 9.55
C GLU R 12 22.79 -67.05 10.72
N THR R 13 22.73 -65.77 10.40
CA THR R 13 22.54 -64.73 11.40
C THR R 13 21.05 -64.41 11.50
N ALA R 14 20.45 -64.74 12.65
CA ALA R 14 19.03 -64.52 12.87
C ALA R 14 18.78 -63.06 13.21
N ARG R 15 17.74 -62.49 12.59
CA ARG R 15 17.37 -61.10 12.77
C ARG R 15 15.99 -61.05 13.42
N ILE R 16 15.95 -60.75 14.71
CA ILE R 16 14.69 -60.65 15.45
C ILE R 16 14.36 -59.17 15.60
N SER R 17 13.25 -58.75 14.98
CA SER R 17 12.81 -57.37 15.10
C SER R 17 11.83 -57.22 16.25
N CYS R 18 11.81 -56.04 16.86
CA CYS R 18 10.91 -55.79 17.97
C CYS R 18 9.49 -55.56 17.48
N GLY R 19 8.52 -55.90 18.33
CA GLY R 19 7.13 -55.66 17.99
C GLY R 19 6.73 -54.21 18.07
N ARG R 20 7.54 -53.39 18.73
CA ARG R 20 7.29 -51.96 18.87
C ARG R 20 8.49 -51.18 18.32
N GLN R 21 8.20 -50.06 17.66
CA GLN R 21 9.20 -49.27 16.94
C GLN R 21 9.64 -48.08 17.80
N ALA R 22 10.77 -47.50 17.40
CA ALA R 22 11.44 -46.51 18.21
C ALA R 22 10.97 -45.09 17.90
N LEU R 23 10.65 -44.35 18.95
CA LEU R 23 10.56 -42.90 18.88
C LEU R 23 11.51 -42.33 19.93
N GLY R 24 12.42 -41.47 19.49
CA GLY R 24 13.39 -40.88 20.40
C GLY R 24 14.49 -41.85 20.81
N SER R 25 15.26 -41.41 21.82
CA SER R 25 16.33 -42.25 22.36
C SER R 25 15.74 -43.44 23.10
N ARG R 26 16.39 -44.59 22.98
CA ARG R 26 15.84 -45.84 23.47
C ARG R 26 16.84 -46.59 24.34
N ALA R 27 16.31 -47.46 25.18
CA ALA R 27 17.09 -48.44 25.94
C ALA R 27 16.34 -49.75 25.91
N VAL R 28 16.84 -50.71 25.14
CA VAL R 28 16.12 -51.94 24.83
C VAL R 28 16.77 -53.10 25.55
N GLN R 29 15.95 -53.90 26.25
CA GLN R 29 16.41 -55.09 26.94
C GLN R 29 15.92 -56.34 26.22
N TRP R 30 16.82 -57.31 26.06
CA TRP R 30 16.54 -58.53 25.32
C TRP R 30 16.58 -59.72 26.26
N TYR R 31 15.60 -60.61 26.13
CA TYR R 31 15.44 -61.75 27.02
C TYR R 31 15.25 -63.03 26.23
N GLN R 32 15.78 -64.13 26.73
CA GLN R 32 15.60 -65.46 26.16
C GLN R 32 14.81 -66.31 27.13
N HIS R 33 13.72 -66.91 26.65
CA HIS R 33 12.80 -67.64 27.51
C HIS R 33 12.53 -69.02 26.93
N ARG R 34 13.32 -70.03 27.37
CA ARG R 34 12.90 -71.38 27.06
C ARG R 34 11.70 -71.76 27.92
N PRO R 35 10.76 -72.53 27.37
CA PRO R 35 9.62 -73.00 28.18
C PRO R 35 10.09 -73.93 29.28
N GLY R 36 9.63 -73.65 30.50
CA GLY R 36 10.08 -74.39 31.67
C GLY R 36 11.43 -73.99 32.20
N GLN R 37 12.02 -72.92 31.68
CA GLN R 37 13.33 -72.46 32.11
C GLN R 37 13.26 -70.98 32.48
N ALA R 38 14.21 -70.55 33.31
CA ALA R 38 14.25 -69.18 33.76
C ALA R 38 14.68 -68.25 32.63
N PRO R 39 14.06 -67.07 32.52
CA PRO R 39 14.55 -66.06 31.58
C PRO R 39 15.93 -65.58 31.98
N ILE R 40 16.73 -65.23 30.97
CA ILE R 40 18.11 -64.83 31.16
C ILE R 40 18.31 -63.48 30.48
N LEU R 41 19.06 -62.59 31.14
CA LEU R 41 19.37 -61.28 30.57
C LEU R 41 20.47 -61.41 29.53
N LEU R 42 20.21 -60.90 28.32
CA LEU R 42 21.19 -60.89 27.24
C LEU R 42 21.78 -59.51 26.99
N ILE R 43 20.94 -58.52 26.72
CA ILE R 43 21.39 -57.17 26.41
C ILE R 43 20.65 -56.19 27.30
N TYR R 44 21.42 -55.33 27.96
CA TYR R 44 20.86 -54.18 28.68
C TYR R 44 21.65 -52.95 28.25
N ASN R 45 20.98 -51.80 28.27
CA ASN R 45 21.51 -50.51 27.80
C ASN R 45 21.93 -50.61 26.33
N ASN R 46 21.23 -51.47 25.60
CA ASN R 46 21.24 -51.61 24.14
C ASN R 46 22.51 -52.19 23.54
N GLN R 47 23.58 -52.33 24.32
CA GLN R 47 24.73 -53.14 23.88
C GLN R 47 25.40 -53.97 24.96
N ASP R 48 25.16 -53.70 26.24
CA ASP R 48 25.97 -54.34 27.27
C ASP R 48 25.53 -55.77 27.50
N ARG R 49 26.51 -56.67 27.47
CA ARG R 49 26.28 -58.11 27.58
C ARG R 49 26.84 -58.62 28.91
N PRO R 50 26.01 -59.10 29.83
CA PRO R 50 26.53 -59.61 31.10
C PRO R 50 27.29 -60.92 30.89
N SER R 51 28.06 -61.29 31.93
CA SER R 51 28.84 -62.52 31.87
C SER R 51 27.93 -63.74 31.87
N GLY R 52 28.39 -64.80 31.21
CA GLY R 52 27.61 -65.99 30.99
C GLY R 52 26.90 -66.03 29.65
N ILE R 53 26.77 -64.88 28.99
CA ILE R 53 26.17 -64.80 27.66
C ILE R 53 27.29 -64.90 26.64
N PRO R 54 27.22 -65.82 25.69
CA PRO R 54 28.28 -65.90 24.67
C PRO R 54 28.20 -64.72 23.70
N GLU R 55 29.31 -64.47 23.01
CA GLU R 55 29.40 -63.35 22.09
C GLU R 55 28.67 -63.59 20.77
N ARG R 56 28.04 -64.76 20.60
CA ARG R 56 27.17 -64.99 19.47
C ARG R 56 25.97 -64.05 19.47
N PHE R 57 25.46 -63.70 20.64
CA PHE R 57 24.32 -62.81 20.76
C PHE R 57 24.80 -61.36 20.74
N SER R 58 24.25 -60.56 19.84
CA SER R 58 24.68 -59.17 19.71
C SER R 58 23.48 -58.31 19.34
N GLY R 59 23.58 -57.01 19.66
CA GLY R 59 22.55 -56.05 19.35
C GLY R 59 23.12 -54.78 18.75
N THR R 60 22.22 -54.00 18.16
CA THR R 60 22.63 -52.75 17.51
C THR R 60 22.87 -51.67 18.56
N PRO R 61 23.92 -50.86 18.42
CA PRO R 61 24.08 -49.71 19.30
C PRO R 61 23.11 -48.59 18.96
N ASP R 62 22.84 -47.75 19.95
CA ASP R 62 21.95 -46.61 19.78
C ASP R 62 22.80 -45.43 19.32
N ILE R 63 23.03 -45.35 18.02
CA ILE R 63 23.73 -44.22 17.40
C ILE R 63 22.70 -43.46 16.60
N ASN R 64 22.39 -42.24 17.05
CA ASN R 64 21.40 -41.35 16.45
C ASN R 64 20.01 -41.99 16.37
N PHE R 65 19.14 -41.44 15.55
CA PHE R 65 17.77 -41.92 15.40
C PHE R 65 17.58 -42.60 14.05
N GLY R 66 16.74 -43.63 14.03
CA GLY R 66 16.37 -44.35 12.84
C GLY R 66 16.88 -45.78 12.79
N THR R 67 17.82 -46.13 13.68
CA THR R 67 18.36 -47.49 13.71
C THR R 67 17.33 -48.42 14.33
N ARG R 68 16.93 -49.44 13.58
CA ARG R 68 15.95 -50.40 14.08
C ARG R 68 16.58 -51.31 15.12
N ALA R 69 15.84 -51.56 16.20
CA ALA R 69 16.32 -52.45 17.26
C ALA R 69 16.20 -53.90 16.79
N THR R 70 17.34 -54.58 16.72
CA THR R 70 17.39 -55.94 16.19
C THR R 70 18.39 -56.76 16.99
N LEU R 71 17.99 -57.96 17.37
CA LEU R 71 18.86 -58.92 18.06
C LEU R 71 19.51 -59.82 17.02
N THR R 72 20.83 -59.95 17.10
CA THR R 72 21.61 -60.72 16.14
C THR R 72 22.08 -62.01 16.78
N ILE R 73 21.80 -63.13 16.13
CA ILE R 73 22.22 -64.46 16.59
C ILE R 73 23.14 -65.03 15.52
N SER R 74 24.44 -64.82 15.68
CA SER R 74 25.42 -65.32 14.73
C SER R 74 25.89 -66.71 15.14
N GLY R 75 25.81 -67.65 14.20
CA GLY R 75 26.13 -69.03 14.50
C GLY R 75 25.10 -69.66 15.42
N VAL R 76 23.88 -69.82 14.92
CA VAL R 76 22.79 -70.35 15.74
C VAL R 76 23.02 -71.82 16.02
N GLU R 77 22.77 -72.23 17.26
CA GLU R 77 22.93 -73.61 17.70
C GLU R 77 21.58 -74.19 18.10
N ALA R 78 21.62 -75.42 18.60
CA ALA R 78 20.39 -76.09 19.03
C ALA R 78 19.86 -75.52 20.35
N GLY R 79 20.73 -74.87 21.13
CA GLY R 79 20.32 -74.31 22.40
C GLY R 79 19.60 -72.97 22.30
N ASP R 80 19.47 -72.42 21.10
CA ASP R 80 18.80 -71.14 20.91
C ASP R 80 17.31 -71.28 20.69
N GLU R 81 16.77 -72.49 20.74
CA GLU R 81 15.33 -72.71 20.62
C GLU R 81 14.62 -72.20 21.87
N ALA R 82 14.01 -71.03 21.77
CA ALA R 82 13.38 -70.38 22.91
C ALA R 82 12.44 -69.31 22.40
N ASP R 83 11.93 -68.50 23.32
CA ASP R 83 11.12 -67.34 22.98
C ASP R 83 11.89 -66.08 23.35
N TYR R 84 12.02 -65.17 22.40
CA TYR R 84 12.85 -63.99 22.55
C TYR R 84 12.00 -62.74 22.75
N TYR R 85 12.45 -61.89 23.65
CA TYR R 85 11.67 -60.75 24.15
C TYR R 85 12.43 -59.47 23.88
N CYS R 86 11.73 -58.45 23.41
CA CYS R 86 12.29 -57.10 23.33
C CYS R 86 11.56 -56.21 24.32
N HIS R 87 12.27 -55.80 25.37
CA HIS R 87 11.72 -54.94 26.41
C HIS R 87 12.29 -53.55 26.18
N MET R 88 11.44 -52.63 25.72
CA MET R 88 11.85 -51.32 25.25
C MET R 88 11.48 -50.25 26.26
N TRP R 89 12.42 -49.34 26.52
CA TRP R 89 12.14 -48.06 27.17
C TRP R 89 12.52 -46.94 26.20
N ASP R 90 11.81 -45.82 26.28
CA ASP R 90 12.11 -44.65 25.46
C ASP R 90 11.72 -43.39 26.21
N SER R 91 12.02 -42.23 25.61
CA SER R 91 11.91 -40.96 26.29
C SER R 91 10.55 -40.29 26.18
N ARG R 92 9.63 -40.82 25.37
CA ARG R 92 8.35 -40.15 25.17
C ARG R 92 7.13 -40.99 25.53
N SER R 93 7.24 -42.32 25.55
CA SER R 93 6.10 -43.15 25.94
C SER R 93 6.00 -43.34 27.44
N GLY R 94 6.91 -42.76 28.22
CA GLY R 94 6.85 -42.87 29.66
C GLY R 94 7.30 -44.24 30.16
N PHE R 95 6.68 -44.65 31.27
CA PHE R 95 6.98 -45.95 31.85
C PHE R 95 6.40 -47.07 30.97
N SER R 96 7.26 -48.03 30.63
CA SER R 96 6.85 -49.17 29.80
C SER R 96 6.46 -50.32 30.71
N TRP R 97 5.16 -50.38 31.01
CA TRP R 97 4.66 -51.39 31.93
C TRP R 97 4.59 -52.78 31.29
N SER R 98 4.55 -52.85 29.96
CA SER R 98 4.36 -54.11 29.25
C SER R 98 5.63 -54.51 28.50
N PHE R 99 5.88 -55.82 28.43
CA PHE R 99 6.98 -56.38 27.67
C PHE R 99 6.79 -56.25 26.16
N GLY R 100 5.56 -56.15 25.69
CA GLY R 100 5.30 -56.16 24.26
C GLY R 100 5.05 -57.55 23.73
N GLY R 101 5.12 -57.66 22.40
CA GLY R 101 4.90 -58.94 21.76
C GLY R 101 6.06 -59.91 21.96
N ALA R 102 5.72 -61.20 21.95
CA ALA R 102 6.71 -62.26 22.10
C ALA R 102 6.97 -62.90 20.75
N THR R 103 8.22 -63.31 20.53
CA THR R 103 8.64 -63.91 19.27
C THR R 103 8.92 -65.40 19.50
N ARG R 104 8.21 -66.25 18.77
CA ARG R 104 8.40 -67.69 18.84
C ARG R 104 9.42 -68.08 17.77
N LEU R 105 10.62 -68.48 18.19
CA LEU R 105 11.70 -68.80 17.26
C LEU R 105 11.85 -70.31 17.13
N THR R 106 11.81 -70.81 15.91
CA THR R 106 12.05 -72.21 15.60
C THR R 106 12.90 -72.31 14.35
N VAL R 107 14.02 -73.04 14.44
CA VAL R 107 14.91 -73.18 13.30
C VAL R 107 14.52 -74.39 12.47
#